data_5L1G
#
_entry.id   5L1G
#
_cell.length_a   92.790
_cell.length_b   110.400
_cell.length_c   600.140
_cell.angle_alpha   90.00
_cell.angle_beta   90.00
_cell.angle_gamma   90.00
#
_symmetry.space_group_name_H-M   'P 21 21 21'
#
loop_
_entity.id
_entity.type
_entity.pdbx_description
1 polymer 'Glutamate receptor 2'
2 non-polymer 2-acetamido-2-deoxy-beta-D-glucopyranose
3 non-polymer (8R)-5-(4-amino-3-bromophenyl)-N,8-dimethyl-8,9-dihydro-2H,7H-[1,3]dioxolo[4,5-h][2,3]benzodiazepine-7-carboxamide
#
_entity_poly.entity_id   1
_entity_poly.type   'polypeptide(L)'
_entity_poly.pdbx_seq_one_letter_code
;NSIQIGGLFPRGADQEYSAFRVGMVQFSTSEFRLTPHIDNLEVANSFAVTNAFCSQFSRGVYAIFGFYDKKSVNTITSFC
GTLHVSFITPSFPTDGTHPFVIQMRPDLKGALLSLIEYYQWDKFAYLYDSDRGLSTLQAVLDSAAEKKWQVTAINVGNIN
NDKKDETYRSLFQDLELKKERRVILDCERDKVNDIVDQVITIGKHVKGYHYIIANLGFTDGDLLKIQFGGAEVSGFQIVD
YDDSLVSKFIERWSTLEEKEYPGAHTATIKYTSALTYDAVQVMTEAFRNLRKQRIEISRRGNAGDCLANPAVPWGQGVEI
ERALKQVQVEGLSGNIKFDQNGKRINYTINIMELKTNGPRKIGYWSEVDKMVLTEDDTSGLEQKTVVVTTILESPYVMMK
KNHEMLEGNERYEGYCVDLAAEIAKHCGFKYKLTIVGDGKYGARDADTKIWNGMVGELVYGKADIAIAPLTITLVREEVI
DFSKPFMSLGISIMIKKPQKSKPGVFSFLDPLAYEIWMCIVFAYIGVSVVLFLVSDTDSTNEFGIFNSLWFSLGAFMQQG
ADISPRSLSGRIVGGVWWFFTLIIISSYTANLAAFLTVERMVSPIESAEDLSKQTEIAYGTLDSGSTKEFFRRSKIAVFD
KMWTYMRSAEPSVFVRTTAEGVARVRKSKGKYAYLLESTMNEYIEQRKPCDTMKVGGNLDSKGYGIATPKGSSLGTPVNL
AVLKLSEQGVLDKLKNKWWYDKGECGAKDSGSKEKTSALSLSNVAGVFYILVGGLGLAMLVALIEFCYKSRAEAKRMKGL
VPR
;
_entity_poly.pdbx_strand_id   A,B,C,D
#
loop_
_chem_comp.id
_chem_comp.type
_chem_comp.name
_chem_comp.formula
GYB non-polymer (8R)-5-(4-amino-3-bromophenyl)-N,8-dimethyl-8,9-dihydro-2H,7H-[1,3]dioxolo[4,5-h][2,3]benzodiazepine-7-carboxamide 'C19 H19 Br N4 O3'
NAG D-saccharide, beta linking 2-acetamido-2-deoxy-beta-D-glucopyranose 'C8 H15 N O6'
#
# COMPACT_ATOMS: atom_id res chain seq x y z
N ASN A 1 69.18 -45.54 33.82
CA ASN A 1 69.12 -45.63 32.36
C ASN A 1 67.74 -46.06 31.90
N SER A 2 66.95 -46.63 32.81
CA SER A 2 65.63 -47.15 32.50
C SER A 2 64.58 -46.14 32.94
N ILE A 3 63.88 -45.54 31.96
CA ILE A 3 62.80 -44.61 32.20
C ILE A 3 61.48 -45.30 31.87
N GLN A 4 60.56 -45.33 32.84
CA GLN A 4 59.32 -46.07 32.72
C GLN A 4 58.21 -45.14 32.25
N ILE A 5 57.45 -45.58 31.24
CA ILE A 5 56.32 -44.81 30.72
C ILE A 5 55.20 -45.79 30.39
N GLY A 6 53.96 -45.29 30.48
CA GLY A 6 52.78 -46.10 30.25
C GLY A 6 52.17 -45.85 28.89
N GLY A 7 51.76 -46.94 28.23
CA GLY A 7 51.14 -46.84 26.92
C GLY A 7 49.72 -47.36 26.90
N LEU A 8 48.78 -46.52 26.49
CA LEU A 8 47.37 -46.88 26.39
C LEU A 8 46.99 -46.91 24.92
N PHE A 9 46.79 -48.10 24.38
CA PHE A 9 46.54 -48.27 22.96
C PHE A 9 45.19 -48.92 22.71
N PRO A 10 44.42 -48.42 21.74
CA PRO A 10 43.21 -49.15 21.33
C PRO A 10 43.58 -50.47 20.69
N ARG A 11 42.72 -51.46 20.92
CA ARG A 11 43.02 -52.83 20.47
C ARG A 11 43.06 -52.92 18.94
N GLY A 12 42.32 -52.07 18.24
CA GLY A 12 42.31 -52.06 16.80
C GLY A 12 43.29 -51.11 16.16
N ALA A 13 44.25 -50.59 16.91
CA ALA A 13 45.23 -49.64 16.41
C ALA A 13 46.58 -50.33 16.28
N ASP A 14 46.69 -51.21 15.29
CA ASP A 14 47.93 -51.96 15.10
C ASP A 14 48.99 -51.08 14.47
N GLN A 15 48.64 -50.34 13.42
CA GLN A 15 49.60 -49.43 12.80
C GLN A 15 50.00 -48.32 13.76
N GLU A 16 49.03 -47.84 14.55
CA GLU A 16 49.34 -46.79 15.53
C GLU A 16 50.30 -47.27 16.60
N TYR A 17 50.37 -48.59 16.85
CA TYR A 17 51.40 -49.14 17.70
C TYR A 17 52.64 -49.56 16.93
N SER A 18 52.47 -49.97 15.67
CA SER A 18 53.62 -50.29 14.83
C SER A 18 54.55 -49.09 14.71
N ALA A 19 53.98 -47.90 14.53
CA ALA A 19 54.79 -46.69 14.46
C ALA A 19 55.46 -46.40 15.80
N PHE A 20 54.83 -46.80 16.91
CA PHE A 20 55.42 -46.55 18.22
C PHE A 20 56.69 -47.35 18.41
N ARG A 21 56.67 -48.64 18.03
CA ARG A 21 57.85 -49.47 18.19
C ARG A 21 58.98 -48.98 17.31
N VAL A 22 58.66 -48.49 16.11
CA VAL A 22 59.70 -47.96 15.22
C VAL A 22 60.37 -46.76 15.84
N GLY A 23 59.60 -45.90 16.51
CA GLY A 23 60.17 -44.74 17.16
C GLY A 23 61.13 -45.09 18.28
N MET A 24 60.87 -46.19 18.99
CA MET A 24 61.75 -46.58 20.08
C MET A 24 63.15 -46.88 19.58
N VAL A 25 63.27 -47.45 18.38
CA VAL A 25 64.57 -47.82 17.84
C VAL A 25 65.28 -46.61 17.23
N GLN A 26 64.52 -45.72 16.58
CA GLN A 26 65.15 -44.63 15.85
C GLN A 26 65.80 -43.62 16.79
N PHE A 27 65.24 -43.42 17.99
CA PHE A 27 65.73 -42.43 18.92
C PHE A 27 66.44 -43.05 20.13
N SER A 28 66.83 -44.31 20.02
CA SER A 28 67.48 -45.01 21.12
C SER A 28 68.96 -44.68 21.13
N THR A 29 69.41 -43.96 22.15
CA THR A 29 70.81 -43.58 22.31
C THR A 29 71.49 -44.53 23.29
N SER A 30 72.81 -44.34 23.45
CA SER A 30 73.55 -45.06 24.48
C SER A 30 73.49 -44.38 25.83
N GLU A 31 73.03 -43.12 25.90
CA GLU A 31 72.95 -42.42 27.17
C GLU A 31 71.86 -43.01 28.05
N PHE A 32 70.73 -43.41 27.46
CA PHE A 32 69.62 -43.99 28.20
C PHE A 32 68.68 -44.63 27.19
N ARG A 33 67.55 -45.13 27.70
CA ARG A 33 66.54 -45.78 26.86
C ARG A 33 65.22 -45.79 27.62
N LEU A 34 64.13 -45.67 26.88
CA LEU A 34 62.79 -45.68 27.46
C LEU A 34 62.28 -47.11 27.55
N THR A 35 61.58 -47.41 28.65
CA THR A 35 61.02 -48.74 28.88
C THR A 35 59.50 -48.64 28.91
N PRO A 36 58.81 -49.09 27.87
CA PRO A 36 57.34 -48.97 27.82
C PRO A 36 56.61 -50.09 28.55
N HIS A 37 55.45 -49.74 29.07
CA HIS A 37 54.48 -50.70 29.59
C HIS A 37 53.20 -50.53 28.75
N ILE A 38 52.85 -51.57 28.00
CA ILE A 38 51.81 -51.50 26.99
C ILE A 38 50.57 -52.22 27.52
N ASP A 39 49.45 -51.50 27.56
CA ASP A 39 48.15 -52.06 27.94
C ASP A 39 47.18 -51.82 26.79
N ASN A 40 46.80 -52.90 26.11
CA ASN A 40 45.81 -52.82 25.04
C ASN A 40 44.42 -53.00 25.64
N LEU A 41 43.59 -51.96 25.55
CA LEU A 41 42.30 -51.94 26.23
C LEU A 41 41.26 -51.30 25.31
N GLU A 42 40.01 -51.34 25.77
CA GLU A 42 38.92 -50.66 25.10
C GLU A 42 38.96 -49.18 25.44
N VAL A 43 39.16 -48.33 24.44
CA VAL A 43 39.38 -46.92 24.69
C VAL A 43 38.11 -46.23 25.15
N ALA A 44 36.94 -46.72 24.71
CA ALA A 44 35.69 -46.07 25.07
C ALA A 44 35.29 -46.37 26.51
N ASN A 45 35.50 -47.60 26.96
CA ASN A 45 35.18 -48.00 28.33
C ASN A 45 36.09 -47.24 29.28
N SER A 46 35.58 -46.15 29.86
CA SER A 46 36.40 -45.33 30.74
C SER A 46 36.78 -46.07 32.01
N PHE A 47 35.96 -47.04 32.44
CA PHE A 47 36.33 -47.85 33.61
C PHE A 47 37.62 -48.61 33.35
N ALA A 48 37.80 -49.09 32.12
CA ALA A 48 39.07 -49.72 31.76
C ALA A 48 40.19 -48.69 31.71
N VAL A 49 39.90 -47.48 31.22
CA VAL A 49 40.91 -46.44 31.19
C VAL A 49 41.32 -46.03 32.60
N THR A 50 40.34 -45.92 33.51
CA THR A 50 40.68 -45.65 34.90
C THR A 50 41.49 -46.79 35.50
N ASN A 51 41.08 -48.03 35.23
CA ASN A 51 41.83 -49.18 35.71
C ASN A 51 43.22 -49.26 35.07
N ALA A 52 43.36 -48.72 33.86
CA ALA A 52 44.65 -48.75 33.17
C ALA A 52 45.57 -47.64 33.66
N PHE A 53 45.03 -46.42 33.79
CA PHE A 53 45.85 -45.31 34.26
C PHE A 53 46.38 -45.58 35.66
N CYS A 54 45.54 -46.12 36.54
CA CYS A 54 45.98 -46.41 37.90
C CYS A 54 46.92 -47.60 37.96
N SER A 55 46.88 -48.49 36.95
CA SER A 55 47.88 -49.55 36.88
C SER A 55 49.27 -48.98 36.64
N GLN A 56 49.38 -47.97 35.77
CA GLN A 56 50.67 -47.35 35.52
C GLN A 56 51.10 -46.48 36.69
N PHE A 57 50.14 -45.85 37.39
CA PHE A 57 50.49 -44.98 38.50
C PHE A 57 51.01 -45.78 39.69
N SER A 58 50.48 -46.99 39.90
CA SER A 58 51.00 -47.85 40.96
C SER A 58 52.39 -48.37 40.61
N ARG A 59 52.60 -48.75 39.34
CA ARG A 59 53.93 -49.13 38.88
C ARG A 59 54.90 -47.96 38.87
N GLY A 60 54.42 -46.73 39.03
CA GLY A 60 55.28 -45.57 39.14
C GLY A 60 56.02 -45.21 37.88
N VAL A 61 55.30 -44.82 36.84
CA VAL A 61 55.92 -44.36 35.61
C VAL A 61 56.25 -42.88 35.77
N TYR A 62 56.72 -42.24 34.70
CA TYR A 62 56.96 -40.81 34.72
C TYR A 62 56.08 -40.05 33.75
N ALA A 63 55.59 -40.69 32.70
CA ALA A 63 54.64 -40.09 31.77
C ALA A 63 53.86 -41.21 31.10
N ILE A 64 52.75 -40.84 30.47
CA ILE A 64 51.87 -41.80 29.83
C ILE A 64 51.56 -41.32 28.42
N PHE A 65 51.78 -42.18 27.44
CA PHE A 65 51.39 -41.93 26.05
C PHE A 65 50.19 -42.80 25.73
N GLY A 66 49.06 -42.17 25.42
CA GLY A 66 47.86 -42.91 25.12
C GLY A 66 46.88 -42.18 24.22
N PHE A 67 45.65 -42.65 24.19
CA PHE A 67 44.57 -42.08 23.41
C PHE A 67 43.36 -41.89 24.31
N TYR A 68 42.29 -41.31 23.76
CA TYR A 68 41.02 -41.30 24.48
C TYR A 68 39.88 -41.08 23.50
N ASP A 69 38.69 -41.47 23.94
CA ASP A 69 37.45 -41.27 23.22
C ASP A 69 36.71 -40.09 23.82
N LYS A 70 35.57 -39.74 23.25
CA LYS A 70 34.70 -38.76 23.89
C LYS A 70 34.23 -39.28 25.25
N LYS A 71 33.87 -40.56 25.32
CA LYS A 71 33.37 -41.17 26.55
C LYS A 71 34.46 -41.33 27.61
N SER A 72 35.72 -41.03 27.29
CA SER A 72 36.81 -41.29 28.21
C SER A 72 37.83 -40.17 28.31
N VAL A 73 37.73 -39.12 27.50
CA VAL A 73 38.76 -38.08 27.49
C VAL A 73 38.84 -37.39 28.85
N ASN A 74 37.69 -37.13 29.48
CA ASN A 74 37.70 -36.44 30.76
C ASN A 74 38.36 -37.27 31.85
N THR A 75 38.21 -38.60 31.80
CA THR A 75 38.83 -39.44 32.80
C THR A 75 40.35 -39.27 32.81
N ILE A 76 40.96 -39.23 31.63
CA ILE A 76 42.41 -39.02 31.55
C ILE A 76 42.76 -37.61 32.02
N THR A 77 42.06 -36.60 31.50
CA THR A 77 42.46 -35.21 31.75
C THR A 77 42.31 -34.81 33.21
N SER A 78 41.43 -35.47 33.97
CA SER A 78 41.23 -35.08 35.36
C SER A 78 42.18 -35.82 36.30
N PHE A 79 42.48 -37.08 36.02
CA PHE A 79 43.48 -37.78 36.81
C PHE A 79 44.86 -37.14 36.63
N CYS A 80 45.20 -36.76 35.41
CA CYS A 80 46.47 -36.09 35.16
C CYS A 80 46.50 -34.68 35.71
N GLY A 81 45.34 -34.05 35.90
CA GLY A 81 45.32 -32.72 36.49
C GLY A 81 45.51 -32.72 37.99
N THR A 82 45.16 -33.81 38.67
CA THR A 82 45.33 -33.92 40.10
C THR A 82 46.66 -34.58 40.48
N LEU A 83 46.93 -35.76 39.92
CA LEU A 83 48.17 -36.49 40.20
C LEU A 83 49.38 -35.88 39.49
N HIS A 84 49.18 -34.87 38.65
CA HIS A 84 50.27 -34.16 37.98
C HIS A 84 51.14 -35.10 37.15
N VAL A 85 50.55 -36.14 36.61
CA VAL A 85 51.21 -37.02 35.66
C VAL A 85 50.99 -36.46 34.26
N SER A 86 52.02 -36.51 33.43
CA SER A 86 51.96 -35.93 32.09
C SER A 86 51.40 -36.94 31.11
N PHE A 87 50.46 -36.51 30.26
CA PHE A 87 49.79 -37.36 29.29
C PHE A 87 50.06 -36.83 27.88
N ILE A 88 50.70 -37.64 27.05
CA ILE A 88 50.94 -37.32 25.65
C ILE A 88 49.95 -38.12 24.81
N THR A 89 49.29 -37.45 23.86
CA THR A 89 48.24 -38.11 23.09
C THR A 89 48.22 -37.60 21.67
N PRO A 90 47.87 -38.45 20.70
CA PRO A 90 47.56 -38.00 19.34
C PRO A 90 46.07 -37.88 19.03
N SER A 91 45.20 -38.11 20.01
CA SER A 91 43.76 -37.94 19.79
C SER A 91 43.42 -36.46 19.67
N PHE A 92 42.12 -36.17 19.58
CA PHE A 92 41.69 -34.79 19.47
C PHE A 92 42.10 -34.02 20.73
N PRO A 93 42.53 -32.78 20.61
CA PRO A 93 42.89 -32.00 21.79
C PRO A 93 41.70 -31.82 22.72
N THR A 94 42.01 -31.57 23.98
CA THR A 94 40.96 -31.39 24.98
C THR A 94 40.23 -30.07 24.76
N ASP A 95 38.91 -30.11 24.85
CA ASP A 95 38.11 -28.90 24.69
C ASP A 95 38.37 -27.96 25.87
N GLY A 96 39.53 -27.32 25.88
CA GLY A 96 39.90 -26.44 26.97
C GLY A 96 41.34 -26.58 27.40
N THR A 97 41.79 -25.69 28.28
CA THR A 97 43.17 -25.67 28.73
C THR A 97 43.30 -26.60 29.94
N HIS A 98 43.75 -27.83 29.69
CA HIS A 98 43.99 -28.78 30.77
C HIS A 98 45.48 -28.99 30.93
N PRO A 99 46.03 -28.85 32.14
CA PRO A 99 47.46 -29.03 32.33
C PRO A 99 47.83 -30.51 32.21
N PHE A 100 49.15 -30.74 32.08
CA PHE A 100 49.71 -32.09 32.04
C PHE A 100 49.13 -32.93 30.91
N VAL A 101 48.75 -32.29 29.81
CA VAL A 101 48.32 -32.99 28.61
C VAL A 101 49.16 -32.47 27.45
N ILE A 102 49.81 -33.38 26.73
CA ILE A 102 50.65 -33.01 25.61
C ILE A 102 49.94 -33.42 24.33
N GLN A 103 49.13 -32.51 23.80
CA GLN A 103 48.30 -32.79 22.63
C GLN A 103 49.18 -32.78 21.38
N MET A 104 49.41 -33.95 20.79
CA MET A 104 50.17 -34.04 19.55
C MET A 104 49.36 -33.74 18.31
N ARG A 105 48.03 -33.79 18.40
CA ARG A 105 47.22 -33.45 17.23
C ARG A 105 47.01 -31.95 17.18
N PRO A 106 47.22 -31.31 16.03
CA PRO A 106 46.98 -29.87 15.92
C PRO A 106 45.49 -29.56 15.87
N ASP A 107 45.17 -28.32 16.26
CA ASP A 107 43.78 -27.86 16.25
C ASP A 107 43.36 -27.59 14.81
N LEU A 108 42.40 -28.37 14.32
CA LEU A 108 41.95 -28.24 12.95
C LEU A 108 40.89 -27.16 12.78
N LYS A 109 40.32 -26.65 13.88
CA LYS A 109 39.20 -25.72 13.77
C LYS A 109 39.56 -24.50 12.94
N GLY A 110 40.77 -23.95 13.13
CA GLY A 110 41.17 -22.80 12.34
C GLY A 110 41.29 -23.10 10.86
N ALA A 111 41.54 -24.36 10.51
CA ALA A 111 41.69 -24.72 9.11
C ALA A 111 40.33 -24.72 8.39
N LEU A 112 39.35 -25.43 8.97
CA LEU A 112 38.08 -25.60 8.29
C LEU A 112 37.35 -24.27 8.11
N LEU A 113 37.43 -23.39 9.10
CA LEU A 113 36.70 -22.13 9.01
C LEU A 113 37.18 -21.26 7.87
N SER A 114 38.48 -21.33 7.54
CA SER A 114 39.03 -20.51 6.47
C SER A 114 38.99 -21.20 5.11
N LEU A 115 39.09 -22.54 5.07
CA LEU A 115 38.88 -23.24 3.81
C LEU A 115 37.49 -22.95 3.27
N ILE A 116 36.51 -22.82 4.16
CA ILE A 116 35.18 -22.38 3.74
C ILE A 116 35.24 -20.97 3.16
N GLU A 117 35.96 -20.07 3.82
CA GLU A 117 36.03 -18.69 3.37
C GLU A 117 36.79 -18.54 2.06
N TYR A 118 37.66 -19.49 1.72
CA TYR A 118 38.38 -19.43 0.45
C TYR A 118 37.45 -19.73 -0.72
N TYR A 119 36.68 -20.80 -0.62
CA TYR A 119 35.73 -21.16 -1.67
C TYR A 119 34.53 -20.22 -1.71
N GLN A 120 34.41 -19.29 -0.76
CA GLN A 120 33.26 -18.38 -0.65
C GLN A 120 31.95 -19.17 -0.58
N TRP A 121 31.83 -19.95 0.50
CA TRP A 121 30.61 -20.70 0.77
C TRP A 121 29.74 -19.93 1.76
N ASP A 122 28.43 -20.00 1.57
CA ASP A 122 27.49 -19.36 2.47
C ASP A 122 26.31 -20.27 2.79
N LYS A 123 26.34 -21.52 2.34
CA LYS A 123 25.33 -22.51 2.68
C LYS A 123 25.86 -23.91 2.38
N PHE A 124 25.98 -24.75 3.41
CA PHE A 124 26.60 -26.06 3.23
C PHE A 124 26.08 -27.03 4.28
N ALA A 125 26.44 -28.29 4.10
CA ALA A 125 26.06 -29.37 5.00
C ALA A 125 27.24 -29.75 5.88
N TYR A 126 26.94 -30.40 7.01
CA TYR A 126 27.95 -30.70 8.02
C TYR A 126 27.55 -32.00 8.73
N LEU A 127 28.06 -33.11 8.22
CA LEU A 127 27.79 -34.43 8.80
C LEU A 127 28.90 -34.75 9.79
N TYR A 128 28.63 -34.57 11.08
CA TYR A 128 29.64 -34.73 12.10
C TYR A 128 29.47 -36.04 12.86
N ASP A 129 30.50 -36.38 13.64
CA ASP A 129 30.53 -37.58 14.46
C ASP A 129 31.08 -37.20 15.83
N SER A 130 30.27 -37.37 16.86
CA SER A 130 30.66 -36.93 18.20
C SER A 130 31.76 -37.79 18.83
N ASP A 131 32.29 -38.78 18.11
CA ASP A 131 33.33 -39.64 18.68
C ASP A 131 34.60 -38.88 18.99
N ARG A 132 34.80 -37.69 18.41
CA ARG A 132 36.01 -36.90 18.62
C ARG A 132 35.67 -35.51 19.14
N GLY A 133 34.67 -35.42 20.02
CA GLY A 133 34.32 -34.17 20.65
C GLY A 133 33.56 -33.20 19.75
N LEU A 134 32.61 -32.47 20.32
CA LEU A 134 31.81 -31.52 19.57
C LEU A 134 32.52 -30.18 19.50
N SER A 135 33.85 -30.20 19.51
CA SER A 135 34.62 -28.97 19.48
C SER A 135 34.44 -28.25 18.15
N THR A 136 34.53 -28.98 17.04
CA THR A 136 34.44 -28.35 15.72
C THR A 136 33.01 -27.96 15.36
N LEU A 137 32.01 -28.69 15.85
CA LEU A 137 30.63 -28.33 15.56
C LEU A 137 30.26 -26.99 16.20
N GLN A 138 30.71 -26.75 17.42
CA GLN A 138 30.49 -25.44 18.02
C GLN A 138 31.23 -24.34 17.27
N ALA A 139 32.29 -24.68 16.55
CA ALA A 139 33.03 -23.67 15.79
C ALA A 139 32.23 -23.22 14.57
N VAL A 140 31.77 -24.18 13.75
CA VAL A 140 30.99 -23.82 12.57
C VAL A 140 29.66 -23.19 12.96
N LEU A 141 29.10 -23.60 14.10
CA LEU A 141 27.84 -23.01 14.53
C LEU A 141 28.03 -21.58 15.02
N ASP A 142 29.11 -21.32 15.77
CA ASP A 142 29.36 -19.97 16.26
C ASP A 142 29.62 -19.00 15.10
N SER A 143 30.45 -19.41 14.14
CA SER A 143 30.74 -18.59 12.97
C SER A 143 29.59 -18.55 11.97
N ALA A 144 28.55 -19.36 12.18
CA ALA A 144 27.40 -19.33 11.29
C ALA A 144 26.55 -18.09 11.51
N ALA A 145 26.46 -17.62 12.75
CA ALA A 145 25.67 -16.43 13.02
C ALA A 145 26.43 -15.14 12.70
N GLU A 146 27.75 -15.16 12.84
CA GLU A 146 28.53 -13.95 12.55
C GLU A 146 28.54 -13.64 11.06
N LYS A 147 28.85 -14.64 10.23
CA LYS A 147 28.88 -14.46 8.79
C LYS A 147 27.53 -14.75 8.13
N LYS A 148 26.50 -15.08 8.91
CA LYS A 148 25.16 -15.34 8.40
C LYS A 148 25.16 -16.49 7.39
N TRP A 149 25.81 -17.58 7.76
CA TRP A 149 25.76 -18.81 6.98
C TRP A 149 24.43 -19.52 7.23
N GLN A 150 24.11 -20.45 6.34
CA GLN A 150 22.90 -21.26 6.43
C GLN A 150 23.33 -22.73 6.40
N VAL A 151 23.57 -23.29 7.58
CA VAL A 151 24.20 -24.60 7.72
C VAL A 151 23.20 -25.60 8.26
N THR A 152 23.44 -26.88 7.94
CA THR A 152 22.63 -27.99 8.41
C THR A 152 23.54 -28.99 9.11
N ALA A 153 23.44 -29.06 10.42
CA ALA A 153 24.24 -29.99 11.22
C ALA A 153 23.45 -31.27 11.46
N ILE A 154 24.05 -32.40 11.09
CA ILE A 154 23.39 -33.70 11.18
C ILE A 154 24.30 -34.65 11.94
N ASN A 155 23.86 -35.09 13.11
CA ASN A 155 24.62 -36.04 13.93
C ASN A 155 24.56 -37.42 13.27
N VAL A 156 25.39 -37.59 12.23
CA VAL A 156 25.40 -38.84 11.49
C VAL A 156 26.01 -39.98 12.28
N GLY A 157 26.63 -39.71 13.43
CA GLY A 157 27.31 -40.72 14.21
C GLY A 157 26.44 -41.87 14.65
N ASN A 158 25.41 -41.60 15.44
CA ASN A 158 24.55 -42.63 16.00
C ASN A 158 23.66 -43.20 14.90
N ILE A 159 24.23 -44.14 14.13
CA ILE A 159 23.50 -44.88 13.12
C ILE A 159 23.94 -46.34 13.19
N ASN A 160 22.98 -47.25 13.02
CA ASN A 160 23.25 -48.68 13.09
C ASN A 160 23.70 -49.19 11.73
N ASN A 161 24.65 -50.13 11.74
CA ASN A 161 25.28 -50.62 10.53
C ASN A 161 24.46 -51.67 9.78
N ASP A 162 23.31 -52.08 10.33
CA ASP A 162 22.44 -53.02 9.62
C ASP A 162 21.41 -52.31 8.76
N LYS A 163 20.78 -51.27 9.30
CA LYS A 163 19.86 -50.41 8.52
C LYS A 163 20.60 -49.25 7.87
N LYS A 164 21.84 -49.49 7.44
CA LYS A 164 22.67 -48.41 6.91
C LYS A 164 22.30 -48.04 5.49
N ASP A 165 21.84 -49.00 4.69
CA ASP A 165 21.47 -48.70 3.31
C ASP A 165 20.21 -47.85 3.24
N GLU A 166 19.22 -48.14 4.08
CA GLU A 166 17.97 -47.39 4.03
C GLU A 166 18.08 -46.04 4.72
N THR A 167 18.94 -45.91 5.72
CA THR A 167 19.10 -44.64 6.41
C THR A 167 20.01 -43.69 5.62
N TYR A 168 21.07 -44.21 5.01
CA TYR A 168 21.92 -43.37 4.18
C TYR A 168 21.18 -42.89 2.94
N ARG A 169 20.37 -43.75 2.32
CA ARG A 169 19.50 -43.28 1.25
C ARG A 169 18.47 -42.28 1.76
N SER A 170 18.19 -42.27 3.06
CA SER A 170 17.23 -41.34 3.64
C SER A 170 17.85 -40.00 4.01
N LEU A 171 19.14 -39.98 4.39
CA LEU A 171 19.79 -38.72 4.71
C LEU A 171 19.88 -37.82 3.48
N PHE A 172 20.33 -38.37 2.36
CA PHE A 172 20.46 -37.57 1.14
C PHE A 172 19.11 -37.14 0.58
N GLN A 173 18.02 -37.82 0.96
CA GLN A 173 16.70 -37.35 0.56
C GLN A 173 16.34 -36.06 1.29
N ASP A 174 16.79 -35.89 2.53
CA ASP A 174 16.55 -34.63 3.24
C ASP A 174 17.39 -33.51 2.64
N LEU A 175 18.67 -33.77 2.40
CA LEU A 175 19.57 -32.76 1.84
C LEU A 175 19.12 -32.30 0.46
N GLU A 176 18.30 -33.10 -0.24
CA GLU A 176 17.82 -32.71 -1.55
C GLU A 176 16.75 -31.61 -1.47
N LEU A 177 16.16 -31.40 -0.29
CA LEU A 177 15.09 -30.43 -0.16
C LEU A 177 15.58 -28.99 -0.33
N LYS A 178 16.88 -28.75 -0.11
CA LYS A 178 17.49 -27.48 -0.45
C LYS A 178 18.44 -27.59 -1.62
N LYS A 179 18.54 -28.77 -2.24
CA LYS A 179 19.50 -29.05 -3.31
C LYS A 179 20.92 -28.69 -2.87
N GLU A 180 21.32 -29.26 -1.74
CA GLU A 180 22.64 -28.97 -1.17
C GLU A 180 23.73 -29.57 -2.05
N ARG A 181 24.74 -28.75 -2.38
CA ARG A 181 25.84 -29.18 -3.23
C ARG A 181 27.19 -28.93 -2.58
N ARG A 182 27.22 -28.68 -1.27
CA ARG A 182 28.46 -28.39 -0.55
C ARG A 182 28.38 -29.07 0.80
N VAL A 183 29.12 -30.16 0.96
CA VAL A 183 29.02 -31.03 2.13
C VAL A 183 30.39 -31.14 2.80
N ILE A 184 30.40 -31.11 4.13
CA ILE A 184 31.60 -31.36 4.92
C ILE A 184 31.38 -32.66 5.69
N LEU A 185 32.36 -33.56 5.60
CA LEU A 185 32.31 -34.82 6.32
C LEU A 185 33.28 -34.74 7.50
N ASP A 186 32.75 -34.95 8.71
CA ASP A 186 33.52 -34.79 9.93
C ASP A 186 33.52 -36.08 10.74
N CYS A 187 33.58 -37.22 10.06
CA CYS A 187 33.72 -38.50 10.72
C CYS A 187 35.20 -38.87 10.83
N GLU A 188 35.48 -39.99 11.50
CA GLU A 188 36.83 -40.53 11.43
C GLU A 188 37.02 -41.23 10.08
N ARG A 189 38.29 -41.44 9.71
CA ARG A 189 38.64 -41.97 8.40
C ARG A 189 37.95 -43.28 8.07
N ASP A 190 37.28 -43.89 9.05
CA ASP A 190 36.52 -45.11 8.81
C ASP A 190 35.13 -44.79 8.26
N LYS A 191 34.31 -44.07 9.04
CA LYS A 191 32.96 -43.75 8.60
C LYS A 191 32.94 -42.91 7.33
N VAL A 192 34.02 -42.17 7.05
CA VAL A 192 34.10 -41.44 5.80
C VAL A 192 34.07 -42.41 4.63
N ASN A 193 34.85 -43.49 4.72
CA ASN A 193 34.84 -44.52 3.69
C ASN A 193 33.49 -45.21 3.57
N ASP A 194 32.66 -45.14 4.62
CA ASP A 194 31.29 -45.65 4.51
C ASP A 194 30.41 -44.66 3.75
N ILE A 195 30.52 -43.36 4.05
CA ILE A 195 29.75 -42.36 3.33
C ILE A 195 30.18 -42.27 1.88
N VAL A 196 31.50 -42.41 1.64
CA VAL A 196 32.02 -42.32 0.28
C VAL A 196 31.36 -43.36 -0.62
N ASP A 197 31.27 -44.60 -0.15
CA ASP A 197 30.72 -45.66 -0.98
C ASP A 197 29.22 -45.47 -1.20
N GLN A 198 28.50 -44.96 -0.20
CA GLN A 198 27.09 -44.68 -0.36
C GLN A 198 26.83 -43.42 -1.17
N VAL A 199 27.83 -42.56 -1.36
CA VAL A 199 27.69 -41.45 -2.29
C VAL A 199 27.81 -41.94 -3.73
N ILE A 200 28.63 -42.95 -3.98
CA ILE A 200 28.79 -43.48 -5.33
C ILE A 200 27.54 -44.25 -5.74
N THR A 201 26.91 -44.95 -4.81
CA THR A 201 25.74 -45.75 -5.12
C THR A 201 24.61 -44.87 -5.66
N ILE A 202 24.27 -43.80 -4.95
CA ILE A 202 23.23 -42.88 -5.41
C ILE A 202 23.74 -41.90 -6.45
N GLY A 203 25.04 -41.90 -6.74
CA GLY A 203 25.56 -41.10 -7.83
C GLY A 203 25.71 -39.62 -7.56
N LYS A 204 25.89 -39.22 -6.31
CA LYS A 204 26.07 -37.81 -5.96
C LYS A 204 27.54 -37.43 -5.91
N HIS A 205 28.26 -37.73 -6.99
CA HIS A 205 29.70 -37.48 -7.07
C HIS A 205 30.12 -37.02 -8.45
N VAL A 206 29.19 -36.50 -9.25
CA VAL A 206 29.50 -36.05 -10.60
C VAL A 206 29.77 -34.55 -10.57
N LYS A 207 29.73 -33.92 -11.75
CA LYS A 207 29.89 -32.47 -11.83
C LYS A 207 28.79 -31.78 -11.03
N GLY A 208 29.17 -30.97 -10.05
CA GLY A 208 28.21 -30.24 -9.25
C GLY A 208 28.45 -30.29 -7.76
N TYR A 209 28.76 -31.48 -7.25
CA TYR A 209 29.00 -31.66 -5.82
C TYR A 209 30.44 -31.29 -5.46
N HIS A 210 30.65 -30.94 -4.19
CA HIS A 210 31.96 -30.51 -3.72
C HIS A 210 32.07 -30.89 -2.24
N TYR A 211 32.84 -31.92 -1.95
CA TYR A 211 33.00 -32.45 -0.60
C TYR A 211 34.30 -31.94 0.02
N ILE A 212 34.33 -31.93 1.35
CA ILE A 212 35.50 -31.51 2.13
C ILE A 212 35.64 -32.53 3.26
N ILE A 213 36.60 -33.43 3.14
CA ILE A 213 36.90 -34.37 4.21
C ILE A 213 37.66 -33.63 5.30
N ALA A 214 37.14 -33.66 6.51
CA ALA A 214 37.63 -32.84 7.61
C ALA A 214 38.36 -33.72 8.62
N ASN A 215 39.52 -34.23 8.20
CA ASN A 215 40.44 -34.87 9.14
C ASN A 215 41.85 -34.78 8.54
N LEU A 216 42.84 -35.04 9.39
CA LEU A 216 44.23 -34.82 9.04
C LEU A 216 44.82 -35.95 8.21
N GLY A 217 43.99 -36.72 7.51
CA GLY A 217 44.51 -37.81 6.69
C GLY A 217 43.78 -37.94 5.37
N PHE A 218 43.84 -36.90 4.54
CA PHE A 218 43.17 -36.93 3.25
C PHE A 218 43.67 -38.08 2.39
N THR A 219 44.98 -38.28 2.34
CA THR A 219 45.55 -39.40 1.60
C THR A 219 45.45 -40.72 2.35
N ASP A 220 45.13 -40.69 3.65
CA ASP A 220 45.02 -41.92 4.41
C ASP A 220 43.87 -42.79 3.90
N GLY A 221 42.67 -42.20 3.81
CA GLY A 221 41.54 -42.91 3.25
C GLY A 221 41.68 -43.11 1.75
N ASP A 222 40.78 -43.91 1.19
CA ASP A 222 40.78 -44.19 -0.23
C ASP A 222 40.02 -43.10 -0.98
N LEU A 223 40.67 -42.51 -1.98
CA LEU A 223 40.08 -41.45 -2.78
C LEU A 223 39.85 -41.85 -4.23
N LEU A 224 40.44 -42.96 -4.69
CA LEU A 224 40.36 -43.34 -6.09
C LEU A 224 38.95 -43.70 -6.52
N LYS A 225 38.02 -43.87 -5.59
CA LYS A 225 36.65 -44.23 -5.95
C LYS A 225 35.78 -43.02 -6.25
N ILE A 226 36.12 -41.84 -5.73
CA ILE A 226 35.35 -40.63 -6.02
C ILE A 226 36.27 -39.65 -6.74
N GLN A 227 37.28 -40.18 -7.42
CA GLN A 227 38.24 -39.33 -8.10
C GLN A 227 37.77 -38.92 -9.48
N PHE A 228 37.20 -39.85 -10.24
CA PHE A 228 36.87 -39.61 -11.64
C PHE A 228 35.40 -39.28 -11.87
N GLY A 229 34.59 -39.28 -10.81
CA GLY A 229 33.19 -38.93 -10.97
C GLY A 229 32.98 -37.52 -11.48
N GLY A 230 33.86 -36.60 -11.11
CA GLY A 230 33.76 -35.21 -11.51
C GLY A 230 33.49 -34.25 -10.37
N ALA A 231 33.26 -34.77 -9.15
CA ALA A 231 33.01 -33.93 -7.99
C ALA A 231 34.32 -33.50 -7.38
N GLU A 232 34.48 -32.19 -7.16
CA GLU A 232 35.67 -31.68 -6.51
C GLU A 232 35.66 -32.11 -5.04
N VAL A 233 36.78 -32.69 -4.60
CA VAL A 233 36.90 -33.19 -3.22
C VAL A 233 38.13 -32.55 -2.59
N SER A 234 37.91 -31.76 -1.55
CA SER A 234 38.99 -31.12 -0.82
C SER A 234 39.35 -31.95 0.42
N GLY A 235 40.45 -31.59 1.05
CA GLY A 235 40.87 -32.31 2.23
C GLY A 235 42.04 -31.65 2.92
N PHE A 236 42.59 -32.38 3.91
CA PHE A 236 43.71 -31.91 4.71
C PHE A 236 44.69 -33.05 4.93
N GLN A 237 45.98 -32.74 4.84
CA GLN A 237 47.05 -33.72 5.02
C GLN A 237 48.12 -33.13 5.91
N ILE A 238 48.50 -33.87 6.96
CA ILE A 238 49.52 -33.40 7.89
C ILE A 238 50.87 -34.09 7.68
N VAL A 239 50.89 -35.26 7.05
CA VAL A 239 52.15 -35.97 6.78
C VAL A 239 52.56 -35.59 5.37
N ASP A 240 53.42 -34.57 5.25
CA ASP A 240 53.86 -34.10 3.94
C ASP A 240 54.88 -35.09 3.40
N TYR A 241 54.46 -35.92 2.45
CA TYR A 241 55.35 -36.91 1.86
C TYR A 241 56.39 -36.29 0.92
N ASP A 242 56.33 -34.98 0.69
CA ASP A 242 57.35 -34.32 -0.13
C ASP A 242 58.61 -34.01 0.67
N ASP A 243 58.47 -33.78 1.98
CA ASP A 243 59.63 -33.47 2.81
C ASP A 243 60.61 -34.65 2.81
N SER A 244 61.89 -34.33 2.61
CA SER A 244 62.91 -35.38 2.61
C SER A 244 62.96 -36.11 3.94
N LEU A 245 62.52 -35.45 5.02
CA LEU A 245 62.49 -36.11 6.33
C LEU A 245 61.55 -37.31 6.31
N VAL A 246 60.32 -37.10 5.86
CA VAL A 246 59.35 -38.20 5.81
C VAL A 246 59.77 -39.22 4.77
N SER A 247 60.28 -38.77 3.63
CA SER A 247 60.73 -39.71 2.60
C SER A 247 61.88 -40.58 3.12
N LYS A 248 62.73 -40.02 3.99
CA LYS A 248 63.68 -40.86 4.72
C LYS A 248 62.94 -41.87 5.58
N PHE A 249 61.90 -41.44 6.29
CA PHE A 249 61.13 -42.34 7.14
C PHE A 249 60.32 -43.33 6.31
N ILE A 250 59.78 -42.88 5.17
CA ILE A 250 58.95 -43.75 4.35
C ILE A 250 59.78 -44.86 3.73
N GLU A 251 61.01 -44.54 3.30
CA GLU A 251 61.87 -45.55 2.67
C GLU A 251 62.12 -46.71 3.63
N ARG A 252 62.53 -46.42 4.86
CA ARG A 252 62.68 -47.47 5.86
C ARG A 252 61.34 -48.08 6.23
N TRP A 253 60.26 -47.32 6.10
CA TRP A 253 58.93 -47.83 6.45
C TRP A 253 58.43 -48.82 5.40
N SER A 254 58.62 -48.50 4.12
CA SER A 254 58.13 -49.34 3.03
C SER A 254 58.78 -50.71 2.99
N THR A 255 59.90 -50.92 3.69
CA THR A 255 60.67 -52.14 3.59
C THR A 255 60.44 -53.10 4.75
N LEU A 256 59.99 -52.61 5.91
CA LEU A 256 59.85 -53.46 7.07
C LEU A 256 58.87 -54.60 6.81
N GLU A 257 59.16 -55.75 7.41
CA GLU A 257 58.30 -56.92 7.25
C GLU A 257 56.96 -56.68 7.93
N GLU A 258 55.88 -57.02 7.24
CA GLU A 258 54.55 -56.72 7.74
C GLU A 258 54.12 -57.65 8.88
N LYS A 259 54.75 -58.81 9.02
CA LYS A 259 54.40 -59.70 10.13
C LYS A 259 54.83 -59.10 11.46
N GLU A 260 56.08 -58.62 11.53
CA GLU A 260 56.55 -57.97 12.77
C GLU A 260 55.91 -56.61 12.96
N TYR A 261 55.61 -55.90 11.86
CA TYR A 261 55.03 -54.56 11.91
C TYR A 261 53.77 -54.55 11.05
N PRO A 262 52.61 -54.79 11.66
CA PRO A 262 51.37 -54.82 10.88
C PRO A 262 51.04 -53.47 10.28
N GLY A 263 50.45 -53.50 9.09
CA GLY A 263 50.02 -52.29 8.40
C GLY A 263 51.13 -51.28 8.17
N ALA A 264 52.34 -51.76 7.91
CA ALA A 264 53.49 -50.89 7.74
C ALA A 264 54.22 -51.11 6.43
N HIS A 265 53.85 -52.12 5.64
CA HIS A 265 54.54 -52.44 4.42
C HIS A 265 54.13 -51.54 3.24
N THR A 266 53.39 -50.47 3.51
CA THR A 266 52.90 -49.59 2.46
C THR A 266 53.75 -48.31 2.42
N ALA A 267 53.44 -47.46 1.44
CA ALA A 267 54.17 -46.21 1.23
C ALA A 267 53.62 -45.04 2.04
N THR A 268 52.48 -45.22 2.71
CA THR A 268 51.86 -44.15 3.48
C THR A 268 51.66 -44.61 4.92
N ILE A 269 51.39 -43.65 5.79
CA ILE A 269 51.16 -43.91 7.21
C ILE A 269 50.09 -42.94 7.70
N LYS A 270 49.14 -43.47 8.47
CA LYS A 270 48.03 -42.66 8.94
C LYS A 270 48.53 -41.55 9.87
N TYR A 271 47.82 -40.41 9.85
CA TYR A 271 48.22 -39.26 10.66
C TYR A 271 48.21 -39.59 12.14
N THR A 272 47.44 -40.59 12.56
CA THR A 272 47.48 -41.04 13.95
C THR A 272 48.82 -41.69 14.26
N SER A 273 49.20 -42.71 13.48
CA SER A 273 50.45 -43.41 13.71
C SER A 273 51.64 -42.48 13.50
N ALA A 274 51.56 -41.60 12.49
CA ALA A 274 52.66 -40.67 12.24
C ALA A 274 52.88 -39.75 13.44
N LEU A 275 51.79 -39.30 14.07
CA LEU A 275 51.93 -38.50 15.28
C LEU A 275 52.48 -39.33 16.43
N THR A 276 52.24 -40.64 16.42
CA THR A 276 52.79 -41.52 17.45
C THR A 276 54.31 -41.58 17.34
N TYR A 277 54.83 -41.81 16.14
CA TYR A 277 56.27 -41.78 15.91
C TYR A 277 56.86 -40.45 16.38
N ASP A 278 56.20 -39.33 16.04
CA ASP A 278 56.68 -38.04 16.47
C ASP A 278 56.45 -37.78 17.95
N ALA A 279 55.72 -38.64 18.65
CA ALA A 279 55.56 -38.46 20.08
C ALA A 279 56.78 -38.99 20.84
N VAL A 280 57.38 -40.07 20.36
CA VAL A 280 58.57 -40.61 21.00
C VAL A 280 59.70 -39.58 20.98
N GLN A 281 59.86 -38.89 19.84
CA GLN A 281 60.89 -37.86 19.75
C GLN A 281 60.64 -36.72 20.72
N VAL A 282 59.37 -36.47 21.05
CA VAL A 282 59.06 -35.43 22.04
C VAL A 282 59.48 -35.88 23.43
N MET A 283 59.18 -37.13 23.78
CA MET A 283 59.46 -37.61 25.13
C MET A 283 60.95 -37.88 25.33
N THR A 284 61.60 -38.49 24.34
CA THR A 284 63.03 -38.72 24.43
C THR A 284 63.79 -37.42 24.61
N GLU A 285 63.48 -36.41 23.79
CA GLU A 285 64.11 -35.11 23.92
C GLU A 285 63.66 -34.38 25.19
N ALA A 286 62.49 -34.72 25.73
CA ALA A 286 62.06 -34.10 26.98
C ALA A 286 62.95 -34.52 28.13
N PHE A 287 63.16 -35.83 28.29
CA PHE A 287 63.99 -36.31 29.39
C PHE A 287 65.46 -35.94 29.18
N ARG A 288 65.92 -35.96 27.92
CA ARG A 288 67.30 -35.56 27.65
C ARG A 288 67.55 -34.12 28.07
N ASN A 289 66.54 -33.26 27.96
CA ASN A 289 66.67 -31.90 28.46
C ASN A 289 66.61 -31.84 29.98
N LEU A 290 66.03 -32.85 30.62
CA LEU A 290 66.11 -32.93 32.08
C LEU A 290 67.51 -33.31 32.52
N ARG A 291 68.17 -34.20 31.79
CA ARG A 291 69.55 -34.57 32.10
C ARG A 291 70.48 -33.37 31.99
N LYS A 292 70.48 -32.73 30.82
CA LYS A 292 71.38 -31.61 30.58
C LYS A 292 71.11 -30.45 31.53
N GLN A 293 69.86 -30.27 31.95
CA GLN A 293 69.53 -29.24 32.92
C GLN A 293 69.90 -29.63 34.34
N ARG A 294 70.45 -30.83 34.55
CA ARG A 294 70.80 -31.33 35.88
C ARG A 294 69.57 -31.32 36.79
N ILE A 295 68.57 -32.11 36.40
CA ILE A 295 67.32 -32.23 37.14
C ILE A 295 67.12 -33.71 37.48
N GLU A 296 66.71 -33.98 38.71
CA GLU A 296 66.55 -35.33 39.23
C GLU A 296 65.06 -35.62 39.34
N ILE A 297 64.61 -36.68 38.66
CA ILE A 297 63.18 -36.94 38.53
C ILE A 297 62.75 -38.28 39.08
N SER A 298 63.67 -39.20 39.38
CA SER A 298 63.27 -40.55 39.77
C SER A 298 62.42 -40.52 41.04
N ARG A 299 61.38 -41.34 41.07
CA ARG A 299 60.42 -41.33 42.16
C ARG A 299 61.13 -41.65 43.48
N ARG A 300 60.69 -40.98 44.55
CA ARG A 300 61.24 -41.24 45.86
C ARG A 300 60.76 -42.58 46.42
N GLY A 301 59.68 -43.13 45.89
CA GLY A 301 59.18 -44.41 46.35
C GLY A 301 57.87 -44.76 45.68
N ASN A 302 57.10 -45.60 46.36
CA ASN A 302 55.81 -46.04 45.84
C ASN A 302 54.85 -44.86 45.73
N ALA A 303 54.31 -44.66 44.52
CA ALA A 303 53.29 -43.64 44.33
C ALA A 303 52.00 -43.98 45.07
N GLY A 304 51.79 -45.26 45.40
CA GLY A 304 50.64 -45.66 46.18
C GLY A 304 49.41 -45.85 45.33
N ASP A 305 48.26 -45.92 46.01
CA ASP A 305 46.98 -46.07 45.34
C ASP A 305 46.56 -44.73 44.76
N CYS A 306 46.25 -44.71 43.45
CA CYS A 306 45.82 -43.47 42.80
C CYS A 306 44.62 -42.86 43.51
N LEU A 307 43.80 -43.68 44.14
CA LEU A 307 42.65 -43.23 44.92
C LEU A 307 43.02 -42.76 46.31
N ALA A 308 44.30 -42.44 46.55
CA ALA A 308 44.74 -42.01 47.86
C ALA A 308 44.05 -40.72 48.26
N ASN A 309 43.38 -40.74 49.41
CA ASN A 309 42.74 -39.55 49.95
C ASN A 309 43.38 -39.16 51.27
N PRO A 310 43.89 -37.93 51.36
CA PRO A 310 43.91 -36.91 50.31
C PRO A 310 44.95 -37.19 49.22
N ALA A 311 44.67 -36.74 48.00
CA ALA A 311 45.58 -36.96 46.88
C ALA A 311 46.83 -36.11 47.06
N VAL A 312 47.96 -36.75 47.29
CA VAL A 312 49.26 -36.09 47.36
C VAL A 312 49.92 -36.17 45.99
N PRO A 313 50.20 -35.07 45.33
CA PRO A 313 50.87 -35.14 44.02
C PRO A 313 52.38 -35.07 44.15
N TRP A 314 53.08 -36.02 43.53
CA TRP A 314 54.54 -35.97 43.52
C TRP A 314 55.01 -34.71 42.80
N GLY A 315 55.93 -33.99 43.43
CA GLY A 315 56.25 -32.64 42.97
C GLY A 315 56.92 -32.62 41.60
N GLN A 316 57.77 -33.60 41.31
CA GLN A 316 58.56 -33.58 40.09
C GLN A 316 57.72 -33.73 38.82
N GLY A 317 56.41 -33.94 38.94
CA GLY A 317 55.58 -33.93 37.75
C GLY A 317 55.55 -32.58 37.07
N VAL A 318 55.65 -31.50 37.85
CA VAL A 318 55.65 -30.15 37.27
C VAL A 318 56.86 -29.98 36.36
N GLU A 319 58.02 -30.48 36.78
CA GLU A 319 59.20 -30.41 35.92
C GLU A 319 59.02 -31.26 34.66
N ILE A 320 58.28 -32.36 34.75
CA ILE A 320 58.02 -33.18 33.57
C ILE A 320 57.05 -32.46 32.64
N GLU A 321 56.03 -31.80 33.19
CA GLU A 321 55.16 -30.97 32.37
C GLU A 321 55.96 -29.89 31.66
N ARG A 322 56.75 -29.12 32.42
CA ARG A 322 57.57 -28.08 31.82
C ARG A 322 58.64 -28.64 30.88
N ALA A 323 59.02 -29.91 31.06
CA ALA A 323 59.99 -30.51 30.15
C ALA A 323 59.32 -30.88 28.83
N LEU A 324 58.22 -31.62 28.88
CA LEU A 324 57.51 -32.00 27.67
C LEU A 324 56.95 -30.79 26.94
N LYS A 325 56.41 -29.83 27.68
CA LYS A 325 55.81 -28.66 27.06
C LYS A 325 56.83 -27.68 26.49
N GLN A 326 58.12 -27.89 26.74
CA GLN A 326 59.17 -27.05 26.18
C GLN A 326 60.01 -27.80 25.15
N VAL A 327 59.63 -29.03 24.80
CA VAL A 327 60.28 -29.73 23.71
C VAL A 327 60.05 -28.97 22.41
N GLN A 328 61.03 -29.04 21.51
CA GLN A 328 60.89 -28.45 20.19
C GLN A 328 61.78 -29.26 19.24
N VAL A 329 61.15 -30.14 18.45
CA VAL A 329 61.84 -31.01 17.50
C VAL A 329 61.09 -30.99 16.18
N GLU A 330 61.64 -31.71 15.20
CA GLU A 330 61.08 -31.81 13.87
C GLU A 330 60.78 -33.27 13.56
N GLY A 331 59.62 -33.52 12.97
CA GLY A 331 59.20 -34.89 12.69
C GLY A 331 58.31 -35.04 11.47
N LEU A 332 57.54 -36.14 11.44
CA LEU A 332 56.68 -36.40 10.30
C LEU A 332 55.58 -35.35 10.18
N SER A 333 55.15 -34.80 11.32
CA SER A 333 54.05 -33.85 11.32
C SER A 333 54.61 -32.44 11.14
N GLY A 334 55.74 -32.34 10.45
CA GLY A 334 56.39 -31.05 10.25
C GLY A 334 56.97 -30.51 11.56
N ASN A 335 56.70 -29.23 11.81
CA ASN A 335 57.20 -28.57 13.01
C ASN A 335 56.35 -29.01 14.21
N ILE A 336 57.01 -29.16 15.35
CA ILE A 336 56.35 -29.56 16.59
C ILE A 336 56.75 -28.58 17.69
N LYS A 337 55.76 -28.11 18.43
CA LYS A 337 55.98 -27.19 19.54
C LYS A 337 54.69 -27.10 20.34
N PHE A 338 54.84 -26.74 21.62
CA PHE A 338 53.71 -26.71 22.53
C PHE A 338 53.71 -25.40 23.32
N ASP A 339 52.50 -24.96 23.70
CA ASP A 339 52.32 -23.79 24.53
C ASP A 339 52.30 -24.22 26.00
N GLN A 340 52.03 -23.28 26.90
CA GLN A 340 51.95 -23.63 28.32
C GLN A 340 50.77 -24.55 28.62
N ASN A 341 49.88 -24.79 27.66
CA ASN A 341 48.77 -25.69 27.84
C ASN A 341 48.98 -27.05 27.18
N GLY A 342 50.04 -27.20 26.39
CA GLY A 342 50.30 -28.44 25.67
C GLY A 342 49.72 -28.50 24.27
N LYS A 343 48.92 -27.51 23.88
CA LYS A 343 48.33 -27.51 22.56
C LYS A 343 49.39 -27.33 21.49
N ARG A 344 49.11 -27.86 20.30
CA ARG A 344 50.02 -27.67 19.17
C ARG A 344 50.05 -26.19 18.79
N ILE A 345 51.26 -25.66 18.59
CA ILE A 345 51.46 -24.27 18.19
C ILE A 345 52.49 -24.22 17.08
N ASN A 346 52.49 -23.11 16.35
CA ASN A 346 53.52 -22.83 15.35
C ASN A 346 53.58 -23.94 14.29
N TYR A 347 52.45 -24.58 14.01
CA TYR A 347 52.41 -25.76 13.16
C TYR A 347 52.00 -25.40 11.73
N THR A 348 51.70 -26.41 10.94
CA THR A 348 51.43 -26.22 9.51
C THR A 348 50.58 -27.36 8.99
N ILE A 349 49.44 -27.04 8.38
CA ILE A 349 48.53 -28.03 7.83
C ILE A 349 48.44 -27.81 6.33
N ASN A 350 48.55 -28.89 5.57
CA ASN A 350 48.54 -28.84 4.11
C ASN A 350 47.12 -29.06 3.60
N ILE A 351 46.76 -28.33 2.56
CA ILE A 351 45.43 -28.39 1.95
C ILE A 351 45.52 -29.13 0.64
N MET A 352 44.53 -29.98 0.36
CA MET A 352 44.57 -30.88 -0.77
C MET A 352 43.26 -30.84 -1.53
N GLU A 353 43.33 -30.61 -2.84
CA GLU A 353 42.21 -30.80 -3.75
C GLU A 353 42.43 -32.08 -4.54
N LEU A 354 41.37 -32.86 -4.72
CA LEU A 354 41.45 -34.10 -5.49
C LEU A 354 41.09 -33.81 -6.94
N LYS A 355 42.03 -34.07 -7.84
CA LYS A 355 41.84 -33.84 -9.27
C LYS A 355 41.84 -35.19 -10.00
N THR A 356 41.95 -35.12 -11.33
CA THR A 356 41.94 -36.34 -12.13
C THR A 356 43.24 -37.13 -11.96
N ASN A 357 44.35 -36.45 -11.72
CA ASN A 357 45.65 -37.09 -11.56
C ASN A 357 45.98 -37.43 -10.11
N GLY A 358 45.02 -37.34 -9.19
CA GLY A 358 45.22 -37.72 -7.82
C GLY A 358 45.31 -36.55 -6.88
N PRO A 359 45.76 -36.79 -5.65
CA PRO A 359 45.86 -35.71 -4.67
C PRO A 359 46.93 -34.70 -5.08
N ARG A 360 46.62 -33.41 -4.87
CA ARG A 360 47.47 -32.32 -5.31
C ARG A 360 47.60 -31.31 -4.20
N LYS A 361 48.84 -31.01 -3.81
CA LYS A 361 49.10 -29.98 -2.81
C LYS A 361 48.73 -28.62 -3.38
N ILE A 362 47.71 -27.97 -2.81
CA ILE A 362 47.21 -26.71 -3.34
C ILE A 362 47.45 -25.56 -2.36
N GLY A 363 47.25 -25.79 -1.08
CA GLY A 363 47.30 -24.71 -0.12
C GLY A 363 47.82 -25.17 1.22
N TYR A 364 47.82 -24.23 2.17
CA TYR A 364 48.25 -24.48 3.54
C TYR A 364 47.87 -23.24 4.36
N TRP A 365 47.71 -23.44 5.67
CA TRP A 365 47.42 -22.35 6.58
C TRP A 365 48.34 -22.46 7.79
N SER A 366 48.26 -21.43 8.64
CA SER A 366 49.05 -21.36 9.86
C SER A 366 48.28 -20.54 10.87
N GLU A 367 48.57 -20.77 12.15
CA GLU A 367 47.82 -20.06 13.19
C GLU A 367 48.09 -18.56 13.17
N VAL A 368 48.96 -18.08 12.29
CA VAL A 368 49.15 -16.66 12.06
C VAL A 368 48.75 -16.26 10.65
N ASP A 369 49.00 -17.12 9.65
CA ASP A 369 48.72 -16.83 8.26
C ASP A 369 47.78 -17.90 7.70
N LYS A 370 46.79 -17.48 6.93
CA LYS A 370 45.74 -18.36 6.46
C LYS A 370 45.74 -18.39 4.94
N MET A 371 45.77 -19.59 4.37
CA MET A 371 45.63 -19.79 2.92
C MET A 371 46.62 -18.95 2.13
N VAL A 372 47.85 -19.43 1.97
CA VAL A 372 48.89 -18.59 1.38
C VAL A 372 49.41 -19.17 0.08
N LEU A 373 49.43 -20.51 -0.03
CA LEU A 373 50.09 -21.16 -1.16
C LEU A 373 49.56 -20.65 -2.49
N THR A 374 50.42 -19.98 -3.25
CA THR A 374 50.08 -19.46 -4.56
C THR A 374 51.33 -19.41 -5.44
N GLU A 375 51.48 -20.39 -6.32
CA GLU A 375 50.50 -21.46 -6.48
C GLU A 375 51.18 -22.79 -6.72
N ASP A 376 50.52 -23.64 -7.50
CA ASP A 376 51.07 -24.92 -7.93
C ASP A 376 51.34 -24.85 -9.43
N ASP A 377 52.37 -24.09 -9.80
CA ASP A 377 52.77 -24.00 -11.20
C ASP A 377 53.20 -25.36 -11.73
N THR A 378 53.79 -26.21 -10.89
CA THR A 378 54.12 -27.57 -11.27
C THR A 378 52.85 -28.42 -11.28
N SER A 379 53.02 -29.70 -11.60
CA SER A 379 51.92 -30.66 -11.75
C SER A 379 50.97 -30.12 -12.80
N GLY A 380 49.72 -29.83 -12.49
CA GLY A 380 48.79 -29.30 -13.48
C GLY A 380 48.22 -30.38 -14.39
N LEU A 381 47.01 -30.15 -14.89
CA LEU A 381 46.33 -31.11 -15.76
C LEU A 381 46.08 -30.58 -17.15
N GLU A 382 45.70 -29.31 -17.29
CA GLU A 382 45.41 -28.68 -18.58
C GLU A 382 44.32 -29.47 -19.33
N GLN A 383 43.30 -29.90 -18.61
CA GLN A 383 42.20 -30.68 -19.19
C GLN A 383 40.90 -30.20 -18.55
N LYS A 384 40.08 -29.50 -19.33
CA LYS A 384 38.81 -28.97 -18.83
C LYS A 384 37.81 -28.93 -19.98
N THR A 385 36.87 -29.87 -19.97
CA THR A 385 35.76 -29.86 -20.91
C THR A 385 34.60 -29.11 -20.27
N VAL A 386 34.24 -27.97 -20.86
CA VAL A 386 33.19 -27.12 -20.32
C VAL A 386 31.83 -27.67 -20.72
N VAL A 387 30.93 -27.81 -19.74
CA VAL A 387 29.60 -28.35 -19.98
C VAL A 387 28.68 -27.21 -20.39
N VAL A 388 28.06 -27.34 -21.56
CA VAL A 388 27.15 -26.33 -22.09
C VAL A 388 25.78 -26.97 -22.26
N THR A 389 24.76 -26.31 -21.70
CA THR A 389 23.40 -26.81 -21.76
C THR A 389 22.56 -25.93 -22.68
N THR A 390 21.59 -26.55 -23.34
CA THR A 390 20.70 -25.85 -24.25
C THR A 390 19.44 -26.68 -24.42
N ILE A 391 18.45 -26.11 -25.10
CA ILE A 391 17.12 -26.70 -25.21
C ILE A 391 16.80 -26.97 -26.68
N LEU A 392 16.13 -28.09 -26.93
CA LEU A 392 15.71 -28.45 -28.28
C LEU A 392 14.49 -27.63 -28.66
N GLU A 393 14.72 -26.53 -29.39
CA GLU A 393 13.63 -25.69 -29.88
C GLU A 393 14.11 -24.96 -31.13
N SER A 394 13.48 -25.25 -32.26
CA SER A 394 13.87 -24.66 -33.54
C SER A 394 13.75 -23.13 -33.53
N PRO A 395 14.64 -22.45 -34.26
CA PRO A 395 15.77 -23.03 -35.00
C PRO A 395 17.07 -22.94 -34.21
N TYR A 396 16.96 -22.71 -32.90
CA TYR A 396 18.15 -22.45 -32.08
C TYR A 396 19.00 -23.70 -31.95
N VAL A 397 18.40 -24.82 -31.56
CA VAL A 397 19.10 -26.08 -31.40
C VAL A 397 18.20 -27.19 -31.95
N MET A 398 18.53 -27.71 -33.12
CA MET A 398 17.77 -28.76 -33.77
C MET A 398 18.68 -29.96 -34.00
N MET A 399 18.16 -31.15 -33.75
CA MET A 399 18.88 -32.37 -34.11
C MET A 399 18.91 -32.50 -35.63
N LYS A 400 20.09 -32.79 -36.17
CA LYS A 400 20.23 -32.94 -37.62
C LYS A 400 19.32 -34.05 -38.13
N LYS A 401 19.01 -33.97 -39.43
CA LYS A 401 18.18 -35.01 -40.05
C LYS A 401 18.79 -36.39 -39.87
N ASN A 402 20.12 -36.46 -39.79
CA ASN A 402 20.82 -37.71 -39.54
C ASN A 402 21.53 -37.65 -38.19
N HIS A 403 20.79 -37.31 -37.13
CA HIS A 403 21.39 -37.14 -35.81
C HIS A 403 21.79 -38.46 -35.17
N GLU A 404 21.31 -39.59 -35.67
CA GLU A 404 21.65 -40.87 -35.06
C GLU A 404 23.03 -41.36 -35.50
N MET A 405 23.41 -41.10 -36.75
CA MET A 405 24.68 -41.56 -37.28
C MET A 405 25.86 -40.69 -36.84
N LEU A 406 25.60 -39.55 -36.22
CA LEU A 406 26.66 -38.67 -35.72
C LEU A 406 26.85 -38.87 -34.22
N GLU A 407 27.74 -38.06 -33.65
CA GLU A 407 28.02 -38.15 -32.22
C GLU A 407 28.63 -36.83 -31.77
N GLY A 408 28.50 -36.55 -30.47
CA GLY A 408 29.10 -35.38 -29.87
C GLY A 408 28.39 -34.08 -30.20
N ASN A 409 29.13 -33.13 -30.74
CA ASN A 409 28.57 -31.81 -31.04
C ASN A 409 27.96 -31.71 -32.43
N GLU A 410 28.33 -32.61 -33.35
CA GLU A 410 27.76 -32.58 -34.69
C GLU A 410 26.32 -33.06 -34.72
N ARG A 411 25.85 -33.72 -33.66
CA ARG A 411 24.47 -34.18 -33.62
C ARG A 411 23.47 -33.03 -33.74
N TYR A 412 23.81 -31.88 -33.17
CA TYR A 412 22.91 -30.75 -33.09
C TYR A 412 23.37 -29.61 -33.98
N GLU A 413 22.40 -28.87 -34.51
CA GLU A 413 22.65 -27.73 -35.38
C GLU A 413 21.63 -26.64 -35.06
N GLY A 414 22.02 -25.40 -35.30
CA GLY A 414 21.12 -24.29 -35.12
C GLY A 414 21.87 -23.02 -34.78
N TYR A 415 21.10 -22.00 -34.39
CA TYR A 415 21.67 -20.69 -34.10
C TYR A 415 22.62 -20.74 -32.92
N CYS A 416 22.25 -21.48 -31.87
CA CYS A 416 23.10 -21.55 -30.69
C CYS A 416 24.34 -22.38 -30.96
N VAL A 417 24.21 -23.46 -31.74
CA VAL A 417 25.36 -24.30 -32.06
C VAL A 417 26.42 -23.50 -32.80
N ASP A 418 25.98 -22.58 -33.67
CA ASP A 418 26.91 -21.67 -34.32
C ASP A 418 27.38 -20.57 -33.38
N LEU A 419 26.55 -20.17 -32.42
CA LEU A 419 27.00 -19.22 -31.41
C LEU A 419 27.88 -19.88 -30.36
N ALA A 420 27.67 -21.17 -30.12
CA ALA A 420 28.50 -21.89 -29.14
C ALA A 420 29.96 -21.93 -29.59
N ALA A 421 30.20 -22.22 -30.86
CA ALA A 421 31.57 -22.28 -31.36
C ALA A 421 32.20 -20.90 -31.44
N GLU A 422 31.39 -19.88 -31.78
CA GLU A 422 31.93 -18.53 -31.89
C GLU A 422 32.37 -17.99 -30.53
N ILE A 423 31.59 -18.28 -29.48
CA ILE A 423 32.02 -17.88 -28.14
C ILE A 423 33.23 -18.69 -27.70
N ALA A 424 33.32 -19.95 -28.15
CA ALA A 424 34.47 -20.79 -27.85
C ALA A 424 35.68 -20.47 -28.73
N LYS A 425 35.53 -19.58 -29.71
CA LYS A 425 36.66 -19.16 -30.54
C LYS A 425 37.38 -17.95 -29.95
N HIS A 426 36.64 -17.03 -29.35
CA HIS A 426 37.22 -15.89 -28.67
C HIS A 426 37.44 -16.13 -27.18
N CYS A 427 37.24 -17.36 -26.73
CA CYS A 427 37.57 -17.77 -25.36
C CYS A 427 38.33 -19.08 -25.28
N GLY A 428 38.36 -19.88 -26.33
CA GLY A 428 39.23 -21.05 -26.43
C GLY A 428 39.09 -22.08 -25.33
N PHE A 429 37.91 -22.70 -25.24
CA PHE A 429 37.66 -23.75 -24.27
C PHE A 429 36.93 -24.91 -24.94
N LYS A 430 37.30 -26.13 -24.58
CA LYS A 430 36.61 -27.31 -25.07
C LYS A 430 35.25 -27.43 -24.40
N TYR A 431 34.20 -27.53 -25.20
CA TYR A 431 32.84 -27.56 -24.69
C TYR A 431 32.11 -28.80 -25.18
N LYS A 432 31.25 -29.35 -24.32
CA LYS A 432 30.40 -30.50 -24.63
C LYS A 432 28.95 -30.06 -24.60
N LEU A 433 28.23 -30.31 -25.68
CA LEU A 433 26.86 -29.83 -25.84
C LEU A 433 25.90 -30.82 -25.20
N THR A 434 25.08 -30.34 -24.27
CA THR A 434 24.17 -31.17 -23.50
C THR A 434 22.75 -30.62 -23.61
N ILE A 435 21.78 -31.52 -23.66
CA ILE A 435 20.37 -31.16 -23.70
C ILE A 435 19.81 -31.18 -22.29
N VAL A 436 19.22 -30.08 -21.86
CA VAL A 436 18.68 -29.95 -20.51
C VAL A 436 17.48 -30.87 -20.36
N GLY A 437 16.99 -31.03 -19.14
CA GLY A 437 15.88 -31.94 -18.88
C GLY A 437 14.55 -31.39 -19.36
N ASP A 438 13.82 -32.22 -20.11
CA ASP A 438 12.42 -32.00 -20.50
C ASP A 438 12.18 -30.61 -21.10
N GLY A 439 13.20 -30.02 -21.71
CA GLY A 439 13.05 -28.69 -22.30
C GLY A 439 12.64 -27.67 -21.26
N LYS A 440 13.47 -27.48 -20.26
CA LYS A 440 13.15 -26.68 -19.09
C LYS A 440 13.64 -25.23 -19.27
N TYR A 441 13.02 -24.33 -18.50
CA TYR A 441 13.38 -22.92 -18.48
C TYR A 441 13.56 -22.46 -17.04
N GLY A 442 13.99 -21.22 -16.88
CA GLY A 442 14.27 -20.67 -15.56
C GLY A 442 13.06 -20.20 -14.79
N ALA A 443 12.52 -21.09 -13.94
CA ALA A 443 11.38 -20.76 -13.10
C ALA A 443 11.71 -21.08 -11.64
N ARG A 444 10.96 -20.46 -10.73
CA ARG A 444 11.15 -20.66 -9.30
C ARG A 444 9.80 -21.00 -8.67
N ASP A 445 9.72 -22.17 -8.04
CA ASP A 445 8.51 -22.57 -7.35
C ASP A 445 8.24 -21.64 -6.17
N ALA A 446 6.96 -21.34 -5.93
CA ALA A 446 6.61 -20.49 -4.82
C ALA A 446 6.69 -21.22 -3.47
N ASP A 447 6.42 -22.52 -3.47
CA ASP A 447 6.47 -23.29 -2.22
C ASP A 447 7.91 -23.70 -1.89
N THR A 448 8.48 -24.61 -2.67
CA THR A 448 9.78 -25.19 -2.36
C THR A 448 10.94 -24.25 -2.64
N LYS A 449 10.71 -23.13 -3.34
CA LYS A 449 11.77 -22.18 -3.71
C LYS A 449 12.95 -22.88 -4.36
N ILE A 450 12.65 -23.93 -5.13
CA ILE A 450 13.65 -24.67 -5.90
C ILE A 450 13.63 -24.14 -7.32
N TRP A 451 14.81 -23.83 -7.86
CA TRP A 451 14.90 -23.46 -9.26
C TRP A 451 14.93 -24.70 -10.14
N ASN A 452 14.29 -24.60 -11.30
CA ASN A 452 14.34 -25.64 -12.31
C ASN A 452 14.83 -25.02 -13.62
N GLY A 453 15.28 -25.89 -14.53
CA GLY A 453 15.61 -25.45 -15.86
C GLY A 453 17.10 -25.32 -16.11
N MET A 454 17.39 -24.68 -17.24
CA MET A 454 18.78 -24.37 -17.57
C MET A 454 19.41 -23.48 -16.50
N VAL A 455 18.65 -22.50 -16.01
CA VAL A 455 19.12 -21.68 -14.89
C VAL A 455 19.39 -22.56 -13.68
N GLY A 456 18.61 -23.61 -13.51
CA GLY A 456 18.86 -24.54 -12.42
C GLY A 456 20.15 -25.31 -12.60
N GLU A 457 20.44 -25.76 -13.82
CA GLU A 457 21.67 -26.50 -14.06
C GLU A 457 22.90 -25.61 -14.03
N LEU A 458 22.75 -24.31 -13.76
CA LEU A 458 23.87 -23.40 -13.54
C LEU A 458 24.11 -23.12 -12.06
N VAL A 459 23.04 -22.90 -11.29
CA VAL A 459 23.18 -22.69 -9.85
C VAL A 459 23.46 -23.99 -9.12
N TYR A 460 23.15 -25.14 -9.72
CA TYR A 460 23.34 -26.43 -9.09
C TYR A 460 24.55 -27.19 -9.61
N GLY A 461 25.29 -26.61 -10.54
CA GLY A 461 26.58 -27.13 -10.94
C GLY A 461 26.58 -28.19 -12.03
N LYS A 462 25.41 -28.70 -12.41
CA LYS A 462 25.34 -29.75 -13.42
C LYS A 462 25.81 -29.29 -14.79
N ALA A 463 26.11 -28.00 -14.96
CA ALA A 463 26.69 -27.47 -16.19
C ALA A 463 27.47 -26.21 -15.85
N ASP A 464 28.27 -25.75 -16.81
CA ASP A 464 29.11 -24.57 -16.61
C ASP A 464 28.57 -23.31 -17.25
N ILE A 465 27.88 -23.42 -18.40
CA ILE A 465 27.34 -22.26 -19.09
C ILE A 465 26.09 -22.69 -19.85
N ALA A 466 25.12 -21.78 -19.93
CA ALA A 466 23.85 -22.03 -20.60
C ALA A 466 23.73 -21.08 -21.78
N ILE A 467 23.73 -21.63 -23.00
CA ILE A 467 23.62 -20.86 -24.22
C ILE A 467 22.34 -21.29 -24.92
N ALA A 468 21.37 -20.38 -24.97
CA ALA A 468 20.04 -20.64 -25.51
C ALA A 468 19.24 -19.34 -25.54
N PRO A 469 18.06 -19.32 -26.17
CA PRO A 469 17.18 -18.15 -26.00
C PRO A 469 16.65 -18.05 -24.57
N LEU A 470 17.38 -17.37 -23.71
CA LEU A 470 17.05 -17.25 -22.29
C LEU A 470 16.65 -15.82 -22.00
N THR A 471 15.36 -15.61 -21.72
CA THR A 471 14.86 -14.27 -21.44
C THR A 471 15.56 -13.68 -20.21
N ILE A 472 15.97 -12.42 -20.32
CA ILE A 472 16.69 -11.75 -19.24
C ILE A 472 15.63 -11.12 -18.32
N THR A 473 15.41 -11.76 -17.17
CA THR A 473 14.46 -11.30 -16.17
C THR A 473 15.19 -10.97 -14.87
N LEU A 474 14.52 -10.17 -14.04
CA LEU A 474 15.13 -9.77 -12.76
C LEU A 474 15.26 -10.96 -11.82
N VAL A 475 14.24 -11.82 -11.74
CA VAL A 475 14.27 -12.96 -10.84
C VAL A 475 15.40 -13.92 -11.19
N ARG A 476 15.83 -13.93 -12.45
CA ARG A 476 16.97 -14.74 -12.86
C ARG A 476 18.29 -14.01 -12.72
N GLU A 477 18.28 -12.67 -12.78
CA GLU A 477 19.51 -11.91 -12.61
C GLU A 477 20.04 -12.00 -11.18
N GLU A 478 19.14 -12.15 -10.20
CA GLU A 478 19.56 -12.22 -8.81
C GLU A 478 20.31 -13.50 -8.49
N VAL A 479 20.15 -14.55 -9.30
CA VAL A 479 20.73 -15.85 -9.00
C VAL A 479 21.87 -16.23 -9.94
N ILE A 480 21.87 -15.72 -11.18
CA ILE A 480 22.94 -16.00 -12.12
C ILE A 480 23.38 -14.69 -12.77
N ASP A 481 24.48 -14.76 -13.51
CA ASP A 481 25.03 -13.61 -14.21
C ASP A 481 24.65 -13.70 -15.69
N PHE A 482 23.93 -12.69 -16.17
CA PHE A 482 23.53 -12.61 -17.56
C PHE A 482 24.53 -11.78 -18.35
N SER A 483 24.81 -12.21 -19.58
CA SER A 483 25.66 -11.45 -20.49
C SER A 483 24.86 -10.28 -21.05
N LYS A 484 25.45 -9.57 -22.01
CA LYS A 484 24.72 -8.53 -22.72
C LYS A 484 23.76 -9.16 -23.73
N PRO A 485 22.68 -8.46 -24.08
CA PRO A 485 21.66 -9.05 -24.97
C PRO A 485 22.23 -9.28 -26.37
N PHE A 486 22.27 -10.53 -26.78
CA PHE A 486 22.75 -10.91 -28.10
C PHE A 486 21.63 -10.98 -29.13
N MET A 487 20.40 -10.62 -28.76
CA MET A 487 19.26 -10.64 -29.67
C MET A 487 18.07 -9.92 -29.05
N SER A 488 17.69 -8.77 -29.62
CA SER A 488 16.56 -8.00 -29.10
C SER A 488 15.24 -8.55 -29.66
N LEU A 489 14.17 -8.37 -28.90
CA LEU A 489 12.86 -8.84 -29.34
C LEU A 489 11.79 -8.11 -28.53
N GLY A 490 10.54 -8.36 -28.92
CA GLY A 490 9.39 -7.79 -28.24
C GLY A 490 8.12 -8.48 -28.69
N ILE A 491 7.07 -8.28 -27.90
CA ILE A 491 5.78 -8.90 -28.21
C ILE A 491 5.19 -8.25 -29.46
N SER A 492 4.76 -9.09 -30.41
CA SER A 492 4.31 -8.59 -31.71
C SER A 492 2.96 -9.16 -32.10
N ILE A 493 2.53 -8.92 -33.34
CA ILE A 493 1.23 -9.33 -33.85
C ILE A 493 1.43 -10.20 -35.08
N MET A 494 0.86 -11.40 -35.05
CA MET A 494 0.89 -12.32 -36.18
C MET A 494 -0.51 -12.44 -36.77
N ILE A 495 -0.66 -12.04 -38.02
CA ILE A 495 -1.93 -12.14 -38.73
C ILE A 495 -1.70 -12.79 -40.08
N LYS A 496 -2.68 -13.59 -40.52
CA LYS A 496 -2.65 -14.17 -41.85
C LYS A 496 -2.95 -13.09 -42.87
N LYS A 497 -1.97 -12.72 -43.67
CA LYS A 497 -2.15 -11.66 -44.64
C LYS A 497 -3.04 -12.14 -45.79
N PRO A 498 -4.20 -11.52 -46.02
CA PRO A 498 -5.04 -11.85 -47.17
C PRO A 498 -4.30 -11.59 -48.48
N GLN A 499 -4.37 -12.43 -49.52
CA GLN A 499 -5.23 -13.63 -49.67
C GLN A 499 -6.72 -13.30 -49.56
N LYS A 500 -7.08 -12.11 -50.05
CA LYS A 500 -8.48 -11.73 -50.22
C LYS A 500 -8.83 -11.40 -51.67
N SER A 501 -7.85 -11.24 -52.54
CA SER A 501 -8.07 -10.80 -53.92
C SER A 501 -8.23 -12.03 -54.81
N LYS A 502 -9.44 -12.24 -55.32
CA LYS A 502 -9.74 -13.31 -56.29
C LYS A 502 -10.62 -12.73 -57.39
N PRO A 503 -10.04 -11.90 -58.26
CA PRO A 503 -10.82 -11.34 -59.37
C PRO A 503 -11.24 -12.41 -60.34
N GLY A 504 -12.49 -12.34 -60.79
CA GLY A 504 -13.04 -13.33 -61.68
C GLY A 504 -14.19 -12.79 -62.49
N VAL A 505 -14.98 -13.72 -63.03
CA VAL A 505 -16.09 -13.36 -63.91
C VAL A 505 -17.38 -13.17 -63.13
N PHE A 506 -17.60 -13.99 -62.08
CA PHE A 506 -18.79 -13.84 -61.26
C PHE A 506 -18.73 -12.63 -60.33
N SER A 507 -17.59 -11.93 -60.27
CA SER A 507 -17.52 -10.71 -59.47
C SER A 507 -17.73 -9.44 -60.30
N PHE A 508 -17.80 -9.55 -61.63
CA PHE A 508 -18.16 -8.38 -62.45
C PHE A 508 -19.63 -8.02 -62.28
N LEU A 509 -20.52 -9.01 -62.30
CA LEU A 509 -21.94 -8.77 -62.10
C LEU A 509 -22.32 -8.68 -60.63
N ASP A 510 -21.33 -8.64 -59.74
CA ASP A 510 -21.53 -8.56 -58.29
C ASP A 510 -22.21 -7.27 -57.83
N PRO A 511 -21.96 -6.08 -58.49
CA PRO A 511 -22.67 -4.86 -58.08
C PRO A 511 -24.16 -5.06 -57.90
N LEU A 512 -24.89 -5.19 -59.00
CA LEU A 512 -26.27 -5.63 -58.92
C LEU A 512 -26.31 -7.06 -58.40
N ALA A 513 -27.39 -7.40 -57.69
CA ALA A 513 -27.51 -8.74 -57.18
C ALA A 513 -27.80 -9.72 -58.32
N TYR A 514 -27.57 -11.01 -58.05
CA TYR A 514 -27.78 -12.05 -59.06
C TYR A 514 -29.21 -12.06 -59.59
N GLU A 515 -30.15 -11.48 -58.84
CA GLU A 515 -31.55 -11.48 -59.27
C GLU A 515 -31.92 -10.30 -60.15
N ILE A 516 -31.13 -9.22 -60.17
CA ILE A 516 -31.45 -8.08 -61.01
C ILE A 516 -30.99 -8.32 -62.44
N TRP A 517 -29.77 -8.84 -62.62
CA TRP A 517 -29.29 -9.17 -63.96
C TRP A 517 -30.24 -10.14 -64.67
N MET A 518 -30.94 -10.98 -63.92
CA MET A 518 -31.94 -11.88 -64.45
C MET A 518 -33.34 -11.26 -64.46
N CYS A 519 -33.49 -10.03 -63.97
CA CYS A 519 -34.76 -9.33 -64.02
C CYS A 519 -34.77 -8.15 -64.99
N ILE A 520 -33.61 -7.52 -65.22
CA ILE A 520 -33.52 -6.47 -66.23
C ILE A 520 -33.88 -7.02 -67.60
N VAL A 521 -33.54 -8.28 -67.87
CA VAL A 521 -33.83 -8.88 -69.16
C VAL A 521 -35.33 -9.10 -69.36
N PHE A 522 -36.10 -9.20 -68.28
CA PHE A 522 -37.54 -9.36 -68.42
C PHE A 522 -38.20 -8.08 -68.92
N ALA A 523 -37.67 -6.92 -68.54
CA ALA A 523 -38.16 -5.65 -69.06
C ALA A 523 -37.52 -5.27 -70.38
N TYR A 524 -36.35 -5.84 -70.70
CA TYR A 524 -35.75 -5.63 -72.02
C TYR A 524 -36.61 -6.26 -73.11
N ILE A 525 -36.96 -7.53 -72.94
CA ILE A 525 -37.80 -8.20 -73.93
C ILE A 525 -39.25 -7.76 -73.83
N GLY A 526 -39.67 -7.19 -72.69
CA GLY A 526 -41.03 -6.74 -72.51
C GLY A 526 -41.34 -5.38 -73.09
N VAL A 527 -40.32 -4.60 -73.43
CA VAL A 527 -40.51 -3.28 -74.02
C VAL A 527 -40.30 -3.37 -75.52
N SER A 528 -39.41 -4.27 -75.94
CA SER A 528 -39.25 -4.52 -77.38
C SER A 528 -40.49 -5.19 -77.95
N VAL A 529 -41.26 -5.91 -77.11
CA VAL A 529 -42.50 -6.53 -77.57
C VAL A 529 -43.68 -5.56 -77.56
N VAL A 530 -43.52 -4.39 -76.95
CA VAL A 530 -44.56 -3.36 -77.00
C VAL A 530 -44.39 -2.48 -78.24
N LEU A 531 -43.14 -2.24 -78.67
CA LEU A 531 -42.92 -1.51 -79.91
C LEU A 531 -43.49 -2.25 -81.11
N PHE A 532 -43.59 -3.58 -81.01
CA PHE A 532 -44.31 -4.35 -82.01
C PHE A 532 -45.77 -3.92 -82.09
N LEU A 533 -46.36 -3.56 -80.94
CA LEU A 533 -47.79 -3.36 -80.82
C LEU A 533 -48.23 -1.91 -80.98
N VAL A 534 -47.30 -0.95 -80.99
CA VAL A 534 -47.68 0.46 -81.08
C VAL A 534 -47.53 0.94 -82.53
N SER A 535 -46.59 0.36 -83.27
CA SER A 535 -46.38 0.74 -84.66
C SER A 535 -47.26 -0.09 -85.59
N ILE A 545 -41.80 -9.57 -89.03
CA ILE A 545 -41.32 -9.33 -87.68
C ILE A 545 -39.80 -9.30 -87.65
N PHE A 546 -39.18 -9.94 -88.65
CA PHE A 546 -37.73 -9.99 -88.71
C PHE A 546 -37.10 -8.62 -88.87
N ASN A 547 -37.83 -7.65 -89.41
CA ASN A 547 -37.36 -6.28 -89.52
C ASN A 547 -37.91 -5.38 -88.42
N SER A 548 -38.93 -5.83 -87.68
CA SER A 548 -39.46 -5.06 -86.57
C SER A 548 -38.71 -5.30 -85.27
N LEU A 549 -38.12 -6.49 -85.10
CA LEU A 549 -37.25 -6.73 -83.95
C LEU A 549 -35.89 -6.07 -84.15
N TRP A 550 -35.40 -6.04 -85.39
CA TRP A 550 -34.21 -5.26 -85.71
C TRP A 550 -34.46 -3.77 -85.54
N PHE A 551 -35.72 -3.34 -85.51
CA PHE A 551 -36.06 -1.94 -85.27
C PHE A 551 -36.10 -1.64 -83.77
N SER A 552 -36.76 -2.51 -82.99
CA SER A 552 -36.80 -2.30 -81.54
C SER A 552 -35.43 -2.49 -80.91
N LEU A 553 -34.59 -3.35 -81.50
CA LEU A 553 -33.21 -3.44 -81.04
C LEU A 553 -32.42 -2.22 -81.48
N GLY A 554 -32.73 -1.67 -82.65
CA GLY A 554 -32.24 -0.34 -83.01
C GLY A 554 -32.89 0.78 -82.24
N ALA A 555 -33.91 0.47 -81.42
CA ALA A 555 -34.54 1.43 -80.55
C ALA A 555 -34.13 1.26 -79.09
N PHE A 556 -33.42 0.19 -78.75
CA PHE A 556 -32.93 -0.02 -77.39
C PHE A 556 -31.53 0.53 -77.20
N MET A 557 -30.65 0.34 -78.18
CA MET A 557 -29.29 0.89 -78.10
C MET A 557 -29.30 2.41 -77.97
N GLN A 558 -30.35 3.06 -78.44
CA GLN A 558 -30.50 4.51 -78.35
C GLN A 558 -31.81 4.80 -77.62
N GLN A 559 -31.74 4.81 -76.29
CA GLN A 559 -32.87 5.14 -75.41
C GLN A 559 -33.99 4.14 -75.68
N GLY A 560 -35.21 4.57 -75.97
CA GLY A 560 -36.32 3.66 -76.21
C GLY A 560 -37.14 4.02 -77.43
N ILE A 563 -37.72 4.37 -82.99
CA ILE A 563 -37.22 5.55 -83.67
C ILE A 563 -38.14 5.92 -84.84
N SER A 564 -38.52 4.91 -85.63
CA SER A 564 -39.38 5.14 -86.78
C SER A 564 -40.43 4.03 -86.94
N PRO A 565 -41.72 4.39 -86.85
CA PRO A 565 -42.23 5.74 -86.58
C PRO A 565 -42.05 6.16 -85.12
N ARG A 566 -42.49 5.32 -84.20
CA ARG A 566 -42.34 5.54 -82.76
C ARG A 566 -42.91 6.90 -82.35
N SER A 567 -44.20 7.07 -82.62
CA SER A 567 -44.90 8.31 -82.32
C SER A 567 -46.26 7.99 -81.73
N LEU A 568 -46.95 9.03 -81.27
CA LEU A 568 -48.29 8.94 -80.72
C LEU A 568 -48.32 8.00 -79.52
N SER A 569 -48.45 6.69 -79.76
CA SER A 569 -48.44 5.71 -78.69
C SER A 569 -47.04 5.27 -78.32
N GLY A 570 -46.15 5.12 -79.31
CA GLY A 570 -44.78 4.74 -79.06
C GLY A 570 -43.95 5.77 -78.34
N ARG A 571 -44.52 6.96 -78.06
CA ARG A 571 -43.77 7.98 -77.35
C ARG A 571 -43.65 7.64 -75.86
N ILE A 572 -44.76 7.25 -75.23
CA ILE A 572 -44.71 6.89 -73.82
C ILE A 572 -44.05 5.54 -73.59
N VAL A 573 -43.96 4.70 -74.62
CA VAL A 573 -43.23 3.45 -74.49
C VAL A 573 -41.74 3.72 -74.29
N GLY A 574 -41.14 4.43 -75.23
CA GLY A 574 -39.75 4.84 -75.08
C GLY A 574 -39.53 5.94 -74.06
N GLY A 575 -40.60 6.60 -73.61
CA GLY A 575 -40.50 7.64 -72.61
C GLY A 575 -40.39 7.07 -71.21
N VAL A 576 -41.18 6.05 -70.91
CA VAL A 576 -41.12 5.41 -69.60
C VAL A 576 -39.97 4.41 -69.53
N TRP A 577 -39.63 3.78 -70.66
CA TRP A 577 -38.51 2.84 -70.67
C TRP A 577 -37.20 3.52 -70.34
N TRP A 578 -36.99 4.73 -70.87
CA TRP A 578 -35.76 5.46 -70.58
C TRP A 578 -35.64 5.77 -69.09
N PHE A 579 -36.73 6.22 -68.47
CA PHE A 579 -36.69 6.52 -67.04
C PHE A 579 -36.41 5.27 -66.21
N PHE A 580 -36.85 4.10 -66.68
CA PHE A 580 -36.55 2.86 -66.00
C PHE A 580 -35.07 2.53 -66.10
N THR A 581 -34.56 2.43 -67.33
CA THR A 581 -33.13 2.19 -67.53
C THR A 581 -32.28 3.37 -67.08
N LEU A 582 -32.91 4.48 -66.67
CA LEU A 582 -32.15 5.55 -66.03
C LEU A 582 -31.78 5.18 -64.60
N ILE A 583 -32.71 4.61 -63.85
CA ILE A 583 -32.47 4.32 -62.44
C ILE A 583 -31.54 3.12 -62.29
N ILE A 584 -31.67 2.12 -63.18
CA ILE A 584 -30.82 0.93 -63.08
C ILE A 584 -29.36 1.30 -63.35
N ILE A 585 -29.11 2.09 -64.40
CA ILE A 585 -27.75 2.55 -64.63
C ILE A 585 -27.33 3.64 -63.65
N SER A 586 -28.27 4.21 -62.90
CA SER A 586 -27.96 5.06 -61.77
C SER A 586 -27.70 4.26 -60.51
N SER A 587 -28.44 3.16 -60.31
CA SER A 587 -28.20 2.29 -59.16
C SER A 587 -26.89 1.53 -59.31
N TYR A 588 -26.61 1.03 -60.51
CA TYR A 588 -25.37 0.28 -60.73
C TYR A 588 -24.15 1.15 -60.45
N THR A 589 -24.21 2.43 -60.82
CA THR A 589 -23.07 3.33 -60.58
C THR A 589 -22.98 3.73 -59.11
N ALA A 590 -24.12 3.94 -58.45
CA ALA A 590 -24.09 4.34 -57.04
C ALA A 590 -23.61 3.19 -56.16
N ASN A 591 -24.13 1.99 -56.39
CA ASN A 591 -23.76 0.84 -55.57
C ASN A 591 -22.28 0.50 -55.73
N LEU A 592 -21.80 0.48 -56.98
CA LEU A 592 -20.42 0.09 -57.23
C LEU A 592 -19.43 1.05 -56.59
N ALA A 593 -19.80 2.32 -56.41
CA ALA A 593 -18.90 3.28 -55.78
C ALA A 593 -18.74 3.00 -54.29
N ALA A 594 -19.74 2.36 -53.66
CA ALA A 594 -19.65 2.10 -52.24
C ALA A 594 -18.63 1.02 -51.93
N PHE A 595 -18.59 -0.05 -52.73
CA PHE A 595 -17.69 -1.17 -52.46
C PHE A 595 -16.24 -0.83 -52.74
N LEU A 596 -15.97 0.15 -53.60
CA LEU A 596 -14.59 0.58 -53.82
C LEU A 596 -14.11 1.50 -52.71
N THR A 597 -15.00 2.29 -52.12
CA THR A 597 -14.63 3.17 -51.02
C THR A 597 -14.42 2.40 -49.71
N VAL A 598 -15.10 1.26 -49.57
CA VAL A 598 -14.90 0.43 -48.37
C VAL A 598 -13.49 -0.14 -48.34
N GLU A 599 -13.09 -0.81 -49.42
CA GLU A 599 -11.75 -1.38 -49.49
C GLU A 599 -10.67 -0.31 -49.57
N ARG A 600 -11.04 0.93 -49.92
CA ARG A 600 -10.08 2.03 -49.88
C ARG A 600 -9.77 2.46 -48.46
N MET A 601 -10.58 2.05 -47.48
CA MET A 601 -10.30 2.39 -46.09
C MET A 601 -9.07 1.64 -45.58
N VAL A 602 -8.79 0.46 -46.13
CA VAL A 602 -7.60 -0.33 -45.82
C VAL A 602 -7.54 -0.63 -44.33
N SER A 603 -8.17 -1.73 -43.92
CA SER A 603 -8.16 -2.15 -42.52
C SER A 603 -7.96 -3.66 -42.43
N PRO A 604 -7.24 -4.11 -41.38
CA PRO A 604 -6.63 -3.28 -40.33
C PRO A 604 -5.24 -2.77 -40.69
N ILE A 605 -4.95 -1.53 -40.32
CA ILE A 605 -3.59 -1.00 -40.43
C ILE A 605 -2.72 -1.67 -39.37
N GLU A 606 -1.42 -1.77 -39.67
CA GLU A 606 -0.46 -2.34 -38.73
C GLU A 606 -0.26 -1.40 -37.56
N SER A 607 -0.86 -1.73 -36.41
CA SER A 607 -0.67 -0.98 -35.18
C SER A 607 -1.32 -1.74 -34.03
N ALA A 608 -0.93 -1.38 -32.82
CA ALA A 608 -1.49 -2.04 -31.64
C ALA A 608 -2.89 -1.56 -31.34
N GLU A 609 -3.19 -0.29 -31.63
CA GLU A 609 -4.51 0.25 -31.33
C GLU A 609 -5.55 -0.18 -32.35
N ASP A 610 -5.20 -0.23 -33.63
CA ASP A 610 -6.13 -0.73 -34.64
C ASP A 610 -6.51 -2.18 -34.35
N LEU A 611 -5.63 -2.92 -33.68
CA LEU A 611 -6.00 -4.25 -33.20
C LEU A 611 -6.92 -4.16 -31.99
N SER A 612 -6.84 -3.07 -31.23
CA SER A 612 -7.68 -2.88 -30.05
C SER A 612 -8.91 -2.02 -30.33
N LYS A 613 -8.97 -1.33 -31.47
CA LYS A 613 -10.15 -0.52 -31.79
C LYS A 613 -11.31 -1.36 -32.30
N GLN A 614 -11.03 -2.47 -32.97
CA GLN A 614 -12.06 -3.35 -33.51
C GLN A 614 -12.07 -4.66 -32.72
N THR A 615 -13.18 -5.40 -32.89
CA THR A 615 -13.33 -6.70 -32.24
C THR A 615 -13.80 -7.78 -33.21
N GLU A 616 -13.84 -7.50 -34.50
CA GLU A 616 -14.13 -8.55 -35.48
C GLU A 616 -13.02 -9.59 -35.50
N ILE A 617 -11.79 -9.14 -35.77
CA ILE A 617 -10.61 -10.00 -35.75
C ILE A 617 -10.12 -10.06 -34.31
N ALA A 618 -10.47 -11.14 -33.61
CA ALA A 618 -10.12 -11.27 -32.21
C ALA A 618 -8.61 -11.47 -32.04
N TYR A 619 -8.17 -11.47 -30.79
CA TYR A 619 -6.75 -11.65 -30.50
C TYR A 619 -6.58 -12.15 -29.08
N GLY A 620 -5.55 -12.97 -28.90
CA GLY A 620 -5.22 -13.54 -27.60
C GLY A 620 -3.77 -13.93 -27.56
N THR A 621 -3.34 -14.38 -26.38
CA THR A 621 -1.94 -14.74 -26.16
C THR A 621 -1.88 -16.17 -25.61
N LEU A 622 -0.76 -16.50 -24.98
CA LEU A 622 -0.59 -17.79 -24.33
C LEU A 622 -1.21 -17.74 -22.93
N ASP A 623 -1.72 -18.89 -22.50
CA ASP A 623 -2.47 -18.94 -21.24
C ASP A 623 -1.56 -18.62 -20.05
N SER A 624 -0.36 -19.18 -20.02
CA SER A 624 0.58 -18.96 -18.92
C SER A 624 1.93 -18.60 -19.52
N GLY A 625 2.37 -17.37 -19.30
CA GLY A 625 3.66 -16.93 -19.81
C GLY A 625 3.83 -15.45 -19.57
N SER A 626 5.06 -14.99 -19.84
CA SER A 626 5.39 -13.58 -19.66
C SER A 626 4.56 -12.68 -20.57
N THR A 627 3.97 -13.22 -21.62
CA THR A 627 3.15 -12.41 -22.51
C THR A 627 1.87 -11.96 -21.83
N LYS A 628 1.17 -12.88 -21.18
CA LYS A 628 -0.10 -12.53 -20.53
C LYS A 628 0.13 -11.63 -19.33
N GLU A 629 1.16 -11.90 -18.53
CA GLU A 629 1.46 -11.08 -17.36
C GLU A 629 1.81 -9.65 -17.74
N PHE A 630 2.20 -9.41 -18.98
CA PHE A 630 2.51 -8.05 -19.43
C PHE A 630 1.28 -7.16 -19.34
N PHE A 631 0.21 -7.56 -20.04
CA PHE A 631 -1.00 -6.75 -20.07
C PHE A 631 -1.68 -6.65 -18.72
N ARG A 632 -1.46 -7.62 -17.83
CA ARG A 632 -2.12 -7.60 -16.53
C ARG A 632 -1.73 -6.37 -15.72
N ARG A 633 -0.45 -6.24 -15.40
CA ARG A 633 0.04 -5.14 -14.57
C ARG A 633 0.46 -3.93 -15.39
N SER A 634 0.18 -3.90 -16.68
CA SER A 634 0.51 -2.74 -17.50
C SER A 634 -0.41 -1.58 -17.12
N LYS A 635 0.18 -0.40 -16.95
CA LYS A 635 -0.57 0.80 -16.62
C LYS A 635 -0.65 1.78 -17.79
N ILE A 636 -0.54 1.28 -19.02
CA ILE A 636 -0.67 2.08 -20.22
C ILE A 636 -2.12 1.98 -20.69
N ALA A 637 -2.63 3.10 -21.24
CA ALA A 637 -4.03 3.17 -21.62
C ALA A 637 -4.36 2.17 -22.73
N VAL A 638 -3.52 2.11 -23.76
CA VAL A 638 -3.83 1.26 -24.92
C VAL A 638 -3.73 -0.21 -24.54
N PHE A 639 -2.74 -0.58 -23.74
CA PHE A 639 -2.55 -1.99 -23.39
C PHE A 639 -3.57 -2.47 -22.36
N ASP A 640 -3.84 -1.67 -21.33
CA ASP A 640 -4.83 -2.06 -20.34
C ASP A 640 -6.19 -2.30 -20.96
N LYS A 641 -6.50 -1.58 -22.05
CA LYS A 641 -7.72 -1.86 -22.79
C LYS A 641 -7.68 -3.25 -23.42
N MET A 642 -6.51 -3.65 -23.95
CA MET A 642 -6.39 -4.98 -24.53
C MET A 642 -6.48 -6.06 -23.46
N TRP A 643 -5.89 -5.81 -22.28
CA TRP A 643 -5.99 -6.78 -21.19
C TRP A 643 -7.43 -6.98 -20.77
N THR A 644 -8.14 -5.88 -20.46
CA THR A 644 -9.53 -5.99 -20.03
C THR A 644 -10.42 -6.59 -21.11
N TYR A 645 -10.01 -6.54 -22.37
CA TYR A 645 -10.74 -7.23 -23.42
C TYR A 645 -10.53 -8.74 -23.32
N MET A 646 -9.27 -9.17 -23.39
CA MET A 646 -8.98 -10.60 -23.37
C MET A 646 -9.29 -11.24 -22.02
N ARG A 647 -9.16 -10.47 -20.93
CA ARG A 647 -9.51 -11.00 -19.62
C ARG A 647 -10.98 -11.39 -19.54
N SER A 648 -11.84 -10.72 -20.30
CA SER A 648 -13.27 -11.00 -20.30
C SER A 648 -13.77 -11.45 -21.66
N ALA A 649 -12.88 -11.91 -22.54
CA ALA A 649 -13.27 -12.31 -23.88
C ALA A 649 -13.78 -13.75 -23.87
N GLU A 650 -14.95 -13.96 -24.47
CA GLU A 650 -15.51 -15.30 -24.62
C GLU A 650 -15.94 -15.54 -26.06
N PRO A 651 -15.58 -16.71 -26.63
CA PRO A 651 -14.82 -17.80 -26.02
C PRO A 651 -13.36 -17.45 -25.76
N SER A 652 -12.69 -18.31 -25.00
CA SER A 652 -11.33 -18.02 -24.53
C SER A 652 -10.40 -17.80 -25.72
N VAL A 653 -9.91 -16.57 -25.86
CA VAL A 653 -8.93 -16.24 -26.89
C VAL A 653 -7.54 -16.74 -26.54
N PHE A 654 -7.38 -17.40 -25.40
CA PHE A 654 -6.09 -17.96 -24.98
C PHE A 654 -5.99 -19.43 -25.40
N VAL A 655 -4.74 -19.91 -25.56
CA VAL A 655 -4.49 -21.28 -25.98
C VAL A 655 -3.52 -21.92 -25.00
N ARG A 656 -3.40 -23.25 -25.08
CA ARG A 656 -2.54 -23.99 -24.15
C ARG A 656 -1.07 -23.85 -24.52
N THR A 657 -0.70 -24.28 -25.73
CA THR A 657 0.68 -24.25 -26.19
C THR A 657 0.81 -23.31 -27.38
N THR A 658 2.07 -22.97 -27.70
CA THR A 658 2.34 -22.12 -28.85
C THR A 658 2.01 -22.82 -30.16
N ALA A 659 2.02 -24.16 -30.19
CA ALA A 659 1.64 -24.88 -31.40
C ALA A 659 0.16 -24.71 -31.71
N GLU A 660 -0.67 -24.63 -30.68
CA GLU A 660 -2.11 -24.42 -30.89
C GLU A 660 -2.38 -23.02 -31.40
N GLY A 661 -1.64 -22.03 -30.91
CA GLY A 661 -1.91 -20.64 -31.29
C GLY A 661 -1.65 -20.37 -32.76
N VAL A 662 -0.59 -20.96 -33.31
CA VAL A 662 -0.30 -20.78 -34.73
C VAL A 662 -1.32 -21.52 -35.58
N ALA A 663 -1.79 -22.69 -35.09
CA ALA A 663 -2.79 -23.44 -35.84
C ALA A 663 -4.13 -22.72 -35.87
N ARG A 664 -4.43 -21.90 -34.85
CA ARG A 664 -5.70 -21.19 -34.81
C ARG A 664 -5.71 -19.98 -35.74
N VAL A 665 -4.56 -19.34 -35.94
CA VAL A 665 -4.49 -18.22 -36.88
C VAL A 665 -4.66 -18.71 -38.32
N ARG A 666 -4.31 -19.98 -38.58
CA ARG A 666 -4.40 -20.51 -39.93
C ARG A 666 -5.80 -20.99 -40.29
N LYS A 667 -6.64 -21.31 -39.30
CA LYS A 667 -7.98 -21.83 -39.55
C LYS A 667 -9.07 -20.84 -39.20
N SER A 668 -8.72 -19.56 -39.02
CA SER A 668 -9.68 -18.53 -38.65
C SER A 668 -10.01 -17.58 -39.79
N LYS A 669 -9.51 -17.86 -41.00
CA LYS A 669 -9.75 -17.05 -42.19
C LYS A 669 -9.36 -15.58 -42.00
N GLY A 670 -8.47 -15.30 -41.05
CA GLY A 670 -8.08 -13.94 -40.74
C GLY A 670 -8.90 -13.26 -39.67
N LYS A 671 -9.70 -14.01 -38.90
CA LYS A 671 -10.51 -13.45 -37.84
C LYS A 671 -9.89 -13.62 -36.46
N TYR A 672 -8.61 -13.99 -36.39
CA TYR A 672 -7.95 -14.21 -35.11
C TYR A 672 -6.48 -13.82 -35.24
N ALA A 673 -6.03 -12.91 -34.39
CA ALA A 673 -4.63 -12.56 -34.27
C ALA A 673 -4.04 -13.22 -33.02
N TYR A 674 -2.72 -13.40 -33.03
CA TYR A 674 -2.01 -14.02 -31.93
C TYR A 674 -0.80 -13.16 -31.55
N LEU A 675 -0.75 -12.76 -30.29
CA LEU A 675 0.37 -11.98 -29.78
C LEU A 675 1.42 -12.92 -29.20
N LEU A 676 2.67 -12.75 -29.64
CA LEU A 676 3.78 -13.51 -29.10
C LEU A 676 5.08 -12.76 -29.41
N GLU A 677 6.19 -13.35 -28.99
CA GLU A 677 7.49 -12.73 -29.16
C GLU A 677 7.83 -12.58 -30.64
N SER A 678 8.69 -11.60 -30.94
CA SER A 678 9.01 -11.29 -32.33
C SER A 678 9.90 -12.37 -32.96
N THR A 679 10.72 -13.05 -32.17
CA THR A 679 11.60 -14.08 -32.72
C THR A 679 10.79 -15.24 -33.27
N MET A 680 9.96 -15.87 -32.44
CA MET A 680 9.14 -16.98 -32.90
C MET A 680 8.18 -16.55 -34.00
N ASN A 681 7.79 -15.27 -34.01
CA ASN A 681 6.90 -14.78 -35.06
C ASN A 681 7.61 -14.70 -36.40
N GLU A 682 8.85 -14.21 -36.42
CA GLU A 682 9.58 -14.07 -37.68
C GLU A 682 10.00 -15.41 -38.24
N TYR A 683 10.21 -16.41 -37.38
CA TYR A 683 10.60 -17.73 -37.87
C TYR A 683 9.43 -18.50 -38.47
N ILE A 684 8.21 -18.29 -37.95
CA ILE A 684 7.04 -18.94 -38.54
C ILE A 684 6.73 -18.34 -39.90
N GLU A 685 6.97 -17.04 -40.08
CA GLU A 685 6.73 -16.39 -41.37
C GLU A 685 7.62 -16.98 -42.46
N GLN A 686 8.74 -17.59 -42.10
CA GLN A 686 9.67 -18.19 -43.06
C GLN A 686 9.62 -19.71 -43.03
N ARG A 687 8.49 -20.28 -42.65
CA ARG A 687 8.26 -21.72 -42.71
C ARG A 687 6.93 -21.99 -43.39
N LYS A 688 6.91 -22.99 -44.25
CA LYS A 688 5.73 -23.30 -45.06
C LYS A 688 4.50 -23.58 -44.21
N PRO A 689 3.31 -23.23 -44.72
CA PRO A 689 3.03 -22.73 -46.07
C PRO A 689 3.08 -21.21 -46.24
N CYS A 690 3.85 -20.52 -45.39
CA CYS A 690 4.07 -19.07 -45.51
C CYS A 690 2.75 -18.29 -45.50
N ASP A 691 1.93 -18.55 -44.49
CA ASP A 691 0.61 -17.93 -44.38
C ASP A 691 0.51 -16.96 -43.21
N THR A 692 1.64 -16.55 -42.63
CA THR A 692 1.64 -15.62 -41.51
C THR A 692 2.54 -14.44 -41.84
N MET A 693 2.37 -13.36 -41.09
CA MET A 693 3.08 -12.12 -41.35
C MET A 693 3.15 -11.30 -40.08
N LYS A 694 4.33 -10.74 -39.81
CA LYS A 694 4.50 -9.81 -38.70
C LYS A 694 4.12 -8.40 -39.14
N VAL A 695 3.23 -7.78 -38.39
CA VAL A 695 2.73 -6.44 -38.71
C VAL A 695 3.08 -5.49 -37.56
N GLY A 696 3.39 -4.25 -37.92
CA GLY A 696 3.68 -3.23 -36.93
C GLY A 696 4.96 -3.51 -36.16
N GLY A 697 5.24 -2.61 -35.23
CA GLY A 697 6.39 -2.76 -34.35
C GLY A 697 6.10 -3.71 -33.20
N ASN A 698 6.98 -3.65 -32.21
CA ASN A 698 6.87 -4.48 -31.02
C ASN A 698 6.30 -3.67 -29.85
N LEU A 699 5.67 -4.37 -28.93
CA LEU A 699 4.98 -3.70 -27.83
C LEU A 699 5.90 -3.38 -26.66
N ASP A 700 6.89 -4.24 -26.40
CA ASP A 700 7.81 -4.03 -25.29
C ASP A 700 9.22 -4.34 -25.75
N SER A 701 10.17 -4.09 -24.85
CA SER A 701 11.60 -4.24 -25.13
C SER A 701 12.18 -5.29 -24.18
N LYS A 702 12.77 -6.33 -24.76
CA LYS A 702 13.42 -7.38 -23.99
C LYS A 702 14.47 -8.06 -24.87
N GLY A 703 15.13 -9.08 -24.33
CA GLY A 703 16.16 -9.77 -25.08
C GLY A 703 16.65 -11.01 -24.38
N TYR A 704 17.35 -11.84 -25.14
CA TYR A 704 17.97 -13.06 -24.63
C TYR A 704 19.42 -12.77 -24.22
N GLY A 705 20.03 -13.75 -23.54
CA GLY A 705 21.41 -13.62 -23.11
C GLY A 705 22.00 -14.97 -22.78
N ILE A 706 23.31 -14.98 -22.55
CA ILE A 706 24.02 -16.16 -22.09
C ILE A 706 24.22 -16.04 -20.59
N ALA A 707 24.07 -17.15 -19.89
CA ALA A 707 24.10 -17.18 -18.43
C ALA A 707 25.31 -17.95 -17.92
N THR A 708 25.97 -17.39 -16.92
CA THR A 708 27.10 -17.98 -16.24
C THR A 708 26.90 -17.88 -14.74
N PRO A 709 27.38 -18.85 -13.96
CA PRO A 709 27.19 -18.81 -12.51
C PRO A 709 27.83 -17.57 -11.90
N LYS A 710 27.32 -17.16 -10.74
CA LYS A 710 27.85 -16.00 -10.05
C LYS A 710 29.28 -16.26 -9.61
N GLY A 711 30.17 -15.32 -9.92
CA GLY A 711 31.57 -15.49 -9.61
C GLY A 711 32.25 -16.57 -10.42
N SER A 712 31.74 -16.87 -11.60
CA SER A 712 32.38 -17.85 -12.46
C SER A 712 33.55 -17.22 -13.20
N SER A 713 34.59 -18.04 -13.45
CA SER A 713 35.78 -17.55 -14.13
C SER A 713 35.44 -17.01 -15.52
N LEU A 714 34.84 -17.86 -16.36
CA LEU A 714 34.46 -17.50 -17.72
C LEU A 714 33.30 -16.52 -17.80
N GLY A 715 32.90 -15.86 -16.72
CA GLY A 715 31.78 -14.95 -16.75
C GLY A 715 32.04 -13.71 -17.59
N THR A 716 32.93 -12.84 -17.12
CA THR A 716 33.24 -11.63 -17.86
C THR A 716 33.87 -11.90 -19.23
N PRO A 717 34.74 -12.90 -19.44
CA PRO A 717 35.26 -13.11 -20.80
C PRO A 717 34.20 -13.42 -21.82
N VAL A 718 33.16 -14.18 -21.45
CA VAL A 718 32.07 -14.46 -22.38
C VAL A 718 31.25 -13.19 -22.62
N ASN A 719 31.05 -12.40 -21.57
CA ASN A 719 30.30 -11.14 -21.71
C ASN A 719 30.98 -10.22 -22.72
N LEU A 720 32.30 -10.06 -22.60
CA LEU A 720 33.02 -9.24 -23.57
C LEU A 720 32.98 -9.87 -24.96
N ALA A 721 33.02 -11.21 -25.02
CA ALA A 721 33.04 -11.90 -26.30
C ALA A 721 31.73 -11.78 -27.06
N VAL A 722 30.64 -11.42 -26.40
CA VAL A 722 29.38 -11.22 -27.09
C VAL A 722 29.35 -9.86 -27.76
N LEU A 723 29.89 -8.83 -27.10
CA LEU A 723 29.95 -7.50 -27.69
C LEU A 723 30.82 -7.50 -28.94
N LYS A 724 31.88 -8.31 -28.96
CA LYS A 724 32.77 -8.36 -30.11
C LYS A 724 32.07 -8.93 -31.33
N LEU A 725 31.31 -10.02 -31.14
CA LEU A 725 30.60 -10.63 -32.25
C LEU A 725 29.48 -9.72 -32.77
N SER A 726 28.93 -8.86 -31.90
CA SER A 726 27.83 -8.01 -32.31
C SER A 726 28.30 -6.90 -33.24
N GLU A 727 29.31 -6.13 -32.81
CA GLU A 727 29.78 -5.01 -33.62
C GLU A 727 30.43 -5.48 -34.91
N GLN A 728 31.12 -6.62 -34.91
CA GLN A 728 31.62 -7.20 -36.14
C GLN A 728 30.52 -7.78 -37.02
N GLY A 729 29.27 -7.73 -36.56
CA GLY A 729 28.15 -8.17 -37.36
C GLY A 729 27.94 -9.68 -37.41
N VAL A 730 28.69 -10.45 -36.62
CA VAL A 730 28.56 -11.90 -36.68
C VAL A 730 27.22 -12.36 -36.12
N LEU A 731 26.63 -11.58 -35.21
CA LEU A 731 25.33 -11.95 -34.67
C LEU A 731 24.22 -11.76 -35.69
N ASP A 732 24.21 -10.61 -36.38
CA ASP A 732 23.18 -10.36 -37.38
C ASP A 732 23.35 -11.24 -38.60
N LYS A 733 24.58 -11.61 -38.93
CA LYS A 733 24.81 -12.54 -40.03
C LYS A 733 24.27 -13.93 -39.70
N LEU A 734 24.53 -14.41 -38.48
CA LEU A 734 23.99 -15.70 -38.07
C LEU A 734 22.47 -15.65 -37.95
N LYS A 735 21.91 -14.52 -37.55
CA LYS A 735 20.45 -14.38 -37.52
C LYS A 735 19.88 -14.48 -38.93
N ASN A 736 20.58 -13.91 -39.92
CA ASN A 736 20.16 -14.03 -41.30
C ASN A 736 20.33 -15.45 -41.83
N LYS A 737 21.15 -16.27 -41.17
CA LYS A 737 21.47 -17.61 -41.63
C LYS A 737 20.30 -18.57 -41.41
N TRP A 738 19.99 -18.86 -40.16
CA TRP A 738 18.98 -19.88 -39.83
C TRP A 738 17.55 -19.37 -39.94
N TRP A 739 17.34 -18.08 -40.25
CA TRP A 739 16.01 -17.52 -40.38
C TRP A 739 15.64 -17.27 -41.85
N TYR A 740 16.36 -16.39 -42.52
CA TYR A 740 16.05 -16.03 -43.91
C TYR A 740 16.72 -16.96 -44.91
N ASP A 741 18.03 -17.16 -44.78
CA ASP A 741 18.77 -17.92 -45.78
C ASP A 741 18.25 -19.35 -45.89
N LYS A 742 18.33 -20.11 -44.79
CA LYS A 742 17.83 -21.49 -44.79
C LYS A 742 16.31 -21.52 -44.64
N GLY A 743 15.66 -20.38 -44.87
CA GLY A 743 14.23 -20.31 -44.72
C GLY A 743 13.49 -20.84 -45.93
N GLU A 744 12.31 -21.40 -45.67
CA GLU A 744 11.46 -21.97 -46.70
C GLU A 744 10.55 -20.95 -47.37
N CYS A 745 10.53 -19.71 -46.87
CA CYS A 745 9.71 -18.65 -47.46
C CYS A 745 10.54 -17.43 -47.80
N GLY A 746 11.79 -17.65 -48.24
CA GLY A 746 12.66 -16.55 -48.61
C GLY A 746 12.09 -15.67 -49.71
N ALA A 747 11.15 -16.19 -50.49
CA ALA A 747 10.46 -15.42 -51.51
C ALA A 747 9.27 -14.66 -50.96
N LYS A 748 8.65 -15.15 -49.88
CA LYS A 748 7.53 -14.49 -49.24
C LYS A 748 7.95 -13.32 -48.36
N ASP A 749 9.19 -12.84 -48.50
CA ASP A 749 9.70 -11.74 -47.71
C ASP A 749 10.14 -10.54 -48.55
N SER A 750 10.03 -10.62 -49.87
CA SER A 750 10.45 -9.55 -50.77
C SER A 750 9.29 -8.84 -51.45
N GLY A 751 8.24 -9.58 -51.83
CA GLY A 751 7.10 -8.97 -52.49
C GLY A 751 6.33 -8.08 -51.53
N SER A 752 6.18 -6.81 -51.87
CA SER A 752 5.49 -5.84 -51.03
C SER A 752 4.05 -5.67 -51.49
N LYS A 753 3.12 -5.65 -50.53
CA LYS A 753 1.71 -5.47 -50.78
C LYS A 753 1.31 -4.06 -50.37
N GLU A 754 1.01 -3.22 -51.35
CA GLU A 754 0.64 -1.83 -51.13
C GLU A 754 -0.76 -1.57 -51.67
N LYS A 755 -1.33 -0.43 -51.27
CA LYS A 755 -2.67 -0.04 -51.71
C LYS A 755 -2.57 0.55 -53.12
N THR A 756 -3.06 -0.20 -54.11
CA THR A 756 -3.00 0.26 -55.49
C THR A 756 -3.97 1.41 -55.71
N SER A 757 -3.49 2.46 -56.39
CA SER A 757 -4.31 3.65 -56.60
C SER A 757 -5.36 3.42 -57.69
N ALA A 758 -4.96 2.83 -58.81
CA ALA A 758 -5.82 2.73 -59.98
C ALA A 758 -6.85 1.62 -59.81
N LEU A 759 -7.76 1.53 -60.79
CA LEU A 759 -8.79 0.51 -60.82
C LEU A 759 -8.29 -0.72 -61.59
N SER A 760 -8.61 -1.90 -61.07
CA SER A 760 -8.07 -3.12 -61.64
C SER A 760 -8.56 -3.35 -63.07
N LEU A 761 -7.75 -4.07 -63.84
CA LEU A 761 -8.08 -4.48 -65.20
C LEU A 761 -8.93 -5.75 -65.25
N SER A 762 -8.90 -6.54 -64.18
CA SER A 762 -9.59 -7.82 -64.19
C SER A 762 -11.11 -7.66 -64.27
N ASN A 763 -11.66 -6.71 -63.50
CA ASN A 763 -13.11 -6.50 -63.55
C ASN A 763 -13.55 -5.94 -64.89
N VAL A 764 -12.71 -5.09 -65.48
CA VAL A 764 -12.99 -4.57 -66.82
C VAL A 764 -12.91 -5.68 -67.86
N ALA A 765 -12.19 -6.77 -67.57
CA ALA A 765 -12.09 -7.87 -68.52
C ALA A 765 -13.45 -8.54 -68.72
N GLY A 766 -14.22 -8.69 -67.65
CA GLY A 766 -15.57 -9.22 -67.77
C GLY A 766 -16.46 -8.43 -68.70
N VAL A 767 -16.14 -7.17 -68.94
CA VAL A 767 -16.87 -6.36 -69.89
C VAL A 767 -16.32 -6.52 -71.31
N PHE A 768 -15.00 -6.72 -71.45
CA PHE A 768 -14.42 -6.91 -72.77
C PHE A 768 -14.74 -8.29 -73.34
N TYR A 769 -14.89 -9.30 -72.48
CA TYR A 769 -15.24 -10.63 -72.95
C TYR A 769 -16.71 -10.74 -73.33
N ILE A 770 -17.56 -9.83 -72.86
CA ILE A 770 -18.96 -9.82 -73.28
C ILE A 770 -19.18 -8.92 -74.49
N LEU A 771 -18.23 -8.04 -74.81
CA LEU A 771 -18.33 -7.23 -76.01
C LEU A 771 -17.90 -8.00 -77.24
N VAL A 772 -16.68 -8.57 -77.20
CA VAL A 772 -16.21 -9.40 -78.32
C VAL A 772 -17.11 -10.61 -78.50
N GLY A 773 -17.73 -11.09 -77.42
CA GLY A 773 -18.73 -12.12 -77.53
C GLY A 773 -19.97 -11.67 -78.28
N GLY A 774 -20.20 -10.37 -78.37
CA GLY A 774 -21.29 -9.83 -79.17
C GLY A 774 -20.86 -9.50 -80.59
N LEU A 775 -19.62 -9.04 -80.74
CA LEU A 775 -19.09 -8.77 -82.07
C LEU A 775 -18.99 -10.06 -82.89
N GLY A 776 -18.56 -11.15 -82.27
CA GLY A 776 -18.51 -12.42 -82.97
C GLY A 776 -19.89 -12.94 -83.33
N LEU A 777 -20.85 -12.81 -82.41
CA LEU A 777 -22.22 -13.18 -82.72
C LEU A 777 -22.85 -12.28 -83.76
N ALA A 778 -22.35 -11.05 -83.91
CA ALA A 778 -22.88 -10.14 -84.92
C ALA A 778 -22.43 -10.51 -86.32
N MET A 779 -21.17 -10.91 -86.47
CA MET A 779 -20.67 -11.29 -87.78
C MET A 779 -21.24 -12.63 -88.25
N LEU A 780 -21.80 -13.42 -87.35
CA LEU A 780 -22.46 -14.66 -87.74
C LEU A 780 -23.84 -14.40 -88.34
N VAL A 781 -24.53 -13.35 -87.88
CA VAL A 781 -25.81 -12.98 -88.45
C VAL A 781 -25.65 -12.17 -89.72
N ALA A 782 -24.47 -11.60 -89.95
CA ALA A 782 -24.25 -10.81 -91.15
C ALA A 782 -24.25 -11.66 -92.41
N LEU A 783 -23.96 -12.95 -92.26
CA LEU A 783 -23.84 -13.79 -93.44
C LEU A 783 -25.19 -14.36 -93.86
N ILE A 784 -26.07 -14.63 -92.90
CA ILE A 784 -27.37 -15.17 -93.24
C ILE A 784 -28.26 -14.07 -93.80
N GLU A 785 -27.97 -12.81 -93.46
CA GLU A 785 -28.71 -11.70 -94.03
C GLU A 785 -28.25 -11.34 -95.42
N PHE A 786 -27.02 -11.72 -95.79
CA PHE A 786 -26.51 -11.45 -97.12
C PHE A 786 -26.99 -12.47 -98.15
N CYS A 787 -27.46 -13.64 -97.71
CA CYS A 787 -27.98 -14.66 -98.60
C CYS A 787 -29.49 -14.62 -98.74
N TYR A 788 -30.21 -14.16 -97.71
CA TYR A 788 -31.66 -14.09 -97.77
C TYR A 788 -32.10 -12.76 -98.37
N ASN B 1 17.06 -54.06 59.82
CA ASN B 1 17.01 -54.09 58.36
C ASN B 1 17.32 -52.73 57.78
N SER B 2 18.38 -52.10 58.27
CA SER B 2 18.77 -50.77 57.82
C SER B 2 19.61 -50.91 56.55
N ILE B 3 19.07 -50.50 55.41
CA ILE B 3 19.72 -50.67 54.13
C ILE B 3 20.53 -49.43 53.78
N GLN B 4 21.76 -49.63 53.32
CA GLN B 4 22.65 -48.54 52.98
C GLN B 4 22.54 -48.19 51.49
N ILE B 5 22.62 -46.89 51.20
CA ILE B 5 22.46 -46.36 49.85
C ILE B 5 23.47 -45.24 49.64
N GLY B 6 24.01 -45.15 48.44
CA GLY B 6 24.97 -44.10 48.13
C GLY B 6 24.28 -42.80 47.78
N GLY B 7 24.72 -41.71 48.42
CA GLY B 7 24.18 -40.39 48.15
C GLY B 7 25.22 -39.42 47.66
N LEU B 8 25.22 -39.12 46.36
CA LEU B 8 26.19 -38.20 45.76
C LEU B 8 25.48 -36.87 45.49
N PHE B 9 25.72 -35.90 46.36
CA PHE B 9 25.09 -34.60 46.23
C PHE B 9 26.12 -33.55 45.88
N PRO B 10 25.88 -32.74 44.85
CA PRO B 10 26.82 -31.67 44.52
C PRO B 10 26.88 -30.62 45.63
N ARG B 11 27.84 -29.71 45.48
CA ARG B 11 28.05 -28.67 46.47
C ARG B 11 26.81 -27.78 46.60
N GLY B 12 26.45 -27.08 45.52
CA GLY B 12 25.43 -26.05 45.61
C GLY B 12 24.01 -26.58 45.67
N ALA B 13 23.86 -27.88 45.88
CA ALA B 13 22.55 -28.51 45.94
C ALA B 13 22.05 -28.47 47.38
N ASP B 14 21.19 -27.50 47.68
CA ASP B 14 20.58 -27.38 49.00
C ASP B 14 19.14 -27.90 49.00
N GLN B 15 18.28 -27.32 48.15
CA GLN B 15 16.89 -27.79 48.08
C GLN B 15 16.82 -29.22 47.57
N GLU B 16 17.75 -29.61 46.70
CA GLU B 16 17.77 -31.00 46.23
C GLU B 16 17.96 -31.97 47.37
N TYR B 17 18.80 -31.62 48.35
CA TYR B 17 18.97 -32.50 49.50
C TYR B 17 17.84 -32.36 50.50
N SER B 18 17.34 -31.14 50.71
CA SER B 18 16.23 -30.92 51.64
C SER B 18 15.05 -31.81 51.29
N ALA B 19 14.74 -31.93 50.00
CA ALA B 19 13.67 -32.84 49.58
C ALA B 19 14.08 -34.30 49.79
N PHE B 20 15.36 -34.60 49.59
CA PHE B 20 15.83 -35.98 49.77
C PHE B 20 15.64 -36.45 51.21
N ARG B 21 16.03 -35.61 52.18
CA ARG B 21 15.86 -35.97 53.58
C ARG B 21 14.39 -36.15 53.93
N VAL B 22 13.52 -35.33 53.33
CA VAL B 22 12.09 -35.50 53.52
C VAL B 22 11.62 -36.79 52.87
N GLY B 23 12.17 -37.12 51.71
CA GLY B 23 11.75 -38.32 51.01
C GLY B 23 11.97 -39.59 51.82
N MET B 24 13.12 -39.70 52.48
CA MET B 24 13.38 -40.85 53.34
C MET B 24 12.34 -40.94 54.44
N VAL B 25 12.04 -39.82 55.10
CA VAL B 25 11.12 -39.83 56.24
C VAL B 25 9.73 -40.27 55.80
N GLN B 26 9.25 -39.71 54.68
CA GLN B 26 7.88 -39.96 54.24
C GLN B 26 7.64 -41.39 53.79
N PHE B 27 8.70 -42.17 53.55
CA PHE B 27 8.54 -43.52 53.04
C PHE B 27 9.20 -44.60 53.88
N SER B 28 10.05 -44.23 54.85
CA SER B 28 10.71 -45.22 55.68
C SER B 28 9.67 -45.97 56.51
N THR B 29 9.71 -47.29 56.44
CA THR B 29 8.75 -48.12 57.15
C THR B 29 9.31 -48.63 58.46
N SER B 30 8.46 -49.31 59.22
CA SER B 30 8.84 -49.87 60.51
C SER B 30 9.68 -51.13 60.38
N GLU B 31 9.78 -51.71 59.17
CA GLU B 31 10.51 -52.94 58.96
C GLU B 31 11.81 -52.74 58.18
N PHE B 32 12.05 -51.57 57.61
CA PHE B 32 13.35 -51.23 57.04
C PHE B 32 13.38 -49.73 56.74
N ARG B 33 14.59 -49.17 56.74
CA ARG B 33 14.78 -47.75 56.45
C ARG B 33 15.97 -47.62 55.51
N LEU B 34 16.47 -46.39 55.38
CA LEU B 34 17.60 -46.09 54.51
C LEU B 34 18.70 -45.43 55.33
N THR B 35 19.91 -45.97 55.25
CA THR B 35 21.09 -45.38 55.87
C THR B 35 22.02 -44.89 54.78
N PRO B 36 21.83 -43.67 54.28
CA PRO B 36 22.67 -43.21 53.16
C PRO B 36 23.96 -42.60 53.66
N HIS B 37 25.04 -42.91 52.96
CA HIS B 37 26.33 -42.24 53.16
C HIS B 37 26.38 -41.06 52.20
N ILE B 38 26.38 -39.86 52.75
CA ILE B 38 26.33 -38.63 51.96
C ILE B 38 27.76 -38.16 51.75
N ASP B 39 28.22 -38.18 50.50
CA ASP B 39 29.51 -37.62 50.11
C ASP B 39 29.23 -36.41 49.21
N ASN B 40 29.55 -35.22 49.72
CA ASN B 40 29.42 -34.01 48.94
C ASN B 40 30.67 -33.81 48.08
N LEU B 41 30.47 -33.56 46.80
CA LEU B 41 31.58 -33.47 45.86
C LEU B 41 31.26 -32.46 44.77
N GLU B 42 32.30 -32.01 44.09
CA GLU B 42 32.16 -31.17 42.90
C GLU B 42 31.97 -32.11 41.70
N VAL B 43 30.75 -32.15 41.16
CA VAL B 43 30.38 -33.19 40.23
C VAL B 43 31.15 -33.11 38.92
N ALA B 44 31.74 -31.95 38.62
CA ALA B 44 32.43 -31.80 37.34
C ALA B 44 33.73 -32.59 37.30
N ASN B 45 34.45 -32.65 38.42
CA ASN B 45 35.75 -33.30 38.45
C ASN B 45 35.57 -34.82 38.35
N SER B 46 36.02 -35.40 37.24
CA SER B 46 35.84 -36.84 37.04
C SER B 46 36.62 -37.66 38.06
N PHE B 47 37.81 -37.20 38.44
CA PHE B 47 38.58 -37.92 39.46
C PHE B 47 37.85 -37.93 40.79
N ALA B 48 37.21 -36.81 41.14
CA ALA B 48 36.47 -36.75 42.40
C ALA B 48 35.29 -37.72 42.39
N VAL B 49 34.60 -37.84 41.26
CA VAL B 49 33.49 -38.78 41.16
C VAL B 49 34.01 -40.21 41.17
N THR B 50 35.05 -40.48 40.38
CA THR B 50 35.62 -41.83 40.35
C THR B 50 36.07 -42.27 41.73
N ASN B 51 36.71 -41.38 42.48
CA ASN B 51 37.15 -41.71 43.83
C ASN B 51 35.98 -41.86 44.78
N ALA B 52 34.95 -41.02 44.62
CA ALA B 52 33.81 -41.07 45.52
C ALA B 52 32.92 -42.27 45.24
N PHE B 53 32.83 -42.71 43.98
CA PHE B 53 32.07 -43.91 43.68
C PHE B 53 32.68 -45.13 44.34
N CYS B 54 34.00 -45.13 44.55
CA CYS B 54 34.66 -46.23 45.24
C CYS B 54 34.50 -46.12 46.75
N SER B 55 34.44 -44.88 47.28
CA SER B 55 34.21 -44.69 48.71
C SER B 55 32.88 -45.26 49.17
N GLN B 56 31.92 -45.40 48.26
CA GLN B 56 30.65 -46.05 48.56
C GLN B 56 30.68 -47.54 48.28
N PHE B 57 31.47 -47.96 47.30
CA PHE B 57 31.56 -49.38 46.98
C PHE B 57 32.22 -50.15 48.11
N SER B 58 33.27 -49.58 48.70
CA SER B 58 33.90 -50.23 49.85
C SER B 58 32.95 -50.29 51.04
N ARG B 59 32.24 -49.20 51.31
CA ARG B 59 31.23 -49.23 52.36
C ARG B 59 30.09 -50.19 52.05
N GLY B 60 29.99 -50.66 50.81
CA GLY B 60 29.04 -51.71 50.48
C GLY B 60 27.60 -51.27 50.32
N VAL B 61 27.38 -50.12 49.68
CA VAL B 61 26.02 -49.68 49.43
C VAL B 61 25.36 -50.59 48.40
N TYR B 62 24.04 -50.67 48.44
CA TYR B 62 23.28 -51.52 47.53
C TYR B 62 22.75 -50.74 46.33
N ALA B 63 22.81 -49.42 46.35
CA ALA B 63 22.46 -48.56 45.23
C ALA B 63 22.96 -47.16 45.57
N ILE B 64 23.19 -46.36 44.52
CA ILE B 64 23.76 -45.03 44.68
C ILE B 64 22.83 -44.01 44.04
N PHE B 65 22.30 -43.10 44.85
CA PHE B 65 21.61 -41.94 44.34
C PHE B 65 22.63 -40.81 44.15
N GLY B 66 22.56 -40.14 43.01
CA GLY B 66 23.52 -39.08 42.75
C GLY B 66 23.13 -38.20 41.59
N PHE B 67 24.13 -37.50 41.06
CA PHE B 67 23.99 -36.63 39.91
C PHE B 67 25.20 -36.86 39.00
N TYR B 68 25.22 -36.19 37.85
CA TYR B 68 26.42 -36.16 37.03
C TYR B 68 26.37 -34.97 36.09
N ASP B 69 27.54 -34.57 35.61
CA ASP B 69 27.71 -33.47 34.69
C ASP B 69 27.92 -34.01 33.28
N LYS B 70 28.10 -33.10 32.33
CA LYS B 70 28.46 -33.52 30.97
C LYS B 70 29.81 -34.22 30.94
N LYS B 71 30.76 -33.74 31.75
CA LYS B 71 32.09 -34.34 31.77
C LYS B 71 32.14 -35.64 32.55
N SER B 72 31.29 -35.79 33.57
CA SER B 72 31.37 -36.89 34.49
C SER B 72 30.36 -38.00 34.23
N VAL B 73 29.43 -37.79 33.31
CA VAL B 73 28.37 -38.79 33.09
C VAL B 73 28.97 -40.12 32.66
N ASN B 74 29.92 -40.09 31.73
CA ASN B 74 30.46 -41.35 31.22
C ASN B 74 31.23 -42.11 32.29
N THR B 75 31.75 -41.41 33.30
CA THR B 75 32.44 -42.09 34.39
C THR B 75 31.49 -43.03 35.13
N ILE B 76 30.30 -42.55 35.46
CA ILE B 76 29.36 -43.36 36.22
C ILE B 76 28.75 -44.45 35.34
N THR B 77 28.40 -44.11 34.10
CA THR B 77 27.67 -45.05 33.25
C THR B 77 28.46 -46.33 33.02
N SER B 78 29.75 -46.22 32.71
CA SER B 78 30.56 -47.41 32.46
C SER B 78 31.02 -48.06 33.76
N PHE B 79 31.18 -47.28 34.83
CA PHE B 79 31.55 -47.86 36.11
C PHE B 79 30.44 -48.77 36.63
N CYS B 80 29.21 -48.26 36.69
CA CYS B 80 28.08 -49.07 37.11
C CYS B 80 27.78 -50.19 36.14
N GLY B 81 28.20 -50.06 34.87
CA GLY B 81 27.96 -51.11 33.90
C GLY B 81 28.81 -52.34 34.12
N THR B 82 30.03 -52.17 34.60
CA THR B 82 30.91 -53.31 34.86
C THR B 82 30.72 -53.87 36.26
N LEU B 83 30.61 -53.01 37.27
CA LEU B 83 30.49 -53.45 38.65
C LEU B 83 29.06 -53.68 39.09
N HIS B 84 28.09 -53.50 38.18
CA HIS B 84 26.68 -53.82 38.38
C HIS B 84 26.04 -53.05 39.53
N VAL B 85 26.67 -51.99 40.02
CA VAL B 85 26.03 -51.12 40.99
C VAL B 85 24.92 -50.35 40.28
N SER B 86 23.80 -50.16 40.98
CA SER B 86 22.66 -49.46 40.41
C SER B 86 22.75 -47.97 40.72
N PHE B 87 22.68 -47.15 39.68
CA PHE B 87 22.74 -45.70 39.81
C PHE B 87 21.35 -45.13 39.53
N ILE B 88 20.80 -44.40 40.50
CA ILE B 88 19.51 -43.75 40.37
C ILE B 88 19.72 -42.25 40.52
N THR B 89 19.33 -41.47 39.52
CA THR B 89 19.75 -40.09 39.43
C THR B 89 18.69 -39.30 38.69
N PRO B 90 18.64 -37.97 38.89
CA PRO B 90 17.76 -37.13 38.06
C PRO B 90 18.49 -36.47 36.91
N SER B 91 19.82 -36.44 36.93
CA SER B 91 20.62 -35.74 35.93
C SER B 91 20.26 -36.16 34.51
N PHE B 92 20.56 -35.30 33.54
CA PHE B 92 19.96 -35.39 32.21
C PHE B 92 20.17 -36.78 31.61
N PRO B 93 19.17 -37.35 30.95
CA PRO B 93 19.22 -38.77 30.60
C PRO B 93 20.41 -39.10 29.74
N THR B 94 20.89 -40.34 29.88
CA THR B 94 22.09 -40.78 29.18
C THR B 94 21.86 -40.76 27.67
N ASP B 95 22.77 -40.10 26.96
CA ASP B 95 22.75 -40.11 25.50
C ASP B 95 23.06 -41.51 25.01
N GLY B 96 22.03 -42.32 24.83
CA GLY B 96 22.18 -43.72 24.51
C GLY B 96 21.64 -44.61 25.61
N THR B 97 21.70 -45.91 25.36
CA THR B 97 21.20 -46.92 26.28
C THR B 97 22.36 -47.42 27.13
N HIS B 98 22.43 -46.96 28.37
CA HIS B 98 23.43 -47.43 29.31
C HIS B 98 22.75 -48.20 30.42
N PRO B 99 23.09 -49.47 30.64
CA PRO B 99 22.38 -50.27 31.63
C PRO B 99 22.72 -49.84 33.06
N PHE B 100 21.85 -50.24 33.98
CA PHE B 100 22.02 -50.00 35.41
C PHE B 100 22.02 -48.52 35.76
N VAL B 101 21.23 -47.73 35.04
CA VAL B 101 21.02 -46.32 35.34
C VAL B 101 19.53 -46.02 35.27
N ILE B 102 19.02 -45.28 36.24
CA ILE B 102 17.60 -44.94 36.34
C ILE B 102 17.50 -43.41 36.31
N GLN B 103 17.00 -42.87 35.20
CA GLN B 103 16.88 -41.43 35.00
C GLN B 103 15.48 -40.99 35.39
N MET B 104 15.40 -40.13 36.41
CA MET B 104 14.11 -39.64 36.85
C MET B 104 13.55 -38.57 35.93
N ARG B 105 14.39 -37.65 35.47
CA ARG B 105 13.87 -36.56 34.66
C ARG B 105 13.43 -37.13 33.31
N PRO B 106 12.19 -36.91 32.89
CA PRO B 106 11.76 -37.46 31.61
C PRO B 106 12.52 -36.84 30.45
N ASP B 107 12.45 -37.51 29.31
CA ASP B 107 13.13 -37.05 28.10
C ASP B 107 12.44 -35.80 27.60
N LEU B 108 13.06 -34.64 27.85
CA LEU B 108 12.44 -33.37 27.47
C LEU B 108 12.48 -33.14 25.97
N LYS B 109 13.49 -33.68 25.28
CA LYS B 109 13.72 -33.34 23.89
C LYS B 109 12.53 -33.72 23.00
N GLY B 110 11.95 -34.91 23.23
CA GLY B 110 10.78 -35.31 22.46
C GLY B 110 9.62 -34.35 22.63
N ALA B 111 9.52 -33.72 23.80
CA ALA B 111 8.46 -32.74 24.03
C ALA B 111 8.76 -31.41 23.36
N LEU B 112 10.04 -31.03 23.25
CA LEU B 112 10.38 -29.75 22.65
C LEU B 112 10.09 -29.75 21.16
N LEU B 113 10.40 -30.84 20.46
CA LEU B 113 10.11 -30.91 19.04
C LEU B 113 8.62 -30.73 18.77
N SER B 114 7.77 -31.35 19.60
CA SER B 114 6.33 -31.25 19.39
C SER B 114 5.83 -29.82 19.59
N LEU B 115 6.40 -29.10 20.56
CA LEU B 115 5.93 -27.75 20.82
C LEU B 115 6.27 -26.80 19.67
N ILE B 116 7.45 -26.97 19.06
CA ILE B 116 7.84 -26.10 17.97
C ILE B 116 6.90 -26.27 16.77
N GLU B 117 6.32 -27.46 16.62
CA GLU B 117 5.42 -27.70 15.50
C GLU B 117 4.10 -26.96 15.68
N TYR B 118 3.52 -27.05 16.87
CA TYR B 118 2.21 -26.42 17.11
C TYR B 118 2.27 -24.91 16.92
N TYR B 119 3.39 -24.28 17.25
CA TYR B 119 3.53 -22.84 17.06
C TYR B 119 3.84 -22.46 15.62
N GLN B 120 4.11 -23.44 14.75
CA GLN B 120 4.35 -23.22 13.33
C GLN B 120 5.50 -22.23 13.10
N TRP B 121 6.65 -22.57 13.65
CA TRP B 121 7.83 -21.73 13.49
C TRP B 121 8.61 -22.14 12.25
N ASP B 122 9.44 -21.24 11.76
CA ASP B 122 10.29 -21.51 10.61
C ASP B 122 11.73 -21.06 10.80
N LYS B 123 11.95 -19.86 11.35
CA LYS B 123 13.30 -19.39 11.67
C LYS B 123 13.29 -18.84 13.08
N PHE B 124 14.17 -19.37 13.93
CA PHE B 124 14.25 -18.94 15.32
C PHE B 124 15.67 -19.10 15.81
N ALA B 125 15.94 -18.49 16.97
CA ALA B 125 17.24 -18.58 17.62
C ALA B 125 17.18 -19.60 18.75
N TYR B 126 18.25 -20.38 18.89
CA TYR B 126 18.34 -21.43 19.90
C TYR B 126 19.56 -21.13 20.76
N LEU B 127 19.33 -20.83 22.03
CA LEU B 127 20.40 -20.51 22.97
C LEU B 127 20.70 -21.72 23.84
N TYR B 128 21.98 -22.05 23.96
CA TYR B 128 22.43 -23.22 24.69
C TYR B 128 23.76 -22.91 25.39
N ASP B 129 23.99 -23.60 26.50
CA ASP B 129 25.26 -23.50 27.22
C ASP B 129 25.95 -24.85 27.21
N SER B 130 27.23 -24.86 26.80
CA SER B 130 27.96 -26.11 26.65
C SER B 130 28.15 -26.84 27.97
N ASP B 131 27.95 -26.15 29.09
CA ASP B 131 28.10 -26.79 30.40
C ASP B 131 26.96 -27.74 30.69
N ARG B 132 25.72 -27.25 30.57
CA ARG B 132 24.54 -28.10 30.72
C ARG B 132 24.49 -29.19 29.65
N GLY B 133 25.08 -28.96 28.49
CA GLY B 133 25.10 -29.92 27.41
C GLY B 133 24.43 -29.39 26.17
N LEU B 134 24.37 -30.25 25.15
CA LEU B 134 23.64 -29.91 23.94
C LEU B 134 22.96 -31.13 23.32
N SER B 135 22.59 -32.13 24.12
CA SER B 135 21.92 -33.30 23.59
C SER B 135 20.57 -32.93 22.99
N THR B 136 19.98 -31.82 23.45
CA THR B 136 18.71 -31.36 22.90
C THR B 136 18.90 -30.45 21.70
N LEU B 137 19.95 -29.62 21.69
CA LEU B 137 20.27 -28.84 20.50
C LEU B 137 20.64 -29.75 19.34
N GLN B 138 21.35 -30.85 19.63
CA GLN B 138 21.60 -31.86 18.62
C GLN B 138 20.29 -32.33 17.99
N ALA B 139 19.28 -32.58 18.83
CA ALA B 139 18.03 -33.15 18.33
C ALA B 139 17.29 -32.18 17.42
N VAL B 140 17.35 -30.88 17.72
CA VAL B 140 16.68 -29.91 16.86
C VAL B 140 17.52 -29.57 15.63
N LEU B 141 18.83 -29.82 15.68
CA LEU B 141 19.65 -29.62 14.49
C LEU B 141 19.51 -30.76 13.51
N ASP B 142 19.44 -32.00 14.01
CA ASP B 142 19.19 -33.14 13.13
C ASP B 142 17.86 -32.98 12.42
N SER B 143 16.80 -32.66 13.16
CA SER B 143 15.46 -32.51 12.63
C SER B 143 15.23 -31.16 11.98
N ALA B 144 16.29 -30.37 11.76
CA ALA B 144 16.14 -29.08 11.11
C ALA B 144 16.03 -29.20 9.60
N ALA B 145 16.51 -30.29 9.02
CA ALA B 145 16.41 -30.48 7.57
C ALA B 145 15.03 -30.98 7.18
N GLU B 146 14.53 -32.00 7.89
CA GLU B 146 13.25 -32.61 7.53
C GLU B 146 12.09 -31.64 7.70
N LYS B 147 12.13 -30.79 8.73
CA LYS B 147 10.99 -29.98 9.11
C LYS B 147 11.14 -28.51 8.73
N LYS B 148 12.15 -28.17 7.93
CA LYS B 148 12.32 -26.83 7.37
C LYS B 148 12.45 -25.77 8.48
N TRP B 149 13.61 -25.79 9.12
CA TRP B 149 13.96 -24.83 10.16
C TRP B 149 15.30 -24.20 9.86
N GLN B 150 15.39 -22.89 10.06
CA GLN B 150 16.62 -22.13 9.85
C GLN B 150 17.14 -21.65 11.21
N VAL B 151 17.69 -22.59 11.97
CA VAL B 151 18.10 -22.32 13.34
C VAL B 151 19.40 -21.53 13.34
N THR B 152 19.42 -20.41 14.07
CA THR B 152 20.63 -19.65 14.32
C THR B 152 21.09 -20.02 15.73
N ALA B 153 22.13 -20.85 15.80
CA ALA B 153 22.55 -21.47 17.05
C ALA B 153 23.62 -20.61 17.71
N ILE B 154 23.28 -19.99 18.83
CA ILE B 154 24.21 -19.17 19.61
C ILE B 154 24.52 -19.89 20.91
N ASN B 155 25.81 -19.99 21.23
CA ASN B 155 26.25 -20.53 22.51
C ASN B 155 26.33 -19.42 23.53
N VAL B 156 25.74 -19.65 24.71
CA VAL B 156 25.75 -18.68 25.80
C VAL B 156 26.48 -19.21 27.03
N GLY B 157 27.17 -20.34 26.90
CA GLY B 157 27.83 -20.96 28.03
C GLY B 157 29.01 -20.18 28.56
N ASN B 158 30.13 -20.24 27.84
CA ASN B 158 31.38 -19.61 28.30
C ASN B 158 31.26 -18.10 28.14
N ILE B 159 30.85 -17.42 29.21
CA ILE B 159 30.85 -15.98 29.27
C ILE B 159 31.32 -15.55 30.66
N ASN B 160 32.24 -14.59 30.70
CA ASN B 160 32.72 -14.07 31.97
C ASN B 160 31.63 -13.23 32.63
N ASN B 161 31.52 -13.36 33.96
CA ASN B 161 30.45 -12.68 34.68
C ASN B 161 30.67 -11.18 34.82
N ASP B 162 31.86 -10.68 34.49
CA ASP B 162 32.09 -9.25 34.40
C ASP B 162 31.78 -8.69 33.03
N LYS B 163 31.58 -9.55 32.02
CA LYS B 163 31.22 -9.15 30.67
C LYS B 163 29.80 -9.57 30.30
N LYS B 164 28.95 -9.81 31.30
CA LYS B 164 27.56 -10.15 31.03
C LYS B 164 26.85 -9.00 30.33
N ASP B 165 27.03 -7.78 30.82
CA ASP B 165 26.35 -6.63 30.25
C ASP B 165 26.85 -6.33 28.84
N GLU B 166 28.14 -6.53 28.59
CA GLU B 166 28.72 -6.17 27.30
C GLU B 166 28.47 -7.22 26.24
N THR B 167 28.41 -8.51 26.62
CA THR B 167 28.21 -9.57 25.64
C THR B 167 26.74 -9.89 25.41
N TYR B 168 25.85 -9.56 26.35
CA TYR B 168 24.44 -9.89 26.18
C TYR B 168 23.74 -8.92 25.24
N ARG B 169 23.97 -7.62 25.40
CA ARG B 169 23.38 -6.67 24.48
C ARG B 169 23.94 -6.85 23.07
N SER B 170 25.23 -7.12 22.96
CA SER B 170 25.82 -7.38 21.65
C SER B 170 25.26 -8.65 21.02
N LEU B 171 24.84 -9.60 21.85
CA LEU B 171 24.18 -10.80 21.33
C LEU B 171 22.91 -10.45 20.57
N PHE B 172 22.13 -9.51 21.09
CA PHE B 172 20.86 -9.14 20.48
C PHE B 172 21.00 -8.08 19.40
N GLN B 173 22.22 -7.60 19.14
CA GLN B 173 22.49 -6.95 17.87
C GLN B 173 22.68 -7.97 16.76
N ASP B 174 23.25 -9.13 17.09
CA ASP B 174 23.36 -10.23 16.13
C ASP B 174 22.05 -10.97 15.94
N LEU B 175 21.11 -10.83 16.87
CA LEU B 175 19.76 -11.35 16.72
C LEU B 175 18.83 -10.33 16.07
N GLU B 176 19.40 -9.33 15.41
CA GLU B 176 18.63 -8.34 14.64
C GLU B 176 18.98 -8.35 13.16
N LEU B 177 20.02 -9.08 12.75
CA LEU B 177 20.43 -9.10 11.36
C LEU B 177 19.34 -9.68 10.46
N LYS B 178 18.71 -10.76 10.90
CA LYS B 178 17.56 -11.33 10.22
C LYS B 178 16.25 -10.95 10.88
N LYS B 179 16.27 -9.95 11.77
CA LYS B 179 15.11 -9.55 12.57
C LYS B 179 14.54 -10.76 13.32
N GLU B 180 15.41 -11.40 14.10
CA GLU B 180 15.00 -12.54 14.91
C GLU B 180 13.99 -12.11 15.97
N ARG B 181 12.83 -12.76 15.98
CA ARG B 181 11.77 -12.45 16.93
C ARG B 181 11.37 -13.66 17.76
N ARG B 182 12.04 -14.80 17.60
CA ARG B 182 11.68 -16.03 18.29
C ARG B 182 12.96 -16.69 18.79
N VAL B 183 13.07 -16.84 20.10
CA VAL B 183 14.27 -17.37 20.74
C VAL B 183 13.87 -18.46 21.74
N ILE B 184 14.50 -19.63 21.62
CA ILE B 184 14.32 -20.72 22.57
C ILE B 184 15.48 -20.70 23.55
N LEU B 185 15.17 -20.93 24.83
CA LEU B 185 16.17 -20.94 25.90
C LEU B 185 16.33 -22.38 26.40
N ASP B 186 17.48 -22.97 26.15
CA ASP B 186 17.84 -24.29 26.65
C ASP B 186 19.06 -24.13 27.55
N CYS B 187 18.82 -23.78 28.81
CA CYS B 187 19.89 -23.48 29.75
C CYS B 187 19.50 -24.05 31.12
N GLU B 188 20.17 -23.58 32.16
CA GLU B 188 19.80 -23.86 33.54
C GLU B 188 18.91 -22.75 34.06
N ARG B 189 18.13 -23.08 35.10
CA ARG B 189 17.19 -22.11 35.66
C ARG B 189 17.91 -20.87 36.17
N ASP B 190 19.06 -21.06 36.82
CA ASP B 190 19.83 -19.93 37.33
C ASP B 190 20.35 -19.03 36.22
N LYS B 191 20.47 -19.55 35.00
CA LYS B 191 20.88 -18.75 33.86
C LYS B 191 19.69 -18.16 33.11
N VAL B 192 18.51 -18.79 33.18
CA VAL B 192 17.31 -18.20 32.60
C VAL B 192 17.01 -16.86 33.27
N ASN B 193 17.12 -16.80 34.59
CA ASN B 193 16.88 -15.56 35.31
C ASN B 193 17.82 -14.45 34.87
N ASP B 194 19.02 -14.81 34.42
CA ASP B 194 19.96 -13.81 33.92
C ASP B 194 19.52 -13.29 32.55
N ILE B 195 19.17 -14.20 31.64
CA ILE B 195 18.79 -13.77 30.30
C ILE B 195 17.46 -13.03 30.31
N VAL B 196 16.50 -13.52 31.09
CA VAL B 196 15.20 -12.86 31.15
C VAL B 196 15.33 -11.43 31.65
N ASP B 197 16.16 -11.22 32.68
CA ASP B 197 16.34 -9.88 33.23
C ASP B 197 16.98 -8.94 32.22
N GLN B 198 17.97 -9.42 31.47
CA GLN B 198 18.68 -8.55 30.54
C GLN B 198 17.83 -8.22 29.31
N VAL B 199 16.99 -9.17 28.87
CA VAL B 199 16.14 -8.93 27.73
C VAL B 199 15.21 -7.75 27.98
N ILE B 200 14.77 -7.56 29.23
CA ILE B 200 13.87 -6.47 29.55
C ILE B 200 14.56 -5.12 29.41
N THR B 201 15.84 -5.05 29.81
CA THR B 201 16.54 -3.77 29.83
C THR B 201 16.68 -3.21 28.41
N ILE B 202 17.04 -4.05 27.44
CA ILE B 202 17.05 -3.61 26.05
C ILE B 202 15.65 -3.62 25.44
N GLY B 203 14.65 -4.11 26.17
CA GLY B 203 13.28 -3.98 25.75
C GLY B 203 12.84 -4.86 24.60
N LYS B 204 13.39 -6.06 24.49
CA LYS B 204 12.97 -7.01 23.46
C LYS B 204 11.99 -8.03 24.01
N HIS B 205 11.02 -7.57 24.79
CA HIS B 205 10.00 -8.43 25.37
C HIS B 205 8.60 -7.84 25.19
N VAL B 206 8.44 -6.89 24.29
CA VAL B 206 7.13 -6.27 24.04
C VAL B 206 6.31 -7.21 23.14
N LYS B 207 5.18 -6.71 22.65
CA LYS B 207 4.34 -7.51 21.77
C LYS B 207 5.03 -7.72 20.44
N GLY B 208 5.36 -8.96 20.12
CA GLY B 208 6.05 -9.27 18.89
C GLY B 208 7.04 -10.42 19.04
N TYR B 209 7.70 -10.48 20.19
CA TYR B 209 8.63 -11.56 20.48
C TYR B 209 7.91 -12.71 21.19
N HIS B 210 8.54 -13.88 21.14
CA HIS B 210 7.89 -15.10 21.63
C HIS B 210 8.98 -16.09 22.03
N TYR B 211 9.15 -16.30 23.32
CA TYR B 211 10.23 -17.13 23.84
C TYR B 211 9.73 -18.50 24.28
N ILE B 212 10.67 -19.44 24.37
CA ILE B 212 10.40 -20.81 24.79
C ILE B 212 11.42 -21.19 25.86
N ILE B 213 10.95 -21.65 27.00
CA ILE B 213 11.81 -22.09 28.10
C ILE B 213 11.91 -23.61 28.02
N ALA B 214 13.10 -24.11 27.71
CA ALA B 214 13.30 -25.54 27.47
C ALA B 214 13.92 -26.20 28.72
N ASN B 215 13.12 -26.22 29.78
CA ASN B 215 13.44 -27.01 30.96
C ASN B 215 12.15 -27.51 31.56
N LEU B 216 12.25 -28.57 32.36
CA LEU B 216 11.07 -29.14 32.99
C LEU B 216 10.60 -28.35 34.20
N GLY B 217 11.15 -27.16 34.43
CA GLY B 217 10.74 -26.34 35.55
C GLY B 217 10.35 -24.94 35.16
N PHE B 218 9.12 -24.79 34.64
CA PHE B 218 8.66 -23.47 34.22
C PHE B 218 8.43 -22.56 35.42
N THR B 219 7.50 -22.92 36.30
CA THR B 219 7.15 -22.12 37.46
C THR B 219 8.18 -22.22 38.58
N ASP B 220 9.37 -22.77 38.30
CA ASP B 220 10.39 -22.90 39.32
C ASP B 220 11.22 -21.64 39.50
N GLY B 221 11.44 -20.88 38.42
CA GLY B 221 12.11 -19.61 38.51
C GLY B 221 11.13 -18.44 38.52
N ASP B 222 11.67 -17.26 38.82
CA ASP B 222 10.87 -16.04 38.82
C ASP B 222 10.53 -15.65 37.40
N LEU B 223 9.23 -15.55 37.10
CA LEU B 223 8.79 -15.20 35.75
C LEU B 223 7.73 -14.12 35.72
N LEU B 224 7.29 -13.61 36.88
CA LEU B 224 6.43 -12.43 36.90
C LEU B 224 7.06 -11.25 36.18
N LYS B 225 8.40 -11.23 36.06
CA LYS B 225 9.11 -10.11 35.45
C LYS B 225 8.65 -9.83 34.03
N ILE B 226 8.33 -10.87 33.26
CA ILE B 226 7.87 -10.70 31.88
C ILE B 226 6.41 -11.13 31.77
N GLN B 227 5.67 -11.00 32.87
CA GLN B 227 4.26 -11.37 32.86
C GLN B 227 3.39 -10.32 32.18
N PHE B 228 3.89 -9.10 32.00
CA PHE B 228 3.11 -8.02 31.42
C PHE B 228 3.82 -7.33 30.26
N GLY B 229 4.92 -7.90 29.75
CA GLY B 229 5.69 -7.23 28.73
C GLY B 229 4.99 -7.16 27.38
N GLY B 230 4.10 -8.11 27.11
CA GLY B 230 3.40 -8.21 25.84
C GLY B 230 3.85 -9.39 25.00
N ALA B 231 5.11 -9.80 25.14
CA ALA B 231 5.59 -10.98 24.45
C ALA B 231 4.93 -12.23 25.02
N GLU B 232 4.97 -13.31 24.25
CA GLU B 232 4.42 -14.59 24.66
C GLU B 232 5.54 -15.50 25.16
N VAL B 233 5.25 -16.26 26.21
CA VAL B 233 6.23 -17.13 26.85
C VAL B 233 5.58 -18.48 27.09
N SER B 234 6.23 -19.53 26.59
CA SER B 234 5.78 -20.90 26.79
C SER B 234 6.89 -21.71 27.44
N GLY B 235 6.50 -22.67 28.27
CA GLY B 235 7.48 -23.50 28.95
C GLY B 235 7.00 -24.90 29.21
N PHE B 236 7.67 -25.59 30.13
CA PHE B 236 7.35 -26.97 30.46
C PHE B 236 7.37 -27.15 31.97
N GLN B 237 6.39 -27.90 32.48
CA GLN B 237 6.27 -28.16 33.90
C GLN B 237 6.06 -29.66 34.10
N ILE B 238 6.95 -30.29 34.86
CA ILE B 238 6.84 -31.71 35.16
C ILE B 238 6.21 -31.86 36.53
N VAL B 239 6.38 -30.86 37.39
CA VAL B 239 5.81 -30.86 38.73
C VAL B 239 4.52 -30.06 38.64
N ASP B 240 3.41 -30.76 38.39
CA ASP B 240 2.11 -30.09 38.27
C ASP B 240 1.64 -29.71 39.67
N TYR B 241 1.84 -28.45 40.05
CA TYR B 241 1.38 -27.97 41.35
C TYR B 241 -0.12 -28.03 41.50
N ASP B 242 -0.85 -28.34 40.43
CA ASP B 242 -2.29 -28.53 40.51
C ASP B 242 -2.69 -29.95 40.87
N ASP B 243 -1.78 -30.92 40.73
CA ASP B 243 -2.07 -32.28 41.16
C ASP B 243 -2.27 -32.32 42.67
N SER B 244 -3.12 -33.25 43.12
CA SER B 244 -3.52 -33.29 44.52
C SER B 244 -2.36 -33.65 45.44
N LEU B 245 -1.50 -34.58 45.00
CA LEU B 245 -0.40 -35.01 45.86
C LEU B 245 0.59 -33.88 46.09
N VAL B 246 0.84 -33.05 45.06
CA VAL B 246 1.79 -31.95 45.22
C VAL B 246 1.20 -30.87 46.12
N SER B 247 -0.12 -30.66 46.08
CA SER B 247 -0.75 -29.66 46.94
C SER B 247 -0.60 -30.03 48.41
N LYS B 248 -0.77 -31.32 48.73
CA LYS B 248 -0.51 -31.77 50.10
C LYS B 248 0.98 -31.72 50.41
N PHE B 249 1.84 -31.82 49.40
CA PHE B 249 3.27 -31.70 49.61
C PHE B 249 3.66 -30.25 49.90
N ILE B 250 3.17 -29.32 49.08
CA ILE B 250 3.56 -27.91 49.20
C ILE B 250 3.21 -27.36 50.57
N GLU B 251 2.06 -27.77 51.11
CA GLU B 251 1.65 -27.30 52.44
C GLU B 251 2.71 -27.64 53.48
N ARG B 252 3.19 -28.88 53.48
CA ARG B 252 4.26 -29.25 54.40
C ARG B 252 5.57 -28.56 54.02
N TRP B 253 5.76 -28.28 52.73
CA TRP B 253 7.02 -27.71 52.27
C TRP B 253 7.17 -26.26 52.76
N SER B 254 6.23 -25.39 52.37
CA SER B 254 6.25 -23.99 52.78
C SER B 254 6.01 -23.79 54.27
N THR B 255 5.99 -24.88 55.06
CA THR B 255 5.83 -24.79 56.50
C THR B 255 7.06 -25.24 57.27
N LEU B 256 7.92 -26.07 56.67
CA LEU B 256 9.11 -26.53 57.37
C LEU B 256 10.01 -25.36 57.75
N GLU B 257 10.86 -25.60 58.74
CA GLU B 257 11.76 -24.58 59.24
C GLU B 257 12.87 -24.32 58.22
N GLU B 258 12.90 -23.10 57.68
CA GLU B 258 13.92 -22.75 56.70
C GLU B 258 15.32 -22.82 57.28
N LYS B 259 15.45 -22.84 58.61
CA LYS B 259 16.74 -23.07 59.24
C LYS B 259 17.17 -24.52 59.11
N GLU B 260 16.22 -25.46 59.20
CA GLU B 260 16.57 -26.87 59.14
C GLU B 260 16.81 -27.34 57.70
N TYR B 261 15.82 -27.16 56.84
CA TYR B 261 15.93 -27.54 55.43
C TYR B 261 16.09 -26.29 54.59
N PRO B 262 17.29 -25.95 54.15
CA PRO B 262 17.52 -24.66 53.50
C PRO B 262 16.78 -24.55 52.17
N GLY B 263 16.34 -23.32 51.87
CA GLY B 263 15.62 -23.05 50.63
C GLY B 263 14.41 -23.92 50.41
N ALA B 264 13.63 -24.17 51.47
CA ALA B 264 12.52 -25.10 51.37
C ALA B 264 11.22 -24.55 51.93
N HIS B 265 11.21 -23.35 52.49
CA HIS B 265 9.98 -22.78 53.02
C HIS B 265 9.14 -22.10 51.94
N THR B 266 9.49 -22.28 50.67
CA THR B 266 8.77 -21.66 49.57
C THR B 266 7.55 -22.50 49.19
N ALA B 267 6.67 -21.90 48.39
CA ALA B 267 5.50 -22.58 47.86
C ALA B 267 5.76 -23.26 46.52
N THR B 268 7.02 -23.33 46.11
CA THR B 268 7.42 -24.00 44.88
C THR B 268 8.61 -24.90 45.13
N ILE B 269 8.72 -25.95 44.34
CA ILE B 269 9.80 -26.94 44.47
C ILE B 269 10.32 -27.27 43.08
N LYS B 270 11.64 -27.23 42.91
CA LYS B 270 12.26 -27.34 41.60
C LYS B 270 11.93 -28.67 40.93
N TYR B 271 12.01 -28.68 39.60
CA TYR B 271 11.85 -29.94 38.88
C TYR B 271 12.98 -30.91 39.23
N THR B 272 14.18 -30.40 39.46
CA THR B 272 15.25 -31.25 39.99
C THR B 272 14.93 -31.69 41.41
N SER B 273 14.55 -30.73 42.26
CA SER B 273 14.28 -31.02 43.66
C SER B 273 13.15 -32.04 43.80
N ALA B 274 12.03 -31.81 43.10
CA ALA B 274 10.88 -32.69 43.22
C ALA B 274 11.20 -34.09 42.71
N LEU B 275 12.01 -34.19 41.66
CA LEU B 275 12.40 -35.49 41.17
C LEU B 275 13.25 -36.24 42.19
N THR B 276 14.04 -35.51 42.98
CA THR B 276 14.83 -36.17 44.03
C THR B 276 13.92 -36.85 45.04
N TYR B 277 12.82 -36.19 45.42
CA TYR B 277 11.85 -36.82 46.32
C TYR B 277 11.24 -38.05 45.68
N ASP B 278 10.78 -37.92 44.43
CA ASP B 278 10.20 -39.06 43.73
C ASP B 278 11.21 -40.17 43.51
N ALA B 279 12.51 -39.88 43.64
CA ALA B 279 13.52 -40.92 43.50
C ALA B 279 13.60 -41.80 44.73
N VAL B 280 13.49 -41.21 45.92
CA VAL B 280 13.59 -41.99 47.16
C VAL B 280 12.50 -43.05 47.21
N GLN B 281 11.31 -42.74 46.68
CA GLN B 281 10.24 -43.71 46.67
C GLN B 281 10.58 -44.91 45.80
N VAL B 282 11.21 -44.67 44.65
CA VAL B 282 11.61 -45.78 43.78
C VAL B 282 12.63 -46.66 44.47
N MET B 283 13.48 -46.07 45.32
CA MET B 283 14.51 -46.86 46.02
C MET B 283 13.93 -47.60 47.23
N THR B 284 12.88 -47.05 47.85
CA THR B 284 12.21 -47.78 48.91
C THR B 284 11.34 -48.89 48.35
N GLU B 285 10.51 -48.57 47.34
CA GLU B 285 9.70 -49.58 46.68
C GLU B 285 10.55 -50.66 46.03
N ALA B 286 11.83 -50.38 45.80
CA ALA B 286 12.75 -51.38 45.29
C ALA B 286 12.91 -52.53 46.27
N PHE B 287 13.60 -52.27 47.39
CA PHE B 287 13.87 -53.34 48.35
C PHE B 287 12.58 -53.89 48.95
N ARG B 288 11.51 -53.09 48.98
CA ARG B 288 10.24 -53.60 49.48
C ARG B 288 9.73 -54.73 48.60
N ASN B 289 9.89 -54.61 47.28
CA ASN B 289 9.47 -55.67 46.38
C ASN B 289 10.49 -56.81 46.32
N LEU B 290 11.78 -56.51 46.56
CA LEU B 290 12.78 -57.56 46.60
C LEU B 290 12.56 -58.47 47.79
N ARG B 291 12.34 -57.89 48.97
CA ARG B 291 12.02 -58.69 50.15
C ARG B 291 10.71 -59.44 49.99
N LYS B 292 9.76 -58.87 49.25
CA LYS B 292 8.46 -59.50 49.09
C LYS B 292 8.54 -60.73 48.21
N GLN B 293 9.29 -60.66 47.11
CA GLN B 293 9.39 -61.76 46.17
C GLN B 293 10.32 -62.87 46.64
N ARG B 294 10.71 -62.85 47.91
CA ARG B 294 11.41 -63.95 48.57
C ARG B 294 12.74 -64.28 47.89
N ILE B 295 13.57 -63.24 47.76
CA ILE B 295 14.96 -63.39 47.33
C ILE B 295 15.80 -62.39 48.11
N GLU B 296 17.02 -62.78 48.46
CA GLU B 296 17.86 -61.99 49.35
C GLU B 296 18.98 -61.31 48.57
N ILE B 297 19.46 -60.20 49.13
CA ILE B 297 20.41 -59.34 48.43
C ILE B 297 21.56 -58.97 49.37
N SER B 298 21.59 -59.57 50.56
CA SER B 298 22.64 -59.25 51.52
C SER B 298 24.01 -59.68 51.01
N ARG B 299 25.01 -58.85 51.30
CA ARG B 299 26.35 -59.12 50.80
C ARG B 299 26.98 -60.31 51.52
N ARG B 300 27.82 -61.04 50.79
CA ARG B 300 28.52 -62.18 51.36
C ARG B 300 29.69 -61.73 52.23
N GLY B 301 30.67 -61.04 51.63
CA GLY B 301 31.80 -60.51 52.36
C GLY B 301 32.07 -59.06 52.04
N ASN B 302 33.20 -58.55 52.49
CA ASN B 302 33.56 -57.16 52.20
C ASN B 302 33.73 -56.96 50.69
N ALA B 303 33.23 -55.82 50.20
CA ALA B 303 33.25 -55.58 48.77
C ALA B 303 34.66 -55.29 48.25
N GLY B 304 35.50 -54.67 49.07
CA GLY B 304 36.88 -54.44 48.70
C GLY B 304 37.05 -53.27 47.74
N ASP B 305 38.01 -53.41 46.83
CA ASP B 305 38.40 -52.33 45.95
C ASP B 305 37.56 -52.31 44.68
N CYS B 306 37.34 -51.11 44.14
CA CYS B 306 36.57 -50.94 42.91
C CYS B 306 37.37 -51.32 41.68
N LEU B 307 38.70 -51.13 41.71
CA LEU B 307 39.55 -51.50 40.60
C LEU B 307 39.92 -52.97 40.68
N ALA B 308 39.01 -53.78 41.20
CA ALA B 308 39.25 -55.21 41.36
C ALA B 308 39.52 -55.86 40.00
N ASN B 309 40.72 -56.41 39.84
CA ASN B 309 41.07 -57.12 38.62
C ASN B 309 41.29 -58.60 38.93
N PRO B 310 40.53 -59.49 38.25
CA PRO B 310 39.51 -59.17 37.25
C PRO B 310 38.24 -58.58 37.85
N ALA B 311 37.47 -57.86 37.02
CA ALA B 311 36.23 -57.24 37.48
C ALA B 311 35.25 -58.30 37.96
N VAL B 312 35.11 -58.44 39.27
CA VAL B 312 34.19 -59.40 39.86
C VAL B 312 32.83 -58.72 40.03
N PRO B 313 31.87 -58.99 39.15
CA PRO B 313 30.55 -58.35 39.28
C PRO B 313 29.62 -59.15 40.17
N TRP B 314 29.17 -58.55 41.27
CA TRP B 314 28.33 -59.29 42.21
C TRP B 314 26.98 -59.63 41.58
N GLY B 315 26.45 -60.79 41.96
CA GLY B 315 25.28 -61.33 41.28
C GLY B 315 24.01 -60.53 41.55
N GLN B 316 23.76 -60.19 42.81
CA GLN B 316 22.52 -59.54 43.19
C GLN B 316 22.35 -58.16 42.58
N GLY B 317 23.38 -57.61 41.93
CA GLY B 317 23.24 -56.35 41.25
C GLY B 317 22.25 -56.43 40.09
N VAL B 318 22.24 -57.56 39.38
CA VAL B 318 21.32 -57.74 38.27
C VAL B 318 19.88 -57.90 38.75
N GLU B 319 19.69 -58.37 39.99
CA GLU B 319 18.35 -58.42 40.55
C GLU B 319 17.88 -57.06 41.04
N ILE B 320 18.80 -56.22 41.50
CA ILE B 320 18.44 -54.87 41.90
C ILE B 320 18.02 -54.06 40.68
N GLU B 321 18.76 -54.20 39.57
CA GLU B 321 18.39 -53.50 38.34
C GLU B 321 16.98 -53.85 37.89
N ARG B 322 16.59 -55.12 38.02
CA ARG B 322 15.27 -55.53 37.60
C ARG B 322 14.19 -54.96 38.51
N ALA B 323 14.48 -54.88 39.82
CA ALA B 323 13.49 -54.39 40.77
C ALA B 323 13.17 -52.92 40.54
N LEU B 324 14.20 -52.09 40.37
CA LEU B 324 13.99 -50.65 40.18
C LEU B 324 13.11 -50.38 38.97
N LYS B 325 13.48 -50.92 37.81
CA LYS B 325 12.76 -50.63 36.58
C LYS B 325 11.36 -51.21 36.57
N GLN B 326 11.08 -52.19 37.43
CA GLN B 326 9.73 -52.74 37.53
C GLN B 326 8.83 -51.93 38.47
N VAL B 327 9.38 -50.98 39.22
CA VAL B 327 8.56 -50.16 40.10
C VAL B 327 7.66 -49.27 39.27
N GLN B 328 6.38 -49.21 39.66
CA GLN B 328 5.41 -48.35 38.99
C GLN B 328 4.55 -47.71 40.07
N VAL B 329 4.81 -46.43 40.35
CA VAL B 329 4.06 -45.68 41.36
C VAL B 329 3.69 -44.32 40.82
N GLU B 330 3.16 -43.46 41.69
CA GLU B 330 2.78 -42.10 41.32
C GLU B 330 3.57 -41.11 42.15
N GLY B 331 3.93 -39.99 41.54
CA GLY B 331 4.75 -39.00 42.21
C GLY B 331 4.55 -37.63 41.64
N LEU B 332 5.41 -36.70 42.10
CA LEU B 332 5.28 -35.30 41.73
C LEU B 332 5.51 -35.07 40.24
N SER B 333 6.13 -36.01 39.54
CA SER B 333 6.38 -35.89 38.11
C SER B 333 5.28 -36.53 37.27
N GLY B 334 4.20 -36.97 37.90
CA GLY B 334 3.17 -37.71 37.19
C GLY B 334 3.34 -39.20 37.37
N ASN B 335 3.05 -39.98 36.33
CA ASN B 335 3.26 -41.41 36.41
C ASN B 335 4.74 -41.74 36.22
N ILE B 336 5.19 -42.79 36.90
CA ILE B 336 6.58 -43.19 36.89
C ILE B 336 6.66 -44.69 36.61
N LYS B 337 7.09 -45.04 35.41
CA LYS B 337 7.47 -46.41 35.09
C LYS B 337 8.64 -46.36 34.12
N PHE B 338 9.44 -47.42 34.11
CA PHE B 338 10.70 -47.43 33.38
C PHE B 338 10.75 -48.58 32.39
N ASP B 339 11.59 -48.40 31.36
CA ASP B 339 11.91 -49.44 30.42
C ASP B 339 13.16 -50.19 30.88
N GLN B 340 13.55 -51.23 30.15
CA GLN B 340 14.70 -52.04 30.53
C GLN B 340 16.00 -51.25 30.60
N ASN B 341 16.01 -50.02 30.09
CA ASN B 341 17.20 -49.18 30.14
C ASN B 341 17.19 -48.21 31.31
N GLY B 342 16.02 -47.77 31.74
CA GLY B 342 15.91 -46.83 32.84
C GLY B 342 15.32 -45.48 32.49
N LYS B 343 14.75 -45.33 31.30
CA LYS B 343 14.16 -44.07 30.87
C LYS B 343 12.67 -44.05 31.15
N ARG B 344 12.16 -42.86 31.46
CA ARG B 344 10.77 -42.70 31.82
C ARG B 344 9.86 -43.04 30.64
N ILE B 345 8.75 -43.72 30.93
CA ILE B 345 7.73 -44.03 29.93
C ILE B 345 6.35 -43.78 30.55
N ASN B 346 5.36 -43.63 29.67
CA ASN B 346 3.99 -43.30 30.09
C ASN B 346 3.98 -42.06 30.99
N TYR B 347 4.88 -41.12 30.73
CA TYR B 347 5.00 -39.93 31.55
C TYR B 347 4.27 -38.75 30.91
N THR B 348 4.24 -37.64 31.64
CA THR B 348 3.38 -36.51 31.30
C THR B 348 4.16 -35.22 31.47
N ILE B 349 4.29 -34.45 30.39
CA ILE B 349 4.96 -33.16 30.42
C ILE B 349 3.92 -32.11 30.09
N ASN B 350 3.63 -31.24 31.05
CA ASN B 350 2.66 -30.17 30.84
C ASN B 350 3.27 -29.06 30.00
N ILE B 351 2.47 -28.52 29.08
CA ILE B 351 2.88 -27.43 28.21
C ILE B 351 2.14 -26.18 28.66
N MET B 352 2.87 -25.20 29.17
CA MET B 352 2.28 -24.04 29.81
C MET B 352 2.73 -22.76 29.11
N GLU B 353 1.77 -21.92 28.74
CA GLU B 353 2.02 -20.58 28.24
C GLU B 353 1.86 -19.57 29.37
N LEU B 354 2.39 -18.36 29.14
CA LEU B 354 2.31 -17.29 30.11
C LEU B 354 1.27 -16.28 29.66
N LYS B 355 0.20 -16.15 30.44
CA LYS B 355 -0.86 -15.18 30.20
C LYS B 355 -0.79 -14.07 31.25
N THR B 356 -1.80 -13.20 31.24
CA THR B 356 -1.80 -12.05 32.14
C THR B 356 -1.83 -12.49 33.60
N ASN B 357 -2.78 -13.37 33.95
CA ASN B 357 -2.92 -13.81 35.33
C ASN B 357 -1.81 -14.75 35.77
N GLY B 358 -0.91 -15.15 34.87
CA GLY B 358 0.22 -15.95 35.24
C GLY B 358 0.36 -17.23 34.43
N PRO B 359 1.08 -18.19 34.98
CA PRO B 359 1.32 -19.46 34.26
C PRO B 359 0.02 -20.25 34.12
N ARG B 360 -0.37 -20.49 32.87
CA ARG B 360 -1.59 -21.23 32.56
C ARG B 360 -1.24 -22.52 31.84
N LYS B 361 -1.96 -23.59 32.19
CA LYS B 361 -1.80 -24.88 31.53
C LYS B 361 -2.66 -24.93 30.28
N ILE B 362 -2.07 -25.43 29.18
CA ILE B 362 -2.76 -25.55 27.91
C ILE B 362 -2.92 -27.00 27.48
N GLY B 363 -1.92 -27.83 27.73
CA GLY B 363 -1.99 -29.23 27.37
C GLY B 363 -0.79 -29.99 27.86
N TYR B 364 -0.95 -31.29 27.95
CA TYR B 364 0.12 -32.17 28.38
C TYR B 364 0.77 -32.85 27.17
N TRP B 365 1.95 -33.39 27.41
CA TRP B 365 2.68 -34.14 26.40
C TRP B 365 2.99 -35.53 26.92
N SER B 366 2.69 -36.53 26.10
CA SER B 366 3.05 -37.92 26.39
C SER B 366 3.79 -38.50 25.19
N GLU B 367 4.51 -39.58 25.43
CA GLU B 367 5.17 -40.28 24.34
C GLU B 367 4.14 -40.84 23.36
N VAL B 368 3.06 -41.41 23.87
CA VAL B 368 2.07 -42.05 23.02
C VAL B 368 1.10 -41.03 22.44
N ASP B 369 0.82 -39.95 23.15
CA ASP B 369 -0.17 -38.98 22.72
C ASP B 369 0.45 -37.74 22.08
N LYS B 370 1.77 -37.60 22.12
CA LYS B 370 2.46 -36.40 21.61
C LYS B 370 1.88 -35.21 22.37
N MET B 371 1.62 -34.08 21.70
CA MET B 371 0.99 -32.93 22.32
C MET B 371 -0.52 -32.98 22.07
N VAL B 372 -1.30 -32.87 23.15
CA VAL B 372 -2.75 -32.75 23.05
C VAL B 372 -3.17 -31.58 23.92
N LEU B 373 -3.93 -30.66 23.34
CA LEU B 373 -4.38 -29.48 24.06
C LEU B 373 -5.65 -29.76 24.84
N THR B 374 -5.77 -29.08 25.98
CA THR B 374 -7.01 -29.03 26.78
C THR B 374 -7.26 -27.53 26.99
N GLU B 375 -7.85 -26.90 25.96
CA GLU B 375 -7.75 -25.46 25.80
C GLU B 375 -8.61 -24.72 26.84
N ASP B 376 -8.63 -23.40 26.70
CA ASP B 376 -9.22 -22.50 27.67
C ASP B 376 -10.26 -21.55 27.11
N ASP B 377 -10.28 -21.32 25.80
CA ASP B 377 -11.21 -20.40 25.17
C ASP B 377 -12.16 -21.14 24.25
N THR B 378 -13.31 -20.53 23.99
CA THR B 378 -14.31 -21.14 23.10
C THR B 378 -15.44 -20.29 22.47
N SER B 379 -15.33 -18.97 22.30
CA SER B 379 -14.24 -18.08 22.68
C SER B 379 -14.65 -17.45 24.03
N GLY B 380 -13.82 -16.62 24.69
CA GLY B 380 -12.54 -16.10 24.21
C GLY B 380 -12.71 -14.64 23.85
N LEU B 381 -12.41 -14.29 22.58
CA LEU B 381 -12.66 -12.94 22.05
C LEU B 381 -13.14 -13.11 20.61
N GLU B 382 -14.44 -13.35 20.45
CA GLU B 382 -15.01 -13.71 19.16
C GLU B 382 -15.19 -12.50 18.25
N GLN B 383 -15.71 -11.39 18.79
CA GLN B 383 -16.32 -10.31 17.99
C GLN B 383 -17.46 -10.98 17.23
N LYS B 384 -17.58 -10.80 15.91
CA LYS B 384 -18.56 -11.53 15.13
C LYS B 384 -18.27 -11.32 13.65
N THR B 385 -18.61 -12.35 12.87
CA THR B 385 -18.59 -12.25 11.41
C THR B 385 -19.84 -11.54 10.94
N VAL B 386 -19.68 -10.35 10.34
CA VAL B 386 -20.83 -9.55 9.93
C VAL B 386 -21.53 -10.22 8.75
N VAL B 387 -22.85 -10.32 8.85
CA VAL B 387 -23.67 -11.03 7.86
C VAL B 387 -24.24 -10.01 6.88
N VAL B 388 -24.05 -10.27 5.59
CA VAL B 388 -24.55 -9.41 4.52
C VAL B 388 -25.51 -10.23 3.65
N THR B 389 -26.61 -9.60 3.25
CA THR B 389 -27.61 -10.25 2.43
C THR B 389 -27.79 -9.49 1.11
N THR B 390 -27.97 -10.25 0.04
CA THR B 390 -28.22 -9.68 -1.28
C THR B 390 -28.89 -10.74 -2.13
N ILE B 391 -29.43 -10.31 -3.26
CA ILE B 391 -30.20 -11.19 -4.14
C ILE B 391 -29.41 -11.48 -5.40
N LEU B 392 -29.64 -12.67 -5.96
CA LEU B 392 -29.04 -13.06 -7.24
C LEU B 392 -29.82 -12.39 -8.35
N GLU B 393 -29.30 -11.26 -8.83
CA GLU B 393 -29.93 -10.52 -9.93
C GLU B 393 -28.84 -9.81 -10.70
N SER B 394 -28.64 -10.23 -11.95
CA SER B 394 -27.58 -9.67 -12.79
C SER B 394 -27.72 -8.15 -12.95
N PRO B 395 -26.59 -7.44 -12.97
CA PRO B 395 -25.23 -7.96 -12.81
C PRO B 395 -24.65 -7.66 -11.44
N TYR B 396 -25.50 -7.24 -10.50
CA TYR B 396 -25.02 -6.77 -9.21
C TYR B 396 -24.39 -7.91 -8.41
N VAL B 397 -25.09 -9.03 -8.30
CA VAL B 397 -24.57 -10.23 -7.65
C VAL B 397 -25.03 -11.42 -8.47
N MET B 398 -24.08 -12.15 -9.05
CA MET B 398 -24.37 -13.32 -9.85
C MET B 398 -23.52 -14.49 -9.37
N MET B 399 -24.10 -15.68 -9.35
CA MET B 399 -23.36 -16.87 -9.01
C MET B 399 -22.31 -17.14 -10.08
N LYS B 400 -21.08 -17.42 -9.67
CA LYS B 400 -20.01 -17.62 -10.62
C LYS B 400 -20.23 -18.89 -11.44
N LYS B 401 -19.51 -18.98 -12.57
CA LYS B 401 -19.72 -20.06 -13.51
C LYS B 401 -19.32 -21.42 -12.96
N ASN B 402 -18.44 -21.45 -11.97
CA ASN B 402 -18.02 -22.69 -11.30
C ASN B 402 -18.32 -22.62 -9.81
N HIS B 403 -19.51 -22.14 -9.47
CA HIS B 403 -19.88 -21.96 -8.06
C HIS B 403 -19.93 -23.28 -7.30
N GLU B 404 -20.05 -24.41 -8.00
CA GLU B 404 -20.07 -25.70 -7.32
C GLU B 404 -18.71 -26.06 -6.77
N MET B 405 -17.65 -25.89 -7.59
CA MET B 405 -16.31 -26.18 -7.11
C MET B 405 -15.85 -25.17 -6.07
N LEU B 406 -16.34 -23.93 -6.15
CA LEU B 406 -15.99 -22.90 -5.19
C LEU B 406 -16.94 -22.92 -4.01
N GLU B 407 -16.58 -22.19 -2.96
CA GLU B 407 -17.39 -22.11 -1.75
C GLU B 407 -16.92 -20.92 -0.93
N GLY B 408 -17.73 -20.56 0.06
CA GLY B 408 -17.42 -19.41 0.91
C GLY B 408 -18.05 -18.15 0.36
N ASN B 409 -17.26 -17.09 0.28
CA ASN B 409 -17.74 -15.82 -0.27
C ASN B 409 -17.47 -15.66 -1.75
N GLU B 410 -16.48 -16.38 -2.30
CA GLU B 410 -16.08 -16.18 -3.69
C GLU B 410 -17.00 -16.85 -4.69
N ARG B 411 -17.95 -17.68 -4.25
CA ARG B 411 -18.85 -18.34 -5.19
C ARG B 411 -19.79 -17.37 -5.88
N TYR B 412 -19.88 -16.13 -5.43
CA TYR B 412 -20.70 -15.09 -6.05
C TYR B 412 -19.80 -13.95 -6.51
N GLU B 413 -20.07 -13.43 -7.71
CA GLU B 413 -19.33 -12.29 -8.22
C GLU B 413 -20.29 -11.32 -8.89
N GLY B 414 -19.94 -10.04 -8.86
CA GLY B 414 -20.77 -9.02 -9.47
C GLY B 414 -20.33 -7.64 -9.04
N TYR B 415 -21.24 -6.67 -9.21
CA TYR B 415 -20.94 -5.29 -8.81
C TYR B 415 -20.90 -5.16 -7.29
N CYS B 416 -21.93 -5.68 -6.61
CA CYS B 416 -21.97 -5.59 -5.16
C CYS B 416 -20.87 -6.43 -4.52
N VAL B 417 -20.50 -7.54 -5.16
CA VAL B 417 -19.41 -8.37 -4.65
C VAL B 417 -18.10 -7.60 -4.69
N ASP B 418 -17.76 -7.02 -5.85
CA ASP B 418 -16.61 -6.12 -5.93
C ASP B 418 -16.76 -4.96 -4.96
N LEU B 419 -18.00 -4.56 -4.66
CA LEU B 419 -18.26 -3.52 -3.67
C LEU B 419 -18.25 -4.06 -2.25
N ALA B 420 -18.60 -5.33 -2.07
CA ALA B 420 -18.59 -5.93 -0.74
C ALA B 420 -17.21 -5.84 -0.10
N ALA B 421 -16.16 -6.13 -0.88
CA ALA B 421 -14.81 -6.03 -0.36
C ALA B 421 -14.37 -4.57 -0.23
N GLU B 422 -14.74 -3.72 -1.20
CA GLU B 422 -14.34 -2.32 -1.15
C GLU B 422 -14.92 -1.61 0.07
N ILE B 423 -16.05 -2.10 0.58
CA ILE B 423 -16.58 -1.56 1.83
C ILE B 423 -15.78 -2.09 3.02
N ALA B 424 -15.48 -3.39 3.02
CA ALA B 424 -14.75 -3.99 4.13
C ALA B 424 -13.34 -3.46 4.28
N LYS B 425 -12.75 -2.94 3.19
CA LYS B 425 -11.40 -2.39 3.30
C LYS B 425 -11.37 -1.16 4.19
N HIS B 426 -12.41 -0.33 4.13
CA HIS B 426 -12.44 0.89 4.91
C HIS B 426 -13.13 0.74 6.26
N CYS B 427 -13.90 -0.34 6.46
CA CYS B 427 -14.58 -0.59 7.71
C CYS B 427 -13.83 -1.56 8.61
N GLY B 428 -13.42 -2.71 8.07
CA GLY B 428 -12.61 -3.66 8.81
C GLY B 428 -13.30 -4.95 9.19
N PHE B 429 -14.57 -5.13 8.83
CA PHE B 429 -15.27 -6.34 9.20
C PHE B 429 -15.02 -7.44 8.17
N LYS B 430 -15.39 -8.67 8.54
CA LYS B 430 -15.34 -9.82 7.66
C LYS B 430 -16.76 -10.14 7.22
N TYR B 431 -17.05 -9.95 5.95
CA TYR B 431 -18.39 -10.19 5.43
C TYR B 431 -18.66 -11.69 5.33
N LYS B 432 -19.94 -12.05 5.40
CA LYS B 432 -20.42 -13.39 5.10
C LYS B 432 -21.52 -13.24 4.07
N LEU B 433 -21.19 -13.56 2.81
CA LEU B 433 -22.11 -13.33 1.71
C LEU B 433 -23.25 -14.35 1.77
N THR B 434 -24.44 -13.88 2.14
CA THR B 434 -25.62 -14.72 2.26
C THR B 434 -26.70 -14.24 1.30
N ILE B 435 -27.52 -15.17 0.84
CA ILE B 435 -28.63 -14.87 -0.06
C ILE B 435 -29.92 -14.89 0.74
N VAL B 436 -30.80 -13.93 0.45
CA VAL B 436 -32.08 -13.87 1.15
C VAL B 436 -32.96 -15.06 0.78
N GLY B 437 -32.85 -15.56 -0.45
CA GLY B 437 -33.59 -16.73 -0.88
C GLY B 437 -35.07 -16.51 -1.14
N ASP B 438 -35.60 -15.32 -0.87
CA ASP B 438 -37.00 -15.03 -1.15
C ASP B 438 -37.34 -14.91 -2.65
N GLY B 439 -36.59 -14.15 -3.46
CA GLY B 439 -35.42 -13.38 -3.07
C GLY B 439 -35.65 -11.88 -3.15
N LYS B 440 -36.79 -11.49 -3.70
CA LYS B 440 -37.08 -10.08 -3.87
C LYS B 440 -37.12 -9.38 -2.52
N TYR B 441 -36.72 -8.12 -2.51
CA TYR B 441 -36.54 -7.34 -1.30
C TYR B 441 -37.82 -6.59 -0.93
N GLY B 442 -38.01 -6.38 0.37
CA GLY B 442 -39.22 -5.78 0.91
C GLY B 442 -39.50 -4.36 0.44
N ALA B 443 -40.75 -3.94 0.18
CA ALA B 443 -42.04 -4.67 0.27
C ALA B 443 -42.53 -5.01 1.69
N ARG B 444 -43.86 -4.99 1.84
CA ARG B 444 -44.55 -5.24 3.11
C ARG B 444 -46.02 -5.53 2.80
N ASP B 445 -46.62 -6.39 3.59
CA ASP B 445 -48.01 -6.78 3.38
C ASP B 445 -48.96 -5.75 3.98
N ALA B 446 -50.26 -5.89 3.66
CA ALA B 446 -51.32 -4.94 4.00
C ALA B 446 -51.85 -5.13 5.42
N ASP B 447 -52.26 -6.35 5.78
CA ASP B 447 -52.73 -6.62 7.14
C ASP B 447 -51.81 -7.53 7.94
N THR B 448 -50.97 -8.32 7.27
CA THR B 448 -49.87 -8.97 7.97
C THR B 448 -48.87 -7.95 8.48
N LYS B 449 -48.54 -6.97 7.63
CA LYS B 449 -47.64 -5.86 7.98
C LYS B 449 -46.30 -6.35 8.51
N ILE B 450 -45.94 -7.58 8.17
CA ILE B 450 -44.61 -8.11 8.43
C ILE B 450 -43.75 -7.84 7.21
N TRP B 451 -42.52 -7.40 7.44
CA TRP B 451 -41.61 -7.18 6.33
C TRP B 451 -41.07 -8.51 5.79
N ASN B 452 -40.57 -8.46 4.57
CA ASN B 452 -39.99 -9.62 3.92
C ASN B 452 -38.74 -9.18 3.18
N GLY B 453 -38.17 -10.09 2.40
CA GLY B 453 -37.03 -9.76 1.56
C GLY B 453 -35.83 -9.32 2.37
N MET B 454 -34.96 -8.53 1.72
CA MET B 454 -33.73 -8.11 2.35
C MET B 454 -33.97 -7.15 3.51
N VAL B 455 -34.90 -6.20 3.33
CA VAL B 455 -35.15 -5.21 4.37
C VAL B 455 -35.63 -5.88 5.65
N GLY B 456 -36.43 -6.94 5.52
CA GLY B 456 -36.97 -7.60 6.70
C GLY B 456 -35.90 -8.27 7.54
N GLU B 457 -34.94 -8.93 6.89
CA GLU B 457 -33.88 -9.61 7.63
C GLU B 457 -33.03 -8.64 8.44
N LEU B 458 -33.09 -7.35 8.13
CA LEU B 458 -32.40 -6.36 8.94
C LEU B 458 -33.15 -6.07 10.24
N VAL B 459 -34.44 -5.75 10.13
CA VAL B 459 -35.19 -5.32 11.31
C VAL B 459 -35.38 -6.47 12.28
N TYR B 460 -35.55 -7.69 11.79
CA TYR B 460 -35.87 -8.83 12.62
C TYR B 460 -34.63 -9.54 13.17
N GLY B 461 -33.49 -8.85 13.23
CA GLY B 461 -32.28 -9.42 13.79
C GLY B 461 -31.71 -10.63 13.08
N LYS B 462 -32.17 -10.93 11.86
CA LYS B 462 -31.63 -12.07 11.12
C LYS B 462 -30.23 -11.76 10.59
N ALA B 463 -30.11 -10.70 9.79
CA ALA B 463 -28.85 -10.29 9.20
C ALA B 463 -28.35 -9.00 9.83
N ASP B 464 -27.08 -8.69 9.56
CA ASP B 464 -26.41 -7.52 10.14
C ASP B 464 -26.38 -6.32 9.20
N ILE B 465 -26.35 -6.54 7.88
CA ILE B 465 -26.29 -5.44 6.93
C ILE B 465 -26.70 -5.97 5.55
N ALA B 466 -26.99 -5.06 4.62
CA ALA B 466 -27.45 -5.46 3.30
C ALA B 466 -26.94 -4.46 2.26
N ILE B 467 -26.22 -4.97 1.25
CA ILE B 467 -25.78 -4.16 0.12
C ILE B 467 -26.23 -4.84 -1.16
N ALA B 468 -26.87 -4.07 -2.05
CA ALA B 468 -27.51 -4.57 -3.26
C ALA B 468 -28.20 -3.41 -3.99
N PRO B 469 -28.73 -3.63 -5.20
CA PRO B 469 -29.59 -2.60 -5.79
C PRO B 469 -30.88 -2.42 -5.01
N LEU B 470 -30.85 -1.55 -4.00
CA LEU B 470 -32.01 -1.29 -3.15
C LEU B 470 -32.51 0.12 -3.40
N THR B 471 -33.71 0.23 -3.94
CA THR B 471 -34.30 1.53 -4.25
C THR B 471 -34.57 2.30 -2.96
N ILE B 472 -34.05 3.53 -2.88
CA ILE B 472 -34.17 4.36 -1.69
C ILE B 472 -35.59 4.95 -1.68
N THR B 473 -36.49 4.35 -0.92
CA THR B 473 -37.84 4.83 -0.76
C THR B 473 -38.04 5.40 0.64
N LEU B 474 -39.05 6.26 0.76
CA LEU B 474 -39.37 6.84 2.07
C LEU B 474 -39.91 5.78 3.01
N VAL B 475 -40.70 4.83 2.49
CA VAL B 475 -41.30 3.81 3.33
C VAL B 475 -40.23 2.95 4.00
N ARG B 476 -39.07 2.79 3.34
CA ARG B 476 -37.99 2.02 3.95
C ARG B 476 -37.16 2.87 4.91
N GLU B 477 -36.92 4.14 4.56
CA GLU B 477 -36.14 5.05 5.39
C GLU B 477 -36.70 5.14 6.81
N GLU B 478 -37.99 4.91 7.00
CA GLU B 478 -38.59 4.99 8.32
C GLU B 478 -38.19 3.84 9.24
N VAL B 479 -37.94 2.66 8.69
CA VAL B 479 -37.68 1.47 9.51
C VAL B 479 -36.21 1.12 9.48
N ILE B 480 -35.52 1.44 8.39
CA ILE B 480 -34.10 1.18 8.27
C ILE B 480 -33.41 2.44 7.76
N ASP B 481 -32.12 2.54 8.08
CA ASP B 481 -31.31 3.70 7.71
C ASP B 481 -30.58 3.44 6.40
N PHE B 482 -30.58 4.44 5.54
CA PHE B 482 -29.95 4.37 4.23
C PHE B 482 -28.67 5.18 4.21
N SER B 483 -27.72 4.74 3.38
CA SER B 483 -26.56 5.55 3.08
C SER B 483 -26.90 6.56 1.99
N LYS B 484 -25.97 7.47 1.71
CA LYS B 484 -26.13 8.31 0.54
C LYS B 484 -26.09 7.43 -0.71
N PRO B 485 -26.77 7.84 -1.78
CA PRO B 485 -26.85 6.97 -2.95
C PRO B 485 -25.49 6.77 -3.60
N PHE B 486 -25.23 5.54 -4.03
CA PHE B 486 -23.98 5.21 -4.68
C PHE B 486 -24.14 4.99 -6.18
N MET B 487 -25.36 5.10 -6.71
CA MET B 487 -25.60 4.94 -8.14
C MET B 487 -26.99 5.51 -8.45
N SER B 488 -27.02 6.79 -8.81
CA SER B 488 -28.28 7.42 -9.15
C SER B 488 -28.83 6.83 -10.45
N LEU B 489 -30.15 6.68 -10.51
CA LEU B 489 -30.81 6.06 -11.65
C LEU B 489 -32.14 6.78 -11.88
N GLY B 490 -32.92 6.24 -12.82
CA GLY B 490 -34.22 6.79 -13.13
C GLY B 490 -34.90 5.97 -14.19
N ILE B 491 -36.20 6.21 -14.34
CA ILE B 491 -36.99 5.51 -15.35
C ILE B 491 -36.50 5.90 -16.74
N SER B 492 -36.36 4.92 -17.61
CA SER B 492 -35.84 5.13 -18.95
C SER B 492 -36.59 4.25 -19.94
N ILE B 493 -36.24 4.39 -21.22
CA ILE B 493 -36.94 3.71 -22.31
C ILE B 493 -35.99 2.73 -22.97
N MET B 494 -36.55 1.67 -23.54
CA MET B 494 -35.78 0.61 -24.19
C MET B 494 -36.53 0.11 -25.41
N ILE B 495 -35.83 0.01 -26.54
CA ILE B 495 -36.42 -0.42 -27.81
C ILE B 495 -35.39 -1.19 -28.62
N LYS B 496 -35.75 -1.52 -29.86
CA LYS B 496 -34.81 -2.08 -30.82
C LYS B 496 -34.13 -0.93 -31.58
N LYS B 497 -33.23 -1.28 -32.50
CA LYS B 497 -32.52 -0.26 -33.28
C LYS B 497 -33.40 0.30 -34.42
N PRO B 498 -34.02 -0.56 -35.25
CA PRO B 498 -33.86 -2.00 -35.48
C PRO B 498 -32.72 -2.42 -36.46
N GLN B 499 -32.57 -1.90 -37.68
CA GLN B 499 -33.39 -0.87 -38.33
C GLN B 499 -34.64 -1.38 -39.09
N LYS B 500 -34.56 -2.43 -39.93
CA LYS B 500 -33.35 -3.18 -40.25
C LYS B 500 -32.70 -2.62 -41.50
N SER B 501 -33.50 -2.25 -42.48
CA SER B 501 -32.97 -1.68 -43.71
C SER B 501 -33.45 -0.24 -43.96
N LYS B 502 -34.75 0.06 -44.08
CA LYS B 502 -35.88 -0.89 -44.15
C LYS B 502 -36.49 -0.77 -45.54
N PRO B 503 -36.78 -1.92 -46.17
CA PRO B 503 -37.18 -1.90 -47.58
C PRO B 503 -38.61 -1.37 -47.76
N GLY B 504 -38.88 -0.92 -48.97
CA GLY B 504 -40.20 -0.42 -49.32
C GLY B 504 -40.16 0.42 -50.56
N VAL B 505 -41.34 0.64 -51.14
CA VAL B 505 -41.47 1.51 -52.30
C VAL B 505 -41.36 2.98 -51.90
N PHE B 506 -41.75 3.32 -50.67
CA PHE B 506 -41.62 4.68 -50.18
C PHE B 506 -40.16 5.11 -50.03
N SER B 507 -39.24 4.14 -49.89
CA SER B 507 -37.83 4.45 -49.73
C SER B 507 -37.10 4.57 -51.06
N PHE B 508 -37.74 4.24 -52.17
CA PHE B 508 -37.10 4.38 -53.47
C PHE B 508 -36.91 5.85 -53.84
N LEU B 509 -37.95 6.66 -53.62
CA LEU B 509 -37.89 8.07 -53.98
C LEU B 509 -37.35 8.89 -52.82
N ASP B 510 -36.50 8.27 -52.01
CA ASP B 510 -35.94 8.91 -50.82
C ASP B 510 -34.67 9.72 -51.07
N PRO B 511 -33.82 9.41 -52.10
CA PRO B 511 -32.69 10.30 -52.40
C PRO B 511 -33.13 11.74 -52.59
N LEU B 512 -33.84 12.00 -53.69
CA LEU B 512 -34.53 13.27 -53.82
C LEU B 512 -35.62 13.37 -52.77
N ALA B 513 -35.75 14.55 -52.15
CA ALA B 513 -36.79 14.71 -51.15
C ALA B 513 -38.16 14.61 -51.81
N TYR B 514 -39.18 14.39 -50.97
CA TYR B 514 -40.56 14.24 -51.45
C TYR B 514 -41.00 15.44 -52.27
N GLU B 515 -40.33 16.58 -52.14
CA GLU B 515 -40.72 17.80 -52.83
C GLU B 515 -40.15 17.90 -54.23
N ILE B 516 -38.99 17.31 -54.49
CA ILE B 516 -38.38 17.43 -55.81
C ILE B 516 -39.05 16.50 -56.82
N TRP B 517 -39.54 15.33 -56.37
CA TRP B 517 -40.26 14.44 -57.28
C TRP B 517 -41.52 15.09 -57.83
N MET B 518 -42.21 15.87 -57.00
CA MET B 518 -43.37 16.62 -57.45
C MET B 518 -43.01 17.98 -58.04
N CYS B 519 -41.74 18.36 -58.01
CA CYS B 519 -41.27 19.59 -58.61
C CYS B 519 -40.61 19.37 -59.97
N ILE B 520 -40.04 18.19 -60.20
CA ILE B 520 -39.46 17.90 -61.51
C ILE B 520 -40.54 17.80 -62.57
N VAL B 521 -41.74 17.34 -62.20
CA VAL B 521 -42.82 17.21 -63.16
C VAL B 521 -43.33 18.57 -63.62
N PHE B 522 -43.13 19.62 -62.82
CA PHE B 522 -43.53 20.96 -63.25
C PHE B 522 -42.60 21.51 -64.33
N ALA B 523 -41.34 21.06 -64.35
CA ALA B 523 -40.43 21.42 -65.43
C ALA B 523 -40.63 20.55 -66.65
N TYR B 524 -41.05 19.30 -66.46
CA TYR B 524 -41.34 18.41 -67.58
C TYR B 524 -42.46 18.97 -68.44
N ILE B 525 -43.66 19.10 -67.86
CA ILE B 525 -44.78 19.66 -68.61
C ILE B 525 -44.60 21.14 -68.89
N GLY B 526 -43.71 21.81 -68.15
CA GLY B 526 -43.44 23.21 -68.40
C GLY B 526 -42.58 23.46 -69.61
N VAL B 527 -41.85 22.44 -70.08
CA VAL B 527 -41.00 22.57 -71.26
C VAL B 527 -41.71 21.94 -72.45
N SER B 528 -42.46 20.86 -72.21
CA SER B 528 -43.22 20.23 -73.28
C SER B 528 -44.30 21.17 -73.83
N VAL B 529 -44.74 22.15 -73.03
CA VAL B 529 -45.65 23.19 -73.53
C VAL B 529 -44.90 24.41 -74.03
N VAL B 530 -43.58 24.47 -73.82
CA VAL B 530 -42.79 25.52 -74.46
C VAL B 530 -42.43 25.12 -75.89
N LEU B 531 -42.22 23.83 -76.15
CA LEU B 531 -42.11 23.35 -77.53
C LEU B 531 -43.42 23.57 -78.28
N PHE B 532 -44.53 23.73 -77.56
CA PHE B 532 -45.78 24.15 -78.18
C PHE B 532 -45.66 25.55 -78.79
N LEU B 533 -44.83 26.40 -78.19
CA LEU B 533 -44.81 27.83 -78.51
C LEU B 533 -43.59 28.28 -79.30
N VAL B 534 -42.66 27.38 -79.61
CA VAL B 534 -41.46 27.76 -80.34
C VAL B 534 -41.45 27.22 -81.78
N SER B 535 -42.06 26.07 -82.03
CA SER B 535 -42.08 25.49 -83.37
C SER B 535 -43.16 26.15 -84.23
N ILE B 545 -52.74 19.24 -80.85
CA ILE B 545 -51.89 19.15 -79.68
C ILE B 545 -51.67 17.69 -79.30
N PHE B 546 -52.40 16.78 -79.96
CA PHE B 546 -52.23 15.36 -79.70
C PHE B 546 -50.95 14.81 -80.33
N ASN B 547 -50.54 15.39 -81.45
CA ASN B 547 -49.30 14.98 -82.12
C ASN B 547 -48.11 15.84 -81.74
N SER B 548 -48.33 17.01 -81.14
CA SER B 548 -47.24 17.84 -80.65
C SER B 548 -46.87 17.52 -79.21
N LEU B 549 -47.85 17.11 -78.39
CA LEU B 549 -47.52 16.57 -77.08
C LEU B 549 -46.86 15.20 -77.23
N TRP B 550 -47.33 14.39 -78.18
CA TRP B 550 -46.63 13.16 -78.54
C TRP B 550 -45.28 13.46 -79.17
N PHE B 551 -45.09 14.67 -79.71
CA PHE B 551 -43.77 15.09 -80.19
C PHE B 551 -42.90 15.56 -79.03
N SER B 552 -43.47 16.39 -78.15
CA SER B 552 -42.72 16.84 -76.98
C SER B 552 -42.47 15.72 -75.99
N LEU B 553 -43.30 14.66 -76.01
CA LEU B 553 -42.99 13.46 -75.24
C LEU B 553 -41.99 12.59 -75.98
N GLY B 554 -42.02 12.61 -77.31
CA GLY B 554 -40.94 12.05 -78.11
C GLY B 554 -39.68 12.89 -78.15
N ALA B 555 -39.76 14.12 -77.63
CA ALA B 555 -38.59 14.98 -77.49
C ALA B 555 -38.04 14.98 -76.07
N PHE B 556 -38.72 14.32 -75.13
CA PHE B 556 -38.28 14.23 -73.74
C PHE B 556 -37.53 12.94 -73.44
N MET B 557 -38.01 11.80 -73.96
CA MET B 557 -37.30 10.54 -73.76
C MET B 557 -35.87 10.63 -74.28
N GLN B 558 -35.69 11.33 -75.40
CA GLN B 558 -34.37 11.62 -75.95
C GLN B 558 -34.06 13.09 -75.71
N GLN B 559 -33.66 13.35 -74.47
CA GLN B 559 -33.07 14.61 -74.05
C GLN B 559 -34.12 15.71 -74.17
N GLY B 560 -33.91 16.77 -74.97
CA GLY B 560 -35.00 17.72 -75.12
C GLY B 560 -35.21 18.24 -76.53
N SER B 567 -34.85 25.67 -86.42
CA SER B 567 -35.46 26.25 -85.24
C SER B 567 -34.42 26.60 -84.18
N LEU B 568 -33.93 27.84 -84.21
CA LEU B 568 -32.93 28.27 -83.25
C LEU B 568 -33.55 28.51 -81.87
N SER B 569 -34.74 29.09 -81.82
CA SER B 569 -35.40 29.33 -80.54
C SER B 569 -35.88 28.03 -79.91
N GLY B 570 -36.18 27.02 -80.73
CA GLY B 570 -36.60 25.74 -80.20
C GLY B 570 -35.46 24.84 -79.78
N ARG B 571 -34.24 25.15 -80.21
CA ARG B 571 -33.09 24.32 -79.87
C ARG B 571 -32.62 24.59 -78.44
N ILE B 572 -32.52 25.86 -78.06
CA ILE B 572 -32.12 26.21 -76.69
C ILE B 572 -33.15 25.80 -75.66
N VAL B 573 -34.36 25.42 -76.10
CA VAL B 573 -35.35 24.88 -75.18
C VAL B 573 -34.93 23.49 -74.71
N GLY B 574 -34.39 22.68 -75.62
CA GLY B 574 -33.97 21.33 -75.30
C GLY B 574 -32.56 21.19 -74.77
N GLY B 575 -31.74 22.23 -74.88
CA GLY B 575 -30.39 22.19 -74.36
C GLY B 575 -30.30 22.64 -72.91
N VAL B 576 -31.10 23.64 -72.56
CA VAL B 576 -31.18 24.06 -71.16
C VAL B 576 -31.94 23.03 -70.35
N TRP B 577 -32.95 22.38 -70.94
CA TRP B 577 -33.60 21.26 -70.28
C TRP B 577 -32.65 20.10 -70.05
N TRP B 578 -31.68 19.92 -70.96
CA TRP B 578 -30.78 18.78 -70.84
C TRP B 578 -29.72 18.99 -69.77
N PHE B 579 -29.15 20.19 -69.68
CA PHE B 579 -28.26 20.49 -68.57
C PHE B 579 -28.99 20.39 -67.24
N PHE B 580 -30.28 20.74 -67.21
CA PHE B 580 -31.05 20.64 -65.97
C PHE B 580 -31.32 19.19 -65.61
N THR B 581 -31.69 18.36 -66.59
CA THR B 581 -31.90 16.95 -66.34
C THR B 581 -30.59 16.17 -66.24
N LEU B 582 -29.44 16.84 -66.35
CA LEU B 582 -28.14 16.21 -66.14
C LEU B 582 -27.66 16.39 -64.71
N ILE B 583 -27.92 17.55 -64.11
CA ILE B 583 -27.53 17.78 -62.72
C ILE B 583 -28.33 16.86 -61.80
N ILE B 584 -29.62 16.69 -62.09
CA ILE B 584 -30.47 15.86 -61.22
C ILE B 584 -30.04 14.41 -61.25
N ILE B 585 -29.82 13.86 -62.45
CA ILE B 585 -29.45 12.45 -62.55
C ILE B 585 -28.02 12.21 -62.04
N SER B 586 -27.16 13.21 -62.06
CA SER B 586 -25.85 13.11 -61.43
C SER B 586 -25.87 13.58 -59.98
N SER B 587 -27.02 14.06 -59.50
CA SER B 587 -27.23 14.30 -58.07
C SER B 587 -28.04 13.21 -57.42
N TYR B 588 -28.92 12.54 -58.17
CA TYR B 588 -29.57 11.33 -57.71
C TYR B 588 -28.59 10.16 -57.65
N THR B 589 -27.51 10.22 -58.44
CA THR B 589 -26.48 9.19 -58.41
C THR B 589 -25.41 9.46 -57.36
N ALA B 590 -25.09 10.74 -57.11
CA ALA B 590 -24.06 11.11 -56.15
C ALA B 590 -24.56 11.13 -54.71
N ASN B 591 -25.84 11.43 -54.48
CA ASN B 591 -26.41 11.33 -53.15
C ASN B 591 -26.75 9.90 -52.78
N LEU B 592 -26.94 9.03 -53.77
CA LEU B 592 -27.25 7.63 -53.51
C LEU B 592 -25.99 6.86 -53.14
N ALA B 593 -24.86 7.17 -53.80
CA ALA B 593 -23.60 6.55 -53.44
C ALA B 593 -23.17 6.94 -52.03
N ALA B 594 -23.64 8.07 -51.52
CA ALA B 594 -23.28 8.48 -50.17
C ALA B 594 -24.09 7.71 -49.12
N PHE B 595 -25.38 7.53 -49.36
CA PHE B 595 -26.23 6.77 -48.43
C PHE B 595 -26.01 5.27 -48.51
N LEU B 596 -25.16 4.80 -49.42
CA LEU B 596 -24.73 3.41 -49.42
C LEU B 596 -23.34 3.23 -48.83
N THR B 597 -22.52 4.27 -48.81
CA THR B 597 -21.21 4.19 -48.17
C THR B 597 -21.33 4.22 -46.65
N VAL B 598 -22.06 5.19 -46.11
CA VAL B 598 -22.26 5.35 -44.68
C VAL B 598 -23.72 5.07 -44.38
N GLU B 599 -23.96 4.09 -43.51
CA GLU B 599 -25.32 3.73 -43.10
C GLU B 599 -25.67 4.47 -41.81
N ARG B 600 -26.75 5.23 -41.85
CA ARG B 600 -27.23 5.96 -40.69
C ARG B 600 -28.39 5.21 -40.03
N MET B 601 -28.72 5.62 -38.81
CA MET B 601 -29.75 4.96 -38.01
C MET B 601 -30.70 6.01 -37.46
N VAL B 602 -31.98 5.86 -37.79
CA VAL B 602 -33.03 6.77 -37.34
C VAL B 602 -33.67 6.18 -36.09
N SER B 603 -33.61 6.92 -34.98
CA SER B 603 -34.23 6.50 -33.74
C SER B 603 -35.68 6.98 -33.72
N PRO B 604 -36.67 6.07 -33.74
CA PRO B 604 -38.07 6.52 -33.78
C PRO B 604 -38.53 7.22 -32.51
N ILE B 605 -37.66 7.40 -31.52
CA ILE B 605 -38.01 8.04 -30.26
C ILE B 605 -37.05 9.20 -30.05
N GLU B 606 -37.57 10.42 -30.16
CA GLU B 606 -36.77 11.62 -29.92
C GLU B 606 -36.65 11.91 -28.42
N SER B 607 -37.70 11.64 -27.66
CA SER B 607 -37.72 11.87 -26.22
C SER B 607 -38.93 11.14 -25.66
N ALA B 608 -39.27 11.45 -24.41
CA ALA B 608 -40.41 10.78 -23.77
C ALA B 608 -41.73 11.23 -24.38
N GLU B 609 -41.86 12.52 -24.69
CA GLU B 609 -43.13 13.04 -25.21
C GLU B 609 -43.33 12.68 -26.68
N ASP B 610 -42.26 12.67 -27.47
CA ASP B 610 -42.39 12.24 -28.86
C ASP B 610 -42.79 10.77 -28.94
N LEU B 611 -42.45 9.99 -27.92
CA LEU B 611 -42.94 8.62 -27.81
C LEU B 611 -44.45 8.58 -27.63
N SER B 612 -45.02 9.58 -26.98
CA SER B 612 -46.43 9.57 -26.63
C SER B 612 -47.32 10.24 -27.68
N LYS B 613 -46.75 11.06 -28.56
CA LYS B 613 -47.54 11.79 -29.55
C LYS B 613 -47.88 10.94 -30.76
N GLN B 614 -47.53 9.66 -30.77
CA GLN B 614 -47.89 8.76 -31.85
C GLN B 614 -48.33 7.42 -31.26
N THR B 615 -49.30 6.79 -31.91
CA THR B 615 -49.78 5.49 -31.50
C THR B 615 -49.35 4.37 -32.44
N GLU B 616 -48.52 4.67 -33.44
CA GLU B 616 -47.98 3.62 -34.30
C GLU B 616 -47.13 2.64 -33.49
N ILE B 617 -46.33 3.15 -32.56
CA ILE B 617 -45.50 2.34 -31.68
C ILE B 617 -46.11 2.41 -30.28
N ALA B 618 -46.27 1.25 -29.66
CA ALA B 618 -46.87 1.14 -28.34
C ALA B 618 -45.80 1.08 -27.25
N TYR B 619 -46.25 1.16 -26.00
CA TYR B 619 -45.33 1.17 -24.87
C TYR B 619 -46.10 0.80 -23.61
N GLY B 620 -45.34 0.42 -22.58
CA GLY B 620 -45.92 0.04 -21.31
C GLY B 620 -44.83 -0.22 -20.28
N THR B 621 -45.27 -0.41 -19.05
CA THR B 621 -44.38 -0.68 -17.92
C THR B 621 -44.73 -2.02 -17.30
N LEU B 622 -43.97 -2.39 -16.27
CA LEU B 622 -44.28 -3.60 -15.51
C LEU B 622 -45.61 -3.44 -14.79
N ASP B 623 -46.30 -4.56 -14.59
CA ASP B 623 -47.64 -4.52 -14.01
C ASP B 623 -47.64 -4.09 -12.56
N SER B 624 -46.50 -4.15 -11.87
CA SER B 624 -46.46 -3.78 -10.46
C SER B 624 -45.03 -3.39 -10.11
N GLY B 625 -44.82 -2.11 -9.82
CA GLY B 625 -43.50 -1.62 -9.45
C GLY B 625 -43.50 -0.12 -9.36
N SER B 626 -42.37 0.40 -8.85
CA SER B 626 -42.21 1.85 -8.74
C SER B 626 -42.27 2.53 -10.10
N THR B 627 -41.99 1.80 -11.18
CA THR B 627 -42.12 2.36 -12.52
C THR B 627 -43.57 2.67 -12.84
N LYS B 628 -44.45 1.69 -12.67
CA LYS B 628 -45.88 1.89 -12.96
C LYS B 628 -46.49 2.92 -12.01
N GLU B 629 -46.20 2.79 -10.72
CA GLU B 629 -46.77 3.72 -9.73
C GLU B 629 -46.32 5.15 -9.98
N PHE B 630 -45.13 5.33 -10.55
CA PHE B 630 -44.67 6.69 -10.84
C PHE B 630 -45.61 7.40 -11.81
N PHE B 631 -46.06 6.70 -12.84
CA PHE B 631 -46.93 7.33 -13.83
C PHE B 631 -48.32 7.59 -13.25
N ARG B 632 -48.78 6.74 -12.33
CA ARG B 632 -50.09 6.92 -11.72
C ARG B 632 -50.16 8.26 -10.98
N ARG B 633 -49.39 8.39 -9.90
CA ARG B 633 -49.33 9.61 -9.11
C ARG B 633 -48.38 10.65 -9.71
N SER B 634 -48.07 10.56 -11.00
CA SER B 634 -47.13 11.49 -11.61
C SER B 634 -47.62 12.92 -11.51
N LYS B 635 -48.89 13.15 -11.89
CA LYS B 635 -49.49 14.48 -11.87
C LYS B 635 -48.70 15.46 -12.74
N ILE B 636 -48.01 14.94 -13.75
CA ILE B 636 -47.27 15.75 -14.71
C ILE B 636 -47.87 15.50 -16.09
N ALA B 637 -48.05 16.58 -16.86
CA ALA B 637 -48.86 16.53 -18.06
C ALA B 637 -48.33 15.51 -19.07
N VAL B 638 -47.04 15.61 -19.42
CA VAL B 638 -46.48 14.72 -20.42
C VAL B 638 -46.56 13.26 -19.96
N PHE B 639 -46.28 13.01 -18.69
CA PHE B 639 -46.37 11.65 -18.17
C PHE B 639 -47.83 11.21 -17.99
N ASP B 640 -48.72 12.13 -17.62
CA ASP B 640 -50.12 11.79 -17.46
C ASP B 640 -50.73 11.33 -18.78
N LYS B 641 -50.29 11.91 -19.90
CA LYS B 641 -50.72 11.42 -21.20
C LYS B 641 -50.28 9.97 -21.42
N MET B 642 -49.13 9.60 -20.86
CA MET B 642 -48.66 8.22 -20.99
C MET B 642 -49.45 7.27 -20.11
N TRP B 643 -49.73 7.67 -18.86
CA TRP B 643 -50.45 6.79 -17.95
C TRP B 643 -51.89 6.57 -18.40
N THR B 644 -52.56 7.63 -18.87
CA THR B 644 -53.91 7.46 -19.39
C THR B 644 -53.94 6.53 -20.59
N TYR B 645 -52.88 6.55 -21.40
CA TYR B 645 -52.78 5.62 -22.52
C TYR B 645 -52.61 4.18 -22.02
N MET B 646 -51.65 3.96 -21.13
CA MET B 646 -51.36 2.61 -20.67
C MET B 646 -52.51 2.02 -19.85
N ARG B 647 -53.28 2.87 -19.18
CA ARG B 647 -54.41 2.38 -18.38
C ARG B 647 -55.59 1.95 -19.25
N SER B 648 -55.68 2.46 -20.49
CA SER B 648 -56.82 2.18 -21.35
C SER B 648 -56.40 1.60 -22.70
N ALA B 649 -55.21 1.01 -22.79
CA ALA B 649 -54.73 0.45 -24.05
C ALA B 649 -55.08 -1.03 -24.13
N GLU B 650 -55.68 -1.42 -25.25
CA GLU B 650 -55.97 -2.83 -25.51
C GLU B 650 -55.21 -3.29 -26.76
N PRO B 651 -54.58 -4.48 -26.69
CA PRO B 651 -54.57 -5.41 -25.56
C PRO B 651 -53.67 -4.97 -24.39
N SER B 652 -53.47 -5.88 -23.43
CA SER B 652 -52.74 -5.54 -22.22
C SER B 652 -51.30 -5.15 -22.55
N VAL B 653 -50.91 -3.94 -22.11
CA VAL B 653 -49.55 -3.45 -22.32
C VAL B 653 -48.64 -3.74 -21.14
N PHE B 654 -49.15 -4.34 -20.07
CA PHE B 654 -48.37 -4.65 -18.88
C PHE B 654 -47.95 -6.11 -18.89
N VAL B 655 -46.70 -6.36 -18.51
CA VAL B 655 -46.15 -7.71 -18.52
C VAL B 655 -46.02 -8.21 -17.08
N ARG B 656 -45.78 -9.51 -16.95
CA ARG B 656 -45.72 -10.15 -15.63
C ARG B 656 -44.42 -9.81 -14.92
N THR B 657 -43.29 -10.20 -15.49
CA THR B 657 -41.97 -9.96 -14.91
C THR B 657 -41.15 -9.07 -15.84
N THR B 658 -39.93 -8.74 -15.40
CA THR B 658 -39.05 -7.91 -16.21
C THR B 658 -38.50 -8.69 -17.41
N ALA B 659 -38.28 -9.99 -17.24
CA ALA B 659 -37.75 -10.80 -18.33
C ALA B 659 -38.75 -10.93 -19.48
N GLU B 660 -40.05 -10.85 -19.18
CA GLU B 660 -41.05 -10.86 -20.25
C GLU B 660 -41.07 -9.52 -20.98
N GLY B 661 -40.89 -8.42 -20.25
CA GLY B 661 -40.92 -7.11 -20.88
C GLY B 661 -39.78 -6.91 -21.86
N VAL B 662 -38.60 -7.42 -21.52
CA VAL B 662 -37.47 -7.36 -22.46
C VAL B 662 -37.72 -8.29 -23.63
N ALA B 663 -38.25 -9.48 -23.37
CA ALA B 663 -38.54 -10.42 -24.46
C ALA B 663 -39.64 -9.89 -25.37
N ARG B 664 -40.58 -9.12 -24.82
CA ARG B 664 -41.67 -8.61 -25.64
C ARG B 664 -41.17 -7.58 -26.66
N VAL B 665 -40.11 -6.84 -26.32
CA VAL B 665 -39.56 -5.89 -27.28
C VAL B 665 -38.87 -6.64 -28.42
N ARG B 666 -38.24 -7.77 -28.12
CA ARG B 666 -37.51 -8.54 -29.12
C ARG B 666 -38.42 -9.30 -30.09
N LYS B 667 -39.74 -9.08 -30.09
CA LYS B 667 -40.62 -9.79 -31.01
C LYS B 667 -41.57 -8.88 -31.77
N SER B 668 -41.58 -7.58 -31.48
CA SER B 668 -42.52 -6.65 -32.10
C SER B 668 -42.02 -6.07 -33.41
N LYS B 669 -40.83 -6.44 -33.86
CA LYS B 669 -40.22 -5.93 -35.08
C LYS B 669 -40.07 -4.41 -35.06
N GLY B 670 -40.18 -3.79 -33.89
CA GLY B 670 -39.97 -2.36 -33.75
C GLY B 670 -41.22 -1.54 -33.54
N LYS B 671 -42.24 -2.13 -32.91
CA LYS B 671 -43.50 -1.43 -32.66
C LYS B 671 -43.93 -1.51 -31.21
N TYR B 672 -43.00 -1.70 -30.28
CA TYR B 672 -43.33 -1.77 -28.86
C TYR B 672 -42.12 -1.34 -28.04
N ALA B 673 -42.39 -0.64 -26.95
CA ALA B 673 -41.35 -0.12 -26.05
C ALA B 673 -41.62 -0.59 -24.64
N TYR B 674 -40.62 -0.43 -23.77
CA TYR B 674 -40.72 -0.80 -22.37
C TYR B 674 -40.01 0.23 -21.51
N LEU B 675 -40.60 0.54 -20.36
CA LEU B 675 -40.07 1.54 -19.45
C LEU B 675 -39.59 0.86 -18.18
N LEU B 676 -38.34 1.12 -17.82
CA LEU B 676 -37.75 0.53 -16.62
C LEU B 676 -36.62 1.43 -16.13
N GLU B 677 -36.00 1.01 -15.04
CA GLU B 677 -34.92 1.77 -14.43
C GLU B 677 -33.73 1.87 -15.38
N SER B 678 -32.95 2.94 -15.22
CA SER B 678 -31.85 3.22 -16.15
C SER B 678 -30.73 2.18 -16.00
N THR B 679 -30.44 1.76 -14.77
CA THR B 679 -29.34 0.82 -14.56
C THR B 679 -29.61 -0.52 -15.24
N MET B 680 -30.82 -1.06 -15.04
CA MET B 680 -31.17 -2.31 -15.70
C MET B 680 -31.24 -2.12 -17.21
N ASN B 681 -31.67 -0.96 -17.68
CA ASN B 681 -31.73 -0.70 -19.11
C ASN B 681 -30.33 -0.65 -19.73
N GLU B 682 -29.40 0.03 -19.06
CA GLU B 682 -28.03 0.09 -19.58
C GLU B 682 -27.36 -1.28 -19.58
N TYR B 683 -27.75 -2.17 -18.67
CA TYR B 683 -27.14 -3.49 -18.62
C TYR B 683 -27.65 -4.39 -19.74
N ILE B 684 -28.95 -4.37 -20.02
CA ILE B 684 -29.48 -5.13 -21.14
C ILE B 684 -28.88 -4.68 -22.46
N GLU B 685 -28.41 -3.43 -22.51
CA GLU B 685 -27.83 -2.89 -23.74
C GLU B 685 -26.53 -3.59 -24.11
N GLN B 686 -25.78 -4.09 -23.12
CA GLN B 686 -24.45 -4.62 -23.34
C GLN B 686 -24.40 -6.15 -23.39
N ARG B 687 -25.56 -6.81 -23.43
CA ARG B 687 -25.62 -8.26 -23.50
C ARG B 687 -26.17 -8.69 -24.86
N LYS B 688 -25.55 -9.72 -25.44
CA LYS B 688 -25.95 -10.23 -26.75
C LYS B 688 -27.41 -10.69 -26.74
N PRO B 689 -28.07 -10.67 -27.92
CA PRO B 689 -27.56 -10.32 -29.25
C PRO B 689 -27.48 -8.83 -29.58
N CYS B 690 -27.40 -7.97 -28.56
CA CYS B 690 -27.22 -6.53 -28.69
C CYS B 690 -28.36 -5.92 -29.54
N ASP B 691 -29.57 -5.97 -28.98
CA ASP B 691 -30.75 -5.48 -29.69
C ASP B 691 -31.58 -4.49 -28.89
N THR B 692 -31.11 -4.04 -27.72
CA THR B 692 -31.82 -3.08 -26.90
C THR B 692 -30.96 -1.84 -26.70
N MET B 693 -31.62 -0.68 -26.53
CA MET B 693 -30.91 0.58 -26.44
C MET B 693 -31.63 1.53 -25.50
N LYS B 694 -30.86 2.20 -24.64
CA LYS B 694 -31.39 3.26 -23.80
C LYS B 694 -31.50 4.55 -24.61
N VAL B 695 -32.67 5.17 -24.59
CA VAL B 695 -32.93 6.40 -25.33
C VAL B 695 -33.45 7.46 -24.37
N GLY B 696 -32.98 8.68 -24.56
CA GLY B 696 -33.40 9.79 -23.71
C GLY B 696 -32.86 9.70 -22.29
N GLY B 697 -32.94 10.81 -21.56
CA GLY B 697 -32.51 10.82 -20.18
C GLY B 697 -33.48 10.09 -19.27
N ASN B 698 -33.09 9.99 -18.01
CA ASN B 698 -33.95 9.37 -17.02
C ASN B 698 -35.15 10.25 -16.72
N LEU B 699 -36.30 9.62 -16.48
CA LEU B 699 -37.52 10.38 -16.25
C LEU B 699 -37.59 10.96 -14.84
N ASP B 700 -36.97 10.31 -13.86
CA ASP B 700 -36.96 10.82 -12.50
C ASP B 700 -35.55 10.77 -11.91
N SER B 701 -35.43 11.08 -10.62
CA SER B 701 -34.14 11.11 -9.92
C SER B 701 -34.25 10.24 -8.66
N LYS B 702 -33.88 8.98 -8.81
CA LYS B 702 -33.82 8.03 -7.69
C LYS B 702 -32.41 7.47 -7.59
N GLY B 703 -32.14 6.79 -6.49
CA GLY B 703 -30.81 6.26 -6.24
C GLY B 703 -30.87 4.93 -5.51
N TYR B 704 -29.86 4.10 -5.77
CA TYR B 704 -29.65 2.89 -5.00
C TYR B 704 -28.85 3.20 -3.74
N GLY B 705 -29.10 2.44 -2.67
CA GLY B 705 -28.50 2.70 -1.39
C GLY B 705 -28.10 1.43 -0.66
N ILE B 706 -27.46 1.63 0.49
CA ILE B 706 -27.03 0.55 1.38
C ILE B 706 -27.88 0.60 2.64
N ALA B 707 -28.32 -0.57 3.10
CA ALA B 707 -29.31 -0.68 4.16
C ALA B 707 -28.67 -1.20 5.44
N THR B 708 -28.91 -0.47 6.54
CA THR B 708 -28.44 -0.84 7.87
C THR B 708 -29.60 -0.75 8.85
N PRO B 709 -29.66 -1.63 9.85
CA PRO B 709 -30.68 -1.50 10.89
C PRO B 709 -30.54 -0.18 11.64
N LYS B 710 -31.67 0.37 12.07
CA LYS B 710 -31.66 1.65 12.76
C LYS B 710 -30.98 1.53 14.10
N GLY B 711 -30.14 2.52 14.42
CA GLY B 711 -29.35 2.50 15.63
C GLY B 711 -28.15 1.58 15.60
N SER B 712 -27.93 0.87 14.50
CA SER B 712 -26.82 -0.07 14.43
C SER B 712 -25.49 0.66 14.30
N SER B 713 -24.42 -0.04 14.69
CA SER B 713 -23.08 0.56 14.62
C SER B 713 -22.63 0.74 13.18
N LEU B 714 -23.02 -0.17 12.28
CA LEU B 714 -22.57 -0.08 10.90
C LEU B 714 -23.08 1.17 10.20
N GLY B 715 -24.17 1.76 10.68
CA GLY B 715 -24.85 2.84 10.00
C GLY B 715 -24.00 4.02 9.57
N THR B 716 -23.34 4.66 10.53
CA THR B 716 -22.59 5.88 10.20
C THR B 716 -21.39 5.61 9.30
N PRO B 717 -20.53 4.60 9.55
CA PRO B 717 -19.35 4.45 8.70
C PRO B 717 -19.67 4.11 7.25
N VAL B 718 -20.60 3.18 7.01
CA VAL B 718 -20.88 2.74 5.64
C VAL B 718 -21.30 3.92 4.79
N ASN B 719 -22.10 4.83 5.35
CA ASN B 719 -22.49 6.04 4.63
C ASN B 719 -21.27 6.86 4.25
N LEU B 720 -20.44 7.22 5.25
CA LEU B 720 -19.23 7.97 4.97
C LEU B 720 -18.29 7.20 4.06
N ALA B 721 -18.36 5.87 4.09
CA ALA B 721 -17.53 5.07 3.20
C ALA B 721 -17.98 5.23 1.74
N VAL B 722 -19.29 5.34 1.52
CA VAL B 722 -19.80 5.41 0.16
C VAL B 722 -19.31 6.68 -0.54
N LEU B 723 -19.36 7.82 0.16
CA LEU B 723 -18.90 9.07 -0.44
C LEU B 723 -17.44 8.97 -0.86
N LYS B 724 -16.62 8.28 -0.08
CA LYS B 724 -15.20 8.16 -0.41
C LYS B 724 -14.99 7.39 -1.70
N LEU B 725 -15.82 6.36 -1.94
CA LEU B 725 -15.62 5.53 -3.12
C LEU B 725 -16.05 6.26 -4.39
N SER B 726 -17.11 7.05 -4.32
CA SER B 726 -17.54 7.80 -5.50
C SER B 726 -16.54 8.90 -5.84
N GLU B 727 -15.99 9.56 -4.82
CA GLU B 727 -15.01 10.63 -5.05
C GLU B 727 -13.64 10.09 -5.43
N GLN B 728 -13.36 8.81 -5.18
CA GLN B 728 -12.15 8.16 -5.67
C GLN B 728 -12.33 7.54 -7.04
N GLY B 729 -13.49 7.73 -7.67
CA GLY B 729 -13.76 7.12 -8.95
C GLY B 729 -13.89 5.61 -8.92
N VAL B 730 -13.90 5.00 -7.74
CA VAL B 730 -14.04 3.55 -7.65
C VAL B 730 -15.40 3.11 -8.16
N LEU B 731 -16.46 3.78 -7.69
CA LEU B 731 -17.82 3.43 -8.10
C LEU B 731 -17.99 3.59 -9.61
N ASP B 732 -17.52 4.71 -10.15
CA ASP B 732 -17.55 4.89 -11.60
C ASP B 732 -16.70 3.84 -12.31
N LYS B 733 -15.61 3.40 -11.68
CA LYS B 733 -14.82 2.31 -12.25
C LYS B 733 -15.56 0.99 -12.15
N LEU B 734 -16.16 0.70 -10.98
CA LEU B 734 -16.87 -0.56 -10.81
C LEU B 734 -18.04 -0.66 -11.77
N LYS B 735 -18.83 0.41 -11.91
CA LYS B 735 -19.91 0.40 -12.88
C LYS B 735 -19.36 0.21 -14.29
N ASN B 736 -18.29 0.94 -14.62
CA ASN B 736 -17.67 0.78 -15.94
C ASN B 736 -17.11 -0.63 -16.12
N LYS B 737 -16.61 -1.25 -15.04
CA LYS B 737 -15.99 -2.55 -15.17
C LYS B 737 -17.02 -3.67 -15.28
N TRP B 738 -18.21 -3.49 -14.70
CA TRP B 738 -19.22 -4.54 -14.70
C TRP B 738 -20.36 -4.31 -15.67
N TRP B 739 -20.61 -3.06 -16.08
CA TRP B 739 -21.57 -2.80 -17.15
C TRP B 739 -20.92 -2.82 -18.53
N TYR B 740 -19.74 -2.21 -18.66
CA TYR B 740 -19.11 -1.98 -19.95
C TYR B 740 -17.89 -2.84 -20.21
N ASP B 741 -16.94 -2.91 -19.26
CA ASP B 741 -15.77 -3.74 -19.47
C ASP B 741 -16.14 -5.21 -19.62
N LYS B 742 -16.92 -5.74 -18.67
CA LYS B 742 -17.40 -7.10 -18.77
C LYS B 742 -18.40 -7.28 -19.89
N GLY B 743 -18.94 -6.19 -20.42
CA GLY B 743 -19.97 -6.29 -21.44
C GLY B 743 -19.47 -6.99 -22.68
N GLU B 744 -20.38 -7.77 -23.29
CA GLU B 744 -20.07 -8.49 -24.52
C GLU B 744 -20.12 -7.56 -25.73
N CYS B 745 -21.16 -6.74 -25.82
CA CYS B 745 -21.26 -5.70 -26.86
C CYS B 745 -20.52 -4.49 -26.31
N GLY B 746 -19.22 -4.40 -26.60
CA GLY B 746 -18.39 -3.38 -25.99
C GLY B 746 -18.84 -1.98 -26.31
N ALA B 747 -18.36 -1.04 -25.48
CA ALA B 747 -18.67 0.37 -25.70
C ALA B 747 -18.07 0.88 -27.00
N LYS B 748 -17.15 0.12 -27.61
CA LYS B 748 -16.65 0.41 -28.95
C LYS B 748 -17.27 -0.49 -30.01
N ASP B 749 -18.07 -1.49 -29.61
CA ASP B 749 -18.78 -2.30 -30.59
C ASP B 749 -19.81 -1.48 -31.35
N SER B 750 -20.37 -0.46 -30.71
CA SER B 750 -21.24 0.50 -31.37
C SER B 750 -20.47 1.70 -31.92
N GLY B 751 -19.15 1.70 -31.80
CA GLY B 751 -18.33 2.79 -32.31
C GLY B 751 -17.77 2.51 -33.68
N SER B 752 -18.65 2.10 -34.60
CA SER B 752 -18.28 1.82 -36.00
C SER B 752 -17.19 0.74 -36.07
N LYS B 753 -17.56 -0.46 -35.63
CA LYS B 753 -16.62 -1.58 -35.67
C LYS B 753 -16.49 -2.14 -37.07
N GLU B 754 -17.60 -2.39 -37.75
CA GLU B 754 -17.60 -2.98 -39.08
C GLU B 754 -18.26 -2.05 -40.09
N LYS B 755 -17.97 -2.32 -41.36
CA LYS B 755 -18.58 -1.59 -42.49
C LYS B 755 -19.15 -2.63 -43.45
N THR B 756 -20.46 -2.85 -43.38
CA THR B 756 -21.13 -3.82 -44.23
C THR B 756 -21.61 -3.17 -45.51
N SER B 757 -21.62 -3.95 -46.59
CA SER B 757 -22.07 -3.45 -47.88
C SER B 757 -22.51 -4.63 -48.73
N ALA B 758 -23.76 -4.58 -49.22
CA ALA B 758 -24.30 -5.55 -50.14
C ALA B 758 -25.50 -4.92 -50.83
N LEU B 759 -25.91 -5.50 -51.95
CA LEU B 759 -27.05 -4.99 -52.71
C LEU B 759 -28.24 -5.93 -52.57
N SER B 760 -29.43 -5.35 -52.68
CA SER B 760 -30.69 -6.07 -52.59
C SER B 760 -31.58 -5.76 -53.78
N LEU B 761 -32.47 -6.69 -54.09
CA LEU B 761 -33.50 -6.47 -55.10
C LEU B 761 -34.78 -5.88 -54.52
N SER B 762 -34.92 -5.88 -53.19
CA SER B 762 -36.17 -5.45 -52.55
C SER B 762 -36.51 -3.99 -52.85
N ASN B 763 -35.53 -3.19 -53.25
CA ASN B 763 -35.78 -1.77 -53.55
C ASN B 763 -35.93 -1.49 -55.03
N VAL B 764 -35.32 -2.29 -55.89
CA VAL B 764 -35.39 -2.06 -57.34
C VAL B 764 -36.79 -2.29 -57.89
N ALA B 765 -37.71 -2.80 -57.08
CA ALA B 765 -39.07 -3.08 -57.55
C ALA B 765 -39.84 -1.80 -57.88
N GLY B 766 -39.57 -0.71 -57.16
CA GLY B 766 -40.28 0.54 -57.40
C GLY B 766 -40.05 1.11 -58.79
N VAL B 767 -38.98 0.72 -59.46
CA VAL B 767 -38.73 1.17 -60.82
C VAL B 767 -39.37 0.25 -61.84
N PHE B 768 -39.43 -1.06 -61.55
CA PHE B 768 -40.00 -2.01 -62.50
C PHE B 768 -41.51 -1.82 -62.65
N TYR B 769 -42.20 -1.58 -61.53
CA TYR B 769 -43.66 -1.52 -61.56
C TYR B 769 -44.18 -0.23 -62.19
N ILE B 770 -43.38 0.84 -62.19
CA ILE B 770 -43.78 2.05 -62.89
C ILE B 770 -43.58 1.95 -64.39
N LEU B 771 -42.81 0.96 -64.85
CA LEU B 771 -42.67 0.66 -66.27
C LEU B 771 -43.75 -0.28 -66.77
N VAL B 772 -44.08 -1.31 -65.99
CA VAL B 772 -45.16 -2.22 -66.37
C VAL B 772 -46.50 -1.49 -66.34
N GLY B 773 -46.67 -0.58 -65.37
CA GLY B 773 -47.83 0.30 -65.44
C GLY B 773 -47.81 1.19 -66.65
N GLY B 774 -46.61 1.60 -67.07
CA GLY B 774 -46.48 2.32 -68.32
C GLY B 774 -46.64 1.44 -69.54
N LEU B 775 -46.28 0.16 -69.42
CA LEU B 775 -46.56 -0.80 -70.49
C LEU B 775 -48.03 -1.18 -70.50
N GLY B 776 -48.66 -1.27 -69.33
CA GLY B 776 -50.09 -1.50 -69.26
C GLY B 776 -50.91 -0.29 -69.64
N LEU B 777 -50.34 0.91 -69.54
CA LEU B 777 -50.99 2.14 -69.98
C LEU B 777 -50.73 2.41 -71.46
N ALA B 778 -49.51 2.15 -71.94
CA ALA B 778 -49.24 2.29 -73.37
C ALA B 778 -50.07 1.31 -74.19
N MET B 779 -50.23 0.09 -73.69
CA MET B 779 -51.13 -0.86 -74.33
C MET B 779 -52.59 -0.55 -74.06
N LEU B 780 -52.87 0.26 -73.03
CA LEU B 780 -54.22 0.78 -72.83
C LEU B 780 -54.54 1.92 -73.78
N VAL B 781 -53.51 2.55 -74.36
CA VAL B 781 -53.69 3.63 -75.31
C VAL B 781 -53.38 3.21 -76.75
N ALA B 782 -52.45 2.27 -76.96
CA ALA B 782 -52.14 1.82 -78.31
C ALA B 782 -53.34 1.14 -78.96
N LEU B 783 -54.24 0.56 -78.15
CA LEU B 783 -55.39 -0.14 -78.72
C LEU B 783 -56.45 0.84 -79.22
N ILE B 784 -56.49 2.05 -78.67
CA ILE B 784 -57.46 3.04 -79.14
C ILE B 784 -56.96 3.80 -80.36
N GLU B 785 -55.70 3.61 -80.76
CA GLU B 785 -55.17 4.23 -81.96
C GLU B 785 -55.31 3.36 -83.20
N PHE B 786 -55.56 2.06 -83.02
CA PHE B 786 -55.80 1.15 -84.14
C PHE B 786 -57.27 1.09 -84.55
N CYS B 787 -58.14 1.81 -83.85
CA CYS B 787 -59.58 1.82 -84.15
C CYS B 787 -60.07 3.15 -84.69
N TYR B 788 -59.59 4.27 -84.15
CA TYR B 788 -60.00 5.59 -84.60
C TYR B 788 -59.32 5.96 -85.92
N ASN C 1 -30.70 24.93 80.12
CA ASN C 1 -30.25 24.18 78.95
C ASN C 1 -29.70 25.11 77.87
N SER C 2 -28.52 25.66 78.12
CA SER C 2 -27.86 26.54 77.16
C SER C 2 -26.77 25.75 76.43
N ILE C 3 -26.85 25.74 75.11
CA ILE C 3 -25.94 25.00 74.26
C ILE C 3 -25.17 26.02 73.42
N GLN C 4 -23.97 26.39 73.88
CA GLN C 4 -23.18 27.40 73.19
C GLN C 4 -22.53 26.79 71.96
N ILE C 5 -22.67 27.48 70.82
CA ILE C 5 -22.07 27.06 69.56
C ILE C 5 -21.20 28.20 69.04
N GLY C 6 -20.34 27.86 68.09
CA GLY C 6 -19.43 28.82 67.49
C GLY C 6 -19.97 29.36 66.18
N GLY C 7 -19.90 30.67 66.02
CA GLY C 7 -20.36 31.32 64.80
C GLY C 7 -19.27 32.10 64.10
N LEU C 8 -18.96 31.74 62.88
CA LEU C 8 -17.93 32.39 62.08
C LEU C 8 -18.54 32.85 60.76
N PHE C 9 -18.60 34.16 60.56
CA PHE C 9 -19.18 34.74 59.35
C PHE C 9 -18.20 35.74 58.75
N PRO C 10 -17.97 35.71 57.45
CA PRO C 10 -17.13 36.75 56.83
C PRO C 10 -17.89 38.07 56.75
N ARG C 11 -17.16 39.16 57.01
CA ARG C 11 -17.76 40.48 56.88
C ARG C 11 -18.14 40.74 55.44
N GLY C 12 -19.35 41.28 55.25
CA GLY C 12 -19.94 41.40 53.94
C GLY C 12 -20.92 40.30 53.60
N ALA C 13 -20.92 39.20 54.36
CA ALA C 13 -21.92 38.14 54.20
C ALA C 13 -23.13 38.44 55.09
N ASP C 14 -23.77 39.58 54.79
CA ASP C 14 -24.90 40.03 55.59
C ASP C 14 -26.08 39.06 55.47
N GLN C 15 -26.42 38.67 54.24
CA GLN C 15 -27.53 37.75 54.04
C GLN C 15 -27.24 36.38 54.64
N GLU C 16 -25.97 35.95 54.59
CA GLU C 16 -25.61 34.64 55.15
C GLU C 16 -25.82 34.59 56.65
N TYR C 17 -25.59 35.71 57.35
CA TYR C 17 -25.82 35.72 58.79
C TYR C 17 -27.28 35.95 59.14
N SER C 18 -28.02 36.68 58.30
CA SER C 18 -29.43 36.94 58.58
C SER C 18 -30.23 35.65 58.61
N ALA C 19 -29.91 34.70 57.72
CA ALA C 19 -30.60 33.43 57.71
C ALA C 19 -30.25 32.58 58.92
N PHE C 20 -29.08 32.79 59.51
CA PHE C 20 -28.69 32.04 60.69
C PHE C 20 -29.59 32.37 61.87
N ARG C 21 -29.97 33.64 62.01
CA ARG C 21 -30.87 34.02 63.09
C ARG C 21 -32.30 33.56 62.83
N VAL C 22 -32.68 33.44 61.56
CA VAL C 22 -34.02 32.94 61.23
C VAL C 22 -34.17 31.50 61.69
N GLY C 23 -33.15 30.68 61.46
CA GLY C 23 -33.18 29.32 61.98
C GLY C 23 -33.12 29.27 63.49
N MET C 24 -32.46 30.25 64.11
CA MET C 24 -32.46 30.34 65.57
C MET C 24 -33.86 30.57 66.11
N VAL C 25 -34.71 31.24 65.34
CA VAL C 25 -36.07 31.56 65.77
C VAL C 25 -37.04 30.43 65.44
N GLN C 26 -37.05 30.00 64.18
CA GLN C 26 -38.03 29.01 63.75
C GLN C 26 -37.83 27.67 64.45
N PHE C 27 -36.58 27.29 64.72
CA PHE C 27 -36.26 26.02 65.36
C PHE C 27 -35.83 26.21 66.81
N SER C 28 -36.57 27.05 67.54
CA SER C 28 -36.29 27.32 68.95
C SER C 28 -37.29 26.54 69.81
N THR C 29 -36.76 25.66 70.66
CA THR C 29 -37.58 24.84 71.53
C THR C 29 -37.34 25.23 72.99
N SER C 30 -38.26 24.78 73.85
CA SER C 30 -38.12 25.02 75.28
C SER C 30 -37.23 23.99 75.96
N GLU C 31 -36.98 22.85 75.30
CA GLU C 31 -36.06 21.86 75.84
C GLU C 31 -34.67 22.45 76.02
N PHE C 32 -34.18 23.15 75.00
CA PHE C 32 -32.84 23.72 75.00
C PHE C 32 -32.81 24.91 74.05
N ARG C 33 -31.81 25.76 74.25
CA ARG C 33 -31.64 26.95 73.42
C ARG C 33 -30.16 27.09 73.07
N LEU C 34 -29.88 27.29 71.79
CA LEU C 34 -28.50 27.40 71.32
C LEU C 34 -27.98 28.81 71.55
N THR C 35 -26.71 28.91 71.91
CA THR C 35 -26.06 30.19 72.21
C THR C 35 -24.98 30.46 71.17
N PRO C 36 -25.32 31.08 70.04
CA PRO C 36 -24.30 31.38 69.04
C PRO C 36 -23.42 32.55 69.48
N HIS C 37 -22.12 32.33 69.47
CA HIS C 37 -21.14 33.38 69.75
C HIS C 37 -20.49 33.75 68.42
N ILE C 38 -20.78 34.94 67.93
CA ILE C 38 -20.42 35.36 66.59
C ILE C 38 -19.05 36.03 66.62
N ASP C 39 -18.25 35.79 65.56
CA ASP C 39 -16.92 36.38 65.42
C ASP C 39 -16.74 36.78 63.96
N ASN C 40 -17.14 38.01 63.64
CA ASN C 40 -16.95 38.52 62.29
C ASN C 40 -15.47 38.64 61.97
N LEU C 41 -15.03 37.90 60.96
CA LEU C 41 -13.60 37.85 60.61
C LEU C 41 -13.44 37.75 59.10
N GLU C 42 -12.24 38.07 58.64
CA GLU C 42 -11.90 37.85 57.24
C GLU C 42 -11.69 36.36 56.99
N VAL C 43 -12.26 35.85 55.89
CA VAL C 43 -12.27 34.42 55.65
C VAL C 43 -11.00 33.91 54.96
N ALA C 44 -10.28 34.77 54.25
CA ALA C 44 -9.11 34.36 53.48
C ALA C 44 -7.81 34.49 54.25
N ASN C 45 -7.86 34.75 55.55
CA ASN C 45 -6.68 34.86 56.40
C ASN C 45 -6.64 33.67 57.35
N SER C 46 -5.56 32.91 57.30
CA SER C 46 -5.46 31.70 58.12
C SER C 46 -5.15 31.99 59.57
N PHE C 47 -4.38 33.06 59.85
CA PHE C 47 -4.07 33.38 61.23
C PHE C 47 -5.30 33.86 61.98
N ALA C 48 -6.18 34.60 61.30
CA ALA C 48 -7.41 35.07 61.94
C ALA C 48 -8.34 33.92 62.27
N VAL C 49 -8.47 32.96 61.35
CA VAL C 49 -9.32 31.80 61.61
C VAL C 49 -8.73 30.93 62.72
N THR C 50 -7.41 30.70 62.66
CA THR C 50 -6.75 29.92 63.70
C THR C 50 -6.94 30.57 65.08
N ASN C 51 -6.94 31.91 65.12
CA ASN C 51 -7.20 32.60 66.38
C ASN C 51 -8.68 32.58 66.75
N ALA C 52 -9.56 32.84 65.78
CA ALA C 52 -10.99 32.84 66.06
C ALA C 52 -11.53 31.44 66.36
N PHE C 53 -10.79 30.38 65.99
CA PHE C 53 -11.17 29.04 66.38
C PHE C 53 -10.77 28.74 67.81
N CYS C 54 -9.53 29.11 68.19
CA CYS C 54 -9.10 29.03 69.57
C CYS C 54 -9.88 30.00 70.45
N SER C 55 -10.45 31.06 69.86
CA SER C 55 -11.34 31.94 70.61
C SER C 55 -12.60 31.20 71.05
N GLN C 56 -13.24 30.49 70.12
CA GLN C 56 -14.41 29.69 70.46
C GLN C 56 -14.02 28.48 71.31
N PHE C 57 -12.82 27.93 71.08
CA PHE C 57 -12.41 26.72 71.77
C PHE C 57 -12.26 26.96 73.27
N SER C 58 -11.57 28.04 73.65
CA SER C 58 -11.37 28.35 75.06
C SER C 58 -12.65 28.82 75.75
N ARG C 59 -13.71 29.13 75.00
CA ARG C 59 -14.96 29.59 75.57
C ARG C 59 -15.99 28.48 75.72
N GLY C 60 -15.64 27.23 75.39
CA GLY C 60 -16.53 26.11 75.62
C GLY C 60 -17.72 26.05 74.69
N VAL C 61 -17.49 25.69 73.44
CA VAL C 61 -18.56 25.50 72.47
C VAL C 61 -18.66 24.02 72.14
N TYR C 62 -19.87 23.59 71.77
CA TYR C 62 -20.12 22.20 71.43
C TYR C 62 -20.07 21.93 69.93
N ALA C 63 -20.25 22.97 69.11
CA ALA C 63 -20.13 22.86 67.66
C ALA C 63 -19.87 24.26 67.11
N ILE C 64 -19.43 24.32 65.86
CA ILE C 64 -19.11 25.59 65.20
C ILE C 64 -19.70 25.57 63.79
N PHE C 65 -20.30 26.69 63.40
CA PHE C 65 -20.86 26.88 62.06
C PHE C 65 -20.17 28.04 61.39
N GLY C 66 -19.54 27.80 60.24
CA GLY C 66 -18.80 28.84 59.56
C GLY C 66 -18.56 28.52 58.10
N PHE C 67 -17.67 29.32 57.51
CA PHE C 67 -17.30 29.20 56.10
C PHE C 67 -15.78 29.09 56.01
N TYR C 68 -15.27 28.95 54.79
CA TYR C 68 -13.83 28.91 54.55
C TYR C 68 -13.55 29.20 53.08
N ASP C 69 -12.29 29.07 52.68
CA ASP C 69 -11.84 29.38 51.33
C ASP C 69 -10.78 28.36 50.94
N LYS C 70 -10.28 28.48 49.70
CA LYS C 70 -9.27 27.56 49.20
C LYS C 70 -8.04 27.53 50.11
N LYS C 71 -7.57 28.69 50.55
CA LYS C 71 -6.40 28.75 51.39
C LYS C 71 -6.69 28.32 52.82
N SER C 72 -7.94 28.47 53.27
CA SER C 72 -8.29 28.29 54.68
C SER C 72 -8.90 26.94 55.00
N VAL C 73 -9.38 26.20 54.00
CA VAL C 73 -10.08 24.94 54.27
C VAL C 73 -9.16 23.94 54.97
N ASN C 74 -7.87 23.94 54.63
CA ASN C 74 -6.94 23.01 55.25
C ASN C 74 -6.80 23.28 56.74
N THR C 75 -6.97 24.53 57.16
CA THR C 75 -6.82 24.87 58.58
C THR C 75 -7.96 24.30 59.40
N ILE C 76 -9.20 24.40 58.91
CA ILE C 76 -10.35 23.95 59.68
C ILE C 76 -10.35 22.43 59.80
N THR C 77 -10.13 21.72 58.68
CA THR C 77 -10.21 20.26 58.70
C THR C 77 -9.16 19.66 59.64
N SER C 78 -7.97 20.25 59.69
CA SER C 78 -6.91 19.70 60.53
C SER C 78 -7.15 20.01 62.01
N PHE C 79 -7.66 21.20 62.32
CA PHE C 79 -7.96 21.54 63.71
C PHE C 79 -9.20 20.80 64.21
N CYS C 80 -10.18 20.54 63.34
CA CYS C 80 -11.38 19.83 63.77
C CYS C 80 -11.07 18.37 64.05
N GLY C 81 -10.37 17.69 63.14
CA GLY C 81 -10.01 16.29 63.32
C GLY C 81 -9.11 16.01 64.49
N THR C 82 -8.29 16.99 64.90
CA THR C 82 -7.39 16.78 66.03
C THR C 82 -8.09 17.01 67.36
N LEU C 83 -9.00 17.99 67.41
CA LEU C 83 -9.66 18.36 68.66
C LEU C 83 -11.08 17.81 68.78
N HIS C 84 -11.52 16.99 67.81
CA HIS C 84 -12.80 16.30 67.88
C HIS C 84 -13.98 17.26 67.95
N VAL C 85 -13.85 18.44 67.36
CA VAL C 85 -14.94 19.42 67.34
C VAL C 85 -15.61 19.35 65.97
N SER C 86 -16.93 19.50 65.95
CA SER C 86 -17.70 19.41 64.72
C SER C 86 -17.84 20.78 64.06
N PHE C 87 -17.73 20.80 62.73
CA PHE C 87 -17.79 22.02 61.94
C PHE C 87 -18.90 21.88 60.90
N ILE C 88 -19.80 22.84 60.86
CA ILE C 88 -20.91 22.86 59.91
C ILE C 88 -20.69 24.01 58.94
N THR C 89 -20.71 23.70 57.64
CA THR C 89 -20.37 24.69 56.62
C THR C 89 -21.28 24.58 55.39
N PRO C 90 -21.75 25.72 54.88
CA PRO C 90 -22.42 25.74 53.57
C PRO C 90 -21.50 26.00 52.39
N SER C 91 -20.18 25.93 52.56
CA SER C 91 -19.24 26.22 51.50
C SER C 91 -19.03 24.96 50.65
N PHE C 92 -18.11 25.04 49.68
CA PHE C 92 -17.91 23.93 48.77
C PHE C 92 -17.29 22.74 49.49
N PRO C 93 -17.66 21.51 49.13
CA PRO C 93 -17.17 20.34 49.87
C PRO C 93 -15.67 20.18 49.78
N THR C 94 -15.12 19.44 50.73
CA THR C 94 -13.68 19.23 50.80
C THR C 94 -13.22 18.29 49.69
N ASP C 95 -11.94 18.44 49.32
CA ASP C 95 -11.35 17.62 48.27
C ASP C 95 -10.71 16.40 48.91
N GLY C 96 -11.55 15.41 49.21
CA GLY C 96 -11.14 14.20 49.88
C GLY C 96 -12.17 13.82 50.93
N THR C 97 -11.73 12.99 51.87
CA THR C 97 -12.59 12.54 52.97
C THR C 97 -11.94 12.99 54.29
N HIS C 98 -12.50 14.04 54.88
CA HIS C 98 -12.00 14.60 56.13
C HIS C 98 -13.05 14.43 57.22
N PRO C 99 -12.70 13.92 58.40
CA PRO C 99 -13.70 13.73 59.45
C PRO C 99 -14.07 15.05 60.11
N PHE C 100 -15.21 15.02 60.81
CA PHE C 100 -15.69 16.15 61.60
C PHE C 100 -15.97 17.38 60.73
N VAL C 101 -16.61 17.16 59.59
CA VAL C 101 -16.99 18.24 58.68
C VAL C 101 -18.41 17.99 58.19
N ILE C 102 -19.26 19.02 58.30
CA ILE C 102 -20.66 18.94 57.88
C ILE C 102 -20.83 19.91 56.72
N GLN C 103 -20.83 19.38 55.50
CA GLN C 103 -20.93 20.20 54.30
C GLN C 103 -22.37 20.20 53.83
N MET C 104 -23.04 21.35 53.94
CA MET C 104 -24.42 21.48 53.49
C MET C 104 -24.55 21.61 51.98
N ARG C 105 -23.45 21.84 51.27
CA ARG C 105 -23.49 22.02 49.83
C ARG C 105 -23.35 20.68 49.13
N PRO C 106 -24.28 20.34 48.23
CA PRO C 106 -24.15 19.09 47.48
C PRO C 106 -23.02 19.15 46.47
N ASP C 107 -22.49 17.98 46.12
CA ASP C 107 -21.39 17.87 45.17
C ASP C 107 -21.90 18.10 43.76
N LEU C 108 -21.44 19.18 43.13
CA LEU C 108 -21.86 19.53 41.78
C LEU C 108 -21.05 18.83 40.70
N LYS C 109 -19.99 18.12 41.07
CA LYS C 109 -19.13 17.47 40.08
C LYS C 109 -19.93 16.54 39.18
N GLY C 110 -20.58 15.53 39.77
CA GLY C 110 -21.34 14.59 38.97
C GLY C 110 -22.47 15.24 38.19
N ALA C 111 -23.02 16.34 38.71
CA ALA C 111 -24.12 17.01 38.03
C ALA C 111 -23.64 17.69 36.76
N LEU C 112 -22.55 18.45 36.84
CA LEU C 112 -22.01 19.09 35.64
C LEU C 112 -21.51 18.04 34.65
N LEU C 113 -20.76 17.05 35.14
CA LEU C 113 -20.30 15.97 34.28
C LEU C 113 -21.47 15.27 33.59
N SER C 114 -22.62 15.21 34.25
CA SER C 114 -23.81 14.67 33.60
C SER C 114 -24.45 15.68 32.65
N LEU C 115 -24.38 16.98 32.98
CA LEU C 115 -24.96 17.97 32.10
C LEU C 115 -24.12 18.20 30.85
N ILE C 116 -22.80 18.08 30.97
CA ILE C 116 -21.95 18.10 29.78
C ILE C 116 -22.30 16.92 28.88
N GLU C 117 -22.58 15.76 29.48
CA GLU C 117 -22.97 14.60 28.71
C GLU C 117 -24.37 14.77 28.10
N TYR C 118 -25.21 15.58 28.74
CA TYR C 118 -26.57 15.79 28.24
C TYR C 118 -26.55 16.51 26.90
N TYR C 119 -26.03 17.74 26.86
CA TYR C 119 -25.96 18.49 25.61
C TYR C 119 -25.04 17.85 24.59
N GLN C 120 -24.35 16.77 24.95
CA GLN C 120 -23.41 16.08 24.07
C GLN C 120 -22.33 17.04 23.57
N TRP C 121 -21.60 17.61 24.52
CA TRP C 121 -20.46 18.47 24.22
C TRP C 121 -19.19 17.64 24.14
N ASP C 122 -18.46 17.78 23.04
CA ASP C 122 -17.17 17.15 22.88
C ASP C 122 -16.01 18.12 22.97
N LYS C 123 -16.27 19.42 22.85
CA LYS C 123 -15.23 20.45 22.96
C LYS C 123 -15.88 21.70 23.49
N PHE C 124 -15.32 22.26 24.56
CA PHE C 124 -15.89 23.45 25.18
C PHE C 124 -14.80 24.16 25.97
N ALA C 125 -15.12 25.37 26.42
CA ALA C 125 -14.24 26.18 27.24
C ALA C 125 -14.65 26.05 28.70
N TYR C 126 -13.69 25.74 29.56
CA TYR C 126 -13.92 25.62 31.00
C TYR C 126 -13.27 26.81 31.67
N LEU C 127 -14.04 27.88 31.85
CA LEU C 127 -13.57 29.09 32.52
C LEU C 127 -13.78 28.91 34.03
N TYR C 128 -12.69 28.71 34.76
CA TYR C 128 -12.74 28.44 36.19
C TYR C 128 -12.02 29.55 36.94
N ASP C 129 -12.52 29.83 38.15
CA ASP C 129 -11.80 30.66 39.11
C ASP C 129 -11.17 29.75 40.14
N SER C 130 -9.95 30.10 40.55
CA SER C 130 -9.19 29.24 41.45
C SER C 130 -9.65 29.45 42.88
N ASP C 131 -10.89 29.91 43.05
CA ASP C 131 -11.36 30.29 44.37
C ASP C 131 -12.02 29.14 45.13
N ARG C 132 -12.76 28.27 44.44
CA ARG C 132 -13.50 27.20 45.11
C ARG C 132 -12.83 25.85 44.95
N GLY C 133 -11.50 25.82 44.86
CA GLY C 133 -10.79 24.57 44.69
C GLY C 133 -10.94 23.98 43.30
N LEU C 134 -9.93 23.26 42.84
CA LEU C 134 -9.93 22.70 41.48
C LEU C 134 -10.59 21.32 41.43
N SER C 135 -11.65 21.14 42.21
CA SER C 135 -12.36 19.86 42.23
C SER C 135 -13.02 19.58 40.89
N THR C 136 -13.93 20.46 40.48
CA THR C 136 -14.63 20.27 39.20
C THR C 136 -13.70 20.48 38.00
N LEU C 137 -12.60 21.20 38.18
CA LEU C 137 -11.63 21.35 37.09
C LEU C 137 -10.94 20.02 36.79
N GLN C 138 -10.48 19.33 37.85
CA GLN C 138 -9.89 18.02 37.65
C GLN C 138 -10.94 16.96 37.34
N ALA C 139 -12.21 17.25 37.61
CA ALA C 139 -13.26 16.29 37.28
C ALA C 139 -13.53 16.28 35.78
N VAL C 140 -13.60 17.45 35.16
CA VAL C 140 -13.77 17.50 33.71
C VAL C 140 -12.49 17.18 32.97
N LEU C 141 -11.33 17.34 33.61
CA LEU C 141 -10.06 17.00 32.97
C LEU C 141 -9.82 15.50 32.96
N ASP C 142 -10.27 14.79 33.99
CA ASP C 142 -10.16 13.33 33.99
C ASP C 142 -11.20 12.71 33.06
N SER C 143 -12.38 13.31 32.99
CA SER C 143 -13.38 12.88 32.01
C SER C 143 -13.00 13.32 30.60
N ALA C 144 -12.07 14.26 30.46
CA ALA C 144 -11.65 14.75 29.16
C ALA C 144 -10.91 13.69 28.35
N ALA C 145 -10.36 12.66 29.01
CA ALA C 145 -9.72 11.55 28.31
C ALA C 145 -10.56 10.30 28.30
N GLU C 146 -11.33 10.04 29.36
CA GLU C 146 -12.23 8.89 29.37
C GLU C 146 -13.29 9.02 28.28
N LYS C 147 -14.00 10.14 28.26
CA LYS C 147 -15.01 10.40 27.24
C LYS C 147 -14.45 11.16 26.05
N LYS C 148 -13.15 11.50 26.07
CA LYS C 148 -12.44 12.10 24.94
C LYS C 148 -13.04 13.46 24.56
N TRP C 149 -12.91 14.40 25.49
CA TRP C 149 -13.30 15.78 25.25
C TRP C 149 -12.09 16.58 24.78
N GLN C 150 -12.35 17.84 24.40
CA GLN C 150 -11.31 18.79 24.02
C GLN C 150 -11.53 20.07 24.82
N VAL C 151 -11.33 19.95 26.14
CA VAL C 151 -11.59 21.08 27.03
C VAL C 151 -10.47 22.10 26.89
N THR C 152 -10.84 23.37 26.78
CA THR C 152 -9.90 24.48 26.72
C THR C 152 -10.07 25.26 28.02
N ALA C 153 -9.37 24.81 29.06
CA ALA C 153 -9.51 25.40 30.38
C ALA C 153 -8.61 26.62 30.51
N ILE C 154 -9.20 27.74 30.95
CA ILE C 154 -8.49 29.00 31.13
C ILE C 154 -8.73 29.49 32.56
N ASN C 155 -7.66 29.95 33.21
CA ASN C 155 -7.76 30.52 34.55
C ASN C 155 -8.14 31.99 34.44
N VAL C 156 -9.35 32.32 34.89
CA VAL C 156 -9.85 33.68 34.85
C VAL C 156 -9.90 34.31 36.24
N GLY C 157 -9.35 33.64 37.23
CA GLY C 157 -9.35 34.18 38.59
C GLY C 157 -8.30 35.26 38.78
N ASN C 158 -7.11 35.04 38.25
CA ASN C 158 -5.99 35.95 38.43
C ASN C 158 -6.09 37.08 37.41
N ILE C 159 -6.99 38.02 37.68
CA ILE C 159 -7.19 39.21 36.87
C ILE C 159 -7.44 40.39 37.80
N ASN C 160 -6.92 41.55 37.42
CA ASN C 160 -7.13 42.78 38.17
C ASN C 160 -8.40 43.48 37.66
N ASN C 161 -9.03 44.24 38.57
CA ASN C 161 -10.33 44.84 38.25
C ASN C 161 -10.22 46.13 37.46
N ASP C 162 -9.06 46.79 37.44
CA ASP C 162 -8.91 48.01 36.64
C ASP C 162 -8.78 47.67 35.16
N LYS C 163 -7.86 46.75 34.82
CA LYS C 163 -7.72 46.24 33.47
C LYS C 163 -8.75 45.15 33.14
N LYS C 164 -9.84 45.08 33.90
CA LYS C 164 -10.83 44.03 33.69
C LYS C 164 -11.50 44.16 32.33
N ASP C 165 -11.64 45.38 31.81
CA ASP C 165 -12.24 45.56 30.50
C ASP C 165 -11.33 45.10 29.38
N GLU C 166 -10.01 45.14 29.61
CA GLU C 166 -9.06 44.80 28.55
C GLU C 166 -8.63 43.34 28.58
N THR C 167 -8.45 42.76 29.76
CA THR C 167 -8.09 41.35 29.83
C THR C 167 -9.27 40.45 29.46
N TYR C 168 -10.49 40.87 29.77
CA TYR C 168 -11.66 40.09 29.37
C TYR C 168 -11.83 40.08 27.85
N ARG C 169 -11.69 41.24 27.22
CA ARG C 169 -11.67 41.26 25.76
C ARG C 169 -10.45 40.54 25.20
N SER C 170 -9.41 40.33 26.02
CA SER C 170 -8.26 39.56 25.60
C SER C 170 -8.52 38.06 25.70
N LEU C 171 -9.37 37.63 26.63
CA LEU C 171 -9.69 36.21 26.77
C LEU C 171 -10.55 35.74 25.61
N PHE C 172 -11.60 36.51 25.27
CA PHE C 172 -12.52 36.08 24.22
C PHE C 172 -11.90 36.14 22.83
N GLN C 173 -10.80 36.86 22.66
CA GLN C 173 -10.08 36.83 21.39
C GLN C 173 -9.11 35.66 21.30
N ASP C 174 -8.93 34.90 22.39
CA ASP C 174 -8.30 33.60 22.32
C ASP C 174 -9.31 32.50 22.01
N LEU C 175 -10.53 32.64 22.51
CA LEU C 175 -11.59 31.66 22.32
C LEU C 175 -12.27 31.79 20.96
N GLU C 176 -11.86 32.75 20.13
CA GLU C 176 -12.34 32.85 18.75
C GLU C 176 -11.43 32.13 17.77
N LEU C 177 -10.21 31.80 18.18
CA LEU C 177 -9.32 31.01 17.33
C LEU C 177 -9.86 29.61 17.09
N LYS C 178 -10.58 29.06 18.07
CA LYS C 178 -11.28 27.80 17.92
C LYS C 178 -12.74 27.98 17.53
N LYS C 179 -13.19 29.23 17.34
CA LYS C 179 -14.60 29.54 17.12
C LYS C 179 -15.46 28.93 18.21
N GLU C 180 -15.02 29.06 19.45
CA GLU C 180 -15.72 28.46 20.58
C GLU C 180 -17.08 29.12 20.77
N ARG C 181 -18.14 28.31 20.81
CA ARG C 181 -19.47 28.78 21.11
C ARG C 181 -20.05 28.19 22.38
N ARG C 182 -19.35 27.26 23.03
CA ARG C 182 -19.83 26.59 24.23
C ARG C 182 -18.82 26.85 25.34
N VAL C 183 -19.28 27.52 26.41
CA VAL C 183 -18.42 27.95 27.50
C VAL C 183 -19.06 27.55 28.83
N ILE C 184 -18.32 26.82 29.65
CA ILE C 184 -18.76 26.45 30.98
C ILE C 184 -18.14 27.43 31.96
N LEU C 185 -18.96 28.27 32.57
CA LEU C 185 -18.51 29.23 33.57
C LEU C 185 -18.57 28.56 34.95
N ASP C 186 -17.40 28.27 35.50
CA ASP C 186 -17.27 27.70 36.84
C ASP C 186 -16.64 28.80 37.71
N CYS C 187 -17.47 29.75 38.12
CA CYS C 187 -17.02 30.90 38.88
C CYS C 187 -18.05 31.21 39.97
N GLU C 188 -17.81 32.30 40.69
CA GLU C 188 -18.62 32.66 41.85
C GLU C 188 -19.88 33.41 41.43
N ARG C 189 -20.72 33.69 42.43
CA ARG C 189 -21.95 34.44 42.16
C ARG C 189 -21.65 35.79 41.54
N ASP C 190 -20.59 36.46 42.02
CA ASP C 190 -20.30 37.81 41.56
C ASP C 190 -19.37 37.82 40.36
N LYS C 191 -18.44 36.87 40.29
CA LYS C 191 -17.51 36.83 39.17
C LYS C 191 -18.22 36.50 37.86
N VAL C 192 -19.38 35.84 37.91
CA VAL C 192 -20.16 35.58 36.71
C VAL C 192 -20.73 36.89 36.15
N ASN C 193 -21.27 37.74 37.02
CA ASN C 193 -21.86 38.99 36.58
C ASN C 193 -20.84 39.94 35.95
N ASP C 194 -19.56 39.74 36.22
CA ASP C 194 -18.53 40.53 35.55
C ASP C 194 -18.18 39.95 34.18
N ILE C 195 -18.24 38.63 34.03
CA ILE C 195 -18.06 38.01 32.72
C ILE C 195 -19.29 38.23 31.85
N VAL C 196 -20.49 38.10 32.45
CA VAL C 196 -21.72 38.30 31.71
C VAL C 196 -21.81 39.74 31.19
N ASP C 197 -21.44 40.71 32.03
CA ASP C 197 -21.42 42.10 31.57
C ASP C 197 -20.42 42.31 30.43
N GLN C 198 -19.39 41.47 30.35
CA GLN C 198 -18.41 41.58 29.28
C GLN C 198 -18.79 40.79 28.04
N VAL C 199 -19.62 39.75 28.18
CA VAL C 199 -20.09 39.01 27.01
C VAL C 199 -21.01 39.90 26.17
N ILE C 200 -21.89 40.65 26.82
CA ILE C 200 -22.79 41.56 26.10
C ILE C 200 -21.99 42.69 25.45
N THR C 201 -20.92 43.15 26.10
CA THR C 201 -20.15 44.27 25.56
C THR C 201 -19.52 43.92 24.22
N ILE C 202 -18.97 42.71 24.10
CA ILE C 202 -18.41 42.28 22.82
C ILE C 202 -19.47 41.70 21.90
N GLY C 203 -20.63 41.33 22.42
CA GLY C 203 -21.73 40.86 21.61
C GLY C 203 -21.84 39.37 21.42
N LYS C 204 -21.30 38.57 22.32
CA LYS C 204 -21.29 37.11 22.17
C LYS C 204 -22.44 36.45 22.92
N HIS C 205 -23.66 37.00 22.79
CA HIS C 205 -24.84 36.39 23.37
C HIS C 205 -25.95 36.22 22.34
N VAL C 206 -25.61 36.21 21.05
CA VAL C 206 -26.59 36.05 19.98
C VAL C 206 -26.85 34.56 19.76
N LYS C 207 -27.75 34.24 18.84
CA LYS C 207 -28.02 32.85 18.49
C LYS C 207 -26.76 32.18 17.98
N GLY C 208 -26.34 31.11 18.64
CA GLY C 208 -25.14 30.40 18.27
C GLY C 208 -24.28 30.01 19.45
N TYR C 209 -24.30 30.83 20.50
CA TYR C 209 -23.54 30.56 21.70
C TYR C 209 -24.39 29.79 22.71
N HIS C 210 -23.74 29.35 23.79
CA HIS C 210 -24.40 28.61 24.86
C HIS C 210 -23.49 28.56 26.07
N TYR C 211 -24.01 28.92 27.25
CA TYR C 211 -23.19 29.04 28.44
C TYR C 211 -23.77 28.21 29.57
N ILE C 212 -22.89 27.66 30.40
CA ILE C 212 -23.24 26.83 31.54
C ILE C 212 -22.63 27.45 32.79
N ILE C 213 -23.48 28.00 33.65
CA ILE C 213 -23.03 28.58 34.92
C ILE C 213 -22.93 27.43 35.92
N ALA C 214 -21.72 26.90 36.10
CA ALA C 214 -21.49 25.70 36.90
C ALA C 214 -21.45 26.03 38.40
N ASN C 215 -22.56 26.57 38.89
CA ASN C 215 -22.74 26.84 40.30
C ASN C 215 -24.15 26.45 40.71
N LEU C 216 -24.40 26.43 42.02
CA LEU C 216 -25.68 26.01 42.55
C LEU C 216 -26.70 27.13 42.64
N GLY C 217 -26.36 28.35 42.21
CA GLY C 217 -27.28 29.46 42.31
C GLY C 217 -27.51 30.14 40.98
N PHE C 218 -28.30 29.51 40.11
CA PHE C 218 -28.55 30.08 38.79
C PHE C 218 -29.43 31.32 38.89
N THR C 219 -30.54 31.22 39.62
CA THR C 219 -31.46 32.34 39.77
C THR C 219 -30.96 33.39 40.75
N ASP C 220 -29.79 33.20 41.35
CA ASP C 220 -29.26 34.22 42.26
C ASP C 220 -28.76 35.43 41.48
N GLY C 221 -27.87 35.22 40.51
CA GLY C 221 -27.36 36.31 39.72
C GLY C 221 -28.37 36.84 38.72
N ASP C 222 -28.09 38.04 38.22
CA ASP C 222 -28.98 38.66 37.25
C ASP C 222 -28.92 37.91 35.92
N LEU C 223 -30.07 37.50 35.41
CA LEU C 223 -30.16 36.75 34.18
C LEU C 223 -30.95 37.44 33.08
N LEU C 224 -31.63 38.56 33.38
CA LEU C 224 -32.46 39.24 32.40
C LEU C 224 -31.65 40.04 31.38
N LYS C 225 -30.35 40.21 31.60
CA LYS C 225 -29.54 40.97 30.66
C LYS C 225 -29.08 40.15 29.46
N ILE C 226 -29.04 38.82 29.59
CA ILE C 226 -28.72 37.93 28.49
C ILE C 226 -29.91 37.07 28.08
N GLN C 227 -31.06 37.23 28.74
CA GLN C 227 -32.21 36.37 28.48
C GLN C 227 -32.71 36.54 27.06
N PHE C 228 -32.67 37.77 26.53
CA PHE C 228 -33.19 38.07 25.20
C PHE C 228 -32.09 38.24 24.16
N GLY C 229 -30.91 37.66 24.40
CA GLY C 229 -29.84 37.72 23.43
C GLY C 229 -30.03 36.73 22.30
N GLY C 230 -30.33 35.48 22.65
CA GLY C 230 -30.49 34.42 21.66
C GLY C 230 -29.71 33.18 22.03
N ALA C 231 -28.51 33.37 22.58
CA ALA C 231 -27.71 32.24 23.02
C ALA C 231 -28.37 31.55 24.22
N GLU C 232 -28.31 30.22 24.23
CA GLU C 232 -28.88 29.47 25.33
C GLU C 232 -27.99 29.60 26.56
N VAL C 233 -28.61 29.51 27.74
CA VAL C 233 -27.90 29.56 29.01
C VAL C 233 -28.49 28.47 29.90
N SER C 234 -27.62 27.80 30.66
CA SER C 234 -28.03 26.72 31.54
C SER C 234 -27.25 26.80 32.84
N GLY C 235 -27.79 26.15 33.87
CA GLY C 235 -27.14 26.16 35.16
C GLY C 235 -27.72 25.12 36.08
N PHE C 236 -27.54 25.34 37.38
CA PHE C 236 -28.01 24.44 38.41
C PHE C 236 -28.72 25.24 39.50
N GLN C 237 -29.59 24.55 40.24
CA GLN C 237 -30.36 25.17 41.30
C GLN C 237 -30.56 24.17 42.44
N ILE C 238 -30.54 24.68 43.67
CA ILE C 238 -30.73 23.84 44.84
C ILE C 238 -31.96 24.24 45.66
N VAL C 239 -32.52 25.42 45.45
CA VAL C 239 -33.66 25.91 46.22
C VAL C 239 -34.88 25.83 45.31
N ASP C 240 -35.67 24.76 45.48
CA ASP C 240 -36.90 24.58 44.71
C ASP C 240 -37.96 25.53 45.26
N TYR C 241 -38.26 26.60 44.52
CA TYR C 241 -39.26 27.56 44.95
C TYR C 241 -40.69 27.09 44.71
N ASP C 242 -40.87 26.00 43.94
CA ASP C 242 -42.19 25.42 43.77
C ASP C 242 -42.56 24.46 44.89
N ASP C 243 -41.63 24.12 45.78
CA ASP C 243 -41.93 23.27 46.90
C ASP C 243 -42.82 23.99 47.91
N SER C 244 -43.54 23.20 48.70
CA SER C 244 -44.43 23.78 49.71
C SER C 244 -43.67 24.25 50.94
N LEU C 245 -42.59 23.55 51.31
CA LEU C 245 -41.79 23.99 52.46
C LEU C 245 -41.06 25.29 52.15
N VAL C 246 -40.63 25.49 50.90
CA VAL C 246 -39.96 26.73 50.54
C VAL C 246 -40.98 27.85 50.30
N SER C 247 -42.16 27.52 49.75
CA SER C 247 -43.16 28.55 49.49
C SER C 247 -43.67 29.19 50.78
N LYS C 248 -43.65 28.46 51.89
CA LYS C 248 -44.05 29.04 53.16
C LYS C 248 -42.93 29.86 53.78
N PHE C 249 -41.67 29.42 53.61
CA PHE C 249 -40.54 30.22 54.06
C PHE C 249 -40.44 31.52 53.27
N ILE C 250 -40.76 31.48 51.98
CA ILE C 250 -40.77 32.69 51.17
C ILE C 250 -41.87 33.62 51.64
N GLU C 251 -43.01 33.07 52.07
CA GLU C 251 -44.08 33.89 52.62
C GLU C 251 -43.63 34.67 53.84
N ARG C 252 -42.70 34.12 54.62
CA ARG C 252 -42.20 34.78 55.81
C ARG C 252 -40.90 35.54 55.58
N TRP C 253 -40.04 35.06 54.69
CA TRP C 253 -38.76 35.73 54.45
C TRP C 253 -38.96 37.08 53.78
N SER C 254 -39.80 37.13 52.74
CA SER C 254 -39.99 38.34 51.95
C SER C 254 -40.71 39.44 52.72
N THR C 255 -41.20 39.17 53.93
CA THR C 255 -41.97 40.13 54.70
C THR C 255 -41.18 40.77 55.83
N LEU C 256 -39.88 40.49 55.93
CA LEU C 256 -39.08 41.05 57.01
C LEU C 256 -38.61 42.47 56.66
N GLU C 257 -38.21 43.21 57.69
CA GLU C 257 -37.66 44.54 57.49
C GLU C 257 -36.18 44.44 57.18
N GLU C 258 -35.73 45.25 56.22
CA GLU C 258 -34.36 45.19 55.73
C GLU C 258 -33.37 45.89 56.65
N LYS C 259 -33.84 46.71 57.60
CA LYS C 259 -32.92 47.40 58.49
C LYS C 259 -32.29 46.43 59.50
N GLU C 260 -33.06 45.45 59.98
CA GLU C 260 -32.55 44.46 60.91
C GLU C 260 -31.96 43.25 60.19
N TYR C 261 -32.62 42.77 59.13
CA TYR C 261 -32.11 41.65 58.34
C TYR C 261 -31.57 42.19 57.02
N PRO C 262 -30.27 42.45 56.91
CA PRO C 262 -29.73 43.00 55.66
C PRO C 262 -29.80 41.99 54.52
N GLY C 263 -30.32 42.44 53.39
CA GLY C 263 -30.45 41.59 52.22
C GLY C 263 -31.43 40.45 52.40
N ALA C 264 -32.63 40.77 52.88
CA ALA C 264 -33.64 39.76 53.15
C ALA C 264 -35.03 40.11 52.64
N HIS C 265 -35.25 41.33 52.15
CA HIS C 265 -36.59 41.74 51.70
C HIS C 265 -36.79 41.44 50.22
N THR C 266 -36.58 40.17 49.85
CA THR C 266 -36.86 39.69 48.50
C THR C 266 -37.50 38.31 48.59
N ALA C 267 -38.04 37.85 47.47
CA ALA C 267 -38.67 36.54 47.39
C ALA C 267 -37.69 35.45 46.98
N THR C 268 -36.43 35.78 46.72
CA THR C 268 -35.40 34.82 46.38
C THR C 268 -34.32 34.83 47.46
N ILE C 269 -33.57 33.73 47.52
CA ILE C 269 -32.53 33.55 48.52
C ILE C 269 -31.34 32.86 47.86
N LYS C 270 -30.14 33.36 48.12
CA LYS C 270 -28.94 32.74 47.57
C LYS C 270 -28.72 31.36 48.17
N TYR C 271 -28.14 30.47 47.37
CA TYR C 271 -27.99 29.08 47.80
C TYR C 271 -27.10 28.97 49.03
N THR C 272 -26.09 29.84 49.14
CA THR C 272 -25.27 29.85 50.35
C THR C 272 -26.10 30.20 51.58
N SER C 273 -27.12 31.04 51.41
CA SER C 273 -27.95 31.45 52.54
C SER C 273 -28.95 30.37 52.93
N ALA C 274 -29.56 29.70 51.93
CA ALA C 274 -30.54 28.67 52.23
C ALA C 274 -29.91 27.51 52.99
N LEU C 275 -28.66 27.17 52.67
CA LEU C 275 -27.98 26.11 53.39
C LEU C 275 -27.71 26.50 54.84
N THR C 276 -27.53 27.79 55.11
CA THR C 276 -27.32 28.25 56.48
C THR C 276 -28.56 28.02 57.32
N TYR C 277 -29.73 28.43 56.83
CA TYR C 277 -30.97 28.20 57.56
C TYR C 277 -31.21 26.71 57.78
N ASP C 278 -30.89 25.88 56.77
CA ASP C 278 -31.01 24.45 56.95
C ASP C 278 -29.97 23.91 57.92
N ALA C 279 -28.82 24.57 58.02
CA ALA C 279 -27.78 24.12 58.94
C ALA C 279 -28.21 24.28 60.39
N VAL C 280 -29.11 25.24 60.67
CA VAL C 280 -29.60 25.40 62.04
C VAL C 280 -30.55 24.26 62.40
N GLN C 281 -31.41 23.87 61.46
CA GLN C 281 -32.30 22.74 61.69
C GLN C 281 -31.52 21.45 61.90
N VAL C 282 -30.35 21.31 61.28
CA VAL C 282 -29.53 20.13 61.48
C VAL C 282 -28.87 20.16 62.85
N MET C 283 -28.48 21.35 63.32
CA MET C 283 -27.88 21.46 64.64
C MET C 283 -28.94 21.46 65.73
N THR C 284 -30.17 21.87 65.41
CA THR C 284 -31.24 21.82 66.39
C THR C 284 -31.65 20.38 66.69
N GLU C 285 -31.96 19.60 65.65
CA GLU C 285 -32.31 18.20 65.84
C GLU C 285 -31.15 17.36 66.33
N ALA C 286 -29.91 17.82 66.14
CA ALA C 286 -28.76 17.06 66.60
C ALA C 286 -28.70 17.00 68.12
N PHE C 287 -28.71 18.17 68.77
CA PHE C 287 -28.69 18.20 70.23
C PHE C 287 -30.01 17.74 70.84
N ARG C 288 -31.08 17.68 70.04
CA ARG C 288 -32.37 17.21 70.55
C ARG C 288 -32.37 15.70 70.73
N ASN C 289 -31.81 14.96 69.79
CA ASN C 289 -31.75 13.51 69.91
C ASN C 289 -30.75 13.08 70.97
N LEU C 290 -29.70 13.87 71.21
CA LEU C 290 -28.80 13.60 72.31
C LEU C 290 -29.52 13.63 73.65
N ARG C 291 -30.56 14.46 73.76
CA ARG C 291 -31.40 14.44 74.96
C ARG C 291 -32.20 13.15 75.04
N LYS C 292 -32.70 12.66 73.90
CA LYS C 292 -33.58 11.50 73.86
C LYS C 292 -32.83 10.18 73.78
N GLN C 293 -31.52 10.20 73.56
CA GLN C 293 -30.71 8.99 73.58
C GLN C 293 -30.01 8.78 74.91
N ARG C 294 -30.24 9.67 75.89
CA ARG C 294 -29.58 9.62 77.20
C ARG C 294 -28.05 9.65 77.04
N ILE C 295 -27.58 10.60 76.24
CA ILE C 295 -26.15 10.82 76.02
C ILE C 295 -25.84 12.23 76.51
N GLU C 296 -25.06 12.33 77.58
CA GLU C 296 -24.69 13.62 78.15
C GLU C 296 -23.45 14.15 77.45
N ILE C 297 -23.46 15.46 77.17
CA ILE C 297 -22.42 16.09 76.36
C ILE C 297 -21.85 17.35 77.02
N SER C 298 -22.28 17.70 78.23
CA SER C 298 -21.82 18.93 78.85
C SER C 298 -20.31 18.87 79.09
N ARG C 299 -19.67 20.03 79.07
CA ARG C 299 -18.22 20.11 79.15
C ARG C 299 -17.74 19.87 80.58
N ARG C 300 -16.65 19.12 80.71
CA ARG C 300 -16.07 18.85 82.02
C ARG C 300 -15.52 20.13 82.66
N GLY C 301 -14.85 20.96 81.87
CA GLY C 301 -14.33 22.21 82.38
C GLY C 301 -13.89 23.11 81.26
N ASN C 302 -12.96 24.01 81.58
CA ASN C 302 -12.40 24.88 80.56
C ASN C 302 -11.58 24.08 79.57
N ALA C 303 -11.83 24.29 78.28
CA ALA C 303 -11.09 23.55 77.26
C ALA C 303 -9.62 23.97 77.22
N GLY C 304 -9.32 25.20 77.65
CA GLY C 304 -7.94 25.64 77.73
C GLY C 304 -7.40 26.19 76.42
N ASP C 305 -6.16 25.85 76.11
CA ASP C 305 -5.47 26.36 74.92
C ASP C 305 -5.52 25.33 73.81
N CYS C 306 -5.76 25.81 72.58
CA CYS C 306 -5.79 24.91 71.42
C CYS C 306 -4.42 24.33 71.13
N LEU C 307 -3.35 25.08 71.39
CA LEU C 307 -1.98 24.62 71.19
C LEU C 307 -1.49 23.74 72.34
N ALA C 308 -2.40 23.13 73.09
CA ALA C 308 -2.01 22.29 74.21
C ALA C 308 -1.19 21.11 73.73
N ASN C 309 0.03 20.99 74.24
CA ASN C 309 0.92 19.90 73.85
C ASN C 309 1.25 19.01 75.05
N PRO C 310 0.90 17.73 74.97
CA PRO C 310 0.18 17.08 73.86
C PRO C 310 -1.30 17.45 73.81
N ALA C 311 -1.94 17.18 72.68
CA ALA C 311 -3.33 17.56 72.47
C ALA C 311 -4.25 16.44 72.95
N VAL C 312 -5.10 16.76 73.92
CA VAL C 312 -6.09 15.82 74.44
C VAL C 312 -7.43 16.14 73.80
N PRO C 313 -8.05 15.20 73.09
CA PRO C 313 -9.37 15.46 72.50
C PRO C 313 -10.50 15.08 73.44
N TRP C 314 -11.48 15.96 73.60
CA TRP C 314 -12.60 15.67 74.49
C TRP C 314 -13.43 14.51 73.94
N GLY C 315 -13.82 13.61 74.84
CA GLY C 315 -14.41 12.35 74.41
C GLY C 315 -15.80 12.49 73.83
N GLN C 316 -16.59 13.44 74.34
CA GLN C 316 -17.96 13.63 73.85
C GLN C 316 -18.00 14.37 72.52
N GLY C 317 -16.86 14.64 71.89
CA GLY C 317 -16.87 15.22 70.57
C GLY C 317 -17.09 14.20 69.47
N VAL C 318 -16.67 12.96 69.69
CA VAL C 318 -16.93 11.90 68.73
C VAL C 318 -18.40 11.51 68.72
N GLU C 319 -19.13 11.83 69.80
CA GLU C 319 -20.57 11.56 69.83
C GLU C 319 -21.38 12.65 69.14
N ILE C 320 -20.88 13.89 69.15
CA ILE C 320 -21.57 14.96 68.44
C ILE C 320 -21.44 14.78 66.93
N GLU C 321 -20.28 14.32 66.48
CA GLU C 321 -20.10 14.02 65.06
C GLU C 321 -21.09 12.95 64.60
N ARG C 322 -21.23 11.88 65.40
CA ARG C 322 -22.19 10.83 65.06
C ARG C 322 -23.63 11.34 65.10
N ALA C 323 -23.90 12.33 65.96
CA ALA C 323 -25.25 12.86 66.06
C ALA C 323 -25.61 13.71 64.85
N LEU C 324 -24.69 14.57 64.40
CA LEU C 324 -24.98 15.44 63.28
C LEU C 324 -25.14 14.67 61.98
N LYS C 325 -24.27 13.68 61.74
CA LYS C 325 -24.26 12.97 60.47
C LYS C 325 -25.44 12.02 60.31
N GLN C 326 -26.18 11.72 61.37
CA GLN C 326 -27.32 10.84 61.29
C GLN C 326 -28.65 11.57 61.21
N VAL C 327 -28.63 12.90 61.16
CA VAL C 327 -29.86 13.68 61.06
C VAL C 327 -30.37 13.65 59.63
N GLN C 328 -31.68 13.51 59.47
CA GLN C 328 -32.32 13.56 58.15
C GLN C 328 -33.66 14.27 58.31
N VAL C 329 -33.72 15.52 57.86
CA VAL C 329 -34.95 16.31 57.86
C VAL C 329 -35.06 17.02 56.51
N GLU C 330 -36.20 17.67 56.30
CA GLU C 330 -36.47 18.38 55.06
C GLU C 330 -36.12 19.85 55.23
N GLY C 331 -35.35 20.40 54.29
CA GLY C 331 -34.98 21.79 54.32
C GLY C 331 -35.19 22.48 52.99
N LEU C 332 -34.57 23.65 52.81
CA LEU C 332 -34.71 24.39 51.56
C LEU C 332 -33.92 23.78 50.42
N SER C 333 -33.00 22.86 50.71
CA SER C 333 -32.21 22.16 49.69
C SER C 333 -32.77 20.79 49.36
N GLY C 334 -34.02 20.53 49.72
CA GLY C 334 -34.61 19.23 49.48
C GLY C 334 -34.32 18.24 50.60
N ASN C 335 -34.00 17.00 50.23
CA ASN C 335 -33.69 15.96 51.21
C ASN C 335 -32.27 16.15 51.71
N ILE C 336 -32.13 16.42 53.01
CA ILE C 336 -30.84 16.71 53.62
C ILE C 336 -30.38 15.45 54.35
N LYS C 337 -29.33 14.81 53.84
CA LYS C 337 -28.79 13.60 54.43
C LYS C 337 -27.29 13.52 54.13
N PHE C 338 -26.53 13.07 55.12
CA PHE C 338 -25.08 12.99 55.01
C PHE C 338 -24.64 11.53 55.08
N ASP C 339 -23.37 11.31 54.72
CA ASP C 339 -22.74 10.00 54.79
C ASP C 339 -21.75 10.00 55.96
N GLN C 340 -20.82 9.03 55.94
CA GLN C 340 -19.86 8.91 57.03
C GLN C 340 -18.79 9.98 56.99
N ASN C 341 -18.56 10.59 55.83
CA ASN C 341 -17.51 11.60 55.69
C ASN C 341 -18.07 13.03 55.67
N GLY C 342 -19.38 13.19 55.52
CA GLY C 342 -20.03 14.48 55.58
C GLY C 342 -20.63 14.96 54.28
N LYS C 343 -20.46 14.23 53.20
CA LYS C 343 -20.98 14.65 51.91
C LYS C 343 -22.50 14.57 51.88
N ARG C 344 -23.12 15.48 51.14
CA ARG C 344 -24.55 15.38 50.89
C ARG C 344 -24.83 14.17 49.99
N ILE C 345 -25.82 13.38 50.37
CA ILE C 345 -26.27 12.23 49.60
C ILE C 345 -27.78 12.32 49.48
N ASN C 346 -28.34 11.48 48.59
CA ASN C 346 -29.79 11.34 48.49
C ASN C 346 -30.47 12.66 48.13
N TYR C 347 -29.74 13.53 47.43
CA TYR C 347 -30.14 14.92 47.24
C TYR C 347 -30.64 15.16 45.82
N THR C 348 -31.08 16.39 45.57
CA THR C 348 -31.75 16.76 44.34
C THR C 348 -31.22 18.10 43.85
N ILE C 349 -30.57 18.10 42.69
CA ILE C 349 -30.09 19.32 42.05
C ILE C 349 -30.90 19.51 40.77
N ASN C 350 -31.83 20.46 40.79
CA ASN C 350 -32.59 20.78 39.61
C ASN C 350 -31.72 21.53 38.61
N ILE C 351 -31.91 21.22 37.33
CA ILE C 351 -31.14 21.84 36.25
C ILE C 351 -32.03 22.86 35.55
N MET C 352 -31.55 24.09 35.44
CA MET C 352 -32.32 25.20 34.91
C MET C 352 -31.88 25.54 33.49
N GLU C 353 -32.78 26.15 32.75
CA GLU C 353 -32.49 26.72 31.44
C GLU C 353 -33.10 28.11 31.35
N LEU C 354 -32.53 28.94 30.47
CA LEU C 354 -32.96 30.31 30.29
C LEU C 354 -33.52 30.47 28.88
N LYS C 355 -34.85 30.51 28.76
CA LYS C 355 -35.51 30.74 27.49
C LYS C 355 -35.84 32.22 27.32
N THR C 356 -36.94 32.52 26.64
CA THR C 356 -37.39 33.89 26.50
C THR C 356 -38.29 34.33 27.65
N ASN C 357 -39.01 33.41 28.28
CA ASN C 357 -39.91 33.72 29.38
C ASN C 357 -39.25 33.59 30.74
N GLY C 358 -37.94 33.35 30.79
CA GLY C 358 -37.22 33.33 32.04
C GLY C 358 -36.61 31.97 32.34
N PRO C 359 -36.15 31.79 33.58
CA PRO C 359 -35.57 30.50 33.99
C PRO C 359 -36.67 29.48 34.26
N ARG C 360 -36.50 28.28 33.71
CA ARG C 360 -37.53 27.25 33.77
C ARG C 360 -36.92 25.95 34.28
N LYS C 361 -37.60 25.30 35.22
CA LYS C 361 -37.15 24.02 35.74
C LYS C 361 -37.20 22.98 34.63
N ILE C 362 -36.03 22.49 34.21
CA ILE C 362 -35.94 21.53 33.13
C ILE C 362 -35.11 20.30 33.51
N GLY C 363 -34.55 20.25 34.72
CA GLY C 363 -33.68 19.16 35.10
C GLY C 363 -33.90 18.73 36.55
N TYR C 364 -33.11 17.72 36.94
CA TYR C 364 -33.31 17.00 38.19
C TYR C 364 -32.24 15.92 38.30
N TRP C 365 -31.26 16.10 39.19
CA TRP C 365 -30.09 15.23 39.25
C TRP C 365 -29.98 14.62 40.65
N SER C 366 -29.84 13.31 40.69
CA SER C 366 -29.64 12.56 41.92
C SER C 366 -28.29 11.85 41.87
N GLU C 367 -27.86 11.32 43.02
CA GLU C 367 -26.60 10.59 43.08
C GLU C 367 -26.73 9.18 42.50
N VAL C 368 -27.95 8.66 42.39
CA VAL C 368 -28.17 7.32 41.83
C VAL C 368 -28.69 7.45 40.41
N ASP C 369 -29.44 8.50 40.13
CA ASP C 369 -30.05 8.74 38.83
C ASP C 369 -29.65 10.11 38.32
N LYS C 370 -29.19 10.18 37.08
CA LYS C 370 -28.73 11.42 36.48
C LYS C 370 -29.67 11.81 35.34
N MET C 371 -30.18 13.05 35.40
CA MET C 371 -30.89 13.69 34.29
C MET C 371 -32.26 13.06 34.01
N VAL C 372 -33.32 13.76 34.39
CA VAL C 372 -34.70 13.36 34.07
C VAL C 372 -35.64 14.49 34.45
N LEU C 373 -36.65 14.75 33.63
CA LEU C 373 -37.58 15.84 33.89
C LEU C 373 -39.00 15.41 33.52
N THR C 374 -39.94 15.74 34.40
CA THR C 374 -41.35 15.69 34.02
C THR C 374 -41.57 16.62 32.85
N GLU C 375 -41.65 16.07 31.63
CA GLU C 375 -41.65 16.87 30.40
C GLU C 375 -42.84 17.83 30.33
N ASP C 376 -43.85 17.67 31.19
CA ASP C 376 -44.97 18.61 31.19
C ASP C 376 -44.54 20.02 31.54
N ASP C 377 -43.36 20.18 32.17
CA ASP C 377 -42.87 21.52 32.50
C ASP C 377 -42.44 22.28 31.24
N THR C 378 -41.59 21.67 30.44
CA THR C 378 -41.08 22.30 29.23
C THR C 378 -41.90 21.92 28.00
N SER C 379 -42.36 22.91 27.24
CA SER C 379 -42.05 24.32 27.53
C SER C 379 -43.17 25.06 28.27
N GLY C 380 -44.42 25.07 27.80
CA GLY C 380 -44.87 24.47 26.55
C GLY C 380 -45.43 25.53 25.61
N LEU C 381 -44.72 26.64 25.48
CA LEU C 381 -45.19 27.75 24.65
C LEU C 381 -45.21 27.35 23.17
N GLU C 382 -44.22 26.56 22.73
CA GLU C 382 -44.09 26.13 21.35
C GLU C 382 -44.03 27.34 20.40
N GLN C 383 -42.98 28.15 20.60
CA GLN C 383 -42.73 29.35 19.79
C GLN C 383 -41.27 29.34 19.41
N LYS C 384 -40.96 28.87 18.19
CA LYS C 384 -39.60 28.77 17.70
C LYS C 384 -39.44 29.53 16.40
N THR C 385 -38.29 30.16 16.23
CA THR C 385 -37.93 30.82 14.98
C THR C 385 -36.70 30.12 14.39
N VAL C 386 -36.87 29.57 13.19
CA VAL C 386 -35.84 28.75 12.57
C VAL C 386 -35.02 29.61 11.61
N VAL C 387 -33.71 29.59 11.78
CA VAL C 387 -32.79 30.36 10.95
C VAL C 387 -32.36 29.48 9.78
N VAL C 388 -32.65 29.94 8.56
CA VAL C 388 -32.32 29.21 7.34
C VAL C 388 -31.30 30.03 6.56
N THR C 389 -30.21 29.39 6.14
CA THR C 389 -29.17 30.05 5.37
C THR C 389 -29.12 29.46 3.96
N THR C 390 -28.82 30.32 2.98
CA THR C 390 -28.68 29.90 1.60
C THR C 390 -27.85 30.96 0.88
N ILE C 391 -27.62 30.73 -0.41
CA ILE C 391 -26.74 31.60 -1.20
C ILE C 391 -27.52 32.10 -2.41
N LEU C 392 -27.09 33.24 -2.95
CA LEU C 392 -27.71 33.86 -4.11
C LEU C 392 -27.06 33.33 -5.38
N GLU C 393 -27.79 32.52 -6.13
CA GLU C 393 -27.32 32.02 -7.42
C GLU C 393 -28.52 31.50 -8.20
N SER C 394 -28.73 32.01 -9.40
CA SER C 394 -29.83 31.55 -10.23
C SER C 394 -29.66 30.08 -10.59
N PRO C 395 -30.77 29.33 -10.65
CA PRO C 395 -32.13 29.78 -10.33
C PRO C 395 -32.62 29.29 -8.97
N TYR C 396 -31.71 28.86 -8.10
CA TYR C 396 -32.11 28.29 -6.83
C TYR C 396 -32.69 29.36 -5.90
N VAL C 397 -32.04 30.51 -5.82
CA VAL C 397 -32.51 31.64 -5.02
C VAL C 397 -32.15 32.92 -5.75
N MET C 398 -33.14 33.81 -5.92
CA MET C 398 -32.94 35.06 -6.64
C MET C 398 -33.72 36.18 -5.94
N MET C 399 -33.61 37.38 -6.49
CA MET C 399 -34.33 38.55 -6.01
C MET C 399 -35.27 39.06 -7.10
N LYS C 400 -36.40 39.64 -6.68
CA LYS C 400 -37.39 40.11 -7.62
C LYS C 400 -37.03 41.50 -8.14
N LYS C 401 -37.62 41.86 -9.28
CA LYS C 401 -37.38 43.17 -9.88
C LYS C 401 -37.85 44.30 -8.98
N ASN C 402 -38.81 44.05 -8.09
CA ASN C 402 -39.28 45.05 -7.14
C ASN C 402 -38.89 44.66 -5.72
N HIS C 403 -37.61 44.45 -5.49
CA HIS C 403 -37.15 44.03 -4.16
C HIS C 403 -37.10 45.19 -3.18
N GLU C 404 -36.85 46.42 -3.67
CA GLU C 404 -36.86 47.57 -2.79
C GLU C 404 -38.23 47.78 -2.15
N MET C 405 -39.29 47.58 -2.94
CA MET C 405 -40.65 47.83 -2.51
C MET C 405 -41.29 46.65 -1.79
N LEU C 406 -40.48 45.68 -1.36
CA LEU C 406 -40.97 44.49 -0.65
C LEU C 406 -40.12 44.26 0.59
N GLU C 407 -40.51 43.27 1.38
CA GLU C 407 -39.84 43.01 2.65
C GLU C 407 -40.16 41.59 3.10
N GLY C 408 -39.27 41.04 3.91
CA GLY C 408 -39.48 39.73 4.52
C GLY C 408 -39.00 38.56 3.68
N ASN C 409 -39.64 37.40 3.87
CA ASN C 409 -39.30 36.23 3.06
C ASN C 409 -39.65 36.44 1.59
N GLU C 410 -40.66 37.27 1.32
CA GLU C 410 -41.16 37.46 -0.04
C GLU C 410 -40.16 38.13 -0.97
N ARG C 411 -39.05 38.65 -0.44
CA ARG C 411 -38.06 39.33 -1.26
C ARG C 411 -37.34 38.40 -2.21
N TYR C 412 -37.44 37.08 -2.03
CA TYR C 412 -36.68 36.12 -2.80
C TYR C 412 -37.60 35.14 -3.51
N GLU C 413 -37.04 34.48 -4.51
CA GLU C 413 -37.77 33.50 -5.30
C GLU C 413 -36.77 32.58 -5.99
N GLY C 414 -37.09 31.29 -6.02
CA GLY C 414 -36.21 30.34 -6.66
C GLY C 414 -36.57 28.91 -6.27
N TYR C 415 -35.73 27.98 -6.72
CA TYR C 415 -35.96 26.57 -6.46
C TYR C 415 -35.92 26.28 -4.96
N CYS C 416 -34.82 26.63 -4.30
CA CYS C 416 -34.69 26.37 -2.87
C CYS C 416 -35.71 27.17 -2.07
N VAL C 417 -36.07 28.36 -2.56
CA VAL C 417 -37.08 29.17 -1.86
C VAL C 417 -38.37 28.39 -1.73
N ASP C 418 -38.86 27.83 -2.83
CA ASP C 418 -40.05 26.99 -2.78
C ASP C 418 -39.78 25.69 -2.04
N LEU C 419 -38.58 25.13 -2.21
CA LEU C 419 -38.21 23.94 -1.45
C LEU C 419 -38.21 24.23 0.05
N ALA C 420 -37.75 25.42 0.44
CA ALA C 420 -37.76 25.80 1.85
C ALA C 420 -39.18 25.80 2.41
N ALA C 421 -40.16 26.22 1.60
CA ALA C 421 -41.54 26.21 2.05
C ALA C 421 -42.07 24.79 2.17
N GLU C 422 -41.82 23.96 1.16
CA GLU C 422 -42.31 22.58 1.20
C GLU C 422 -41.66 21.80 2.34
N ILE C 423 -40.38 22.08 2.61
CA ILE C 423 -39.73 21.48 3.78
C ILE C 423 -40.40 21.97 5.06
N ALA C 424 -40.81 23.23 5.09
CA ALA C 424 -41.41 23.81 6.28
C ALA C 424 -42.89 23.47 6.41
N LYS C 425 -43.52 22.98 5.34
CA LYS C 425 -44.93 22.59 5.45
C LYS C 425 -45.08 21.20 6.06
N HIS C 426 -44.14 20.31 5.79
CA HIS C 426 -44.17 18.97 6.36
C HIS C 426 -43.47 18.88 7.71
N CYS C 427 -42.95 20.01 8.22
CA CYS C 427 -42.31 20.03 9.53
C CYS C 427 -42.84 21.13 10.44
N GLY C 428 -43.58 22.11 9.90
CA GLY C 428 -44.22 23.14 10.70
C GLY C 428 -43.28 23.92 11.60
N PHE C 429 -42.42 24.74 11.00
CA PHE C 429 -41.52 25.60 11.77
C PHE C 429 -41.47 26.97 11.13
N LYS C 430 -41.60 28.01 11.96
CA LYS C 430 -41.50 29.39 11.51
C LYS C 430 -40.06 29.66 11.08
N TYR C 431 -39.83 29.75 9.78
CA TYR C 431 -38.49 29.90 9.23
C TYR C 431 -38.28 31.27 8.63
N LYS C 432 -37.01 31.69 8.58
CA LYS C 432 -36.59 32.97 8.04
C LYS C 432 -35.45 32.73 7.07
N LEU C 433 -35.58 33.27 5.86
CA LEU C 433 -34.57 33.07 4.83
C LEU C 433 -33.47 34.12 4.98
N THR C 434 -32.22 33.66 4.98
CA THR C 434 -31.06 34.53 5.19
C THR C 434 -29.99 34.21 4.16
N ILE C 435 -29.20 35.23 3.83
CA ILE C 435 -28.09 35.09 2.90
C ILE C 435 -26.81 34.85 3.70
N VAL C 436 -25.98 33.93 3.20
CA VAL C 436 -24.70 33.67 3.83
C VAL C 436 -23.79 34.87 3.64
N GLY C 437 -23.14 35.29 4.73
CA GLY C 437 -22.36 36.52 4.70
C GLY C 437 -21.19 36.47 3.73
N ASP C 438 -20.49 35.34 3.69
CA ASP C 438 -19.31 35.21 2.84
C ASP C 438 -19.59 34.47 1.53
N GLY C 439 -20.57 33.58 1.50
CA GLY C 439 -20.81 32.78 0.33
C GLY C 439 -19.93 31.55 0.27
N LYS C 440 -19.48 31.18 -0.93
CA LYS C 440 -18.52 30.11 -1.16
C LYS C 440 -19.05 28.73 -0.76
N TYR C 441 -20.36 28.61 -0.52
CA TYR C 441 -20.97 27.34 -0.14
C TYR C 441 -20.37 26.75 1.13
N GLY C 442 -19.54 25.72 0.98
CA GLY C 442 -18.95 25.06 2.12
C GLY C 442 -17.52 24.59 1.88
N ALA C 443 -16.56 25.34 2.43
CA ALA C 443 -15.16 24.99 2.33
C ALA C 443 -14.50 25.21 3.68
N ARG C 444 -13.35 24.55 3.88
CA ARG C 444 -12.57 24.68 5.11
C ARG C 444 -11.16 25.09 4.75
N ASP C 445 -10.71 26.21 5.32
CA ASP C 445 -9.36 26.68 5.04
C ASP C 445 -8.33 25.69 5.59
N ALA C 446 -7.19 25.61 4.90
CA ALA C 446 -6.18 24.63 5.28
C ALA C 446 -5.46 25.02 6.56
N ASP C 447 -5.09 26.29 6.70
CA ASP C 447 -4.31 26.73 7.85
C ASP C 447 -5.18 26.87 9.10
N THR C 448 -6.04 27.90 9.12
CA THR C 448 -6.85 28.17 10.31
C THR C 448 -7.84 27.07 10.62
N LYS C 449 -8.19 26.25 9.62
CA LYS C 449 -9.17 25.17 9.78
C LYS C 449 -10.51 25.71 10.25
N ILE C 450 -10.88 26.88 9.73
CA ILE C 450 -12.17 27.51 9.99
C ILE C 450 -13.07 27.26 8.79
N TRP C 451 -14.32 26.85 9.07
CA TRP C 451 -15.28 26.64 7.99
C TRP C 451 -15.91 27.96 7.58
N ASN C 452 -16.15 28.11 6.29
CA ASN C 452 -16.79 29.31 5.75
C ASN C 452 -18.08 28.92 5.04
N GLY C 453 -18.94 29.92 4.86
CA GLY C 453 -20.15 29.72 4.08
C GLY C 453 -21.32 29.20 4.90
N MET C 454 -22.30 28.68 4.17
CA MET C 454 -23.53 28.21 4.79
C MET C 454 -23.25 27.06 5.76
N VAL C 455 -22.38 26.14 5.37
CA VAL C 455 -21.97 25.06 6.27
C VAL C 455 -21.36 25.64 7.53
N GLY C 456 -20.66 26.77 7.41
CA GLY C 456 -20.07 27.40 8.58
C GLY C 456 -21.11 27.88 9.58
N GLU C 457 -22.10 28.63 9.09
CA GLU C 457 -23.13 29.18 9.99
C GLU C 457 -24.00 28.09 10.62
N LEU C 458 -23.88 26.84 10.17
CA LEU C 458 -24.51 25.72 10.84
C LEU C 458 -23.64 25.16 11.96
N VAL C 459 -22.34 24.98 11.68
CA VAL C 459 -21.43 24.45 12.69
C VAL C 459 -21.27 25.43 13.85
N TYR C 460 -21.42 26.72 13.59
CA TYR C 460 -21.21 27.75 14.60
C TYR C 460 -22.53 28.33 15.12
N GLY C 461 -23.63 27.60 14.98
CA GLY C 461 -24.89 27.94 15.58
C GLY C 461 -25.59 29.18 15.04
N LYS C 462 -24.96 29.90 14.10
CA LYS C 462 -25.58 31.11 13.58
C LYS C 462 -26.77 30.83 12.67
N ALA C 463 -26.98 29.57 12.27
CA ALA C 463 -28.16 29.18 11.51
C ALA C 463 -28.63 27.82 12.01
N ASP C 464 -29.85 27.46 11.63
CA ASP C 464 -30.46 26.21 12.05
C ASP C 464 -30.64 25.20 10.94
N ILE C 465 -30.42 25.59 9.68
CA ILE C 465 -30.51 24.68 8.54
C ILE C 465 -30.01 25.42 7.32
N ALA C 466 -29.58 24.67 6.30
CA ALA C 466 -29.10 25.24 5.05
C ALA C 466 -29.79 24.53 3.90
N ILE C 467 -30.63 25.26 3.17
CA ILE C 467 -31.32 24.75 1.99
C ILE C 467 -30.77 25.50 0.79
N ALA C 468 -29.88 24.85 0.04
CA ALA C 468 -29.21 25.48 -1.07
C ALA C 468 -28.64 24.38 -1.97
N PRO C 469 -28.21 24.71 -3.18
CA PRO C 469 -27.55 23.69 -4.02
C PRO C 469 -26.22 23.26 -3.45
N LEU C 470 -26.24 22.70 -2.24
CA LEU C 470 -25.02 22.34 -1.54
C LEU C 470 -24.56 20.96 -2.00
N THR C 471 -23.36 20.91 -2.58
CA THR C 471 -22.84 19.65 -3.10
C THR C 471 -22.63 18.66 -1.96
N ILE C 472 -23.25 17.49 -2.07
CA ILE C 472 -23.10 16.44 -1.06
C ILE C 472 -21.72 15.82 -1.23
N THR C 473 -20.72 16.43 -0.59
CA THR C 473 -19.35 15.93 -0.62
C THR C 473 -19.01 15.24 0.70
N LEU C 474 -17.86 14.56 0.70
CA LEU C 474 -17.47 13.77 1.87
C LEU C 474 -17.10 14.68 3.04
N VAL C 475 -16.24 15.68 2.80
CA VAL C 475 -15.74 16.52 3.87
C VAL C 475 -16.86 17.34 4.50
N ARG C 476 -17.93 17.62 3.76
CA ARG C 476 -19.04 18.37 4.32
C ARG C 476 -19.99 17.50 5.12
N GLU C 477 -20.15 16.23 4.72
CA GLU C 477 -20.97 15.30 5.49
C GLU C 477 -20.42 15.10 6.90
N GLU C 478 -19.15 15.45 7.14
CA GLU C 478 -18.53 15.21 8.44
C GLU C 478 -18.94 16.25 9.49
N VAL C 479 -19.32 17.45 9.06
CA VAL C 479 -19.63 18.52 10.00
C VAL C 479 -21.12 18.85 10.05
N ILE C 480 -21.87 18.59 8.98
CA ILE C 480 -23.31 18.79 8.95
C ILE C 480 -23.97 17.49 8.51
N ASP C 481 -25.30 17.53 8.45
CA ASP C 481 -26.10 16.37 8.05
C ASP C 481 -26.82 16.69 6.75
N PHE C 482 -26.43 16.01 5.68
CA PHE C 482 -27.08 16.18 4.39
C PHE C 482 -28.33 15.32 4.31
N SER C 483 -29.42 15.92 3.83
CA SER C 483 -30.58 15.13 3.46
C SER C 483 -30.26 14.33 2.20
N LYS C 484 -31.17 13.42 1.86
CA LYS C 484 -31.05 12.68 0.62
C LYS C 484 -30.97 13.66 -0.56
N PRO C 485 -30.37 13.24 -1.67
CA PRO C 485 -30.22 14.16 -2.81
C PRO C 485 -31.57 14.57 -3.40
N PHE C 486 -31.95 15.82 -3.22
CA PHE C 486 -33.18 16.33 -3.81
C PHE C 486 -33.01 16.68 -5.29
N MET C 487 -31.85 16.37 -5.87
CA MET C 487 -31.57 16.72 -7.26
C MET C 487 -30.28 16.05 -7.73
N SER C 488 -30.40 15.03 -8.58
CA SER C 488 -29.22 14.37 -9.11
C SER C 488 -28.47 15.29 -10.06
N LEU C 489 -27.14 15.16 -10.06
CA LEU C 489 -26.30 16.09 -10.76
C LEU C 489 -25.11 15.33 -11.34
N GLY C 490 -24.40 15.95 -12.27
CA GLY C 490 -23.17 15.37 -12.80
C GLY C 490 -22.48 16.33 -13.77
N ILE C 491 -21.22 16.01 -14.07
CA ILE C 491 -20.44 16.80 -15.01
C ILE C 491 -20.94 16.52 -16.42
N SER C 492 -21.37 17.58 -17.12
CA SER C 492 -21.90 17.46 -18.47
C SER C 492 -21.17 18.47 -19.38
N ILE C 493 -21.50 18.42 -20.67
CA ILE C 493 -20.82 19.20 -21.70
C ILE C 493 -21.76 20.27 -22.22
N MET C 494 -21.20 21.44 -22.55
CA MET C 494 -21.94 22.55 -23.14
C MET C 494 -21.24 22.97 -24.42
N ILE C 495 -21.97 23.00 -25.52
CA ILE C 495 -21.43 23.33 -26.83
C ILE C 495 -22.27 24.45 -27.45
N LYS C 496 -21.90 24.82 -28.68
CA LYS C 496 -22.59 25.87 -29.41
C LYS C 496 -23.86 25.34 -30.06
N LYS C 497 -24.68 26.26 -30.57
CA LYS C 497 -25.95 25.89 -31.17
C LYS C 497 -25.72 25.35 -32.59
N PRO C 498 -26.42 24.30 -32.98
CA PRO C 498 -26.29 23.75 -34.33
C PRO C 498 -27.23 24.43 -35.32
N GLN C 499 -27.01 24.11 -36.60
CA GLN C 499 -27.87 24.56 -37.69
C GLN C 499 -27.98 26.09 -37.72
N LYS C 500 -26.83 26.75 -37.73
CA LYS C 500 -26.76 28.21 -37.72
C LYS C 500 -26.52 28.80 -39.11
N SER C 501 -26.64 28.00 -40.17
CA SER C 501 -26.36 28.36 -41.58
C SER C 501 -26.06 27.08 -42.40
N LYS C 502 -26.23 27.03 -43.73
CA LYS C 502 -26.96 27.93 -44.65
C LYS C 502 -26.94 27.29 -46.05
N PRO C 503 -28.00 27.52 -46.84
CA PRO C 503 -27.93 27.20 -48.28
C PRO C 503 -27.93 28.43 -49.16
N GLY C 504 -27.58 28.30 -50.44
CA GLY C 504 -27.56 29.48 -51.28
C GLY C 504 -27.34 29.18 -52.75
N VAL C 505 -27.32 30.26 -53.54
CA VAL C 505 -27.07 30.16 -54.97
C VAL C 505 -25.60 29.95 -55.24
N PHE C 506 -24.73 30.58 -54.43
CA PHE C 506 -23.29 30.36 -54.57
C PHE C 506 -22.89 28.93 -54.23
N SER C 507 -23.76 28.18 -53.54
CA SER C 507 -23.45 26.82 -53.15
C SER C 507 -23.85 25.79 -54.19
N PHE C 508 -24.68 26.17 -55.17
CA PHE C 508 -25.08 25.22 -56.20
C PHE C 508 -23.91 24.88 -57.13
N LEU C 509 -23.16 25.90 -57.57
CA LEU C 509 -22.04 25.68 -58.46
C LEU C 509 -20.77 25.24 -57.73
N ASP C 510 -20.90 24.80 -56.49
CA ASP C 510 -19.77 24.41 -55.66
C ASP C 510 -19.08 23.11 -56.10
N PRO C 511 -19.81 22.05 -56.58
CA PRO C 511 -19.13 20.79 -56.90
C PRO C 511 -17.95 20.95 -57.85
N LEU C 512 -18.21 21.28 -59.12
CA LEU C 512 -17.12 21.74 -59.97
C LEU C 512 -16.55 23.02 -59.40
N ALA C 513 -15.25 23.22 -59.59
CA ALA C 513 -14.60 24.41 -59.08
C ALA C 513 -15.10 25.65 -59.82
N TYR C 514 -14.95 26.80 -59.16
CA TYR C 514 -15.36 28.07 -59.75
C TYR C 514 -14.71 28.29 -61.12
N GLU C 515 -13.46 27.84 -61.28
CA GLU C 515 -12.75 28.07 -62.53
C GLU C 515 -13.25 27.18 -63.66
N ILE C 516 -13.94 26.09 -63.34
CA ILE C 516 -14.36 25.15 -64.38
C ILE C 516 -15.75 25.49 -64.94
N TRP C 517 -16.65 26.04 -64.10
CA TRP C 517 -17.89 26.58 -64.62
C TRP C 517 -17.63 27.65 -65.68
N MET C 518 -16.58 28.45 -65.47
CA MET C 518 -16.17 29.46 -66.44
C MET C 518 -15.18 28.93 -67.46
N CYS C 519 -14.85 27.63 -67.40
CA CYS C 519 -14.00 27.01 -68.40
C CYS C 519 -14.76 26.04 -69.31
N ILE C 520 -15.89 25.51 -68.86
CA ILE C 520 -16.71 24.66 -69.71
C ILE C 520 -17.36 25.48 -70.82
N VAL C 521 -17.64 26.76 -70.57
CA VAL C 521 -18.29 27.59 -71.58
C VAL C 521 -17.34 27.91 -72.72
N PHE C 522 -16.03 27.99 -72.44
CA PHE C 522 -15.06 28.26 -73.50
C PHE C 522 -15.05 27.14 -74.54
N ALA C 523 -15.30 25.91 -74.12
CA ALA C 523 -15.34 24.79 -75.05
C ALA C 523 -16.70 24.64 -75.71
N TYR C 524 -17.76 25.18 -75.09
CA TYR C 524 -19.08 25.15 -75.72
C TYR C 524 -19.14 26.04 -76.95
N ILE C 525 -18.64 27.27 -76.83
CA ILE C 525 -18.61 28.19 -77.97
C ILE C 525 -17.50 27.84 -78.95
N GLY C 526 -16.52 27.05 -78.52
CA GLY C 526 -15.46 26.64 -79.43
C GLY C 526 -15.89 25.56 -80.40
N VAL C 527 -16.86 24.72 -80.01
CA VAL C 527 -17.35 23.69 -80.91
C VAL C 527 -18.41 24.23 -81.86
N SER C 528 -19.21 25.20 -81.40
CA SER C 528 -20.21 25.80 -82.28
C SER C 528 -19.56 26.61 -83.40
N VAL C 529 -18.39 27.20 -83.14
CA VAL C 529 -17.67 27.94 -84.18
C VAL C 529 -16.81 27.02 -85.04
N VAL C 530 -16.57 25.78 -84.61
CA VAL C 530 -15.93 24.80 -85.48
C VAL C 530 -16.93 24.26 -86.49
N LEU C 531 -18.18 24.07 -86.07
CA LEU C 531 -19.23 23.71 -87.02
C LEU C 531 -19.58 24.87 -87.95
N PHE C 532 -19.17 26.09 -87.60
CA PHE C 532 -19.17 27.19 -88.57
C PHE C 532 -18.22 26.89 -89.72
N LEU C 533 -17.08 26.25 -89.42
CA LEU C 533 -16.01 26.06 -90.39
C LEU C 533 -16.02 24.71 -91.08
N VAL C 534 -16.42 23.64 -90.38
CA VAL C 534 -16.41 22.31 -90.99
C VAL C 534 -17.59 22.09 -91.93
N SER C 535 -18.67 22.85 -91.78
CA SER C 535 -19.83 22.71 -92.64
C SER C 535 -19.76 23.67 -93.82
N ILE C 545 -26.05 30.72 -89.57
CA ILE C 545 -25.44 30.18 -88.35
C ILE C 545 -26.49 30.03 -87.26
N PHE C 546 -27.75 30.20 -87.63
CA PHE C 546 -28.86 30.00 -86.69
C PHE C 546 -29.33 28.55 -86.62
N ASN C 547 -28.91 27.71 -87.58
CA ASN C 547 -29.21 26.28 -87.53
C ASN C 547 -27.98 25.41 -87.32
N SER C 548 -26.78 25.94 -87.55
CA SER C 548 -25.57 25.22 -87.20
C SER C 548 -25.23 25.36 -85.72
N LEU C 549 -25.64 26.47 -85.10
CA LEU C 549 -25.56 26.58 -83.65
C LEU C 549 -26.62 25.71 -82.97
N TRP C 550 -27.81 25.63 -83.58
CA TRP C 550 -28.81 24.69 -83.11
C TRP C 550 -28.35 23.25 -83.30
N PHE C 551 -27.56 23.00 -84.34
CA PHE C 551 -26.99 21.66 -84.54
C PHE C 551 -25.79 21.43 -83.63
N SER C 552 -25.00 22.47 -83.34
CA SER C 552 -23.96 22.35 -82.34
C SER C 552 -24.54 22.18 -80.95
N LEU C 553 -25.62 22.92 -80.65
CA LEU C 553 -26.37 22.66 -79.44
C LEU C 553 -27.06 21.30 -79.50
N GLY C 554 -27.49 20.88 -80.70
CA GLY C 554 -27.91 19.52 -80.91
C GLY C 554 -26.76 18.52 -80.88
N ALA C 555 -25.53 19.00 -81.08
CA ALA C 555 -24.34 18.20 -80.86
C ALA C 555 -23.79 18.34 -79.44
N PHE C 556 -24.27 19.32 -78.68
CA PHE C 556 -23.85 19.48 -77.29
C PHE C 556 -24.64 18.56 -76.36
N MET C 557 -25.93 18.37 -76.64
CA MET C 557 -26.77 17.57 -75.76
C MET C 557 -26.36 16.10 -75.78
N GLN C 558 -26.25 15.51 -76.96
CA GLN C 558 -26.00 14.08 -77.10
C GLN C 558 -24.70 13.88 -77.85
N GLN C 559 -23.76 13.18 -77.23
CA GLN C 559 -22.44 12.89 -77.79
C GLN C 559 -21.77 14.23 -78.11
N GLY C 560 -21.13 14.36 -79.28
CA GLY C 560 -20.57 15.63 -79.70
C GLY C 560 -21.13 16.10 -81.02
N ARG C 566 -22.75 15.12 -91.82
CA ARG C 566 -22.15 13.98 -92.53
C ARG C 566 -20.82 14.36 -93.16
N SER C 567 -19.85 14.75 -92.31
CA SER C 567 -18.52 15.11 -92.76
C SER C 567 -17.50 14.54 -91.79
N LEU C 568 -16.38 14.05 -92.33
CA LEU C 568 -15.33 13.47 -91.49
C LEU C 568 -14.73 14.51 -90.56
N SER C 569 -14.73 15.78 -90.96
CA SER C 569 -14.20 16.83 -90.10
C SER C 569 -15.08 17.00 -88.87
N GLY C 570 -16.38 17.19 -89.06
CA GLY C 570 -17.30 17.33 -87.94
C GLY C 570 -17.58 16.04 -87.21
N ARG C 571 -17.38 14.89 -87.87
CA ARG C 571 -17.60 13.61 -87.19
C ARG C 571 -16.61 13.41 -86.06
N ILE C 572 -15.37 13.86 -86.24
CA ILE C 572 -14.40 13.80 -85.16
C ILE C 572 -14.51 14.99 -84.22
N VAL C 573 -15.25 16.03 -84.63
CA VAL C 573 -15.74 16.99 -83.64
C VAL C 573 -16.81 16.33 -82.76
N GLY C 574 -17.54 15.37 -83.30
CA GLY C 574 -18.56 14.68 -82.54
C GLY C 574 -17.99 13.68 -81.55
N GLY C 575 -16.91 13.00 -81.95
CA GLY C 575 -16.33 12.01 -81.07
C GLY C 575 -15.56 12.64 -79.93
N VAL C 576 -14.89 13.76 -80.19
CA VAL C 576 -13.99 14.34 -79.20
C VAL C 576 -14.75 15.22 -78.19
N TRP C 577 -15.81 15.91 -78.63
CA TRP C 577 -16.59 16.70 -77.68
C TRP C 577 -17.27 15.84 -76.63
N TRP C 578 -17.53 14.56 -76.94
CA TRP C 578 -18.21 13.70 -75.98
C TRP C 578 -17.27 13.23 -74.87
N PHE C 579 -16.09 12.72 -75.23
CA PHE C 579 -15.15 12.25 -74.22
C PHE C 579 -14.70 13.35 -73.28
N PHE C 580 -14.81 14.62 -73.70
CA PHE C 580 -14.50 15.73 -72.80
C PHE C 580 -15.67 16.00 -71.85
N THR C 581 -16.88 16.10 -72.39
CA THR C 581 -18.05 16.27 -71.53
C THR C 581 -18.34 15.00 -70.73
N LEU C 582 -17.86 13.84 -71.19
CA LEU C 582 -18.05 12.60 -70.44
C LEU C 582 -17.23 12.58 -69.17
N ILE C 583 -16.02 13.14 -69.21
CA ILE C 583 -15.19 13.15 -68.01
C ILE C 583 -15.68 14.20 -67.03
N ILE C 584 -16.13 15.36 -67.53
CA ILE C 584 -16.60 16.43 -66.64
C ILE C 584 -17.83 15.97 -65.86
N ILE C 585 -18.80 15.36 -66.55
CA ILE C 585 -19.99 14.90 -65.85
C ILE C 585 -19.64 13.81 -64.84
N SER C 586 -18.64 12.97 -65.17
CA SER C 586 -18.15 12.01 -64.18
C SER C 586 -17.38 12.72 -63.08
N SER C 587 -16.48 13.63 -63.45
CA SER C 587 -15.76 14.41 -62.45
C SER C 587 -16.67 15.30 -61.63
N TYR C 588 -17.85 15.66 -62.17
CA TYR C 588 -18.87 16.27 -61.33
C TYR C 588 -19.55 15.24 -60.45
N THR C 589 -19.89 14.08 -61.02
CA THR C 589 -20.59 13.05 -60.26
C THR C 589 -19.68 12.44 -59.19
N ALA C 590 -18.43 12.14 -59.54
CA ALA C 590 -17.52 11.50 -58.59
C ALA C 590 -17.16 12.44 -57.45
N ASN C 591 -16.84 13.69 -57.77
CA ASN C 591 -16.45 14.62 -56.72
C ASN C 591 -17.63 15.01 -55.82
N LEU C 592 -18.83 15.09 -56.38
CA LEU C 592 -20.00 15.44 -55.57
C LEU C 592 -20.31 14.36 -54.53
N ALA C 593 -20.01 13.10 -54.85
CA ALA C 593 -20.20 12.04 -53.86
C ALA C 593 -19.23 12.17 -52.70
N ALA C 594 -18.09 12.85 -52.89
CA ALA C 594 -17.11 12.99 -51.82
C ALA C 594 -17.53 14.01 -50.77
N PHE C 595 -18.33 15.00 -51.16
CA PHE C 595 -18.83 15.98 -50.20
C PHE C 595 -20.08 15.52 -49.47
N LEU C 596 -20.79 14.53 -50.02
CA LEU C 596 -21.91 13.93 -49.32
C LEU C 596 -21.48 12.78 -48.42
N THR C 597 -20.43 12.05 -48.80
CA THR C 597 -19.85 11.07 -47.89
C THR C 597 -19.12 11.75 -46.73
N VAL C 598 -18.54 12.93 -46.97
CA VAL C 598 -17.95 13.70 -45.88
C VAL C 598 -19.02 14.34 -45.02
N GLU C 599 -20.20 14.62 -45.61
CA GLU C 599 -21.32 15.10 -44.83
C GLU C 599 -21.85 14.04 -43.87
N ARG C 600 -21.56 12.77 -44.13
CA ARG C 600 -21.89 11.68 -43.21
C ARG C 600 -20.80 11.43 -42.18
N MET C 601 -19.74 12.26 -42.17
CA MET C 601 -18.69 12.15 -41.17
C MET C 601 -18.88 13.12 -40.01
N VAL C 602 -20.12 13.55 -39.76
CA VAL C 602 -20.39 14.44 -38.65
C VAL C 602 -20.41 13.65 -37.34
N SER C 603 -20.17 14.36 -36.24
CA SER C 603 -20.09 13.71 -34.93
C SER C 603 -21.46 13.28 -34.39
N PRO C 604 -22.48 14.17 -34.38
CA PRO C 604 -22.50 15.62 -34.64
C PRO C 604 -22.02 16.58 -33.51
N ILE C 605 -22.26 16.51 -32.19
CA ILE C 605 -23.04 15.56 -31.35
C ILE C 605 -22.49 14.13 -31.30
N GLU C 606 -21.35 13.98 -30.61
CA GLU C 606 -20.77 12.67 -30.35
C GLU C 606 -20.91 12.33 -28.86
N SER C 607 -20.14 11.34 -28.41
CA SER C 607 -20.08 10.99 -27.00
C SER C 607 -18.99 11.79 -26.29
N ALA C 608 -19.01 11.76 -24.96
CA ALA C 608 -18.02 12.48 -24.19
C ALA C 608 -16.62 11.94 -24.44
N GLU C 609 -16.50 10.66 -24.79
CA GLU C 609 -15.19 10.07 -25.06
C GLU C 609 -14.60 10.60 -26.36
N ASP C 610 -15.39 10.59 -27.43
CA ASP C 610 -14.89 11.02 -28.73
C ASP C 610 -14.52 12.49 -28.76
N LEU C 611 -15.05 13.29 -27.83
CA LEU C 611 -14.62 14.68 -27.72
C LEU C 611 -13.13 14.78 -27.44
N SER C 612 -12.55 13.77 -26.78
CA SER C 612 -11.13 13.77 -26.45
C SER C 612 -10.24 13.23 -27.56
N LYS C 613 -10.82 12.54 -28.54
CA LYS C 613 -10.01 11.90 -29.57
C LYS C 613 -9.55 12.87 -30.65
N GLN C 614 -10.16 14.03 -30.75
CA GLN C 614 -9.77 15.04 -31.73
C GLN C 614 -9.33 16.30 -31.02
N THR C 615 -8.49 17.08 -31.70
CA THR C 615 -7.94 18.32 -31.14
C THR C 615 -8.36 19.56 -31.90
N GLU C 616 -9.22 19.43 -32.92
CA GLU C 616 -9.68 20.61 -33.65
C GLU C 616 -10.58 21.48 -32.76
N ILE C 617 -11.56 20.87 -32.13
CA ILE C 617 -12.40 21.56 -31.14
C ILE C 617 -11.75 21.36 -29.78
N ALA C 618 -11.35 22.47 -29.15
CA ALA C 618 -10.71 22.43 -27.84
C ALA C 618 -11.76 22.35 -26.73
N TYR C 619 -11.31 21.87 -25.57
CA TYR C 619 -12.21 21.69 -24.44
C TYR C 619 -11.43 21.88 -23.14
N GLY C 620 -12.13 22.42 -22.14
CA GLY C 620 -11.53 22.64 -20.84
C GLY C 620 -12.62 22.88 -19.80
N THR C 621 -12.19 22.92 -18.55
CA THR C 621 -13.08 23.10 -17.41
C THR C 621 -12.71 24.37 -16.65
N LEU C 622 -13.31 24.54 -15.48
CA LEU C 622 -12.98 25.67 -14.63
C LEU C 622 -11.59 25.48 -14.04
N ASP C 623 -10.96 26.62 -13.68
CA ASP C 623 -9.57 26.58 -13.23
C ASP C 623 -9.40 25.94 -11.86
N SER C 624 -10.45 25.89 -11.06
CA SER C 624 -10.37 25.28 -9.73
C SER C 624 -11.77 24.95 -9.26
N GLY C 625 -12.03 23.67 -9.01
CA GLY C 625 -13.34 23.26 -8.53
C GLY C 625 -13.46 21.75 -8.51
N SER C 626 -14.64 21.31 -8.09
CA SER C 626 -14.93 19.88 -8.05
C SER C 626 -14.85 19.23 -9.42
N THR C 627 -14.98 20.02 -10.50
CA THR C 627 -14.96 19.46 -11.84
C THR C 627 -13.53 19.16 -12.30
N LYS C 628 -12.61 20.11 -12.08
CA LYS C 628 -11.24 19.92 -12.54
C LYS C 628 -10.56 18.78 -11.80
N GLU C 629 -10.77 18.69 -10.49
CA GLU C 629 -10.17 17.61 -9.70
C GLU C 629 -10.64 16.24 -10.17
N PHE C 630 -11.85 16.16 -10.72
CA PHE C 630 -12.38 14.87 -11.16
C PHE C 630 -11.48 14.23 -12.22
N PHE C 631 -11.10 15.01 -13.24
CA PHE C 631 -10.24 14.47 -14.28
C PHE C 631 -8.83 14.20 -13.78
N ARG C 632 -8.40 14.91 -12.73
CA ARG C 632 -7.06 14.72 -12.21
C ARG C 632 -6.87 13.30 -11.67
N ARG C 633 -7.60 12.95 -10.61
CA ARG C 633 -7.43 11.67 -9.95
C ARG C 633 -8.30 10.57 -10.55
N SER C 634 -8.98 10.82 -11.66
CA SER C 634 -9.74 9.77 -12.32
C SER C 634 -8.77 8.77 -12.94
N LYS C 635 -8.77 7.55 -12.44
CA LYS C 635 -7.94 6.49 -12.99
C LYS C 635 -8.55 5.89 -14.26
N ILE C 636 -9.74 6.34 -14.67
CA ILE C 636 -10.35 5.84 -15.89
C ILE C 636 -9.55 6.31 -17.09
N ALA C 637 -9.37 5.42 -18.07
CA ALA C 637 -8.51 5.71 -19.20
C ALA C 637 -9.05 6.86 -20.05
N VAL C 638 -10.37 6.92 -20.23
CA VAL C 638 -10.96 7.99 -21.03
C VAL C 638 -10.70 9.34 -20.39
N PHE C 639 -11.07 9.49 -19.12
CA PHE C 639 -10.90 10.77 -18.45
C PHE C 639 -9.43 11.13 -18.24
N ASP C 640 -8.55 10.12 -18.15
CA ASP C 640 -7.13 10.41 -18.00
C ASP C 640 -6.56 11.00 -19.28
N LYS C 641 -7.01 10.52 -20.44
CA LYS C 641 -6.59 11.11 -21.70
C LYS C 641 -7.09 12.54 -21.82
N MET C 642 -8.29 12.82 -21.28
CA MET C 642 -8.79 14.18 -21.27
C MET C 642 -7.95 15.08 -20.37
N TRP C 643 -7.58 14.58 -19.20
CA TRP C 643 -6.81 15.39 -18.26
C TRP C 643 -5.41 15.69 -18.80
N THR C 644 -4.79 14.71 -19.46
CA THR C 644 -3.45 14.93 -20.00
C THR C 644 -3.46 15.99 -21.10
N TYR C 645 -4.56 16.08 -21.87
CA TYR C 645 -4.64 17.11 -22.90
C TYR C 645 -4.82 18.49 -22.29
N MET C 646 -5.84 18.64 -21.44
CA MET C 646 -6.14 19.96 -20.87
C MET C 646 -5.01 20.49 -20.01
N ARG C 647 -4.19 19.60 -19.45
CA ARG C 647 -3.11 20.02 -18.56
C ARG C 647 -2.01 20.76 -19.32
N SER C 648 -1.72 20.32 -20.54
CA SER C 648 -0.63 20.89 -21.33
C SER C 648 -1.10 21.59 -22.59
N ALA C 649 -2.41 21.75 -22.78
CA ALA C 649 -2.92 22.41 -23.97
C ALA C 649 -2.59 23.90 -23.92
N GLU C 650 -1.91 24.39 -24.96
CA GLU C 650 -1.60 25.81 -25.06
C GLU C 650 -2.31 26.41 -26.27
N PRO C 651 -2.95 27.59 -26.09
CA PRO C 651 -2.97 28.38 -24.86
C PRO C 651 -3.88 27.81 -23.76
N SER C 652 -3.96 28.50 -22.63
CA SER C 652 -4.68 28.00 -21.47
C SER C 652 -6.16 27.80 -21.80
N VAL C 653 -6.63 26.56 -21.67
CA VAL C 653 -8.03 26.24 -21.93
C VAL C 653 -8.92 26.45 -20.72
N PHE C 654 -8.37 26.92 -19.60
CA PHE C 654 -9.14 27.17 -18.39
C PHE C 654 -9.47 28.66 -18.28
N VAL C 655 -10.58 28.94 -17.62
CA VAL C 655 -11.04 30.33 -17.46
C VAL C 655 -11.06 30.70 -15.98
N ARG C 656 -11.46 31.94 -15.69
CA ARG C 656 -11.46 32.46 -14.33
C ARG C 656 -12.76 32.13 -13.59
N THR C 657 -13.90 32.49 -14.17
CA THR C 657 -15.20 32.25 -13.55
C THR C 657 -16.09 31.47 -14.49
N THR C 658 -17.26 31.08 -13.98
CA THR C 658 -18.21 30.32 -14.80
C THR C 658 -18.89 31.21 -15.84
N ALA C 659 -19.03 32.51 -15.54
CA ALA C 659 -19.61 33.42 -16.52
C ALA C 659 -18.73 33.54 -17.76
N GLU C 660 -17.42 33.41 -17.60
CA GLU C 660 -16.51 33.45 -18.75
C GLU C 660 -16.64 32.22 -19.63
N GLY C 661 -16.88 31.05 -19.03
CA GLY C 661 -16.93 29.83 -19.81
C GLY C 661 -18.07 29.82 -20.81
N VAL C 662 -19.28 30.18 -20.35
CA VAL C 662 -20.43 30.20 -21.24
C VAL C 662 -20.20 31.20 -22.38
N ALA C 663 -19.63 32.36 -22.07
CA ALA C 663 -19.35 33.34 -23.10
C ALA C 663 -18.28 32.85 -24.07
N ARG C 664 -17.35 32.02 -23.60
CA ARG C 664 -16.31 31.49 -24.47
C ARG C 664 -16.86 30.48 -25.48
N VAL C 665 -18.00 29.86 -25.18
CA VAL C 665 -18.60 28.95 -26.14
C VAL C 665 -19.43 29.70 -27.18
N ARG C 666 -20.07 30.80 -26.77
CA ARG C 666 -20.90 31.58 -27.69
C ARG C 666 -20.08 32.38 -28.69
N LYS C 667 -18.78 32.56 -28.48
CA LYS C 667 -17.94 33.38 -29.35
C LYS C 667 -16.82 32.57 -30.01
N SER C 668 -16.85 31.25 -29.94
CA SER C 668 -15.80 30.41 -30.49
C SER C 668 -16.18 29.81 -31.83
N LYS C 669 -17.34 30.15 -32.38
CA LYS C 669 -17.84 29.59 -33.64
C LYS C 669 -17.90 28.06 -33.58
N GLY C 670 -18.18 27.51 -32.40
CA GLY C 670 -18.29 26.08 -32.24
C GLY C 670 -16.98 25.33 -32.10
N LYS C 671 -15.86 26.04 -31.95
CA LYS C 671 -14.55 25.42 -31.84
C LYS C 671 -14.14 25.15 -30.39
N TYR C 672 -15.03 25.41 -29.43
CA TYR C 672 -14.70 25.20 -28.03
C TYR C 672 -15.94 24.70 -27.29
N ALA C 673 -15.70 23.83 -26.30
CA ALA C 673 -16.76 23.29 -25.46
C ALA C 673 -16.35 23.47 -24.00
N TYR C 674 -17.36 23.42 -23.12
CA TYR C 674 -17.16 23.63 -21.70
C TYR C 674 -17.83 22.52 -20.90
N LEU C 675 -17.16 22.08 -19.85
CA LEU C 675 -17.67 21.04 -18.96
C LEU C 675 -18.10 21.66 -17.64
N LEU C 676 -19.30 21.33 -17.20
CA LEU C 676 -19.82 21.82 -15.92
C LEU C 676 -20.93 20.89 -15.46
N GLU C 677 -21.55 21.26 -14.35
CA GLU C 677 -22.61 20.45 -13.78
C GLU C 677 -23.87 20.52 -14.63
N SER C 678 -24.64 19.42 -14.62
CA SER C 678 -25.82 19.33 -15.48
C SER C 678 -26.90 20.31 -15.08
N THR C 679 -27.04 20.62 -13.79
CA THR C 679 -28.05 21.58 -13.36
C THR C 679 -27.77 22.96 -13.93
N MET C 680 -26.51 23.41 -13.85
CA MET C 680 -26.16 24.70 -14.43
C MET C 680 -26.17 24.65 -15.95
N ASN C 681 -25.82 23.51 -16.53
CA ASN C 681 -25.83 23.39 -17.99
C ASN C 681 -27.25 23.37 -18.53
N GLU C 682 -28.15 22.63 -17.87
CA GLU C 682 -29.56 22.63 -18.25
C GLU C 682 -30.23 23.97 -18.03
N TYR C 683 -29.56 24.91 -17.37
CA TYR C 683 -30.14 26.23 -17.10
C TYR C 683 -29.67 27.29 -18.08
N ILE C 684 -28.44 27.20 -18.58
CA ILE C 684 -27.98 28.15 -19.59
C ILE C 684 -28.61 27.85 -20.93
N GLU C 685 -28.90 26.57 -21.22
CA GLU C 685 -29.60 26.20 -22.43
C GLU C 685 -30.97 26.87 -22.54
N GLN C 686 -31.56 27.25 -21.41
CA GLN C 686 -32.90 27.85 -21.38
C GLN C 686 -32.84 29.34 -21.06
N ARG C 687 -31.86 30.04 -21.63
CA ARG C 687 -31.74 31.48 -21.47
C ARG C 687 -31.29 32.10 -22.79
N LYS C 688 -31.77 33.30 -23.07
CA LYS C 688 -31.38 34.04 -24.27
C LYS C 688 -29.86 34.22 -24.29
N PRO C 689 -29.24 34.05 -25.47
CA PRO C 689 -29.88 33.81 -26.76
C PRO C 689 -29.98 32.34 -27.21
N CYS C 690 -30.15 31.42 -26.26
CA CYS C 690 -30.55 30.04 -26.56
C CYS C 690 -29.58 29.35 -27.51
N ASP C 691 -28.28 29.58 -27.33
CA ASP C 691 -27.28 28.99 -28.21
C ASP C 691 -26.35 28.01 -27.50
N THR C 692 -26.67 27.59 -26.29
CA THR C 692 -25.98 26.50 -25.61
C THR C 692 -26.88 25.28 -25.52
N MET C 693 -26.28 24.11 -25.45
CA MET C 693 -27.06 22.87 -25.45
C MET C 693 -26.30 21.79 -24.70
N LYS C 694 -26.94 21.22 -23.68
CA LYS C 694 -26.34 20.11 -22.94
C LYS C 694 -26.31 18.87 -23.82
N VAL C 695 -25.13 18.32 -24.02
CA VAL C 695 -24.93 17.16 -24.89
C VAL C 695 -24.40 15.99 -24.07
N GLY C 696 -24.98 14.82 -24.30
CA GLY C 696 -24.57 13.61 -23.61
C GLY C 696 -24.96 13.59 -22.15
N GLY C 697 -24.96 12.39 -21.55
CA GLY C 697 -25.24 12.26 -20.14
C GLY C 697 -24.11 12.83 -19.30
N ASN C 698 -24.31 12.79 -17.99
CA ASN C 698 -23.30 13.29 -17.07
C ASN C 698 -22.06 12.41 -17.11
N LEU C 699 -20.98 12.91 -16.48
CA LEU C 699 -19.74 12.15 -16.40
C LEU C 699 -19.54 11.47 -15.06
N ASP C 700 -20.28 11.88 -14.03
CA ASP C 700 -20.24 11.22 -12.73
C ASP C 700 -21.57 11.45 -12.03
N SER C 701 -21.72 10.82 -10.87
CA SER C 701 -22.92 10.96 -10.08
C SER C 701 -22.63 11.85 -8.87
N LYS C 702 -23.56 12.76 -8.58
CA LYS C 702 -23.49 13.57 -7.37
C LYS C 702 -24.90 13.98 -6.95
N GLY C 703 -25.03 15.11 -6.27
CA GLY C 703 -26.34 15.57 -5.87
C GLY C 703 -26.32 16.67 -4.84
N TYR C 704 -27.38 17.47 -4.79
CA TYR C 704 -27.52 18.55 -3.83
C TYR C 704 -28.34 18.06 -2.64
N GLY C 705 -27.99 18.56 -1.45
CA GLY C 705 -28.65 18.14 -0.24
C GLY C 705 -28.89 19.30 0.70
N ILE C 706 -29.88 19.13 1.57
CA ILE C 706 -30.23 20.12 2.57
C ILE C 706 -29.36 19.85 3.80
N ALA C 707 -28.48 20.78 4.12
CA ALA C 707 -27.57 20.62 5.24
C ALA C 707 -28.24 21.03 6.53
N THR C 708 -28.18 20.15 7.52
CA THR C 708 -28.68 20.46 8.86
C THR C 708 -27.56 20.28 9.86
N PRO C 709 -27.55 21.06 10.95
CA PRO C 709 -26.54 20.85 11.99
C PRO C 709 -26.67 19.47 12.60
N LYS C 710 -25.53 18.85 12.90
CA LYS C 710 -25.53 17.53 13.52
C LYS C 710 -26.14 17.62 14.92
N GLY C 711 -27.03 16.68 15.23
CA GLY C 711 -27.72 16.69 16.51
C GLY C 711 -28.88 17.65 16.59
N SER C 712 -29.30 18.23 15.48
CA SER C 712 -30.45 19.12 15.48
C SER C 712 -31.74 18.32 15.36
N SER C 713 -32.81 18.84 15.98
CA SER C 713 -34.10 18.19 15.88
C SER C 713 -34.61 18.18 14.43
N LEU C 714 -34.22 19.19 13.65
CA LEU C 714 -34.69 19.31 12.27
C LEU C 714 -34.17 18.18 11.39
N GLY C 715 -33.02 17.60 11.74
CA GLY C 715 -32.32 16.65 10.91
C GLY C 715 -33.15 15.58 10.22
N THR C 716 -33.57 14.57 10.98
CA THR C 716 -34.31 13.47 10.38
C THR C 716 -35.63 13.87 9.75
N PRO C 717 -36.47 14.73 10.36
CA PRO C 717 -37.71 15.12 9.66
C PRO C 717 -37.47 15.80 8.33
N VAL C 718 -36.46 16.67 8.24
CA VAL C 718 -36.13 17.29 6.96
C VAL C 718 -35.70 16.23 5.96
N ASN C 719 -34.94 15.23 6.42
CA ASN C 719 -34.52 14.15 5.54
C ASN C 719 -35.72 13.34 5.05
N LEU C 720 -36.61 12.97 5.96
CA LEU C 720 -37.84 12.28 5.57
C LEU C 720 -38.66 13.13 4.60
N ALA C 721 -38.64 14.45 4.79
CA ALA C 721 -39.39 15.34 3.91
C ALA C 721 -38.89 15.23 2.48
N VAL C 722 -37.57 15.29 2.29
CA VAL C 722 -37.01 15.25 0.95
C VAL C 722 -37.41 13.97 0.22
N LEU C 723 -37.48 12.86 0.95
CA LEU C 723 -37.86 11.60 0.31
C LEU C 723 -39.33 11.60 -0.10
N LYS C 724 -40.21 12.12 0.76
CA LYS C 724 -41.62 12.22 0.37
C LYS C 724 -41.79 13.13 -0.83
N LEU C 725 -41.01 14.20 -0.90
CA LEU C 725 -41.11 15.14 -2.00
C LEU C 725 -40.71 14.50 -3.33
N SER C 726 -39.56 13.82 -3.35
CA SER C 726 -39.07 13.25 -4.61
C SER C 726 -39.98 12.14 -5.10
N GLU C 727 -40.72 11.47 -4.21
CA GLU C 727 -41.60 10.39 -4.63
C GLU C 727 -42.93 10.91 -5.14
N GLN C 728 -43.44 12.00 -4.56
CA GLN C 728 -44.68 12.62 -5.02
C GLN C 728 -44.46 13.52 -6.23
N GLY C 729 -43.28 13.48 -6.84
CA GLY C 729 -42.99 14.27 -8.01
C GLY C 729 -42.79 15.75 -7.77
N VAL C 730 -42.84 16.20 -6.52
CA VAL C 730 -42.72 17.64 -6.24
C VAL C 730 -41.34 18.14 -6.62
N LEU C 731 -40.29 17.40 -6.25
CA LEU C 731 -38.94 17.82 -6.60
C LEU C 731 -38.70 17.74 -8.10
N ASP C 732 -39.31 16.77 -8.79
CA ASP C 732 -39.29 16.78 -10.25
C ASP C 732 -40.12 17.95 -10.79
N LYS C 733 -41.26 18.23 -10.14
CA LYS C 733 -42.11 19.34 -10.56
C LYS C 733 -41.40 20.67 -10.40
N LEU C 734 -40.81 20.90 -9.22
CA LEU C 734 -40.10 22.15 -8.97
C LEU C 734 -38.87 22.30 -9.85
N LYS C 735 -38.21 21.19 -10.17
CA LYS C 735 -37.11 21.24 -11.14
C LYS C 735 -37.60 21.73 -12.49
N ASN C 736 -38.83 21.38 -12.86
CA ASN C 736 -39.41 21.85 -14.11
C ASN C 736 -39.93 23.28 -14.00
N LYS C 737 -40.23 23.76 -12.79
CA LYS C 737 -40.83 25.07 -12.64
C LYS C 737 -39.85 26.20 -12.93
N TRP C 738 -38.60 26.06 -12.49
CA TRP C 738 -37.63 27.14 -12.61
C TRP C 738 -36.63 26.95 -13.73
N TRP C 739 -36.54 25.76 -14.31
CA TRP C 739 -35.62 25.53 -15.42
C TRP C 739 -36.32 25.69 -16.77
N TYR C 740 -37.47 25.06 -16.95
CA TYR C 740 -38.14 25.01 -18.24
C TYR C 740 -39.38 25.88 -18.34
N ASP C 741 -40.15 26.01 -17.26
CA ASP C 741 -41.37 26.81 -17.30
C ASP C 741 -41.05 28.29 -17.51
N LYS C 742 -40.35 28.91 -16.54
CA LYS C 742 -39.96 30.30 -16.65
C LYS C 742 -38.67 30.45 -17.45
N GLY C 743 -38.48 29.61 -18.46
CA GLY C 743 -37.28 29.63 -19.28
C GLY C 743 -37.49 30.47 -20.53
N GLU C 744 -36.52 31.34 -20.80
CA GLU C 744 -36.59 32.28 -21.92
C GLU C 744 -36.44 31.60 -23.28
N CYS C 745 -36.35 30.28 -23.35
CA CYS C 745 -36.20 29.57 -24.61
C CYS C 745 -37.06 28.32 -24.62
N GLY C 746 -38.28 28.42 -24.11
CA GLY C 746 -39.16 27.27 -24.06
C GLY C 746 -39.50 26.69 -25.41
N ALA C 747 -39.35 27.47 -26.48
CA ALA C 747 -39.61 27.02 -27.83
C ALA C 747 -38.36 26.60 -28.59
N LYS C 748 -37.20 26.62 -27.94
CA LYS C 748 -35.94 26.23 -28.57
C LYS C 748 -35.42 24.90 -28.05
N ASP C 749 -36.21 24.16 -27.27
CA ASP C 749 -35.82 22.88 -26.72
C ASP C 749 -36.53 21.70 -27.35
N SER C 750 -37.82 21.83 -27.64
CA SER C 750 -38.58 20.76 -28.29
C SER C 750 -38.50 20.79 -29.81
N GLY C 751 -37.91 21.83 -30.38
CA GLY C 751 -37.75 21.91 -31.82
C GLY C 751 -36.32 21.71 -32.26
N SER C 752 -35.38 21.93 -31.34
CA SER C 752 -33.97 21.72 -31.63
C SER C 752 -33.57 20.25 -31.66
N LYS C 753 -34.49 19.35 -31.32
CA LYS C 753 -34.24 17.92 -31.38
C LYS C 753 -35.03 17.23 -32.50
N GLU C 754 -35.84 17.97 -33.24
CA GLU C 754 -36.62 17.44 -34.35
C GLU C 754 -36.02 17.94 -35.66
N LYS C 755 -35.50 17.00 -36.45
CA LYS C 755 -34.88 17.34 -37.73
C LYS C 755 -34.90 16.11 -38.62
N THR C 756 -35.15 16.33 -39.91
CA THR C 756 -35.16 15.27 -40.91
C THR C 756 -33.84 15.28 -41.68
N SER C 757 -33.48 14.12 -42.23
CA SER C 757 -32.21 13.94 -42.93
C SER C 757 -32.49 13.43 -44.34
N ALA C 758 -32.27 14.30 -45.33
CA ALA C 758 -32.41 13.94 -46.73
C ALA C 758 -31.68 14.96 -47.61
N LEU C 759 -32.22 15.26 -48.78
CA LEU C 759 -31.67 16.28 -49.66
C LEU C 759 -32.58 17.51 -49.61
N SER C 760 -31.99 18.68 -49.38
CA SER C 760 -32.80 19.87 -49.19
C SER C 760 -33.36 20.36 -50.51
N LEU C 761 -34.61 20.84 -50.46
CA LEU C 761 -35.21 21.52 -51.59
C LEU C 761 -34.61 22.90 -51.84
N SER C 762 -33.96 23.48 -50.82
CA SER C 762 -33.48 24.85 -50.92
C SER C 762 -32.35 24.97 -51.94
N ASN C 763 -31.37 24.07 -51.88
CA ASN C 763 -30.27 24.13 -52.82
C ASN C 763 -30.64 23.57 -54.19
N VAL C 764 -31.60 22.63 -54.23
CA VAL C 764 -32.08 22.13 -55.52
C VAL C 764 -32.68 23.26 -56.35
N ALA C 765 -33.23 24.29 -55.69
CA ALA C 765 -33.84 25.41 -56.40
C ALA C 765 -32.82 26.17 -57.24
N GLY C 766 -31.56 26.18 -56.81
CA GLY C 766 -30.48 26.76 -57.60
C GLY C 766 -30.41 26.24 -59.02
N VAL C 767 -30.87 25.01 -59.25
CA VAL C 767 -30.92 24.47 -60.60
C VAL C 767 -32.22 24.82 -61.30
N PHE C 768 -33.26 25.18 -60.55
CA PHE C 768 -34.56 25.53 -61.12
C PHE C 768 -34.65 27.00 -61.51
N TYR C 769 -33.94 27.89 -60.81
CA TYR C 769 -33.93 29.29 -61.23
C TYR C 769 -33.14 29.51 -62.51
N ILE C 770 -32.24 28.59 -62.85
CA ILE C 770 -31.49 28.71 -64.09
C ILE C 770 -32.20 28.05 -65.27
N LEU C 771 -33.14 27.13 -65.00
CA LEU C 771 -33.92 26.52 -66.08
C LEU C 771 -35.08 27.42 -66.50
N VAL C 772 -35.88 27.87 -65.53
CA VAL C 772 -36.93 28.84 -65.84
C VAL C 772 -36.31 30.14 -66.34
N GLY C 773 -35.15 30.50 -65.82
CA GLY C 773 -34.35 31.57 -66.40
C GLY C 773 -33.85 31.27 -67.80
N GLY C 774 -33.89 30.01 -68.23
CA GLY C 774 -33.60 29.65 -69.61
C GLY C 774 -34.84 29.44 -70.44
N LEU C 775 -35.95 29.15 -69.77
CA LEU C 775 -37.23 29.04 -70.47
C LEU C 775 -37.75 30.41 -70.90
N GLY C 776 -37.67 31.39 -70.01
CA GLY C 776 -38.08 32.74 -70.36
C GLY C 776 -37.20 33.37 -71.42
N LEU C 777 -35.90 33.04 -71.42
CA LEU C 777 -35.02 33.52 -72.47
C LEU C 777 -35.32 32.86 -73.80
N ALA C 778 -35.72 31.59 -73.78
CA ALA C 778 -36.11 30.91 -75.01
C ALA C 778 -37.47 31.36 -75.52
N MET C 779 -38.27 32.01 -74.67
CA MET C 779 -39.52 32.61 -75.11
C MET C 779 -39.35 34.01 -75.67
N LEU C 780 -38.26 34.70 -75.31
CA LEU C 780 -37.95 35.98 -75.91
C LEU C 780 -37.31 35.83 -77.29
N VAL C 781 -36.62 34.70 -77.52
CA VAL C 781 -36.11 34.40 -78.85
C VAL C 781 -37.21 33.87 -79.76
N ALA C 782 -38.27 33.30 -79.20
CA ALA C 782 -39.39 32.80 -79.99
C ALA C 782 -40.28 33.92 -80.52
N LEU C 783 -40.15 35.13 -80.00
CA LEU C 783 -40.93 36.27 -80.47
C LEU C 783 -40.19 37.13 -81.47
N ILE C 784 -38.87 37.31 -81.30
CA ILE C 784 -38.09 38.08 -82.26
C ILE C 784 -37.88 37.30 -83.55
N GLU C 785 -37.95 35.98 -83.50
CA GLU C 785 -37.95 35.18 -84.71
C GLU C 785 -39.34 35.05 -85.33
N PHE C 786 -40.37 35.41 -84.59
CA PHE C 786 -41.74 35.42 -85.12
C PHE C 786 -42.15 36.77 -85.64
N CYS C 787 -41.62 37.86 -85.06
CA CYS C 787 -41.89 39.19 -85.59
C CYS C 787 -41.16 39.42 -86.91
N TYR C 788 -39.98 38.84 -87.07
CA TYR C 788 -39.23 38.95 -88.30
C TYR C 788 -39.83 38.07 -89.39
N ASN D 1 26.56 35.34 70.94
CA ASN D 1 25.73 35.70 69.79
C ASN D 1 24.97 34.49 69.27
N SER D 2 24.42 33.69 70.19
CA SER D 2 23.62 32.53 69.82
C SER D 2 22.31 33.01 69.22
N ILE D 3 22.23 33.00 67.88
CA ILE D 3 21.07 33.50 67.17
C ILE D 3 20.02 32.39 67.10
N GLN D 4 18.89 32.59 67.77
CA GLN D 4 17.84 31.60 67.82
C GLN D 4 17.05 31.59 66.51
N ILE D 5 17.04 30.44 65.83
CA ILE D 5 16.25 30.27 64.61
C ILE D 5 15.42 29.00 64.74
N GLY D 6 14.39 28.90 63.91
CA GLY D 6 13.48 27.77 63.95
C GLY D 6 13.83 26.70 62.94
N GLY D 7 13.31 25.50 63.19
CA GLY D 7 13.54 24.37 62.32
C GLY D 7 12.35 23.44 62.20
N LEU D 8 11.83 23.27 60.99
CA LEU D 8 10.69 22.40 60.72
C LEU D 8 11.09 21.42 59.62
N PHE D 9 11.33 20.18 59.99
CA PHE D 9 11.70 19.15 59.03
C PHE D 9 10.68 18.01 59.07
N PRO D 10 10.22 17.53 57.92
CA PRO D 10 9.31 16.39 57.92
C PRO D 10 9.96 15.15 58.54
N ARG D 11 9.11 14.17 58.87
CA ARG D 11 9.58 12.98 59.56
C ARG D 11 10.62 12.22 58.74
N GLY D 12 10.39 12.08 57.44
CA GLY D 12 11.27 11.33 56.57
C GLY D 12 12.32 12.14 55.85
N ALA D 13 12.47 13.42 56.18
CA ALA D 13 13.47 14.27 55.52
C ALA D 13 14.84 13.96 56.11
N ASP D 14 15.42 12.85 55.65
CA ASP D 14 16.70 12.42 56.19
C ASP D 14 17.87 13.19 55.57
N GLN D 15 18.03 13.10 54.25
CA GLN D 15 19.10 13.85 53.60
C GLN D 15 18.83 15.34 53.61
N GLU D 16 17.58 15.75 53.75
CA GLU D 16 17.27 17.19 53.81
C GLU D 16 17.80 17.83 55.08
N TYR D 17 17.72 17.12 56.21
CA TYR D 17 18.26 17.64 57.46
C TYR D 17 19.76 17.37 57.59
N SER D 18 20.28 16.35 56.92
CA SER D 18 21.72 16.09 56.95
C SER D 18 22.48 17.23 56.29
N ALA D 19 22.06 17.64 55.10
CA ALA D 19 22.70 18.76 54.42
C ALA D 19 22.55 20.06 55.20
N PHE D 20 21.51 20.17 56.04
CA PHE D 20 21.37 21.35 56.88
C PHE D 20 22.54 21.48 57.85
N ARG D 21 22.96 20.37 58.45
CA ARG D 21 24.05 20.40 59.41
C ARG D 21 25.40 20.61 58.71
N VAL D 22 25.52 20.21 57.44
CA VAL D 22 26.75 20.44 56.70
C VAL D 22 26.93 21.92 56.41
N GLY D 23 25.84 22.63 56.10
CA GLY D 23 25.92 24.06 55.92
C GLY D 23 26.18 24.79 57.22
N MET D 24 25.69 24.26 58.34
CA MET D 24 25.99 24.83 59.64
C MET D 24 27.48 24.81 59.94
N VAL D 25 28.20 23.84 59.39
CA VAL D 25 29.63 23.70 59.66
C VAL D 25 30.47 24.42 58.60
N GLN D 26 30.10 24.30 57.33
CA GLN D 26 30.88 24.95 56.27
C GLN D 26 30.76 26.46 56.31
N PHE D 27 29.68 27.01 56.87
CA PHE D 27 29.46 28.45 56.91
C PHE D 27 29.44 29.00 58.33
N SER D 28 29.97 28.26 59.29
CA SER D 28 30.04 28.76 60.66
C SER D 28 31.13 29.81 60.78
N THR D 29 30.89 30.82 61.61
CA THR D 29 31.85 31.90 61.81
C THR D 29 31.93 32.24 63.30
N SER D 30 33.05 32.84 63.69
CA SER D 30 33.27 33.19 65.09
C SER D 30 32.63 34.52 65.47
N GLU D 31 32.04 35.24 64.52
CA GLU D 31 31.28 36.44 64.87
C GLU D 31 30.03 36.06 65.64
N PHE D 32 29.23 35.16 65.10
CA PHE D 32 27.99 34.73 65.72
C PHE D 32 27.75 33.27 65.39
N ARG D 33 26.94 32.62 66.23
CA ARG D 33 26.57 31.23 66.04
C ARG D 33 25.06 31.12 65.90
N LEU D 34 24.61 30.30 64.97
CA LEU D 34 23.19 30.02 64.78
C LEU D 34 22.83 28.77 65.57
N THR D 35 21.85 28.90 66.46
CA THR D 35 21.41 27.79 67.30
C THR D 35 20.06 27.26 66.80
N PRO D 36 20.04 26.22 65.98
CA PRO D 36 18.77 25.71 65.47
C PRO D 36 17.98 24.99 66.55
N HIS D 37 16.67 25.18 66.52
CA HIS D 37 15.74 24.47 67.40
C HIS D 37 14.87 23.59 66.50
N ILE D 38 15.27 22.32 66.37
CA ILE D 38 14.67 21.43 65.40
C ILE D 38 13.41 20.80 65.98
N ASP D 39 12.38 20.65 65.14
CA ASP D 39 11.15 19.97 65.51
C ASP D 39 10.72 19.09 64.34
N ASN D 40 11.02 17.79 64.42
CA ASN D 40 10.55 16.84 63.42
C ASN D 40 9.04 16.67 63.58
N LEU D 41 8.30 16.83 62.48
CA LEU D 41 6.85 16.80 62.53
C LEU D 41 6.31 16.30 61.20
N GLU D 42 5.00 16.03 61.18
CA GLU D 42 4.32 15.64 59.95
C GLU D 42 4.06 16.91 59.13
N VAL D 43 4.73 17.00 57.98
CA VAL D 43 4.62 18.20 57.16
C VAL D 43 3.21 18.36 56.59
N ALA D 44 2.49 17.25 56.39
CA ALA D 44 1.17 17.31 55.79
C ALA D 44 0.14 17.90 56.75
N ASN D 45 0.16 17.44 58.00
CA ASN D 45 -0.81 17.89 58.99
C ASN D 45 -0.51 19.33 59.38
N SER D 46 -1.47 20.23 59.18
CA SER D 46 -1.24 21.65 59.40
C SER D 46 -1.40 22.05 60.86
N PHE D 47 -2.17 21.30 61.66
CA PHE D 47 -2.25 21.60 63.08
C PHE D 47 -0.89 21.40 63.74
N ALA D 48 -0.16 20.35 63.34
CA ALA D 48 1.18 20.13 63.86
C ALA D 48 2.10 21.28 63.49
N VAL D 49 1.93 21.85 62.30
CA VAL D 49 2.74 22.99 61.90
C VAL D 49 2.37 24.24 62.70
N THR D 50 1.09 24.38 63.05
CA THR D 50 0.66 25.55 63.80
C THR D 50 1.27 25.58 65.20
N ASN D 51 1.30 24.43 65.88
CA ASN D 51 1.89 24.37 67.20
C ASN D 51 3.41 24.46 67.15
N ALA D 52 4.02 23.88 66.12
CA ALA D 52 5.47 23.93 65.99
C ALA D 52 5.96 25.33 65.61
N PHE D 53 5.14 26.10 64.89
CA PHE D 53 5.50 27.48 64.60
C PHE D 53 5.42 28.35 65.84
N CYS D 54 4.35 28.19 66.62
CA CYS D 54 4.17 28.94 67.85
C CYS D 54 5.07 28.44 68.98
N SER D 55 5.74 27.31 68.80
CA SER D 55 6.82 26.92 69.71
C SER D 55 8.11 27.67 69.37
N GLN D 56 8.35 27.95 68.09
CA GLN D 56 9.50 28.76 67.72
C GLN D 56 9.28 30.21 68.09
N PHE D 57 8.06 30.73 67.88
CA PHE D 57 7.79 32.14 68.15
C PHE D 57 7.96 32.47 69.63
N SER D 58 7.35 31.66 70.51
CA SER D 58 7.42 31.93 71.93
C SER D 58 8.86 31.90 72.44
N ARG D 59 9.69 31.02 71.88
CA ARG D 59 11.12 31.01 72.21
C ARG D 59 11.87 32.19 71.61
N GLY D 60 11.20 33.03 70.82
CA GLY D 60 11.81 34.24 70.30
C GLY D 60 12.80 34.01 69.17
N VAL D 61 12.42 33.18 68.19
CA VAL D 61 13.30 32.96 67.05
C VAL D 61 13.33 34.20 66.16
N TYR D 62 14.37 34.29 65.34
CA TYR D 62 14.53 35.41 64.41
C TYR D 62 14.18 35.05 62.98
N ALA D 63 14.19 33.76 62.63
CA ALA D 63 13.77 33.27 61.33
C ALA D 63 13.54 31.77 61.44
N ILE D 64 12.83 31.23 60.46
CA ILE D 64 12.46 29.81 60.47
C ILE D 64 12.86 29.19 59.14
N PHE D 65 13.46 28.00 59.22
CA PHE D 65 13.73 27.18 58.05
C PHE D 65 12.86 25.94 58.10
N GLY D 66 12.22 25.62 56.98
CA GLY D 66 11.33 24.47 56.96
C GLY D 66 10.84 24.16 55.56
N PHE D 67 9.82 23.32 55.52
CA PHE D 67 9.17 22.91 54.28
C PHE D 67 7.66 23.05 54.45
N TYR D 68 6.92 22.82 53.36
CA TYR D 68 5.48 22.77 53.45
C TYR D 68 4.92 21.92 52.32
N ASP D 69 3.70 21.42 52.53
CA ASP D 69 2.92 20.75 51.52
C ASP D 69 1.88 21.71 50.95
N LYS D 70 1.20 21.29 49.89
CA LYS D 70 0.12 22.11 49.35
C LYS D 70 -1.00 22.27 50.37
N LYS D 71 -1.15 21.32 51.29
CA LYS D 71 -2.13 21.46 52.35
C LYS D 71 -1.68 22.48 53.40
N SER D 72 -0.37 22.60 53.62
CA SER D 72 0.16 23.39 54.71
C SER D 72 0.83 24.69 54.27
N VAL D 73 0.98 24.94 52.97
CA VAL D 73 1.70 26.13 52.52
C VAL D 73 0.96 27.39 52.92
N ASN D 74 -0.37 27.39 52.82
CA ASN D 74 -1.14 28.58 53.18
C ASN D 74 -1.03 28.88 54.67
N THR D 75 -0.79 27.86 55.49
CA THR D 75 -0.65 28.08 56.93
C THR D 75 0.61 28.88 57.25
N ILE D 76 1.70 28.60 56.52
CA ILE D 76 2.97 29.28 56.79
C ILE D 76 2.90 30.74 56.31
N THR D 77 2.47 30.93 55.06
CA THR D 77 2.47 32.26 54.47
C THR D 77 1.49 33.23 55.14
N SER D 78 0.62 32.72 56.02
CA SER D 78 -0.31 33.57 56.75
C SER D 78 0.19 33.93 58.15
N PHE D 79 0.80 32.98 58.85
CA PHE D 79 1.41 33.30 60.14
C PHE D 79 2.65 34.17 59.95
N CYS D 80 3.39 33.94 58.86
CA CYS D 80 4.60 34.72 58.60
C CYS D 80 4.27 36.14 58.17
N GLY D 81 3.12 36.34 57.52
CA GLY D 81 2.73 37.68 57.11
C GLY D 81 2.27 38.54 58.26
N THR D 82 1.61 37.96 59.26
CA THR D 82 1.09 38.74 60.38
C THR D 82 2.19 39.06 61.39
N LEU D 83 2.80 38.02 61.97
CA LEU D 83 3.82 38.21 63.00
C LEU D 83 5.17 38.67 62.45
N HIS D 84 5.27 38.91 61.14
CA HIS D 84 6.49 39.41 60.51
C HIS D 84 7.69 38.51 60.75
N VAL D 85 7.47 37.20 60.83
CA VAL D 85 8.53 36.22 61.00
C VAL D 85 8.92 35.69 59.64
N SER D 86 10.22 35.74 59.33
CA SER D 86 10.70 35.26 58.05
C SER D 86 10.68 33.74 57.98
N PHE D 87 10.59 33.21 56.77
CA PHE D 87 10.53 31.76 56.56
C PHE D 87 11.25 31.42 55.27
N ILE D 88 12.32 30.64 55.37
CA ILE D 88 13.07 30.15 54.23
C ILE D 88 12.64 28.71 53.96
N THR D 89 12.40 28.39 52.68
CA THR D 89 11.99 27.04 52.36
C THR D 89 12.46 26.64 50.97
N PRO D 90 12.90 25.39 50.80
CA PRO D 90 13.17 24.87 49.46
C PRO D 90 11.93 24.35 48.75
N SER D 91 10.78 24.34 49.42
CA SER D 91 9.57 23.77 48.84
C SER D 91 9.11 24.60 47.64
N PHE D 92 8.05 24.12 47.00
CA PHE D 92 7.60 24.71 45.74
C PHE D 92 7.17 26.16 45.93
N PRO D 93 7.37 27.00 44.90
CA PRO D 93 6.99 28.41 45.03
C PRO D 93 5.50 28.57 45.25
N THR D 94 5.15 29.52 46.11
CA THR D 94 3.74 29.77 46.41
C THR D 94 3.02 30.30 45.18
N ASP D 95 1.77 29.87 45.00
CA ASP D 95 0.94 30.29 43.87
C ASP D 95 0.47 31.71 44.13
N GLY D 96 1.39 32.65 43.95
CA GLY D 96 1.09 34.06 44.16
C GLY D 96 2.34 34.80 44.61
N THR D 97 2.12 35.95 45.25
CA THR D 97 3.17 36.81 45.76
C THR D 97 2.95 36.97 47.26
N HIS D 98 3.59 36.10 48.03
CA HIS D 98 3.39 36.15 49.46
C HIS D 98 4.60 36.79 50.15
N PRO D 99 4.39 37.47 51.27
CA PRO D 99 5.51 38.13 51.97
C PRO D 99 6.13 37.24 53.03
N PHE D 100 7.33 37.64 53.45
CA PHE D 100 8.07 36.97 54.52
C PHE D 100 8.33 35.49 54.21
N VAL D 101 8.59 35.19 52.94
CA VAL D 101 8.90 33.85 52.51
C VAL D 101 10.08 33.92 51.54
N ILE D 102 11.11 33.13 51.82
CA ILE D 102 12.32 33.09 51.00
C ILE D 102 12.32 31.75 50.27
N GLN D 103 11.83 31.75 49.03
CA GLN D 103 11.64 30.53 48.26
C GLN D 103 12.93 30.17 47.54
N MET D 104 13.63 29.15 48.05
CA MET D 104 14.90 28.72 47.46
C MET D 104 14.71 28.00 46.14
N ARG D 105 13.51 27.52 45.85
CA ARG D 105 13.30 26.72 44.65
C ARG D 105 12.99 27.64 43.46
N PRO D 106 13.69 27.48 42.34
CA PRO D 106 13.35 28.26 41.15
C PRO D 106 12.02 27.85 40.54
N ASP D 107 11.48 28.74 39.71
CA ASP D 107 10.19 28.51 39.09
C ASP D 107 10.36 27.57 37.90
N LEU D 108 9.73 26.40 37.96
CA LEU D 108 9.85 25.40 36.91
C LEU D 108 8.93 25.67 35.73
N LYS D 109 7.82 26.40 35.95
CA LYS D 109 6.82 26.57 34.91
C LYS D 109 7.42 27.13 33.62
N GLY D 110 8.34 28.10 33.74
CA GLY D 110 8.97 28.66 32.56
C GLY D 110 9.87 27.68 31.85
N ALA D 111 10.57 26.83 32.62
CA ALA D 111 11.48 25.87 32.02
C ALA D 111 10.72 24.80 31.22
N LEU D 112 9.67 24.24 31.82
CA LEU D 112 8.92 23.18 31.15
C LEU D 112 8.26 23.69 29.88
N LEU D 113 7.62 24.86 29.95
CA LEU D 113 6.91 25.41 28.80
C LEU D 113 7.88 25.74 27.66
N SER D 114 9.14 26.03 27.98
CA SER D 114 10.12 26.30 26.94
C SER D 114 10.76 25.04 26.40
N LEU D 115 10.66 23.92 27.12
CA LEU D 115 11.18 22.65 26.64
C LEU D 115 10.19 21.93 25.74
N ILE D 116 8.90 22.02 26.07
CA ILE D 116 7.86 21.45 25.20
C ILE D 116 7.96 22.04 23.81
N GLU D 117 8.27 23.33 23.72
CA GLU D 117 8.38 23.99 22.42
C GLU D 117 9.64 23.56 21.67
N TYR D 118 10.70 23.20 22.40
CA TYR D 118 11.93 22.76 21.74
C TYR D 118 11.69 21.50 20.93
N TYR D 119 11.09 20.48 21.54
CA TYR D 119 10.77 19.26 20.82
C TYR D 119 9.62 19.44 19.82
N GLN D 120 8.97 20.61 19.82
CA GLN D 120 7.81 20.88 18.97
C GLN D 120 6.72 19.84 19.21
N TRP D 121 6.20 19.85 20.43
CA TRP D 121 5.10 18.97 20.81
C TRP D 121 3.78 19.68 20.59
N ASP D 122 2.82 18.97 20.00
CA ASP D 122 1.48 19.48 19.76
C ASP D 122 0.39 18.64 20.41
N LYS D 123 0.68 17.38 20.75
CA LYS D 123 -0.30 16.50 21.39
C LYS D 123 0.46 15.58 22.33
N PHE D 124 0.28 15.78 23.63
CA PHE D 124 1.02 15.02 24.62
C PHE D 124 0.15 14.82 25.85
N ALA D 125 0.55 13.85 26.68
CA ALA D 125 -0.11 13.59 27.95
C ALA D 125 0.66 14.28 29.07
N TYR D 126 -0.09 14.85 30.02
CA TYR D 126 0.48 15.58 31.14
C TYR D 126 -0.08 14.98 32.43
N LEU D 127 0.52 13.89 32.88
CA LEU D 127 0.19 13.35 34.19
C LEU D 127 0.58 14.36 35.26
N TYR D 128 -0.12 14.29 36.39
CA TYR D 128 0.16 15.26 37.46
C TYR D 128 -0.30 14.71 38.79
N ASP D 129 0.41 15.10 39.84
CA ASP D 129 0.08 14.77 41.21
C ASP D 129 -0.19 16.06 41.98
N SER D 130 -1.20 16.02 42.85
CA SER D 130 -1.64 17.21 43.57
C SER D 130 -0.76 17.54 44.76
N ASP D 131 0.53 17.19 44.67
CA ASP D 131 1.44 17.40 45.80
C ASP D 131 2.09 18.78 45.77
N ARG D 132 2.77 19.11 44.67
CA ARG D 132 3.46 20.39 44.56
C ARG D 132 2.64 21.42 43.80
N GLY D 133 1.32 21.40 43.97
CA GLY D 133 0.46 22.37 43.33
C GLY D 133 0.29 22.17 41.84
N LEU D 134 -0.89 22.48 41.32
CA LEU D 134 -1.15 22.40 39.88
C LEU D 134 -0.76 23.69 39.16
N SER D 135 0.05 24.54 39.79
CA SER D 135 0.52 25.75 39.12
C SER D 135 1.27 25.42 37.84
N THR D 136 2.01 24.31 37.82
CA THR D 136 2.63 23.86 36.58
C THR D 136 1.60 23.33 35.60
N LEU D 137 0.55 22.68 36.09
CA LEU D 137 -0.52 22.22 35.22
C LEU D 137 -1.33 23.38 34.67
N GLN D 138 -1.62 24.38 35.51
CA GLN D 138 -2.32 25.57 35.01
C GLN D 138 -1.47 26.35 34.03
N ALA D 139 -0.14 26.25 34.15
CA ALA D 139 0.74 26.96 33.21
C ALA D 139 0.80 26.27 31.86
N VAL D 140 0.67 24.95 31.81
CA VAL D 140 0.63 24.25 30.54
C VAL D 140 -0.78 24.15 29.97
N LEU D 141 -1.81 24.42 30.78
CA LEU D 141 -3.18 24.45 30.29
C LEU D 141 -3.61 25.85 29.85
N ASP D 142 -3.25 26.88 30.61
CA ASP D 142 -3.53 28.25 30.17
C ASP D 142 -2.72 28.60 28.93
N SER D 143 -1.54 27.98 28.75
CA SER D 143 -0.77 28.13 27.54
C SER D 143 -1.08 27.06 26.50
N ALA D 144 -1.89 26.06 26.85
CA ALA D 144 -2.32 25.08 25.87
C ALA D 144 -3.18 25.73 24.78
N ALA D 145 -4.03 26.68 25.17
CA ALA D 145 -4.86 27.38 24.20
C ALA D 145 -4.02 28.28 23.31
N GLU D 146 -3.02 28.94 23.87
CA GLU D 146 -2.22 29.90 23.12
C GLU D 146 -1.50 29.23 21.95
N LYS D 147 -0.64 28.26 22.25
CA LYS D 147 0.15 27.58 21.22
C LYS D 147 -0.57 26.37 20.64
N LYS D 148 -1.83 26.15 20.98
CA LYS D 148 -2.63 25.03 20.49
C LYS D 148 -1.95 23.68 20.76
N TRP D 149 -2.05 23.20 22.00
CA TRP D 149 -1.64 21.86 22.36
C TRP D 149 -2.86 21.07 22.83
N GLN D 150 -2.88 19.78 22.52
CA GLN D 150 -3.93 18.90 23.00
C GLN D 150 -3.36 18.11 24.18
N VAL D 151 -3.52 18.68 25.37
CA VAL D 151 -2.99 18.08 26.59
C VAL D 151 -3.99 17.06 27.11
N THR D 152 -3.49 15.87 27.41
CA THR D 152 -4.30 14.82 28.03
C THR D 152 -3.88 14.70 29.50
N ALA D 153 -4.33 15.67 30.30
CA ALA D 153 -3.97 15.72 31.71
C ALA D 153 -4.71 14.63 32.47
N ILE D 154 -3.96 13.76 33.15
CA ILE D 154 -4.51 12.65 33.91
C ILE D 154 -4.07 12.76 35.36
N ASN D 155 -5.03 12.96 36.25
CA ASN D 155 -4.76 13.08 37.69
C ASN D 155 -4.25 11.73 38.20
N VAL D 156 -2.92 11.62 38.34
CA VAL D 156 -2.32 10.40 38.88
C VAL D 156 -2.19 10.44 40.40
N GLY D 157 -2.62 11.53 41.04
CA GLY D 157 -2.36 11.69 42.46
C GLY D 157 -3.15 10.73 43.33
N ASN D 158 -4.45 10.58 43.05
CA ASN D 158 -5.35 9.82 43.91
C ASN D 158 -5.29 8.35 43.54
N ILE D 159 -4.37 7.62 44.17
CA ILE D 159 -4.26 6.17 44.01
C ILE D 159 -3.75 5.57 45.32
N ASN D 160 -4.38 4.50 45.76
CA ASN D 160 -3.91 3.74 46.91
C ASN D 160 -2.87 2.71 46.48
N ASN D 161 -2.13 2.18 47.46
CA ASN D 161 -1.00 1.32 47.17
C ASN D 161 -1.39 -0.12 46.89
N ASP D 162 -2.58 -0.55 47.28
CA ASP D 162 -2.98 -1.94 47.06
C ASP D 162 -3.46 -2.17 45.63
N LYS D 163 -4.22 -1.24 45.08
CA LYS D 163 -4.69 -1.31 43.69
C LYS D 163 -3.86 -0.41 42.78
N LYS D 164 -2.53 -0.42 42.95
CA LYS D 164 -1.67 0.45 42.18
C LYS D 164 -1.37 -0.12 40.80
N ASP D 165 -1.17 -1.44 40.71
CA ASP D 165 -0.81 -2.05 39.44
C ASP D 165 -2.00 -2.12 38.49
N GLU D 166 -3.22 -2.17 39.02
CA GLU D 166 -4.40 -2.27 38.16
C GLU D 166 -4.74 -0.93 37.53
N THR D 167 -4.74 0.14 38.33
CA THR D 167 -5.06 1.47 37.80
C THR D 167 -3.94 2.01 36.92
N TYR D 168 -2.74 1.46 37.01
CA TYR D 168 -1.64 1.96 36.19
C TYR D 168 -1.67 1.37 34.79
N ARG D 169 -1.86 0.05 34.68
CA ARG D 169 -2.06 -0.54 33.35
C ARG D 169 -3.31 0.01 32.70
N SER D 170 -4.36 0.27 33.49
CA SER D 170 -5.56 0.91 32.96
C SER D 170 -5.31 2.35 32.56
N LEU D 171 -4.28 3.00 33.12
CA LEU D 171 -3.94 4.36 32.72
C LEU D 171 -3.23 4.38 31.38
N PHE D 172 -2.46 3.34 31.07
CA PHE D 172 -1.77 3.26 29.79
C PHE D 172 -2.56 2.50 28.73
N GLN D 173 -3.61 1.77 29.12
CA GLN D 173 -4.63 1.37 28.17
C GLN D 173 -5.65 2.47 27.94
N ASP D 174 -5.61 3.54 28.75
CA ASP D 174 -6.28 4.79 28.45
C ASP D 174 -5.38 5.75 27.68
N LEU D 175 -4.06 5.67 27.90
CA LEU D 175 -3.09 6.38 27.07
C LEU D 175 -2.82 5.66 25.76
N GLU D 176 -3.35 4.45 25.59
CA GLU D 176 -3.26 3.75 24.31
C GLU D 176 -4.41 4.13 23.36
N LEU D 177 -5.53 4.61 23.91
CA LEU D 177 -6.60 5.10 23.05
C LEU D 177 -6.12 6.24 22.16
N LYS D 178 -5.40 7.19 22.75
CA LYS D 178 -4.78 8.27 22.00
C LYS D 178 -3.48 7.87 21.32
N LYS D 179 -3.05 6.62 21.50
CA LYS D 179 -1.73 6.18 21.03
C LYS D 179 -0.64 7.13 21.52
N GLU D 180 -0.77 7.55 22.78
CA GLU D 180 0.07 8.62 23.32
C GLU D 180 1.50 8.14 23.48
N ARG D 181 2.41 8.75 22.74
CA ARG D 181 3.83 8.44 22.81
C ARG D 181 4.65 9.50 23.54
N ARG D 182 4.05 10.63 23.88
CA ARG D 182 4.75 11.75 24.50
C ARG D 182 4.06 12.10 25.81
N VAL D 183 4.75 11.85 26.91
CA VAL D 183 4.18 11.98 28.25
C VAL D 183 5.04 12.92 29.08
N ILE D 184 4.39 13.79 29.85
CA ILE D 184 5.04 14.61 30.86
C ILE D 184 4.59 14.11 32.23
N LEU D 185 5.52 14.03 33.17
CA LEU D 185 5.25 13.43 34.48
C LEU D 185 4.91 14.49 35.53
N ASP D 186 5.83 15.42 35.80
CA ASP D 186 5.59 16.54 36.73
C ASP D 186 5.05 16.03 38.07
N CYS D 187 5.89 15.26 38.75
CA CYS D 187 5.51 14.69 40.03
C CYS D 187 6.72 14.66 40.95
N GLU D 188 6.46 14.38 42.22
CA GLU D 188 7.52 14.24 43.21
C GLU D 188 8.48 13.13 42.80
N ARG D 189 9.75 13.29 43.17
CA ARG D 189 10.77 12.32 42.76
C ARG D 189 10.46 10.92 43.25
N ASP D 190 9.69 10.78 44.32
CA ASP D 190 9.32 9.45 44.80
C ASP D 190 8.30 8.79 43.88
N LYS D 191 7.30 9.56 43.42
CA LYS D 191 6.29 9.03 42.52
C LYS D 191 6.81 8.82 41.11
N VAL D 192 8.00 9.34 40.79
CA VAL D 192 8.58 9.13 39.47
C VAL D 192 9.03 7.69 39.29
N ASN D 193 9.84 7.19 40.23
CA ASN D 193 10.39 5.84 40.10
C ASN D 193 9.30 4.78 40.13
N ASP D 194 8.19 5.05 40.83
CA ASP D 194 7.05 4.14 40.76
C ASP D 194 6.45 4.11 39.36
N ILE D 195 6.27 5.29 38.75
CA ILE D 195 5.74 5.34 37.40
C ILE D 195 6.71 4.72 36.41
N VAL D 196 8.00 5.01 36.56
CA VAL D 196 9.00 4.48 35.63
C VAL D 196 9.01 2.97 35.65
N ASP D 197 8.81 2.36 36.83
CA ASP D 197 8.91 0.91 36.94
C ASP D 197 7.79 0.22 36.19
N GLN D 198 6.54 0.59 36.46
CA GLN D 198 5.42 -0.03 35.75
C GLN D 198 5.54 0.16 34.24
N VAL D 199 6.16 1.27 33.81
CA VAL D 199 6.37 1.51 32.39
C VAL D 199 7.24 0.41 31.78
N ILE D 200 8.27 -0.01 32.51
CA ILE D 200 9.17 -1.04 31.99
C ILE D 200 8.46 -2.39 31.94
N THR D 201 7.56 -2.66 32.87
CA THR D 201 6.91 -3.96 32.92
C THR D 201 5.93 -4.14 31.75
N ILE D 202 5.27 -3.06 31.34
CA ILE D 202 4.39 -3.16 30.17
C ILE D 202 5.15 -2.98 28.87
N GLY D 203 6.34 -2.41 28.91
CA GLY D 203 7.16 -2.27 27.72
C GLY D 203 6.97 -0.99 26.95
N LYS D 204 6.57 0.09 27.60
CA LYS D 204 6.39 1.38 26.94
C LYS D 204 7.62 2.27 27.14
N HIS D 205 8.77 1.72 26.76
CA HIS D 205 10.02 2.47 26.83
C HIS D 205 10.96 2.12 25.69
N VAL D 206 10.52 1.43 24.65
CA VAL D 206 11.35 1.12 23.50
C VAL D 206 11.36 2.32 22.56
N LYS D 207 11.97 2.14 21.39
CA LYS D 207 12.10 3.23 20.42
C LYS D 207 10.72 3.70 19.97
N GLY D 208 10.35 4.93 20.34
CA GLY D 208 9.08 5.48 19.94
C GLY D 208 8.45 6.39 20.98
N TYR D 209 8.77 6.17 22.25
CA TYR D 209 8.23 6.98 23.33
C TYR D 209 9.21 8.08 23.73
N HIS D 210 8.66 9.14 24.33
CA HIS D 210 9.48 10.26 24.80
C HIS D 210 8.84 10.80 26.06
N TYR D 211 9.57 10.73 27.17
CA TYR D 211 9.11 11.18 28.47
C TYR D 211 9.82 12.46 28.88
N ILE D 212 9.10 13.31 29.61
CA ILE D 212 9.64 14.56 30.14
C ILE D 212 9.40 14.56 31.65
N ILE D 213 10.48 14.65 32.42
CA ILE D 213 10.43 14.61 33.87
C ILE D 213 10.49 16.05 34.37
N ALA D 214 9.34 16.58 34.80
CA ALA D 214 9.23 17.98 35.19
C ALA D 214 9.50 18.11 36.68
N ASN D 215 10.78 18.06 37.04
CA ASN D 215 11.24 18.39 38.39
C ASN D 215 12.72 18.66 38.33
N LEU D 216 13.22 19.39 39.33
CA LEU D 216 14.62 19.80 39.34
C LEU D 216 15.58 18.66 39.61
N GLY D 217 15.09 17.44 39.82
CA GLY D 217 15.96 16.32 40.12
C GLY D 217 15.97 15.25 39.04
N PHE D 218 16.60 15.56 37.91
CA PHE D 218 16.68 14.58 36.84
C PHE D 218 17.64 13.45 37.21
N THR D 219 18.86 13.78 37.59
CA THR D 219 19.87 12.80 37.95
C THR D 219 19.79 12.36 39.41
N ASP D 220 18.84 12.89 40.17
CA ASP D 220 18.75 12.55 41.60
C ASP D 220 18.04 11.22 41.83
N GLY D 221 17.28 10.72 40.84
CA GLY D 221 16.77 9.37 40.86
C GLY D 221 17.67 8.42 40.09
N ASP D 222 17.15 7.21 39.86
CA ASP D 222 17.86 6.21 39.08
C ASP D 222 17.38 6.26 37.63
N LEU D 223 18.34 6.41 36.71
CA LEU D 223 18.03 6.51 35.29
C LEU D 223 18.65 5.39 34.46
N LEU D 224 19.54 4.59 35.03
CA LEU D 224 20.20 3.53 34.26
C LEU D 224 19.22 2.46 33.82
N LYS D 225 18.06 2.35 34.47
CA LYS D 225 17.11 1.30 34.11
C LYS D 225 16.45 1.58 32.76
N ILE D 226 15.97 2.81 32.55
CA ILE D 226 15.35 3.19 31.29
C ILE D 226 16.38 3.82 30.37
N GLN D 227 17.63 3.38 30.49
CA GLN D 227 18.70 3.92 29.68
C GLN D 227 18.94 3.12 28.40
N PHE D 228 18.42 1.90 28.31
CA PHE D 228 18.70 1.01 27.18
C PHE D 228 17.43 0.54 26.46
N GLY D 229 16.27 1.07 26.82
CA GLY D 229 15.01 0.69 26.18
C GLY D 229 14.87 1.17 24.75
N GLY D 230 15.19 2.44 24.49
CA GLY D 230 15.08 3.01 23.16
C GLY D 230 14.38 4.35 23.17
N ALA D 231 13.55 4.57 24.19
CA ALA D 231 12.79 5.81 24.28
C ALA D 231 13.69 6.97 24.70
N GLU D 232 13.32 8.17 24.26
CA GLU D 232 14.01 9.38 24.67
C GLU D 232 13.41 9.87 25.99
N VAL D 233 14.27 10.36 26.87
CA VAL D 233 13.85 10.87 28.17
C VAL D 233 14.52 12.22 28.38
N SER D 234 13.78 13.17 28.95
CA SER D 234 14.28 14.50 29.23
C SER D 234 13.89 14.92 30.64
N GLY D 235 14.60 15.90 31.15
CA GLY D 235 14.31 16.41 32.48
C GLY D 235 15.02 17.72 32.73
N PHE D 236 15.14 18.06 34.01
CA PHE D 236 15.73 19.32 34.43
C PHE D 236 16.67 19.07 35.61
N GLN D 237 17.82 19.76 35.61
CA GLN D 237 18.83 19.64 36.65
C GLN D 237 19.29 21.03 37.06
N ILE D 238 19.37 21.27 38.37
CA ILE D 238 19.76 22.57 38.91
C ILE D 238 21.17 22.43 39.50
N VAL D 239 21.49 21.24 39.99
CA VAL D 239 22.78 21.00 40.60
C VAL D 239 23.74 20.58 39.49
N ASP D 240 24.66 21.47 39.14
CA ASP D 240 25.67 21.19 38.13
C ASP D 240 26.85 20.48 38.78
N TYR D 241 27.03 19.20 38.45
CA TYR D 241 28.11 18.41 39.01
C TYR D 241 29.44 18.59 38.27
N ASP D 242 29.52 19.51 37.33
CA ASP D 242 30.77 19.84 36.66
C ASP D 242 31.42 21.11 37.20
N ASP D 243 30.75 21.82 38.10
CA ASP D 243 31.32 23.03 38.67
C ASP D 243 32.29 22.68 39.79
N SER D 244 33.31 23.53 39.95
CA SER D 244 34.34 23.27 40.96
C SER D 244 33.84 23.49 42.37
N LEU D 245 32.79 24.31 42.56
CA LEU D 245 32.25 24.51 43.89
C LEU D 245 31.56 23.26 44.40
N VAL D 246 30.74 22.62 43.56
CA VAL D 246 30.11 21.37 43.95
C VAL D 246 31.14 20.24 44.01
N SER D 247 32.18 20.32 43.17
CA SER D 247 33.25 19.32 43.22
C SER D 247 33.95 19.33 44.58
N LYS D 248 34.32 20.52 45.06
CA LYS D 248 34.89 20.63 46.41
C LYS D 248 33.89 20.25 47.49
N PHE D 249 32.59 20.24 47.17
CA PHE D 249 31.57 19.78 48.09
C PHE D 249 31.35 18.28 48.00
N ILE D 250 31.43 17.72 46.79
CA ILE D 250 31.24 16.28 46.63
C ILE D 250 32.45 15.52 47.16
N GLU D 251 33.65 16.05 46.94
CA GLU D 251 34.86 15.40 47.46
C GLU D 251 34.79 15.21 48.97
N ARG D 252 34.04 16.05 49.67
CA ARG D 252 33.85 15.88 51.10
C ARG D 252 32.57 15.10 51.43
N TRP D 253 31.50 15.33 50.68
CA TRP D 253 30.25 14.63 50.94
C TRP D 253 30.41 13.12 50.75
N SER D 254 31.01 12.71 49.63
CA SER D 254 31.16 11.29 49.35
C SER D 254 32.01 10.59 50.41
N THR D 255 32.94 11.31 51.03
CA THR D 255 33.83 10.72 52.02
C THR D 255 33.21 10.63 53.41
N LEU D 256 32.09 11.30 53.66
CA LEU D 256 31.45 11.24 54.97
C LEU D 256 30.81 9.88 55.18
N GLU D 257 30.72 9.48 56.45
CA GLU D 257 30.12 8.20 56.81
C GLU D 257 28.60 8.27 56.75
N GLU D 258 27.98 7.12 56.49
CA GLU D 258 26.54 7.03 56.32
C GLU D 258 25.80 6.79 57.63
N LYS D 259 26.50 6.57 58.74
CA LYS D 259 25.82 6.37 60.01
C LYS D 259 25.43 7.68 60.66
N GLU D 260 26.30 8.70 60.57
CA GLU D 260 26.02 9.98 61.21
C GLU D 260 24.99 10.79 60.43
N TYR D 261 25.17 10.89 59.12
CA TYR D 261 24.29 11.67 58.25
C TYR D 261 23.59 10.74 57.29
N PRO D 262 22.30 10.42 57.52
CA PRO D 262 21.61 9.44 56.67
C PRO D 262 21.55 9.88 55.22
N GLY D 263 22.05 9.01 54.33
CA GLY D 263 22.08 9.32 52.91
C GLY D 263 23.10 10.37 52.56
N ALA D 264 24.36 10.16 52.96
CA ALA D 264 25.41 11.12 52.71
C ALA D 264 26.70 10.51 52.17
N HIS D 265 26.76 9.19 51.98
CA HIS D 265 27.95 8.54 51.44
C HIS D 265 27.80 8.28 49.95
N THR D 266 27.27 9.25 49.21
CA THR D 266 27.08 9.12 47.77
C THR D 266 27.79 10.28 47.05
N ALA D 267 27.88 10.16 45.73
CA ALA D 267 28.51 11.15 44.90
C ALA D 267 27.54 12.21 44.37
N THR D 268 26.25 12.07 44.67
CA THR D 268 25.23 13.02 44.23
C THR D 268 24.39 13.44 45.42
N ILE D 269 23.58 14.49 45.21
CA ILE D 269 22.78 15.08 46.26
C ILE D 269 21.44 15.52 45.67
N LYS D 270 20.37 15.34 46.44
CA LYS D 270 19.04 15.73 45.99
C LYS D 270 18.93 17.24 45.86
N TYR D 271 18.02 17.68 44.98
CA TYR D 271 17.79 19.11 44.82
C TYR D 271 17.06 19.68 46.03
N THR D 272 16.29 18.85 46.74
CA THR D 272 15.72 19.28 48.00
C THR D 272 16.81 19.49 49.05
N SER D 273 17.85 18.66 49.02
CA SER D 273 18.94 18.77 49.98
C SER D 273 19.94 19.84 49.58
N ALA D 274 20.30 19.90 48.30
CA ALA D 274 21.26 20.88 47.83
C ALA D 274 20.77 22.30 48.05
N LEU D 275 19.46 22.51 48.05
CA LEU D 275 18.90 23.82 48.37
C LEU D 275 18.89 24.09 49.86
N THR D 276 18.74 23.05 50.68
CA THR D 276 18.86 23.22 52.13
C THR D 276 20.27 23.67 52.50
N TYR D 277 21.28 23.08 51.86
CA TYR D 277 22.65 23.53 52.08
C TYR D 277 22.85 24.96 51.61
N ASP D 278 22.28 25.30 50.45
CA ASP D 278 22.38 26.67 49.96
C ASP D 278 21.51 27.64 50.76
N ALA D 279 20.54 27.12 51.53
CA ALA D 279 19.72 27.99 52.36
C ALA D 279 20.49 28.52 53.56
N VAL D 280 21.44 27.72 54.07
CA VAL D 280 22.25 28.18 55.20
C VAL D 280 23.13 29.35 54.79
N GLN D 281 23.77 29.26 53.62
CA GLN D 281 24.61 30.35 53.15
C GLN D 281 23.81 31.62 52.95
N VAL D 282 22.50 31.51 52.71
CA VAL D 282 21.65 32.69 52.62
C VAL D 282 21.41 33.26 54.01
N MET D 283 21.13 32.40 54.99
CA MET D 283 20.86 32.89 56.35
C MET D 283 22.12 33.42 57.02
N THR D 284 23.25 32.73 56.82
CA THR D 284 24.52 33.20 57.40
C THR D 284 24.84 34.61 56.91
N GLU D 285 24.89 34.79 55.59
CA GLU D 285 25.13 36.11 55.02
C GLU D 285 24.03 37.10 55.37
N ALA D 286 22.82 36.61 55.65
CA ALA D 286 21.73 37.51 56.03
C ALA D 286 22.00 38.16 57.37
N PHE D 287 22.14 37.35 58.42
CA PHE D 287 22.47 37.89 59.73
C PHE D 287 23.87 38.48 59.78
N ARG D 288 24.74 38.12 58.84
CA ARG D 288 26.07 38.72 58.79
C ARG D 288 26.00 40.17 58.33
N ASN D 289 25.23 40.44 57.27
CA ASN D 289 25.10 41.80 56.77
C ASN D 289 24.27 42.69 57.68
N LEU D 290 23.45 42.09 58.56
CA LEU D 290 22.72 42.88 59.54
C LEU D 290 23.68 43.57 60.52
N ARG D 291 24.71 42.84 60.97
CA ARG D 291 25.70 43.44 61.85
C ARG D 291 26.51 44.52 61.14
N LYS D 292 26.67 44.41 59.82
CA LYS D 292 27.46 45.38 59.07
C LYS D 292 26.72 46.68 58.80
N GLN D 293 25.38 46.66 58.82
CA GLN D 293 24.59 47.84 58.50
C GLN D 293 24.02 48.51 59.75
N ARG D 294 24.58 48.23 60.92
CA ARG D 294 24.16 48.85 62.18
C ARG D 294 22.67 48.65 62.44
N ILE D 295 22.23 47.40 62.36
CA ILE D 295 20.84 47.03 62.60
C ILE D 295 20.81 45.97 63.69
N GLU D 296 20.18 46.29 64.82
CA GLU D 296 20.05 45.37 65.94
C GLU D 296 18.71 44.64 65.88
N ILE D 297 18.75 43.33 66.12
CA ILE D 297 17.58 42.48 66.04
C ILE D 297 17.30 41.72 67.32
N SER D 298 18.09 41.94 68.37
CA SER D 298 17.88 41.24 69.62
C SER D 298 16.53 41.60 70.21
N ARG D 299 15.65 40.60 70.34
CA ARG D 299 14.30 40.85 70.80
C ARG D 299 14.33 41.40 72.23
N ARG D 300 13.46 42.38 72.49
CA ARG D 300 13.46 43.05 73.80
C ARG D 300 13.02 42.11 74.91
N GLY D 301 11.95 41.33 74.70
CA GLY D 301 11.49 40.39 75.70
C GLY D 301 10.83 39.15 75.15
N ASN D 302 9.89 38.59 75.91
CA ASN D 302 9.21 37.38 75.46
C ASN D 302 8.25 37.70 74.33
N ALA D 303 8.24 36.84 73.31
CA ALA D 303 7.25 36.96 72.25
C ALA D 303 5.86 36.54 72.72
N GLY D 304 5.76 35.87 73.86
CA GLY D 304 4.48 35.46 74.41
C GLY D 304 3.76 34.47 73.50
N ASP D 305 2.44 34.49 73.58
CA ASP D 305 1.61 33.61 72.75
C ASP D 305 1.46 34.22 71.37
N CYS D 306 1.62 33.37 70.34
CA CYS D 306 1.39 33.83 68.98
C CYS D 306 -0.04 34.30 68.78
N LEU D 307 -0.98 33.79 69.58
CA LEU D 307 -2.37 34.21 69.52
C LEU D 307 -2.59 35.48 70.33
N ALA D 308 -1.56 36.30 70.46
CA ALA D 308 -1.69 37.54 71.21
C ALA D 308 -2.72 38.46 70.56
N ASN D 309 -3.64 38.96 71.37
CA ASN D 309 -4.64 39.91 70.89
C ASN D 309 -4.54 41.21 71.68
N PRO D 310 -4.23 42.32 70.99
CA PRO D 310 -4.00 42.41 69.53
C PRO D 310 -2.64 41.83 69.11
N ALA D 311 -2.56 41.39 67.86
CA ALA D 311 -1.32 40.82 67.33
C ALA D 311 -0.33 41.95 67.09
N VAL D 312 0.63 42.10 68.00
CA VAL D 312 1.68 43.11 67.86
C VAL D 312 2.88 42.45 67.17
N PRO D 313 3.21 42.86 65.95
CA PRO D 313 4.39 42.28 65.28
C PRO D 313 5.65 43.02 65.65
N TRP D 314 6.69 42.25 65.93
CA TRP D 314 7.98 42.86 66.26
C TRP D 314 8.54 43.57 65.03
N GLY D 315 8.87 44.85 65.20
CA GLY D 315 9.22 45.68 64.06
C GLY D 315 10.50 45.26 63.38
N GLN D 316 11.48 44.79 64.16
CA GLN D 316 12.77 44.39 63.60
C GLN D 316 12.65 43.21 62.64
N GLY D 317 11.52 42.50 62.67
CA GLY D 317 11.30 41.43 61.70
C GLY D 317 11.23 41.94 60.27
N VAL D 318 10.87 43.21 60.09
CA VAL D 318 10.87 43.80 58.75
C VAL D 318 12.29 43.92 58.23
N GLU D 319 13.26 44.20 59.11
CA GLU D 319 14.65 44.26 58.68
C GLU D 319 15.23 42.88 58.40
N ILE D 320 14.79 41.86 59.14
CA ILE D 320 15.29 40.51 58.92
C ILE D 320 14.86 40.00 57.55
N GLU D 321 13.64 40.37 57.11
CA GLU D 321 13.18 39.98 55.79
C GLU D 321 14.01 40.64 54.70
N ARG D 322 14.21 41.95 54.82
CA ARG D 322 14.98 42.69 53.81
C ARG D 322 16.39 42.14 53.68
N ALA D 323 17.05 41.89 54.81
CA ALA D 323 18.40 41.33 54.78
C ALA D 323 18.39 39.94 54.16
N LEU D 324 17.36 39.14 54.44
CA LEU D 324 17.26 37.82 53.83
C LEU D 324 17.08 37.89 52.32
N LYS D 325 16.40 38.91 51.83
CA LYS D 325 16.12 39.02 50.39
C LYS D 325 17.22 39.74 49.62
N GLN D 326 18.06 40.52 50.31
CA GLN D 326 19.16 41.22 49.67
C GLN D 326 20.44 40.39 49.59
N VAL D 327 20.35 39.09 49.89
CA VAL D 327 21.51 38.22 49.77
C VAL D 327 21.78 37.93 48.30
N GLN D 328 23.05 37.72 47.97
CA GLN D 328 23.43 37.33 46.62
C GLN D 328 24.79 36.61 46.72
N VAL D 329 24.72 35.29 46.91
CA VAL D 329 25.91 34.47 47.09
C VAL D 329 25.96 33.36 46.05
N GLU D 330 26.97 32.52 46.13
CA GLU D 330 27.16 31.42 45.19
C GLU D 330 27.10 30.10 45.94
N GLY D 331 26.32 29.15 45.42
CA GLY D 331 26.16 27.87 46.07
C GLY D 331 26.04 26.71 45.12
N LEU D 332 25.37 25.62 45.56
CA LEU D 332 25.23 24.45 44.71
C LEU D 332 24.28 24.70 43.54
N SER D 333 23.18 25.39 43.79
CA SER D 333 22.17 25.67 42.78
C SER D 333 22.55 26.83 41.86
N GLY D 334 23.83 26.97 41.53
CA GLY D 334 24.27 28.09 40.72
C GLY D 334 24.14 29.40 41.47
N ASN D 335 23.90 30.46 40.72
CA ASN D 335 23.73 31.78 41.32
C ASN D 335 22.37 31.86 42.01
N ILE D 336 22.36 32.43 43.20
CA ILE D 336 21.16 32.58 44.01
C ILE D 336 20.85 34.06 44.16
N LYS D 337 19.58 34.41 43.99
CA LYS D 337 19.13 35.79 44.15
C LYS D 337 17.61 35.79 44.22
N PHE D 338 17.07 36.73 44.98
CA PHE D 338 15.63 36.82 45.23
C PHE D 338 15.09 38.18 44.82
N ASP D 339 13.81 38.18 44.44
CA ASP D 339 13.09 39.43 44.20
C ASP D 339 12.40 39.85 45.49
N GLN D 340 11.47 40.81 45.39
CA GLN D 340 10.82 41.32 46.60
C GLN D 340 9.88 40.32 47.23
N ASN D 341 9.43 39.31 46.48
CA ASN D 341 8.54 38.29 47.04
C ASN D 341 9.31 37.13 47.67
N GLY D 342 10.52 36.86 47.21
CA GLY D 342 11.26 35.68 47.59
C GLY D 342 11.46 34.67 46.48
N LYS D 343 11.08 35.01 45.26
CA LYS D 343 11.24 34.11 44.12
C LYS D 343 12.68 34.11 43.64
N ARG D 344 13.16 32.95 43.22
CA ARG D 344 14.50 32.86 42.66
C ARG D 344 14.56 33.61 41.34
N ILE D 345 15.61 34.41 41.15
CA ILE D 345 15.78 35.22 39.95
C ILE D 345 17.18 35.03 39.42
N ASN D 346 17.37 35.37 38.13
CA ASN D 346 18.67 35.30 37.49
C ASN D 346 19.28 33.91 37.61
N TYR D 347 18.42 32.90 37.56
CA TYR D 347 18.84 31.51 37.76
C TYR D 347 18.96 30.78 36.43
N THR D 348 19.74 29.72 36.44
CA THR D 348 20.01 28.91 35.26
C THR D 348 19.61 27.47 35.55
N ILE D 349 18.74 26.92 34.70
CA ILE D 349 18.29 25.54 34.80
C ILE D 349 18.85 24.78 33.61
N ASN D 350 19.71 23.80 33.87
CA ASN D 350 20.29 22.99 32.81
C ASN D 350 19.33 21.88 32.41
N ILE D 351 19.13 21.71 31.10
CA ILE D 351 18.22 20.71 30.57
C ILE D 351 19.02 19.48 30.17
N MET D 352 18.53 18.30 30.57
CA MET D 352 19.25 17.06 30.39
C MET D 352 18.45 16.10 29.53
N GLU D 353 19.15 15.37 28.66
CA GLU D 353 18.58 14.26 27.90
C GLU D 353 19.30 12.97 28.28
N LEU D 354 18.59 11.85 28.18
CA LEU D 354 19.14 10.54 28.49
C LEU D 354 19.49 9.82 27.20
N LYS D 355 20.71 9.28 27.14
CA LYS D 355 21.17 8.56 25.97
C LYS D 355 21.67 7.17 26.34
N THR D 356 22.79 6.76 25.76
CA THR D 356 23.41 5.48 26.09
C THR D 356 24.45 5.61 27.20
N ASN D 357 25.24 6.69 27.19
CA ASN D 357 26.30 6.90 28.15
C ASN D 357 25.82 7.54 29.44
N GLY D 358 24.53 7.84 29.56
CA GLY D 358 23.99 8.40 30.77
C GLY D 358 23.43 9.79 30.56
N PRO D 359 23.17 10.51 31.65
CA PRO D 359 22.67 11.89 31.54
C PRO D 359 23.68 12.79 30.85
N ARG D 360 23.16 13.84 30.21
CA ARG D 360 24.00 14.71 29.39
C ARG D 360 23.32 16.07 29.26
N LYS D 361 24.07 17.13 29.52
CA LYS D 361 23.56 18.49 29.45
C LYS D 361 23.45 18.91 27.98
N ILE D 362 22.24 19.22 27.55
CA ILE D 362 22.02 19.70 26.19
C ILE D 362 21.89 21.23 26.12
N GLY D 363 21.57 21.88 27.23
CA GLY D 363 21.44 23.32 27.24
C GLY D 363 20.93 23.80 28.58
N TYR D 364 20.80 25.11 28.69
CA TYR D 364 20.34 25.75 29.91
C TYR D 364 19.20 26.72 29.60
N TRP D 365 18.33 26.90 30.59
CA TRP D 365 17.18 27.78 30.49
C TRP D 365 17.40 29.02 31.34
N SER D 366 16.79 30.13 30.92
CA SER D 366 16.91 31.38 31.65
C SER D 366 15.65 32.20 31.45
N GLU D 367 15.42 33.15 32.36
CA GLU D 367 14.28 34.06 32.22
C GLU D 367 14.55 35.19 31.25
N VAL D 368 15.83 35.54 31.02
CA VAL D 368 16.17 36.58 30.06
C VAL D 368 16.03 36.03 28.64
N ASP D 369 16.95 35.14 28.24
CA ASP D 369 16.78 34.35 27.02
C ASP D 369 16.25 32.97 27.38
N LYS D 370 15.14 32.59 26.76
CA LYS D 370 14.42 31.38 27.18
C LYS D 370 15.26 30.13 27.01
N MET D 371 15.53 29.74 25.76
CA MET D 371 16.24 28.50 25.45
C MET D 371 17.62 28.82 24.90
N VAL D 372 18.61 28.03 25.31
CA VAL D 372 19.99 28.14 24.84
C VAL D 372 20.46 26.74 24.51
N LEU D 373 20.52 26.41 23.23
CA LEU D 373 21.01 25.12 22.78
C LEU D 373 22.53 25.09 22.83
N THR D 374 23.07 23.87 22.87
CA THR D 374 24.51 23.64 22.81
C THR D 374 24.82 22.80 21.57
N GLU D 375 25.64 23.34 20.68
CA GLU D 375 25.96 22.68 19.42
C GLU D 375 26.98 21.55 19.57
N ASP D 376 26.85 20.74 20.63
CA ASP D 376 27.73 19.60 20.85
C ASP D 376 27.20 18.32 20.21
N ASP D 377 26.22 18.43 19.32
CA ASP D 377 25.63 17.26 18.66
C ASP D 377 26.28 17.07 17.29
N THR D 378 26.82 15.87 17.05
CA THR D 378 27.46 15.57 15.78
C THR D 378 26.41 15.32 14.70
N SER D 379 26.89 15.16 13.47
CA SER D 379 26.04 14.92 12.31
C SER D 379 26.05 13.43 12.00
N GLY D 380 24.92 12.76 12.26
CA GLY D 380 24.82 11.33 12.03
C GLY D 380 24.52 10.97 10.60
N LEU D 381 23.63 11.73 9.96
CA LEU D 381 23.28 11.47 8.57
C LEU D 381 24.48 11.69 7.68
N GLU D 382 24.90 10.64 6.97
CA GLU D 382 26.10 10.67 6.15
C GLU D 382 25.72 10.88 4.70
N GLN D 383 26.17 11.99 4.12
CA GLN D 383 26.06 12.24 2.69
C GLN D 383 27.48 12.43 2.16
N LYS D 384 28.04 11.51 1.34
CA LYS D 384 27.40 10.34 0.70
C LYS D 384 26.24 10.74 -0.19
N THR D 385 26.50 11.70 -1.09
CA THR D 385 25.61 12.06 -2.17
C THR D 385 26.27 11.66 -3.49
N VAL D 386 25.55 10.90 -4.30
CA VAL D 386 26.14 10.31 -5.50
C VAL D 386 26.14 11.33 -6.63
N VAL D 387 27.32 11.55 -7.21
CA VAL D 387 27.46 12.47 -8.33
C VAL D 387 26.96 11.80 -9.60
N VAL D 388 26.13 12.49 -10.36
CA VAL D 388 25.56 11.98 -11.59
C VAL D 388 25.89 12.94 -12.72
N THR D 389 26.70 12.47 -13.68
CA THR D 389 27.05 13.26 -14.85
C THR D 389 26.15 12.90 -16.02
N THR D 390 25.89 13.88 -16.88
CA THR D 390 25.01 13.69 -18.03
C THR D 390 25.38 14.73 -19.08
N ILE D 391 24.66 14.69 -20.21
CA ILE D 391 24.83 15.63 -21.30
C ILE D 391 23.48 16.20 -21.67
N LEU D 392 23.45 17.49 -22.00
CA LEU D 392 22.23 18.15 -22.45
C LEU D 392 21.89 17.68 -23.86
N GLU D 393 20.86 16.86 -23.99
CA GLU D 393 20.39 16.40 -25.30
C GLU D 393 18.92 16.03 -25.20
N SER D 394 18.11 16.60 -26.08
CA SER D 394 16.66 16.37 -26.07
C SER D 394 16.31 14.97 -26.58
N PRO D 395 15.27 14.35 -26.00
CA PRO D 395 14.51 14.85 -24.86
C PRO D 395 14.99 14.29 -23.53
N TYR D 396 16.27 13.87 -23.50
CA TYR D 396 16.78 13.16 -22.34
C TYR D 396 17.01 14.11 -21.15
N VAL D 397 17.73 15.20 -21.37
CA VAL D 397 18.00 16.20 -20.34
C VAL D 397 17.86 17.58 -20.98
N MET D 398 16.88 18.35 -20.53
CA MET D 398 16.61 19.68 -21.08
C MET D 398 16.41 20.67 -19.94
N MET D 399 16.82 21.91 -20.19
CA MET D 399 16.58 22.99 -19.24
C MET D 399 15.15 23.49 -19.36
N LYS D 400 14.52 23.73 -18.21
CA LYS D 400 13.14 24.18 -18.19
C LYS D 400 13.03 25.60 -18.76
N LYS D 401 11.79 26.01 -19.03
CA LYS D 401 11.55 27.32 -19.64
C LYS D 401 11.84 28.46 -18.69
N ASN D 402 11.77 28.23 -17.38
CA ASN D 402 12.11 29.26 -16.40
C ASN D 402 13.26 28.78 -15.52
N HIS D 403 14.40 28.46 -16.15
CA HIS D 403 15.52 27.89 -15.42
C HIS D 403 16.22 28.92 -14.54
N GLU D 404 16.26 30.18 -14.97
CA GLU D 404 16.89 31.21 -14.14
C GLU D 404 16.17 31.39 -12.81
N MET D 405 14.86 31.13 -12.78
CA MET D 405 14.07 31.24 -11.56
C MET D 405 14.03 29.94 -10.77
N LEU D 406 14.81 28.95 -11.16
CA LEU D 406 14.89 27.67 -10.47
C LEU D 406 16.33 27.39 -10.06
N GLU D 407 16.51 26.27 -9.36
CA GLU D 407 17.81 25.95 -8.77
C GLU D 407 17.84 24.47 -8.40
N GLY D 408 19.06 23.95 -8.21
CA GLY D 408 19.29 22.56 -7.85
C GLY D 408 19.03 21.54 -8.95
N ASN D 409 18.34 20.46 -8.60
CA ASN D 409 18.00 19.45 -9.60
C ASN D 409 16.75 19.80 -10.39
N GLU D 410 15.93 20.71 -9.89
CA GLU D 410 14.71 21.14 -10.58
C GLU D 410 14.98 22.09 -11.74
N ARG D 411 16.25 22.34 -12.07
CA ARG D 411 16.57 23.17 -13.23
C ARG D 411 16.35 22.42 -14.54
N TYR D 412 16.56 21.11 -14.54
CA TYR D 412 16.52 20.31 -15.74
C TYR D 412 15.28 19.40 -15.74
N GLU D 413 14.92 18.94 -16.94
CA GLU D 413 13.81 18.03 -17.10
C GLU D 413 14.04 17.17 -18.35
N GLY D 414 13.54 15.95 -18.31
CA GLY D 414 13.67 15.05 -19.42
C GLY D 414 13.51 13.61 -18.99
N TYR D 415 13.77 12.70 -19.95
CA TYR D 415 13.63 11.28 -19.68
C TYR D 415 14.65 10.82 -18.64
N CYS D 416 15.92 11.19 -18.81
CA CYS D 416 16.95 10.80 -17.86
C CYS D 416 16.77 11.46 -16.50
N VAL D 417 16.11 12.61 -16.45
CA VAL D 417 15.89 13.30 -15.17
C VAL D 417 14.95 12.50 -14.30
N ASP D 418 13.84 12.02 -14.88
CA ASP D 418 12.94 11.14 -14.13
C ASP D 418 13.58 9.79 -13.83
N LEU D 419 14.43 9.30 -14.74
CA LEU D 419 15.07 8.01 -14.54
C LEU D 419 16.01 8.04 -13.34
N ALA D 420 16.69 9.17 -13.12
CA ALA D 420 17.59 9.28 -11.97
C ALA D 420 16.83 9.24 -10.66
N ALA D 421 15.60 9.76 -10.63
CA ALA D 421 14.82 9.76 -9.40
C ALA D 421 14.35 8.36 -9.03
N GLU D 422 13.97 7.56 -10.04
CA GLU D 422 13.51 6.20 -9.77
C GLU D 422 14.65 5.32 -9.29
N ILE D 423 15.83 5.43 -9.92
CA ILE D 423 16.99 4.64 -9.51
C ILE D 423 17.35 4.96 -8.07
N ALA D 424 17.40 6.26 -7.73
CA ALA D 424 17.72 6.66 -6.37
C ALA D 424 16.62 6.26 -5.38
N LYS D 425 15.39 6.07 -5.86
CA LYS D 425 14.31 5.70 -4.95
C LYS D 425 14.44 4.25 -4.49
N HIS D 426 14.78 3.34 -5.41
CA HIS D 426 14.99 1.95 -5.06
C HIS D 426 16.36 1.69 -4.43
N CYS D 427 17.30 2.64 -4.55
CA CYS D 427 18.60 2.52 -3.91
C CYS D 427 18.71 3.34 -2.63
N GLY D 428 18.01 4.46 -2.54
CA GLY D 428 17.92 5.20 -1.30
C GLY D 428 19.06 6.15 -1.02
N PHE D 429 19.61 6.79 -2.05
CA PHE D 429 20.67 7.77 -1.87
C PHE D 429 20.26 9.11 -2.49
N LYS D 430 20.90 10.17 -2.03
CA LYS D 430 20.72 11.49 -2.61
C LYS D 430 21.64 11.67 -3.79
N TYR D 431 21.23 12.52 -4.73
CA TYR D 431 21.93 12.68 -6.00
C TYR D 431 22.01 14.15 -6.38
N LYS D 432 22.94 14.44 -7.29
CA LYS D 432 23.11 15.77 -7.84
C LYS D 432 23.36 15.64 -9.34
N LEU D 433 22.68 16.49 -10.12
CA LEU D 433 22.74 16.46 -11.57
C LEU D 433 23.80 17.44 -12.05
N THR D 434 24.88 16.91 -12.62
CA THR D 434 25.99 17.71 -13.10
C THR D 434 26.14 17.58 -14.61
N ILE D 435 26.76 18.59 -15.21
CA ILE D 435 26.95 18.65 -16.66
C ILE D 435 28.40 18.33 -16.98
N VAL D 436 28.60 17.55 -18.05
CA VAL D 436 29.95 17.19 -18.48
C VAL D 436 30.64 18.42 -19.07
N GLY D 437 31.93 18.57 -18.75
CA GLY D 437 32.69 19.74 -19.15
C GLY D 437 32.85 19.90 -20.64
N ASP D 438 33.61 18.99 -21.27
CA ASP D 438 33.88 19.11 -22.70
C ASP D 438 32.60 18.93 -23.53
N GLY D 439 31.63 18.19 -23.01
CA GLY D 439 30.36 18.01 -23.66
C GLY D 439 30.27 16.79 -24.57
N LYS D 440 31.40 16.33 -25.10
CA LYS D 440 31.44 15.18 -25.99
C LYS D 440 31.90 13.95 -25.22
N TYR D 441 31.03 12.95 -25.14
CA TYR D 441 31.26 11.77 -24.32
C TYR D 441 31.72 10.59 -25.16
N GLY D 442 32.30 9.59 -24.48
CA GLY D 442 32.69 8.34 -25.09
C GLY D 442 33.67 8.46 -26.24
N ALA D 443 34.84 9.04 -25.97
CA ALA D 443 35.88 9.17 -26.98
C ALA D 443 37.24 8.97 -26.32
N ARG D 444 38.08 8.16 -26.97
CA ARG D 444 39.43 7.87 -26.50
C ARG D 444 40.42 8.20 -27.60
N ASP D 445 41.32 9.13 -27.33
CA ASP D 445 42.27 9.57 -28.34
C ASP D 445 43.22 8.45 -28.74
N ALA D 446 43.60 8.45 -30.02
CA ALA D 446 44.46 7.38 -30.54
C ALA D 446 45.91 7.55 -30.11
N ASP D 447 46.36 8.77 -29.87
CA ASP D 447 47.75 9.02 -29.51
C ASP D 447 47.96 9.07 -28.01
N THR D 448 47.13 9.83 -27.29
CA THR D 448 47.34 10.05 -25.87
C THR D 448 46.66 9.00 -24.99
N LYS D 449 45.63 8.32 -25.50
CA LYS D 449 44.90 7.30 -24.75
C LYS D 449 44.28 7.88 -23.48
N ILE D 450 43.75 9.10 -23.58
CA ILE D 450 43.11 9.78 -22.46
C ILE D 450 41.61 9.82 -22.74
N TRP D 451 40.83 9.28 -21.81
CA TRP D 451 39.38 9.31 -21.93
C TRP D 451 38.86 10.72 -21.67
N ASN D 452 37.77 11.08 -22.36
CA ASN D 452 37.15 12.39 -22.22
C ASN D 452 35.65 12.21 -22.00
N GLY D 453 34.97 13.33 -21.74
CA GLY D 453 33.53 13.27 -21.64
C GLY D 453 33.09 12.66 -20.32
N MET D 454 31.98 11.92 -20.36
CA MET D 454 31.43 11.32 -19.15
C MET D 454 32.09 9.99 -18.83
N VAL D 455 32.65 9.31 -19.83
CA VAL D 455 33.32 8.05 -19.58
C VAL D 455 34.63 8.29 -18.83
N GLY D 456 35.32 9.40 -19.11
CA GLY D 456 36.55 9.71 -18.41
C GLY D 456 36.36 10.19 -16.99
N GLU D 457 35.18 10.70 -16.66
CA GLU D 457 34.90 11.17 -15.31
C GLU D 457 34.64 10.04 -14.33
N LEU D 458 34.34 8.84 -14.83
CA LEU D 458 34.15 7.69 -13.96
C LEU D 458 35.46 6.95 -13.70
N VAL D 459 36.27 6.74 -14.75
CA VAL D 459 37.56 6.08 -14.57
C VAL D 459 38.49 6.94 -13.72
N TYR D 460 38.47 8.26 -13.93
CA TYR D 460 39.32 9.18 -13.19
C TYR D 460 38.70 9.64 -11.89
N GLY D 461 37.58 9.05 -11.48
CA GLY D 461 36.96 9.36 -10.20
C GLY D 461 36.21 10.67 -10.13
N LYS D 462 36.17 11.44 -11.23
CA LYS D 462 35.48 12.73 -11.22
C LYS D 462 33.96 12.58 -11.22
N ALA D 463 33.44 11.36 -11.25
CA ALA D 463 32.01 11.12 -11.16
C ALA D 463 31.78 9.72 -10.62
N ASP D 464 30.61 9.52 -10.01
CA ASP D 464 30.27 8.23 -9.40
C ASP D 464 29.35 7.38 -10.27
N ILE D 465 28.38 7.99 -10.95
CA ILE D 465 27.45 7.26 -11.81
C ILE D 465 27.03 8.18 -12.95
N ALA D 466 26.63 7.58 -14.06
CA ALA D 466 26.26 8.32 -15.27
C ALA D 466 24.96 7.76 -15.83
N ILE D 467 23.98 8.65 -16.01
CA ILE D 467 22.66 8.28 -16.53
C ILE D 467 22.39 9.19 -17.73
N ALA D 468 22.51 8.64 -18.93
CA ALA D 468 22.36 9.40 -20.17
C ALA D 468 22.30 8.40 -21.33
N PRO D 469 21.80 8.82 -22.49
CA PRO D 469 21.83 7.94 -23.67
C PRO D 469 23.25 7.66 -24.13
N LEU D 470 23.87 6.64 -23.55
CA LEU D 470 25.23 6.25 -23.85
C LEU D 470 25.23 4.90 -24.54
N THR D 471 25.73 4.86 -25.77
CA THR D 471 25.75 3.61 -26.54
C THR D 471 26.68 2.61 -25.88
N ILE D 472 26.21 1.36 -25.80
CA ILE D 472 26.98 0.28 -25.18
C ILE D 472 27.90 -0.31 -26.25
N THR D 473 29.21 -0.14 -26.07
CA THR D 473 30.21 -0.65 -26.99
C THR D 473 31.21 -1.51 -26.23
N LEU D 474 32.05 -2.23 -26.97
CA LEU D 474 33.00 -3.14 -26.36
C LEU D 474 34.17 -2.39 -25.73
N VAL D 475 34.61 -1.30 -26.38
CA VAL D 475 35.77 -0.57 -25.88
C VAL D 475 35.47 0.08 -24.54
N ARG D 476 34.22 0.47 -24.31
CA ARG D 476 33.85 1.10 -23.03
C ARG D 476 33.60 0.09 -21.94
N GLU D 477 33.37 -1.19 -22.28
CA GLU D 477 33.12 -2.21 -21.28
C GLU D 477 34.39 -2.67 -20.57
N GLU D 478 35.56 -2.38 -21.14
CA GLU D 478 36.83 -2.81 -20.56
C GLU D 478 37.36 -1.85 -19.51
N VAL D 479 36.65 -0.77 -19.20
CA VAL D 479 37.15 0.21 -18.24
C VAL D 479 36.12 0.45 -17.14
N ILE D 480 34.84 0.45 -17.49
CA ILE D 480 33.76 0.70 -16.54
C ILE D 480 32.74 -0.41 -16.64
N ASP D 481 31.78 -0.40 -15.71
CA ASP D 481 30.70 -1.38 -15.66
C ASP D 481 29.46 -0.80 -16.32
N PHE D 482 28.86 -1.57 -17.22
CA PHE D 482 27.62 -1.18 -17.90
C PHE D 482 26.45 -1.97 -17.35
N SER D 483 25.33 -1.30 -17.14
CA SER D 483 24.11 -1.96 -16.69
C SER D 483 23.39 -2.57 -17.90
N LYS D 484 22.31 -3.29 -17.61
CA LYS D 484 21.50 -3.85 -18.68
C LYS D 484 20.77 -2.73 -19.42
N PRO D 485 20.42 -2.94 -20.70
CA PRO D 485 19.83 -1.86 -21.49
C PRO D 485 18.43 -1.49 -21.00
N PHE D 486 18.16 -0.18 -21.01
CA PHE D 486 16.86 0.34 -20.60
C PHE D 486 16.03 0.87 -21.76
N MET D 487 16.59 0.91 -22.97
CA MET D 487 15.84 1.36 -24.14
C MET D 487 16.54 0.85 -25.38
N SER D 488 15.83 0.09 -26.20
CA SER D 488 16.39 -0.48 -27.42
C SER D 488 16.17 0.47 -28.60
N LEU D 489 17.04 0.35 -29.60
CA LEU D 489 16.99 1.20 -30.77
C LEU D 489 17.78 0.54 -31.89
N GLY D 490 17.92 1.25 -33.00
CA GLY D 490 18.65 0.74 -34.15
C GLY D 490 18.62 1.76 -35.26
N ILE D 491 19.41 1.48 -36.30
CA ILE D 491 19.51 2.37 -37.45
C ILE D 491 18.21 2.28 -38.24
N SER D 492 17.47 3.39 -38.30
CA SER D 492 16.19 3.45 -38.99
C SER D 492 16.28 4.45 -40.15
N ILE D 493 15.15 4.61 -40.84
CA ILE D 493 15.05 5.48 -42.01
C ILE D 493 14.09 6.61 -41.70
N MET D 494 14.50 7.84 -42.00
CA MET D 494 13.69 9.03 -41.79
C MET D 494 13.43 9.70 -43.13
N ILE D 495 12.15 9.85 -43.48
CA ILE D 495 11.74 10.52 -44.71
C ILE D 495 10.57 11.44 -44.41
N LYS D 496 10.41 12.47 -45.24
CA LYS D 496 9.31 13.40 -45.07
C LYS D 496 7.99 12.75 -45.50
N LYS D 497 6.94 12.99 -44.74
CA LYS D 497 5.63 12.41 -45.02
C LYS D 497 5.06 12.96 -46.31
N PRO D 498 4.92 12.16 -47.37
CA PRO D 498 4.38 12.69 -48.62
C PRO D 498 2.86 12.69 -48.61
N GLN D 499 2.26 13.87 -48.40
CA GLN D 499 0.81 13.97 -48.45
C GLN D 499 0.29 13.45 -49.79
N LYS D 500 0.79 14.04 -50.88
CA LYS D 500 0.47 13.65 -52.25
C LYS D 500 -1.03 13.39 -52.46
N SER D 501 -1.87 14.42 -52.63
CA SER D 501 -1.54 15.83 -52.92
C SER D 501 -0.52 15.90 -54.05
N LYS D 502 -0.72 15.00 -55.03
CA LYS D 502 0.19 14.83 -56.16
C LYS D 502 -0.58 15.16 -57.44
N PRO D 503 -0.88 16.44 -57.68
CA PRO D 503 -1.60 16.80 -58.90
C PRO D 503 -0.73 16.59 -60.13
N GLY D 504 -1.36 16.70 -61.29
CA GLY D 504 -0.66 16.50 -62.54
C GLY D 504 -1.48 15.76 -63.57
N VAL D 505 -0.89 15.48 -64.74
CA VAL D 505 -1.61 14.78 -65.78
C VAL D 505 -1.56 13.26 -65.57
N PHE D 506 -0.49 12.76 -64.95
CA PHE D 506 -0.43 11.34 -64.60
C PHE D 506 -1.48 10.97 -63.56
N SER D 507 -2.03 11.95 -62.86
CA SER D 507 -3.06 11.73 -61.87
C SER D 507 -4.46 11.92 -62.42
N PHE D 508 -4.58 12.36 -63.69
CA PHE D 508 -5.90 12.44 -64.31
C PHE D 508 -6.38 11.08 -64.80
N LEU D 509 -5.53 10.36 -65.52
CA LEU D 509 -5.87 9.01 -65.98
C LEU D 509 -5.74 7.98 -64.87
N ASP D 510 -5.79 8.42 -63.62
CA ASP D 510 -5.65 7.59 -62.43
C ASP D 510 -6.90 6.76 -62.13
N PRO D 511 -8.14 7.30 -62.31
CA PRO D 511 -9.34 6.47 -62.07
C PRO D 511 -9.29 5.12 -62.76
N LEU D 512 -9.43 5.11 -64.08
CA LEU D 512 -9.09 3.91 -64.83
C LEU D 512 -7.60 3.64 -64.70
N ALA D 513 -7.21 2.40 -64.91
CA ALA D 513 -5.79 2.07 -64.81
C ALA D 513 -5.08 2.32 -66.13
N TYR D 514 -3.75 2.35 -66.05
CA TYR D 514 -2.92 2.53 -67.24
C TYR D 514 -3.25 1.51 -68.32
N GLU D 515 -3.76 0.34 -67.91
CA GLU D 515 -4.08 -0.72 -68.86
C GLU D 515 -5.48 -0.61 -69.45
N ILE D 516 -6.40 0.10 -68.80
CA ILE D 516 -7.74 0.22 -69.36
C ILE D 516 -7.80 1.37 -70.37
N TRP D 517 -7.15 2.50 -70.07
CA TRP D 517 -7.09 3.60 -71.03
C TRP D 517 -6.50 3.13 -72.35
N MET D 518 -5.57 2.17 -72.32
CA MET D 518 -4.94 1.65 -73.52
C MET D 518 -5.63 0.40 -74.06
N CYS D 519 -6.69 -0.07 -73.39
CA CYS D 519 -7.48 -1.19 -73.88
C CYS D 519 -8.84 -0.78 -74.42
N ILE D 520 -9.39 0.34 -73.95
CA ILE D 520 -10.65 0.85 -74.49
C ILE D 520 -10.49 1.21 -75.96
N VAL D 521 -9.31 1.69 -76.35
CA VAL D 521 -9.09 2.08 -77.74
C VAL D 521 -9.11 0.85 -78.65
N PHE D 522 -8.78 -0.33 -78.11
CA PHE D 522 -8.84 -1.54 -78.91
C PHE D 522 -10.28 -1.95 -79.22
N ALA D 523 -11.23 -1.51 -78.41
CA ALA D 523 -12.64 -1.73 -78.69
C ALA D 523 -13.24 -0.64 -79.56
N TYR D 524 -12.74 0.58 -79.44
CA TYR D 524 -13.12 1.69 -80.30
C TYR D 524 -12.87 1.32 -81.76
N ILE D 525 -11.59 1.16 -82.12
CA ILE D 525 -11.25 0.81 -83.49
C ILE D 525 -11.78 -0.56 -83.87
N GLY D 526 -12.14 -1.39 -82.89
CA GLY D 526 -12.73 -2.68 -83.19
C GLY D 526 -14.18 -2.61 -83.58
N VAL D 527 -14.92 -1.63 -83.06
CA VAL D 527 -16.32 -1.48 -83.41
C VAL D 527 -16.51 -0.57 -84.62
N SER D 528 -15.66 0.45 -84.76
CA SER D 528 -15.72 1.29 -85.96
C SER D 528 -15.33 0.48 -87.20
N VAL D 529 -14.55 -0.59 -87.03
CA VAL D 529 -14.20 -1.45 -88.17
C VAL D 529 -15.25 -2.50 -88.42
N VAL D 530 -16.17 -2.73 -87.48
CA VAL D 530 -17.29 -3.63 -87.75
C VAL D 530 -18.36 -2.92 -88.58
N LEU D 531 -18.55 -1.62 -88.34
CA LEU D 531 -19.49 -0.84 -89.14
C LEU D 531 -19.07 -0.76 -90.60
N PHE D 532 -17.78 -0.99 -90.89
CA PHE D 532 -17.36 -1.18 -92.27
C PHE D 532 -17.97 -2.46 -92.84
N LEU D 533 -18.01 -3.51 -92.04
CA LEU D 533 -18.39 -4.84 -92.54
C LEU D 533 -19.89 -5.04 -92.56
N VAL D 534 -20.64 -4.36 -91.70
CA VAL D 534 -22.07 -4.58 -91.61
C VAL D 534 -22.87 -3.77 -92.63
N SER D 535 -22.32 -2.67 -93.13
CA SER D 535 -23.02 -1.84 -94.09
C SER D 535 -22.70 -2.26 -95.52
N ILE D 545 -13.58 3.56 -98.03
CA ILE D 545 -12.99 3.43 -96.71
C ILE D 545 -12.81 4.80 -96.05
N PHE D 546 -12.53 5.81 -96.87
CA PHE D 546 -12.33 7.16 -96.34
C PHE D 546 -13.64 7.81 -95.92
N ASN D 547 -14.78 7.33 -96.44
CA ASN D 547 -16.08 7.81 -96.01
C ASN D 547 -16.79 6.85 -95.07
N SER D 548 -16.36 5.58 -95.01
CA SER D 548 -16.93 4.64 -94.06
C SER D 548 -16.31 4.78 -92.68
N LEU D 549 -14.99 5.03 -92.63
CA LEU D 549 -14.39 5.45 -91.37
C LEU D 549 -14.84 6.85 -90.98
N TRP D 550 -15.08 7.71 -91.98
CA TRP D 550 -15.72 8.99 -91.72
C TRP D 550 -17.12 8.82 -91.18
N PHE D 551 -17.78 7.72 -91.55
CA PHE D 551 -19.12 7.39 -91.08
C PHE D 551 -19.10 6.62 -89.76
N SER D 552 -18.24 5.60 -89.64
CA SER D 552 -18.22 4.82 -88.41
C SER D 552 -17.78 5.67 -87.23
N LEU D 553 -16.93 6.66 -87.46
CA LEU D 553 -16.61 7.62 -86.40
C LEU D 553 -17.79 8.54 -86.14
N GLY D 554 -18.56 8.86 -87.17
CA GLY D 554 -19.86 9.49 -86.99
C GLY D 554 -20.93 8.56 -86.48
N ALA D 555 -20.66 7.25 -86.46
CA ALA D 555 -21.51 6.26 -85.82
C ALA D 555 -20.92 5.77 -84.51
N PHE D 556 -19.70 6.17 -84.17
CA PHE D 556 -19.10 5.87 -82.89
C PHE D 556 -19.38 6.96 -81.86
N MET D 557 -19.43 8.22 -82.28
CA MET D 557 -19.74 9.30 -81.35
C MET D 557 -21.16 9.16 -80.82
N GLN D 558 -22.13 9.17 -81.73
CA GLN D 558 -23.54 8.96 -81.38
C GLN D 558 -23.76 7.47 -81.12
N GLN D 559 -23.46 7.05 -79.89
CA GLN D 559 -23.67 5.69 -79.42
C GLN D 559 -22.89 4.73 -80.31
N GLY D 560 -23.54 3.80 -81.01
CA GLY D 560 -22.83 2.83 -81.84
C GLY D 560 -23.39 2.66 -83.23
N ILE D 563 -25.02 4.98 -87.95
CA ILE D 563 -25.84 5.81 -88.81
C ILE D 563 -26.25 4.98 -90.03
N SER D 564 -27.51 5.10 -90.43
CA SER D 564 -28.09 4.29 -91.50
C SER D 564 -27.74 2.79 -91.36
N PRO D 565 -28.08 2.16 -90.22
CA PRO D 565 -27.82 0.71 -90.12
C PRO D 565 -29.11 -0.09 -90.18
N ARG D 566 -29.56 -0.42 -91.39
CA ARG D 566 -30.78 -1.18 -91.56
C ARG D 566 -30.57 -2.68 -91.36
N SER D 567 -29.34 -3.17 -91.53
CA SER D 567 -29.07 -4.59 -91.34
C SER D 567 -29.09 -4.93 -89.86
N LEU D 568 -29.67 -6.09 -89.53
CA LEU D 568 -29.65 -6.58 -88.16
C LEU D 568 -28.24 -6.80 -87.66
N SER D 569 -27.28 -7.05 -88.55
CA SER D 569 -25.89 -7.22 -88.14
C SER D 569 -25.35 -5.95 -87.48
N GLY D 570 -25.71 -4.78 -88.01
CA GLY D 570 -25.25 -3.53 -87.44
C GLY D 570 -26.05 -3.04 -86.25
N ARG D 571 -27.23 -3.61 -86.01
CA ARG D 571 -28.05 -3.16 -84.89
C ARG D 571 -27.48 -3.63 -83.55
N ILE D 572 -27.05 -4.89 -83.48
CA ILE D 572 -26.52 -5.43 -82.22
C ILE D 572 -25.08 -5.01 -81.97
N VAL D 573 -24.38 -4.46 -82.96
CA VAL D 573 -23.04 -3.95 -82.73
C VAL D 573 -23.10 -2.65 -81.95
N GLY D 574 -24.04 -1.78 -82.28
CA GLY D 574 -24.22 -0.55 -81.53
C GLY D 574 -24.90 -0.73 -80.19
N GLY D 575 -25.48 -1.89 -79.94
CA GLY D 575 -26.13 -2.15 -78.66
C GLY D 575 -25.18 -2.72 -77.63
N VAL D 576 -24.39 -3.71 -78.01
CA VAL D 576 -23.39 -4.26 -77.10
C VAL D 576 -22.31 -3.23 -76.80
N TRP D 577 -21.94 -2.43 -77.81
CA TRP D 577 -21.01 -1.33 -77.58
C TRP D 577 -21.59 -0.30 -76.61
N TRP D 578 -22.92 -0.18 -76.58
CA TRP D 578 -23.58 0.73 -75.65
C TRP D 578 -23.48 0.22 -74.22
N PHE D 579 -23.77 -1.07 -74.01
CA PHE D 579 -23.62 -1.67 -72.70
C PHE D 579 -22.14 -1.74 -72.29
N PHE D 580 -21.24 -1.88 -73.27
CA PHE D 580 -19.82 -1.97 -72.96
C PHE D 580 -19.28 -0.64 -72.47
N THR D 581 -19.60 0.45 -73.17
CA THR D 581 -19.18 1.77 -72.70
C THR D 581 -19.92 2.19 -71.43
N LEU D 582 -21.07 1.57 -71.15
CA LEU D 582 -21.82 1.89 -69.94
C LEU D 582 -21.02 1.52 -68.69
N ILE D 583 -20.51 0.28 -68.64
CA ILE D 583 -19.80 -0.17 -67.45
C ILE D 583 -18.49 0.60 -67.29
N ILE D 584 -17.89 1.05 -68.38
CA ILE D 584 -16.61 1.76 -68.28
C ILE D 584 -16.83 3.15 -67.70
N ILE D 585 -17.92 3.82 -68.09
CA ILE D 585 -18.14 5.17 -67.58
C ILE D 585 -18.71 5.14 -66.17
N SER D 586 -19.42 4.07 -65.80
CA SER D 586 -19.81 3.91 -64.40
C SER D 586 -18.60 3.58 -63.54
N SER D 587 -17.68 2.79 -64.08
CA SER D 587 -16.47 2.45 -63.34
C SER D 587 -15.57 3.67 -63.17
N TYR D 588 -15.46 4.50 -64.21
CA TYR D 588 -14.63 5.69 -64.10
C TYR D 588 -15.13 6.63 -63.00
N THR D 589 -16.46 6.71 -62.84
CA THR D 589 -17.02 7.59 -61.83
C THR D 589 -16.89 7.00 -60.43
N ALA D 590 -17.09 5.68 -60.30
CA ALA D 590 -17.06 5.04 -58.99
C ALA D 590 -15.68 5.19 -58.34
N ASN D 591 -14.62 4.87 -59.07
CA ASN D 591 -13.29 4.91 -58.50
C ASN D 591 -12.75 6.33 -58.39
N LEU D 592 -13.17 7.23 -59.28
CA LEU D 592 -12.73 8.62 -59.19
C LEU D 592 -13.30 9.30 -57.95
N ALA D 593 -14.33 8.73 -57.33
CA ALA D 593 -14.81 9.19 -56.05
C ALA D 593 -14.09 8.55 -54.88
N ALA D 594 -13.40 7.44 -55.11
CA ALA D 594 -12.72 6.70 -54.05
C ALA D 594 -11.43 7.36 -53.60
N PHE D 595 -10.93 8.37 -54.32
CA PHE D 595 -9.71 9.05 -53.93
C PHE D 595 -9.89 10.54 -53.72
N LEU D 596 -11.11 11.05 -53.88
CA LEU D 596 -11.49 12.32 -53.27
C LEU D 596 -12.19 12.10 -51.94
N THR D 597 -12.28 10.85 -51.49
CA THR D 597 -12.81 10.47 -50.19
C THR D 597 -11.75 9.95 -49.25
N VAL D 598 -10.77 9.20 -49.74
CA VAL D 598 -9.71 8.62 -48.91
C VAL D 598 -8.42 8.66 -49.71
N GLU D 599 -7.39 9.29 -49.14
CA GLU D 599 -6.08 9.43 -49.79
C GLU D 599 -5.02 8.85 -48.86
N ARG D 600 -4.25 7.89 -49.39
CA ARG D 600 -3.18 7.26 -48.62
C ARG D 600 -1.91 8.13 -48.41
N MET D 601 -1.28 8.70 -49.45
CA MET D 601 -1.63 8.59 -50.87
C MET D 601 -0.41 8.71 -51.79
N VAL D 602 0.44 7.69 -51.85
CA VAL D 602 0.34 6.46 -51.07
C VAL D 602 1.75 6.01 -50.75
N SER D 603 2.69 6.51 -51.56
CA SER D 603 4.11 6.18 -51.47
C SER D 603 4.74 6.62 -50.14
N PRO D 604 5.94 6.14 -49.82
CA PRO D 604 6.74 5.11 -50.52
C PRO D 604 6.90 3.80 -49.74
N ILE D 605 7.90 3.02 -50.11
CA ILE D 605 8.19 1.76 -49.45
C ILE D 605 8.96 2.04 -48.16
N GLU D 606 8.62 1.31 -47.10
CA GLU D 606 9.22 1.52 -45.80
C GLU D 606 10.51 0.74 -45.59
N SER D 607 10.72 -0.34 -46.32
CA SER D 607 11.89 -1.19 -46.11
C SER D 607 13.15 -0.49 -46.60
N ALA D 608 14.30 -1.00 -46.14
CA ALA D 608 15.59 -0.44 -46.51
C ALA D 608 16.14 -1.02 -47.81
N GLU D 609 15.83 -2.29 -48.10
CA GLU D 609 16.31 -2.88 -49.34
C GLU D 609 15.66 -2.23 -50.56
N ASP D 610 14.44 -1.71 -50.41
CA ASP D 610 13.81 -0.96 -51.49
C ASP D 610 14.46 0.41 -51.66
N LEU D 611 14.91 1.02 -50.56
CA LEU D 611 15.57 2.31 -50.62
C LEU D 611 16.90 2.26 -51.37
N SER D 612 17.50 1.07 -51.49
CA SER D 612 18.81 0.94 -52.13
C SER D 612 18.72 0.65 -53.61
N LYS D 613 17.61 0.07 -54.08
CA LYS D 613 17.49 -0.36 -55.48
C LYS D 613 17.16 0.79 -56.43
N GLN D 614 17.10 2.03 -55.95
CA GLN D 614 16.80 3.18 -56.78
C GLN D 614 17.79 4.29 -56.50
N THR D 615 18.02 5.14 -57.50
CA THR D 615 18.92 6.27 -57.38
C THR D 615 18.20 7.60 -57.56
N GLU D 616 16.87 7.59 -57.70
CA GLU D 616 16.13 8.85 -57.79
C GLU D 616 16.24 9.64 -56.49
N ILE D 617 16.00 8.99 -55.36
CA ILE D 617 16.03 9.61 -54.06
C ILE D 617 17.35 9.24 -53.38
N ALA D 618 18.18 10.23 -53.11
CA ALA D 618 19.48 9.98 -52.50
C ALA D 618 19.31 9.64 -51.02
N TYR D 619 20.41 9.18 -50.42
CA TYR D 619 20.42 8.86 -48.99
C TYR D 619 21.85 8.81 -48.51
N GLY D 620 22.04 9.11 -47.23
CA GLY D 620 23.36 9.11 -46.62
C GLY D 620 23.26 9.07 -45.11
N THR D 621 24.42 9.06 -44.47
CA THR D 621 24.51 9.01 -43.02
C THR D 621 25.38 10.13 -42.47
N LEU D 622 25.70 10.08 -41.19
CA LEU D 622 26.62 11.04 -40.61
C LEU D 622 28.04 10.79 -41.11
N ASP D 623 28.83 11.87 -41.21
CA ASP D 623 30.16 11.75 -41.78
C ASP D 623 31.10 10.92 -40.90
N SER D 624 30.95 11.01 -39.59
CA SER D 624 31.78 10.24 -38.67
C SER D 624 30.92 9.79 -37.49
N GLY D 625 30.86 8.49 -37.28
CA GLY D 625 30.08 7.93 -36.19
C GLY D 625 29.87 6.45 -36.37
N SER D 626 29.11 5.88 -35.44
CA SER D 626 28.81 4.46 -35.48
C SER D 626 27.96 4.07 -36.69
N THR D 627 27.23 5.02 -37.26
CA THR D 627 26.33 4.70 -38.37
C THR D 627 27.12 4.44 -39.66
N LYS D 628 28.14 5.25 -39.93
CA LYS D 628 28.92 5.05 -41.15
C LYS D 628 29.77 3.79 -41.06
N GLU D 629 30.31 3.50 -39.89
CA GLU D 629 31.15 2.31 -39.73
C GLU D 629 30.34 1.02 -39.79
N PHE D 630 29.03 1.09 -39.58
CA PHE D 630 28.20 -0.11 -39.66
C PHE D 630 28.15 -0.66 -41.08
N PHE D 631 28.02 0.22 -42.07
CA PHE D 631 27.96 -0.21 -43.47
C PHE D 631 29.34 -0.50 -44.05
N ARG D 632 30.40 0.05 -43.44
CA ARG D 632 31.74 -0.11 -44.03
C ARG D 632 32.23 -1.55 -43.93
N ARG D 633 32.04 -2.19 -42.79
CA ARG D 633 32.55 -3.55 -42.57
C ARG D 633 31.45 -4.60 -42.63
N SER D 634 30.22 -4.22 -43.00
CA SER D 634 29.13 -5.18 -43.05
C SER D 634 29.35 -6.18 -44.18
N LYS D 635 29.18 -7.47 -43.86
CA LYS D 635 29.34 -8.55 -44.83
C LYS D 635 28.00 -9.10 -45.32
N ILE D 636 26.92 -8.34 -45.14
CA ILE D 636 25.59 -8.76 -45.61
C ILE D 636 25.36 -8.15 -46.99
N ALA D 637 24.64 -8.90 -47.83
CA ALA D 637 24.50 -8.52 -49.24
C ALA D 637 23.77 -7.19 -49.40
N VAL D 638 22.68 -7.00 -48.64
CA VAL D 638 21.85 -5.81 -48.82
C VAL D 638 22.61 -4.56 -48.39
N PHE D 639 23.35 -4.64 -47.29
CA PHE D 639 24.02 -3.46 -46.74
C PHE D 639 25.30 -3.10 -47.47
N ASP D 640 25.94 -4.05 -48.16
CA ASP D 640 27.18 -3.75 -48.86
C ASP D 640 26.92 -2.91 -50.10
N LYS D 641 25.82 -3.17 -50.80
CA LYS D 641 25.45 -2.33 -51.95
C LYS D 641 25.09 -0.92 -51.50
N MET D 642 24.62 -0.78 -50.25
CA MET D 642 24.37 0.55 -49.70
C MET D 642 25.67 1.29 -49.42
N TRP D 643 26.74 0.57 -49.09
CA TRP D 643 28.02 1.21 -48.80
C TRP D 643 28.76 1.57 -50.07
N THR D 644 28.76 0.69 -51.07
CA THR D 644 29.41 1.00 -52.34
C THR D 644 28.74 2.17 -53.06
N TYR D 645 27.49 2.46 -52.74
CA TYR D 645 26.83 3.64 -53.30
C TYR D 645 27.33 4.91 -52.62
N MET D 646 27.16 5.01 -51.31
CA MET D 646 27.56 6.22 -50.58
C MET D 646 29.05 6.50 -50.69
N ARG D 647 29.87 5.49 -50.99
CA ARG D 647 31.30 5.72 -51.17
C ARG D 647 31.61 6.37 -52.51
N SER D 648 30.76 6.16 -53.51
CA SER D 648 30.95 6.71 -54.85
C SER D 648 29.77 7.56 -55.28
N ALA D 649 29.06 8.16 -54.33
CA ALA D 649 27.88 8.99 -54.61
C ALA D 649 28.29 10.45 -54.55
N GLU D 650 28.23 11.13 -55.69
CA GLU D 650 28.50 12.55 -55.76
C GLU D 650 27.22 13.31 -56.12
N PRO D 651 26.95 14.43 -55.43
CA PRO D 651 27.79 15.07 -54.42
C PRO D 651 27.77 14.36 -53.06
N SER D 652 28.50 14.92 -52.10
CA SER D 652 28.66 14.30 -50.78
C SER D 652 27.32 14.04 -50.11
N VAL D 653 26.95 12.76 -50.01
CA VAL D 653 25.70 12.39 -49.34
C VAL D 653 25.84 12.35 -47.82
N PHE D 654 27.00 12.71 -47.29
CA PHE D 654 27.23 12.73 -45.85
C PHE D 654 27.10 14.16 -45.33
N VAL D 655 26.57 14.30 -44.12
CA VAL D 655 26.39 15.60 -43.49
C VAL D 655 27.39 15.74 -42.36
N ARG D 656 27.62 17.00 -41.95
CA ARG D 656 28.60 17.27 -40.90
C ARG D 656 28.08 16.84 -39.53
N THR D 657 26.90 17.32 -39.16
CA THR D 657 26.29 17.01 -37.87
C THR D 657 24.92 16.37 -38.07
N THR D 658 24.33 15.95 -36.96
CA THR D 658 22.97 15.39 -37.02
C THR D 658 21.95 16.48 -37.32
N ALA D 659 22.23 17.71 -36.92
CA ALA D 659 21.32 18.82 -37.20
C ALA D 659 21.31 19.19 -38.67
N GLU D 660 22.39 18.90 -39.41
CA GLU D 660 22.41 19.18 -40.84
C GLU D 660 21.73 18.09 -41.66
N GLY D 661 21.77 16.84 -41.18
CA GLY D 661 21.11 15.77 -41.90
C GLY D 661 19.59 15.86 -41.84
N VAL D 662 19.06 16.24 -40.68
CA VAL D 662 17.61 16.44 -40.56
C VAL D 662 17.16 17.63 -41.38
N ALA D 663 18.00 18.68 -41.43
CA ALA D 663 17.69 19.87 -42.22
C ALA D 663 17.88 19.65 -43.71
N ARG D 664 18.53 18.57 -44.13
CA ARG D 664 18.68 18.28 -45.55
C ARG D 664 17.52 17.46 -46.10
N VAL D 665 16.87 16.64 -45.26
CA VAL D 665 15.69 15.93 -45.71
C VAL D 665 14.50 16.86 -45.83
N ARG D 666 14.48 17.95 -45.05
CA ARG D 666 13.35 18.87 -45.07
C ARG D 666 13.35 19.77 -46.29
N LYS D 667 14.51 20.05 -46.87
CA LYS D 667 14.63 20.94 -48.02
C LYS D 667 14.97 20.20 -49.30
N SER D 668 14.56 18.94 -49.41
CA SER D 668 14.90 18.10 -50.56
C SER D 668 13.68 17.61 -51.33
N LYS D 669 12.48 18.08 -50.99
CA LYS D 669 11.25 17.74 -51.71
C LYS D 669 11.03 16.23 -51.78
N GLY D 670 11.43 15.54 -50.72
CA GLY D 670 11.30 14.10 -50.69
C GLY D 670 12.24 13.39 -51.66
N LYS D 671 13.46 13.89 -51.80
CA LYS D 671 14.46 13.28 -52.68
C LYS D 671 15.77 13.02 -51.95
N TYR D 672 15.74 12.93 -50.62
CA TYR D 672 16.94 12.62 -49.84
C TYR D 672 16.50 11.99 -48.53
N ALA D 673 17.14 10.88 -48.17
CA ALA D 673 16.84 10.17 -46.94
C ALA D 673 18.06 10.19 -46.01
N TYR D 674 17.79 10.04 -44.71
CA TYR D 674 18.84 10.07 -43.70
C TYR D 674 18.69 8.86 -42.78
N LEU D 675 19.75 8.08 -42.65
CA LEU D 675 19.76 6.93 -41.78
C LEU D 675 20.35 7.31 -40.43
N LEU D 676 19.63 7.00 -39.35
CA LEU D 676 20.09 7.31 -38.01
C LEU D 676 19.38 6.40 -37.03
N GLU D 677 19.67 6.59 -35.74
CA GLU D 677 19.07 5.77 -34.69
C GLU D 677 17.56 5.98 -34.64
N SER D 678 16.86 4.93 -34.17
CA SER D 678 15.40 4.99 -34.12
C SER D 678 14.90 5.88 -32.98
N THR D 679 15.69 6.03 -31.91
CA THR D 679 15.28 6.92 -30.81
C THR D 679 15.21 8.37 -31.29
N MET D 680 16.25 8.83 -31.99
CA MET D 680 16.22 10.18 -32.52
C MET D 680 15.20 10.30 -33.64
N ASN D 681 15.04 9.25 -34.45
CA ASN D 681 14.06 9.28 -35.54
C ASN D 681 12.64 9.37 -35.01
N GLU D 682 12.31 8.55 -34.01
CA GLU D 682 10.97 8.59 -33.44
C GLU D 682 10.71 9.90 -32.70
N TYR D 683 11.76 10.57 -32.24
CA TYR D 683 11.57 11.85 -31.55
C TYR D 683 11.30 12.98 -32.53
N ILE D 684 11.94 12.95 -33.71
CA ILE D 684 11.73 14.00 -34.68
C ILE D 684 10.34 13.90 -35.29
N GLU D 685 9.80 12.69 -35.43
CA GLU D 685 8.47 12.52 -36.00
C GLU D 685 7.40 13.21 -35.16
N GLN D 686 7.60 13.29 -33.85
CA GLN D 686 6.63 13.89 -32.95
C GLN D 686 6.92 15.35 -32.63
N ARG D 687 7.79 15.99 -33.40
CA ARG D 687 8.12 17.39 -33.22
C ARG D 687 7.83 18.18 -34.50
N LYS D 688 7.60 19.47 -34.33
CA LYS D 688 7.32 20.36 -35.45
C LYS D 688 8.50 20.39 -36.41
N PRO D 689 8.24 20.58 -37.72
CA PRO D 689 6.94 20.87 -38.36
C PRO D 689 6.07 19.65 -38.61
N CYS D 690 6.41 18.52 -37.98
CA CYS D 690 5.66 17.27 -38.13
C CYS D 690 5.63 16.84 -39.59
N ASP D 691 6.75 16.29 -40.08
CA ASP D 691 6.85 15.87 -41.47
C ASP D 691 7.62 14.57 -41.60
N THR D 692 8.64 14.38 -40.77
CA THR D 692 9.41 13.14 -40.80
C THR D 692 8.60 12.00 -40.23
N MET D 693 8.78 10.81 -40.80
CA MET D 693 8.10 9.61 -40.33
C MET D 693 9.04 8.42 -40.46
N LYS D 694 9.33 7.77 -39.35
CA LYS D 694 10.11 6.55 -39.37
C LYS D 694 9.42 5.49 -40.21
N VAL D 695 10.16 4.87 -41.13
CA VAL D 695 9.62 3.89 -42.06
C VAL D 695 10.46 2.62 -41.96
N GLY D 696 9.77 1.48 -41.91
CA GLY D 696 10.42 0.19 -41.87
C GLY D 696 11.12 -0.10 -40.55
N GLY D 697 11.48 -1.35 -40.32
CA GLY D 697 12.19 -1.71 -39.12
C GLY D 697 13.61 -1.17 -39.11
N ASN D 698 14.20 -1.19 -37.93
CA ASN D 698 15.59 -0.79 -37.77
C ASN D 698 16.50 -1.77 -38.50
N LEU D 699 17.77 -1.39 -38.65
CA LEU D 699 18.73 -2.21 -39.36
C LEU D 699 19.62 -3.05 -38.46
N ASP D 700 19.92 -2.58 -37.25
CA ASP D 700 20.78 -3.30 -36.33
C ASP D 700 20.18 -3.23 -34.93
N SER D 701 20.81 -3.92 -33.98
CA SER D 701 20.32 -4.05 -32.62
C SER D 701 21.33 -3.43 -31.67
N LYS D 702 20.94 -2.32 -31.03
CA LYS D 702 21.78 -1.63 -30.08
C LYS D 702 20.92 -1.03 -28.97
N GLY D 703 21.57 -0.61 -27.88
CA GLY D 703 20.84 -0.08 -26.74
C GLY D 703 21.73 0.78 -25.86
N TYR D 704 21.07 1.62 -25.06
CA TYR D 704 21.74 2.50 -24.11
C TYR D 704 21.94 1.78 -22.78
N GLY D 705 22.55 2.47 -21.83
CA GLY D 705 22.79 1.87 -20.51
C GLY D 705 23.39 2.87 -19.55
N ILE D 706 23.47 2.44 -18.29
CA ILE D 706 24.04 3.23 -17.19
C ILE D 706 25.42 2.69 -16.87
N ALA D 707 26.36 3.58 -16.56
CA ALA D 707 27.75 3.22 -16.34
C ALA D 707 28.16 3.53 -14.91
N THR D 708 28.96 2.63 -14.32
CA THR D 708 29.54 2.77 -13.00
C THR D 708 30.99 2.32 -13.06
N PRO D 709 31.85 2.86 -12.19
CA PRO D 709 33.25 2.43 -12.18
C PRO D 709 33.38 0.98 -11.78
N LYS D 710 34.48 0.35 -12.23
CA LYS D 710 34.74 -1.03 -11.88
C LYS D 710 34.99 -1.17 -10.39
N GLY D 711 34.36 -2.17 -9.78
CA GLY D 711 34.49 -2.38 -8.35
C GLY D 711 33.77 -1.36 -7.50
N SER D 712 32.88 -0.56 -8.08
CA SER D 712 32.12 0.42 -7.31
C SER D 712 31.03 -0.27 -6.49
N SER D 713 30.57 0.44 -5.46
CA SER D 713 29.53 -0.09 -4.58
C SER D 713 28.13 0.08 -5.13
N LEU D 714 27.98 0.75 -6.28
CA LEU D 714 26.66 0.99 -6.86
C LEU D 714 26.46 0.27 -8.19
N GLY D 715 27.40 -0.57 -8.60
CA GLY D 715 27.27 -1.27 -9.87
C GLY D 715 26.13 -2.27 -9.90
N THR D 716 26.24 -3.32 -9.10
CA THR D 716 25.21 -4.35 -9.02
C THR D 716 23.90 -3.83 -8.44
N PRO D 717 23.90 -2.99 -7.39
CA PRO D 717 22.62 -2.48 -6.88
C PRO D 717 21.82 -1.69 -7.90
N VAL D 718 22.48 -0.95 -8.80
CA VAL D 718 21.75 -0.21 -9.82
C VAL D 718 21.31 -1.11 -10.96
N ASN D 719 22.12 -2.12 -11.30
CA ASN D 719 21.73 -3.07 -12.34
C ASN D 719 20.44 -3.79 -11.98
N LEU D 720 20.32 -4.23 -10.72
CA LEU D 720 19.12 -4.93 -10.29
C LEU D 720 17.91 -4.02 -10.21
N ALA D 721 18.11 -2.70 -10.14
CA ALA D 721 16.98 -1.77 -10.05
C ALA D 721 16.35 -1.51 -11.41
N VAL D 722 17.15 -1.50 -12.47
CA VAL D 722 16.61 -1.24 -13.81
C VAL D 722 15.69 -2.38 -14.25
N LEU D 723 16.08 -3.62 -13.94
CA LEU D 723 15.24 -4.77 -14.30
C LEU D 723 13.92 -4.76 -13.55
N LYS D 724 13.89 -4.15 -12.36
CA LYS D 724 12.63 -3.98 -11.65
C LYS D 724 11.78 -2.87 -12.27
N LEU D 725 12.42 -1.87 -12.89
CA LEU D 725 11.68 -0.79 -13.51
C LEU D 725 11.01 -1.23 -14.81
N SER D 726 11.71 -2.02 -15.61
CA SER D 726 11.15 -2.44 -16.90
C SER D 726 9.98 -3.40 -16.70
N GLU D 727 10.06 -4.27 -15.69
CA GLU D 727 9.03 -5.29 -15.51
C GLU D 727 7.71 -4.67 -15.05
N GLN D 728 7.77 -3.69 -14.15
CA GLN D 728 6.57 -3.00 -13.69
C GLN D 728 6.02 -2.02 -14.72
N GLY D 729 6.54 -2.03 -15.94
CA GLY D 729 6.05 -1.16 -16.98
C GLY D 729 6.45 0.30 -16.84
N VAL D 730 7.46 0.58 -16.02
CA VAL D 730 7.82 1.97 -15.75
C VAL D 730 8.56 2.59 -16.93
N LEU D 731 9.48 1.85 -17.55
CA LEU D 731 10.28 2.41 -18.63
C LEU D 731 9.42 2.77 -19.84
N ASP D 732 8.56 1.84 -20.27
CA ASP D 732 7.68 2.13 -21.39
C ASP D 732 6.72 3.27 -21.06
N LYS D 733 6.33 3.42 -19.80
CA LYS D 733 5.53 4.56 -19.40
C LYS D 733 6.32 5.86 -19.50
N LEU D 734 7.63 5.80 -19.30
CA LEU D 734 8.47 6.98 -19.45
C LEU D 734 8.78 7.26 -20.93
N LYS D 735 9.00 6.21 -21.73
CA LYS D 735 9.18 6.40 -23.16
C LYS D 735 7.94 7.02 -23.79
N ASN D 736 6.76 6.55 -23.39
CA ASN D 736 5.51 7.13 -23.86
C ASN D 736 5.26 8.53 -23.28
N LYS D 737 6.07 8.96 -22.31
CA LYS D 737 5.85 10.25 -21.67
C LYS D 737 6.51 11.38 -22.46
N TRP D 738 7.83 11.32 -22.61
CA TRP D 738 8.60 12.38 -23.23
C TRP D 738 8.73 12.23 -24.74
N TRP D 739 7.95 11.34 -25.35
CA TRP D 739 7.98 11.15 -26.80
C TRP D 739 6.64 11.42 -27.46
N TYR D 740 5.55 10.87 -26.93
CA TYR D 740 4.24 10.98 -27.55
C TYR D 740 3.25 11.80 -26.74
N ASP D 741 3.29 11.74 -25.42
CA ASP D 741 2.39 12.56 -24.61
C ASP D 741 2.78 14.04 -24.69
N LYS D 742 4.00 14.36 -24.28
CA LYS D 742 4.51 15.73 -24.36
C LYS D 742 4.99 16.10 -25.76
N GLY D 743 4.65 15.31 -26.78
CA GLY D 743 5.05 15.64 -28.13
C GLY D 743 4.13 16.68 -28.75
N GLU D 744 4.74 17.57 -29.55
CA GLU D 744 4.01 18.62 -30.25
C GLU D 744 3.53 18.17 -31.63
N CYS D 745 3.16 16.90 -31.78
CA CYS D 745 2.76 16.35 -33.08
C CYS D 745 1.49 17.02 -33.59
N GLY D 746 1.61 17.81 -34.65
CA GLY D 746 0.46 18.43 -35.27
C GLY D 746 0.01 17.69 -36.51
N ALA D 747 0.79 16.69 -36.93
CA ALA D 747 0.42 15.86 -38.07
C ALA D 747 -0.67 14.87 -37.74
N LYS D 748 -0.81 14.48 -36.46
CA LYS D 748 -1.94 13.66 -36.06
C LYS D 748 -3.24 14.46 -36.04
N ASP D 749 -3.16 15.79 -36.08
CA ASP D 749 -4.32 16.67 -36.16
C ASP D 749 -4.50 17.31 -37.52
N SER D 750 -3.48 17.25 -38.39
CA SER D 750 -3.59 17.77 -39.74
C SER D 750 -3.89 16.69 -40.77
N GLY D 751 -3.54 15.43 -40.49
CA GLY D 751 -3.92 14.34 -41.37
C GLY D 751 -5.31 13.79 -41.13
N SER D 752 -6.00 14.29 -40.11
CA SER D 752 -7.38 13.90 -39.80
C SER D 752 -8.17 15.19 -39.55
N LYS D 753 -8.51 15.89 -40.63
CA LYS D 753 -9.24 17.15 -40.55
C LYS D 753 -10.11 17.29 -41.78
N GLU D 754 -10.75 18.45 -41.90
CA GLU D 754 -11.56 18.76 -43.06
C GLU D 754 -10.66 18.93 -44.27
N LYS D 755 -10.59 17.90 -45.11
CA LYS D 755 -9.66 17.86 -46.23
C LYS D 755 -10.39 18.04 -47.55
N THR D 756 -9.61 18.20 -48.60
CA THR D 756 -10.13 18.34 -49.96
C THR D 756 -9.53 17.24 -50.87
N SER D 757 -10.34 16.43 -51.56
CA SER D 757 -11.82 16.49 -51.68
C SER D 757 -12.34 17.85 -52.14
N ALA D 758 -12.03 18.18 -53.39
CA ALA D 758 -12.47 19.40 -54.06
C ALA D 758 -12.10 19.30 -55.52
N LEU D 759 -12.94 19.87 -56.39
CA LEU D 759 -12.62 19.80 -57.81
C LEU D 759 -11.47 20.75 -58.13
N SER D 760 -10.47 20.23 -58.82
CA SER D 760 -9.28 20.98 -59.18
C SER D 760 -9.17 21.14 -60.69
N LEU D 761 -8.79 22.34 -61.12
CA LEU D 761 -8.54 22.58 -62.54
C LEU D 761 -7.24 21.95 -63.00
N SER D 762 -6.24 21.87 -62.12
CA SER D 762 -4.97 21.25 -62.49
C SER D 762 -5.18 19.85 -63.05
N ASN D 763 -6.07 19.07 -62.41
CA ASN D 763 -6.40 17.76 -62.95
C ASN D 763 -7.42 17.88 -64.08
N VAL D 764 -8.42 18.75 -63.93
CA VAL D 764 -9.42 18.95 -64.98
C VAL D 764 -8.75 19.42 -66.25
N ALA D 765 -7.60 20.10 -66.15
CA ALA D 765 -6.84 20.49 -67.32
C ALA D 765 -6.52 19.28 -68.20
N GLY D 766 -6.27 18.12 -67.58
CA GLY D 766 -5.91 16.94 -68.34
C GLY D 766 -6.99 16.50 -69.31
N VAL D 767 -8.19 17.03 -69.18
CA VAL D 767 -9.29 16.70 -70.09
C VAL D 767 -9.42 17.73 -71.20
N PHE D 768 -9.26 19.02 -70.85
CA PHE D 768 -9.41 20.08 -71.84
C PHE D 768 -8.36 19.98 -72.94
N TYR D 769 -7.16 19.51 -72.61
CA TYR D 769 -6.10 19.47 -73.59
C TYR D 769 -6.34 18.39 -74.65
N ILE D 770 -7.06 17.33 -74.30
CA ILE D 770 -7.39 16.30 -75.27
C ILE D 770 -8.61 16.63 -76.11
N LEU D 771 -9.35 17.69 -75.75
CA LEU D 771 -10.51 18.10 -76.54
C LEU D 771 -10.11 18.97 -77.71
N VAL D 772 -9.35 20.04 -77.46
CA VAL D 772 -8.97 20.95 -78.52
C VAL D 772 -8.09 20.24 -79.54
N GLY D 773 -7.38 19.19 -79.13
CA GLY D 773 -6.64 18.37 -80.06
C GLY D 773 -7.53 17.65 -81.06
N GLY D 774 -8.80 17.49 -80.74
CA GLY D 774 -9.76 16.91 -81.68
C GLY D 774 -10.37 17.95 -82.58
N LEU D 775 -10.42 19.20 -82.10
CA LEU D 775 -10.86 20.30 -82.95
C LEU D 775 -9.79 20.68 -83.97
N GLY D 776 -8.53 20.67 -83.55
CA GLY D 776 -7.45 20.96 -84.47
C GLY D 776 -7.23 19.84 -85.48
N LEU D 777 -7.33 18.59 -85.04
CA LEU D 777 -7.33 17.47 -85.97
C LEU D 777 -8.51 17.56 -86.93
N ALA D 778 -9.61 18.17 -86.49
CA ALA D 778 -10.75 18.41 -87.37
C ALA D 778 -10.54 19.61 -88.28
N MET D 779 -9.65 20.53 -87.92
CA MET D 779 -9.30 21.63 -88.82
C MET D 779 -8.35 21.19 -89.92
N LEU D 780 -7.64 20.07 -89.72
CA LEU D 780 -6.85 19.48 -90.80
C LEU D 780 -7.70 18.60 -91.70
N VAL D 781 -8.63 17.84 -91.11
CA VAL D 781 -9.55 17.04 -91.90
C VAL D 781 -10.56 17.92 -92.64
N ALA D 782 -10.83 19.13 -92.12
CA ALA D 782 -11.70 20.05 -92.85
C ALA D 782 -11.02 20.53 -94.13
N LEU D 783 -9.71 20.76 -94.08
CA LEU D 783 -9.00 21.27 -95.25
C LEU D 783 -8.85 20.19 -96.32
N ILE D 784 -8.76 18.92 -95.92
CA ILE D 784 -8.71 17.84 -96.91
C ILE D 784 -10.09 17.49 -97.46
N GLU D 785 -11.15 18.03 -96.84
CA GLU D 785 -12.50 17.88 -97.40
C GLU D 785 -12.85 19.01 -98.35
N PHE D 786 -12.34 20.22 -98.11
CA PHE D 786 -12.59 21.34 -99.01
C PHE D 786 -11.73 21.28 -100.27
N CYS D 787 -10.64 20.52 -100.24
CA CYS D 787 -9.80 20.34 -101.43
C CYS D 787 -10.30 19.20 -102.31
N TYR D 788 -10.77 18.11 -101.72
CA TYR D 788 -11.31 16.99 -102.48
C TYR D 788 -12.77 17.22 -102.82
C1 NAG E . 58.21 -21.04 15.06
C2 NAG E . 59.50 -21.11 15.93
C3 NAG E . 60.76 -20.88 15.09
C4 NAG E . 60.76 -21.70 13.81
C5 NAG E . 59.49 -21.40 13.05
C6 NAG E . 59.39 -22.14 11.75
C7 NAG E . 59.14 -20.46 18.28
C8 NAG E . 59.14 -19.30 19.25
N2 NAG E . 59.43 -20.15 17.02
O3 NAG E . 61.91 -21.21 15.87
O4 NAG E . 61.89 -21.36 13.01
O5 NAG E . 58.39 -21.81 13.86
O6 NAG E . 59.78 -23.51 11.89
O7 NAG E . 58.88 -21.60 18.64
CAH GYB F . -9.80 -6.50 -58.52
NAI GYB F . -11.25 -6.33 -58.56
CAJ GYB F . -12.01 -6.84 -57.40
OAS GYB F . -11.42 -7.32 -56.55
NAK GYB F . -13.48 -6.75 -57.27
NAL GYB F . -14.22 -6.17 -58.33
CAB GYB F . -13.93 -7.33 -56.03
CAA GYB F . -14.94 -8.50 -56.34
CAC GYB F . -14.60 -6.28 -55.15
CAD GYB F . -15.98 -5.85 -55.69
CAE GYB F . -17.09 -6.07 -54.78
CAF GYB F . -18.43 -5.70 -55.17
OAG GYB F . -19.68 -5.77 -54.56
CAR GYB F . -20.59 -5.29 -55.40
OAQ GYB F . -20.01 -4.90 -56.54
CAP GYB F . -18.66 -5.14 -56.45
CAO GYB F . -17.54 -4.92 -57.34
CAN GYB F . -16.19 -5.29 -56.96
CAM GYB F . -15.08 -5.02 -58.01
CAU GYB F . -15.64 -4.50 -59.36
CAV GYB F . -15.30 -3.21 -59.76
CAY GYB F . -15.77 -2.68 -60.98
BR1 GYB F . -15.26 -0.90 -61.50
CAX GYB F . -16.61 -3.46 -61.81
NBA GYB F . -17.12 -2.92 -63.10
CAW GYB F . -16.95 -4.74 -61.42
CAT GYB F . -16.46 -5.27 -60.20
CAH GYB G . -27.68 4.04 -69.07
NAI GYB G . -26.74 5.17 -69.06
CAJ GYB G . -26.29 5.65 -70.23
OAS GYB G . -26.65 5.15 -71.30
NAK GYB G . -25.48 6.72 -70.21
NAL GYB G . -25.07 7.16 -69.08
CAB GYB G . -24.82 7.14 -71.46
CAA GYB G . -24.24 5.84 -72.31
CAC GYB G . -24.93 8.59 -71.91
CAD GYB G . -23.91 9.18 -71.09
CAE GYB G . -23.09 10.04 -71.82
CAF GYB G . -22.07 10.69 -71.26
OAG GYB G . -21.22 11.57 -71.84
CAR GYB G . -20.55 12.20 -70.73
OAQ GYB G . -20.71 11.29 -69.62
CAP GYB G . -21.79 10.53 -69.96
CAO GYB G . -22.51 9.72 -69.20
CAN GYB G . -23.57 9.01 -69.73
CAM GYB G . -24.25 8.20 -68.79
CAU GYB G . -24.00 8.39 -67.43
CAV GYB G . -24.53 9.35 -66.57
CAY GYB G . -24.14 9.37 -65.22
BR1 GYB G . -24.85 10.67 -64.07
CAX GYB G . -23.22 8.43 -64.73
NBA GYB G . -22.87 8.47 -63.42
CAW GYB G . -22.70 7.47 -65.58
CAT GYB G . -23.09 7.46 -66.91
C1 NAG H . -0.11 -44.98 32.34
C2 NAG H . -0.54 -46.16 33.22
C3 NAG H . -1.93 -45.92 33.80
C4 NAG H . -2.00 -44.57 34.50
C5 NAG H . -1.57 -43.46 33.54
C6 NAG H . -1.53 -42.10 34.19
C7 NAG H . -0.18 -48.58 33.07
C8 NAG H . -0.19 -49.78 32.17
N2 NAG H . -0.50 -47.41 32.49
O3 NAG H . -2.25 -46.96 34.71
O4 NAG H . -3.33 -44.32 34.95
O5 NAG H . -0.25 -43.75 33.06
O6 NAG H . -0.99 -42.18 35.51
O7 NAG H . 0.11 -48.66 34.25
CAH GYB I . -32.18 -2.23 -49.21
NAI GYB I . -32.37 -0.80 -49.43
CAJ GYB I . -32.48 0.10 -48.24
OAS GYB I . -32.40 -0.35 -47.19
NAK GYB I . -32.68 1.56 -48.40
NAL GYB I . -32.76 2.03 -49.73
CAB GYB I . -32.75 2.28 -47.15
CAA GYB I . -34.13 3.05 -47.10
CAC GYB I . -31.61 3.28 -46.99
CAD GYB I . -31.68 4.46 -47.97
CAE GYB I . -31.73 5.80 -47.39
CAF GYB I . -31.80 6.97 -48.23
OAG GYB I . -31.85 8.34 -48.02
CAR GYB I . -31.90 8.97 -49.19
OAQ GYB I . -31.88 8.09 -50.19
CAP GYB I . -31.82 6.82 -49.63
CAO GYB I . -31.78 5.48 -50.22
CAN GYB I . -31.71 4.30 -49.38
CAM GYB I . -31.68 2.92 -50.12
CAU GYB I . -31.79 3.04 -51.67
CAV GYB I . -30.77 2.54 -52.46
CAY GYB I . -30.85 2.62 -53.88
BR1 GYB I . -29.44 1.94 -55.02
CAX GYB I . -31.99 3.22 -54.46
NBA GYB I . -32.10 3.32 -55.95
CAW GYB I . -33.00 3.70 -53.68
CAT GYB I . -32.92 3.60 -52.27
C1 NAG J . -32.87 8.08 50.67
C2 NAG J . -32.44 6.95 51.64
C3 NAG J . -33.63 6.09 52.01
C4 NAG J . -34.77 6.94 52.56
C5 NAG J . -35.13 8.01 51.53
C6 NAG J . -36.20 8.95 52.03
C7 NAG J . -30.42 5.56 51.78
C8 NAG J . -29.41 4.76 51.01
N2 NAG J . -31.38 6.15 51.05
O3 NAG J . -33.23 5.14 52.99
O4 NAG J . -35.90 6.14 52.84
O5 NAG J . -33.98 8.81 51.24
O6 NAG J . -36.00 9.28 53.41
O7 NAG J . -30.37 5.68 53.00
CAH GYB K . -28.72 22.17 -48.43
NAI GYB K . -27.75 22.07 -49.51
CAJ GYB K . -26.38 22.32 -49.02
OAS GYB K . -26.26 22.54 -47.90
NAK GYB K . -25.20 22.30 -49.90
NAL GYB K . -25.42 22.02 -51.27
CAB GYB K . -24.00 22.56 -49.16
CAA GYB K . -23.26 23.80 -49.77
CAC GYB K . -23.08 21.34 -49.15
CAD GYB K . -22.44 21.12 -50.54
CAE GYB K . -20.99 21.15 -50.56
CAF GYB K . -20.30 20.95 -51.81
OAG GYB K . -18.96 20.92 -52.19
CAR GYB K . -18.89 20.69 -53.49
OAQ GYB K . -20.11 20.57 -54.01
CAP GYB K . -21.03 20.72 -52.99
CAO GYB K . -22.48 20.69 -52.97
CAN GYB K . -23.18 20.90 -51.71
CAM GYB K . -24.74 20.85 -51.79
CAU GYB K . -25.25 20.60 -53.23
CAV GYB K . -25.87 19.40 -53.51
CAY GYB K . -26.36 19.13 -54.81
BR1 GYB K . -27.21 17.43 -55.16
CAX GYB K . -26.23 20.10 -55.83
NBA GYB K . -26.74 19.81 -57.20
CAW GYB K . -25.61 21.31 -55.56
CAT GYB K . -25.13 21.57 -54.26
C1 NAG L . 23.17 37.41 37.29
C2 NAG L . 24.03 38.38 38.14
C3 NAG L . 25.49 38.31 37.73
C4 NAG L . 26.00 36.88 37.68
C5 NAG L . 25.11 36.07 36.75
C6 NAG L . 25.50 34.62 36.66
C7 NAG L . 22.83 40.34 39.00
C8 NAG L . 22.41 41.75 38.72
N2 NAG L . 23.53 39.73 38.04
O3 NAG L . 26.28 39.06 38.66
O4 NAG L . 27.34 36.84 37.19
O5 NAG L . 23.77 36.11 37.26
O6 NAG L . 25.92 34.10 37.91
O7 NAG L . 22.55 39.79 40.06
CAH GYB M . -6.28 17.90 -57.04
NAI GYB M . -6.56 16.60 -57.66
CAJ GYB M . -5.86 15.46 -57.07
OAS GYB M . -5.16 15.65 -56.17
NAK GYB M . -6.01 14.08 -57.57
NAL GYB M . -6.88 13.89 -58.66
CAB GYB M . -5.20 13.17 -56.79
CAA GYB M . -4.12 12.45 -57.65
CAC GYB M . -6.01 12.05 -56.15
CAD GYB M . -6.71 11.11 -57.16
CAE GYB M . -6.39 9.70 -57.01
CAF GYB M . -7.00 8.71 -57.86
OAG GYB M . -6.93 7.33 -57.98
CAR GYB M . -7.72 6.94 -58.97
OAQ GYB M . -8.33 7.98 -59.52
CAP GYB M . -7.91 9.12 -58.86
CAO GYB M . -8.23 10.53 -59.01
CAN GYB M . -7.62 11.54 -58.15
CAM GYB M . -8.02 13.02 -58.42
CAU GYB M . -8.94 13.13 -59.66
CAV GYB M . -10.22 13.64 -59.52
CAY GYB M . -11.08 13.76 -60.63
BR1 GYB M . -12.86 14.48 -60.37
CAX GYB M . -10.65 13.36 -61.91
NBA GYB M . -11.54 13.48 -63.10
CAW GYB M . -9.38 12.85 -62.07
CAT GYB M . -8.52 12.76 -60.95
#